data_7FS2
#
_entry.id   7FS2
#
_cell.length_a   207.669
_cell.length_b   113.013
_cell.length_c   187.767
_cell.angle_alpha   90.000
_cell.angle_beta   92.410
_cell.angle_gamma   90.000
#
_symmetry.space_group_name_H-M   'C 1 2 1'
#
loop_
_entity.id
_entity.type
_entity.pdbx_description
1 polymer 'Pyruvate kinase PKLR'
2 non-polymer 1,6-di-O-phosphono-beta-D-fructofuranose
3 non-polymer 'OXALATE ION'
4 non-polymer 'MAGNESIUM ION'
5 non-polymer 'POTASSIUM ION'
6 non-polymer "(1P)-3',4,4',5-tetrahydroxy-N-{[4-(3-hydroxybenzene-1-sulfonyl)phenyl]methyl}[1,1'-biphenyl]-2-sulfonamide"
7 water water
#
_entity_poly.entity_id   1
_entity_poly.type   'polypeptide(L)'
_entity_poly.pdbx_seq_one_letter_code
;GSMEGPAGYLRRADVAQLTQELGTAFFQQQQLPAAMADTFLEHLCLLDIDSEPVAARSTSIIATIGPASRSVERLKEMIK
AGMNIARLNFSHGSHEYHAESIANVREAVESFAGSPLSYRPVAIALDTKGPGSGPGLSEQDVRDLRFGVEHGVDIVFASF
VRKASDVAAVRAALGPEGHGIKIISKIENHEGVKRFDEILEVSDGIMVARGDLGIEIPAEKVFLAQKMMIGRCNLAGKPV
VCATQMLESMITKPRPTRAETSDVANAVLDGADCIMLSGETAKGNFPVEAVKMQHAIAREAEAAVYHRQLFEELRRAAPL
SRDPTEVTAIGAVEAAFKCCAAAIIVLTTTGRSAQLLSRYRPRAAVIAVTRSAQAARQVHLCRGVFPLLYREPPEAIWAD
DVDRRVQFGIESGKLRGFLRVGDLVIVVTGWRPGSGYTNIMRVLSIS
;
_entity_poly.pdbx_strand_id   A,B,C,D,E,F,G,H
#
# COMPACT_ATOMS: atom_id res chain seq x y z
N ALA A 25 21.78 4.09 26.23
CA ALA A 25 21.14 5.13 27.04
C ALA A 25 21.98 6.39 27.10
N PHE A 26 23.32 6.26 27.06
CA PHE A 26 24.22 7.42 27.09
C PHE A 26 23.97 8.31 25.88
N PHE A 27 23.81 7.69 24.70
CA PHE A 27 23.61 8.43 23.46
C PHE A 27 22.18 8.96 23.26
N GLN A 28 21.24 8.62 24.17
CA GLN A 28 19.87 9.15 24.10
C GLN A 28 19.74 10.43 24.96
N GLN A 29 20.58 10.60 26.01
CA GLN A 29 20.60 11.77 26.88
C GLN A 29 21.28 12.98 26.21
N GLN A 30 21.17 14.15 26.87
CA GLN A 30 21.74 15.47 26.52
C GLN A 30 21.69 15.83 25.01
N GLN A 31 20.56 15.50 24.36
CA GLN A 31 20.29 15.76 22.94
C GLN A 31 21.39 15.27 22.01
N LEU A 32 22.02 14.14 22.33
CA LEU A 32 23.10 13.60 21.51
C LEU A 32 22.62 13.18 20.10
N PRO A 33 21.41 12.60 19.89
CA PRO A 33 20.97 12.35 18.50
C PRO A 33 20.91 13.65 17.68
N ALA A 34 20.37 14.72 18.27
CA ALA A 34 20.27 16.03 17.62
C ALA A 34 21.66 16.66 17.38
N ALA A 35 22.63 16.37 18.26
CA ALA A 35 24.00 16.89 18.16
C ALA A 35 24.81 16.21 17.05
N MET A 36 24.47 14.94 16.72
CA MET A 36 25.13 14.15 15.65
C MET A 36 24.53 14.41 14.26
N ALA A 37 23.41 15.15 14.16
CA ALA A 37 22.73 15.39 12.89
C ALA A 37 23.61 16.06 11.83
N ASP A 38 23.42 15.69 10.55
CA ASP A 38 24.22 16.21 9.44
C ASP A 38 23.86 17.63 8.99
N THR A 39 22.63 18.06 9.28
CA THR A 39 22.17 19.40 8.94
C THR A 39 21.54 20.04 10.16
N PHE A 40 21.42 21.37 10.16
CA PHE A 40 20.75 22.10 11.22
C PHE A 40 19.23 21.73 11.25
N LEU A 41 18.64 21.50 10.08
CA LEU A 41 17.24 21.12 9.99
C LEU A 41 17.03 19.76 10.66
N GLU A 42 17.89 18.78 10.34
CA GLU A 42 17.84 17.44 10.97
C GLU A 42 18.01 17.56 12.50
N HIS A 43 18.90 18.46 12.93
CA HIS A 43 19.19 18.74 14.34
C HIS A 43 17.92 19.20 15.04
N LEU A 44 17.18 20.15 14.45
CA LEU A 44 15.94 20.64 15.03
C LEU A 44 14.90 19.52 15.13
N CYS A 45 14.77 18.72 14.07
CA CYS A 45 13.83 17.61 14.02
C CYS A 45 14.10 16.55 15.07
N LEU A 46 15.37 16.37 15.44
CA LEU A 46 15.77 15.37 16.42
C LEU A 46 15.74 15.83 17.87
N LEU A 47 15.37 17.10 18.15
CA LEU A 47 15.29 17.56 19.54
C LEU A 47 14.20 16.77 20.27
N ASP A 48 14.51 16.22 21.45
CA ASP A 48 13.62 15.35 22.19
C ASP A 48 13.37 15.91 23.57
N ILE A 49 12.10 16.13 23.94
CA ILE A 49 11.76 16.59 25.29
C ILE A 49 12.08 15.52 26.38
N ASP A 50 12.17 14.25 25.98
CA ASP A 50 12.51 13.16 26.87
C ASP A 50 14.02 12.94 27.04
N SER A 51 14.85 13.60 26.23
CA SER A 51 16.29 13.50 26.35
C SER A 51 16.73 14.46 27.48
N GLU A 52 17.07 13.91 28.66
CA GLU A 52 17.44 14.72 29.83
C GLU A 52 18.84 15.29 29.82
N PRO A 53 19.02 16.55 30.31
CA PRO A 53 20.36 17.13 30.36
C PRO A 53 21.21 16.46 31.44
N VAL A 54 22.46 16.10 31.11
CA VAL A 54 23.33 15.43 32.09
C VAL A 54 24.43 16.35 32.57
N ALA A 55 25.02 17.13 31.67
CA ALA A 55 26.10 18.06 32.00
C ALA A 55 25.69 19.17 32.98
N ALA A 56 26.67 19.74 33.68
CA ALA A 56 26.43 20.83 34.61
C ALA A 56 26.10 22.09 33.81
N ARG A 57 25.27 22.97 34.39
CA ARG A 57 24.87 24.22 33.77
C ARG A 57 26.10 25.12 33.58
N SER A 58 26.40 25.44 32.31
CA SER A 58 27.55 26.19 31.84
C SER A 58 27.38 27.69 31.80
N THR A 59 26.15 28.18 31.55
CA THR A 59 25.89 29.63 31.43
C THR A 59 25.73 30.22 32.81
N SER A 60 26.56 31.21 33.18
CA SER A 60 26.46 31.80 34.51
C SER A 60 25.24 32.66 34.70
N ILE A 61 24.73 32.67 35.93
CA ILE A 61 23.58 33.47 36.29
C ILE A 61 24.06 34.66 37.12
N ILE A 62 23.73 35.86 36.69
CA ILE A 62 24.06 37.08 37.42
C ILE A 62 22.75 37.53 38.08
N ALA A 63 22.74 37.68 39.41
CA ALA A 63 21.53 38.12 40.10
C ALA A 63 21.77 39.48 40.69
N THR A 64 20.81 40.39 40.50
CA THR A 64 20.93 41.73 41.07
C THR A 64 20.50 41.70 42.53
N ILE A 65 21.34 42.25 43.43
CA ILE A 65 21.04 42.29 44.85
C ILE A 65 20.21 43.54 45.20
N GLY A 66 19.17 43.33 45.99
CA GLY A 66 18.30 44.41 46.46
C GLY A 66 17.55 44.00 47.72
N PRO A 67 16.49 44.75 48.07
CA PRO A 67 15.72 44.39 49.27
C PRO A 67 15.22 42.96 49.33
N ALA A 68 14.86 42.37 48.18
CA ALA A 68 14.36 41.00 48.10
C ALA A 68 15.43 39.93 48.24
N SER A 69 16.71 40.31 48.11
CA SER A 69 17.78 39.33 48.10
C SER A 69 18.99 39.83 48.89
N ARG A 70 18.76 40.58 49.99
CA ARG A 70 19.87 41.11 50.78
C ARG A 70 20.22 40.32 52.04
N SER A 71 19.26 39.58 52.62
CA SER A 71 19.54 38.81 53.83
C SER A 71 20.53 37.68 53.57
N VAL A 72 21.40 37.40 54.55
CA VAL A 72 22.39 36.34 54.46
C VAL A 72 21.71 34.98 54.21
N GLU A 73 20.54 34.76 54.82
CA GLU A 73 19.81 33.51 54.65
C GLU A 73 19.25 33.39 53.21
N ARG A 74 18.73 34.52 52.68
CA ARG A 74 18.18 34.60 51.31
C ARG A 74 19.32 34.34 50.30
N LEU A 75 20.49 34.96 50.52
CA LEU A 75 21.65 34.82 49.67
C LEU A 75 22.20 33.40 49.65
N LYS A 76 22.12 32.68 50.77
CA LYS A 76 22.55 31.28 50.82
C LYS A 76 21.63 30.43 49.92
N GLU A 77 20.33 30.75 49.92
CA GLU A 77 19.37 30.05 49.08
C GLU A 77 19.64 30.32 47.60
N MET A 78 20.04 31.56 47.26
CA MET A 78 20.34 31.92 45.87
CA MET A 78 20.34 31.92 45.87
C MET A 78 21.64 31.30 45.37
N ILE A 79 22.61 31.09 46.27
CA ILE A 79 23.86 30.42 45.89
C ILE A 79 23.54 28.95 45.56
N LYS A 80 22.70 28.32 46.40
CA LYS A 80 22.28 26.94 46.18
C LYS A 80 21.42 26.79 44.90
N ALA A 81 20.60 27.83 44.59
CA ALA A 81 19.76 27.88 43.39
C ALA A 81 20.57 28.03 42.10
N GLY A 82 21.76 28.62 42.20
CA GLY A 82 22.66 28.76 41.06
C GLY A 82 23.29 30.11 40.80
N MET A 83 23.12 31.10 41.68
CA MET A 83 23.71 32.42 41.46
C MET A 83 25.24 32.32 41.43
N ASN A 84 25.86 32.87 40.38
CA ASN A 84 27.33 32.83 40.24
C ASN A 84 27.95 34.21 40.43
N ILE A 85 27.21 35.26 40.06
CA ILE A 85 27.66 36.65 40.16
C ILE A 85 26.57 37.48 40.80
N ALA A 86 26.96 38.32 41.77
CA ALA A 86 26.03 39.20 42.48
C ALA A 86 26.24 40.61 41.95
N ARG A 87 25.19 41.21 41.38
CA ARG A 87 25.28 42.54 40.80
C ARG A 87 24.76 43.61 41.76
N LEU A 88 25.57 44.65 41.99
CA LEU A 88 25.17 45.77 42.85
C LEU A 88 24.88 46.94 41.94
N ASN A 89 23.60 47.34 41.87
CA ASN A 89 23.22 48.44 40.99
C ASN A 89 23.45 49.80 41.66
N PHE A 90 24.51 50.50 41.27
CA PHE A 90 24.83 51.79 41.88
C PHE A 90 23.95 52.95 41.38
N SER A 91 22.88 52.65 40.64
CA SER A 91 21.90 53.66 40.26
C SER A 91 20.96 53.96 41.46
N HIS A 92 20.85 53.01 42.41
CA HIS A 92 20.01 53.10 43.59
C HIS A 92 20.83 52.69 44.82
N GLY A 93 20.57 53.33 45.95
CA GLY A 93 21.25 53.01 47.21
C GLY A 93 22.54 53.78 47.46
N SER A 94 22.90 53.87 48.74
CA SER A 94 24.10 54.56 49.20
C SER A 94 25.31 53.62 49.27
N HIS A 95 26.52 54.18 49.45
CA HIS A 95 27.72 53.36 49.63
C HIS A 95 27.60 52.46 50.87
N GLU A 96 26.96 52.96 51.92
CA GLU A 96 26.74 52.21 53.16
C GLU A 96 25.84 51.00 52.88
N TYR A 97 24.80 51.21 52.06
CA TYR A 97 23.86 50.18 51.64
C TYR A 97 24.57 49.07 50.87
N HIS A 98 25.38 49.46 49.87
CA HIS A 98 26.12 48.52 49.03
C HIS A 98 27.21 47.78 49.78
N ALA A 99 27.87 48.43 50.73
CA ALA A 99 28.89 47.77 51.54
C ALA A 99 28.25 46.68 52.41
N GLU A 100 27.03 46.92 52.91
CA GLU A 100 26.31 45.93 53.69
C GLU A 100 25.94 44.73 52.80
N SER A 101 25.54 45.01 51.55
CA SER A 101 25.21 43.99 50.56
C SER A 101 26.44 43.10 50.30
N ILE A 102 27.62 43.73 50.02
CA ILE A 102 28.89 43.04 49.78
C ILE A 102 29.24 42.12 50.96
N ALA A 103 29.10 42.65 52.19
CA ALA A 103 29.41 41.91 53.40
C ALA A 103 28.48 40.70 53.59
N ASN A 104 27.19 40.87 53.24
CA ASN A 104 26.20 39.80 53.33
C ASN A 104 26.45 38.71 52.32
N VAL A 105 26.89 39.11 51.11
CA VAL A 105 27.22 38.16 50.04
C VAL A 105 28.40 37.33 50.50
N ARG A 106 29.48 38.00 50.96
CA ARG A 106 30.69 37.30 51.42
C ARG A 106 30.44 36.39 52.62
N GLU A 107 29.53 36.78 53.51
CA GLU A 107 29.18 35.96 54.66
C GLU A 107 28.46 34.70 54.20
N ALA A 108 27.49 34.84 53.29
CA ALA A 108 26.74 33.70 52.75
C ALA A 108 27.66 32.78 51.93
N VAL A 109 28.61 33.34 51.17
CA VAL A 109 29.53 32.53 50.37
C VAL A 109 30.45 31.71 51.28
N GLU A 110 31.01 32.37 52.30
CA GLU A 110 31.93 31.69 53.22
C GLU A 110 31.25 30.71 54.15
N SER A 111 29.92 30.75 54.28
CA SER A 111 29.21 29.77 55.11
C SER A 111 29.31 28.34 54.54
N PHE A 112 29.79 28.17 53.28
CA PHE A 112 29.96 26.86 52.64
C PHE A 112 31.44 26.48 52.50
N ALA A 113 32.39 27.35 52.91
CA ALA A 113 33.84 27.13 52.81
C ALA A 113 34.38 25.94 53.65
N GLY A 114 33.53 25.38 54.50
CA GLY A 114 33.87 24.23 55.34
C GLY A 114 34.22 23.00 54.53
N SER A 115 33.58 22.83 53.36
CA SER A 115 33.86 21.71 52.47
C SER A 115 34.49 22.26 51.18
N PRO A 116 35.83 22.38 51.14
CA PRO A 116 36.50 22.97 49.96
C PRO A 116 36.30 22.23 48.63
N LEU A 117 35.92 20.94 48.69
CA LEU A 117 35.66 20.17 47.48
C LEU A 117 34.28 20.51 46.89
N SER A 118 33.37 21.19 47.63
CA SER A 118 32.04 21.55 47.11
C SER A 118 31.70 23.08 47.22
N TYR A 119 32.66 23.90 47.70
CA TYR A 119 32.53 25.36 47.86
C TYR A 119 32.36 26.06 46.51
N ARG A 120 31.42 27.01 46.43
CA ARG A 120 31.19 27.75 45.19
C ARG A 120 31.57 29.23 45.31
N PRO A 121 32.62 29.65 44.58
CA PRO A 121 32.98 31.08 44.61
C PRO A 121 31.89 31.95 43.94
N VAL A 122 31.63 33.17 44.43
CA VAL A 122 30.63 34.05 43.82
C VAL A 122 31.28 35.38 43.51
N ALA A 123 31.24 35.84 42.26
CA ALA A 123 31.83 37.12 41.91
C ALA A 123 30.93 38.29 42.35
N ILE A 124 31.54 39.45 42.59
CA ILE A 124 30.80 40.65 42.94
C ILE A 124 31.04 41.69 41.85
N ALA A 125 29.96 42.13 41.21
CA ALA A 125 30.06 43.10 40.14
C ALA A 125 29.39 44.41 40.50
N LEU A 126 30.04 45.52 40.15
CA LEU A 126 29.51 46.84 40.39
C LEU A 126 28.94 47.39 39.10
N ASP A 127 27.63 47.68 39.06
CA ASP A 127 27.02 48.26 37.87
C ASP A 127 26.97 49.77 38.10
N THR A 128 27.72 50.55 37.30
CA THR A 128 27.77 52.00 37.49
C THR A 128 26.45 52.71 37.12
N LYS A 129 26.23 53.91 37.67
CA LYS A 129 25.04 54.70 37.39
C LYS A 129 25.04 55.24 35.96
N GLY A 130 26.21 55.61 35.45
CA GLY A 130 26.35 56.11 34.09
C GLY A 130 26.56 57.60 33.96
N PRO A 131 26.77 58.07 32.73
CA PRO A 131 27.02 59.51 32.51
C PRO A 131 25.78 60.40 32.52
N GLY A 132 24.61 59.83 32.25
CA GLY A 132 23.36 60.57 32.16
C GLY A 132 23.43 61.64 31.06
N SER A 133 23.24 62.91 31.48
CA SER A 133 23.29 64.08 30.61
C SER A 133 24.72 64.41 30.10
N GLY A 134 25.73 63.99 30.84
CA GLY A 134 27.13 64.26 30.54
C GLY A 134 27.70 63.60 29.29
N GLY A 136 31.09 62.30 29.34
CA GLY A 136 31.97 61.21 29.74
C GLY A 136 31.73 60.72 31.16
N LEU A 137 32.78 60.24 31.83
CA LEU A 137 32.71 59.69 33.19
C LEU A 137 32.26 60.72 34.22
N SER A 138 31.13 60.46 34.87
CA SER A 138 30.59 61.36 35.87
C SER A 138 31.39 61.35 37.19
N GLU A 139 31.23 62.38 38.05
CA GLU A 139 31.91 62.45 39.33
C GLU A 139 31.43 61.41 40.31
N GLN A 140 30.12 61.06 40.25
CA GLN A 140 29.58 60.02 41.11
C GLN A 140 30.18 58.68 40.69
N ASP A 141 30.34 58.43 39.37
CA ASP A 141 30.95 57.22 38.85
C ASP A 141 32.39 57.06 39.34
N VAL A 142 33.16 58.14 39.43
CA VAL A 142 34.53 58.08 39.93
C VAL A 142 34.54 57.67 41.41
N ARG A 143 33.60 58.21 42.19
CA ARG A 143 33.47 57.87 43.60
C ARG A 143 33.04 56.41 43.81
N ASP A 144 32.10 55.94 42.97
CA ASP A 144 31.59 54.58 43.02
C ASP A 144 32.65 53.57 42.58
N LEU A 145 33.46 53.92 41.56
CA LEU A 145 34.54 53.05 41.10
C LEU A 145 35.62 52.93 42.17
N ARG A 146 35.93 54.05 42.86
CA ARG A 146 36.90 54.06 43.96
C ARG A 146 36.40 53.15 45.10
N PHE A 147 35.08 53.20 45.37
CA PHE A 147 34.43 52.36 46.38
C PHE A 147 34.62 50.88 46.03
N GLY A 148 34.44 50.54 44.76
CA GLY A 148 34.60 49.17 44.25
C GLY A 148 35.99 48.64 44.45
N VAL A 149 37.00 49.46 44.18
CA VAL A 149 38.39 49.06 44.36
C VAL A 149 38.67 48.81 45.84
N GLU A 150 38.20 49.73 46.70
CA GLU A 150 38.36 49.64 48.15
C GLU A 150 37.65 48.43 48.75
N HIS A 151 36.51 48.06 48.19
CA HIS A 151 35.76 46.90 48.66
C HIS A 151 36.08 45.59 47.93
N GLY A 152 37.04 45.61 47.02
CA GLY A 152 37.51 44.43 46.30
C GLY A 152 36.52 43.76 45.36
N VAL A 153 35.80 44.57 44.54
CA VAL A 153 34.89 44.01 43.56
C VAL A 153 35.69 43.33 42.43
N ASP A 154 35.08 42.35 41.76
CA ASP A 154 35.77 41.61 40.71
C ASP A 154 35.49 42.18 39.32
N ILE A 155 34.24 42.60 39.08
CA ILE A 155 33.82 43.09 37.77
C ILE A 155 33.17 44.46 37.89
N VAL A 156 33.26 45.25 36.82
CA VAL A 156 32.56 46.52 36.70
C VAL A 156 31.68 46.43 35.44
N PHE A 157 30.38 46.67 35.56
CA PHE A 157 29.50 46.75 34.42
C PHE A 157 29.41 48.25 34.14
N ALA A 158 30.21 48.75 33.19
CA ALA A 158 30.23 50.17 32.90
C ALA A 158 29.02 50.58 32.04
N SER A 159 28.12 51.38 32.62
CA SER A 159 26.92 51.86 31.94
C SER A 159 27.20 52.85 30.82
N PHE A 160 26.31 52.83 29.81
CA PHE A 160 26.29 53.68 28.63
C PHE A 160 27.66 53.93 27.98
N VAL A 161 28.39 52.85 27.64
CA VAL A 161 29.67 52.99 26.96
C VAL A 161 29.37 53.32 25.49
N ARG A 162 29.93 54.42 24.97
CA ARG A 162 29.69 54.88 23.61
C ARG A 162 30.94 54.91 22.73
N LYS A 163 32.12 54.74 23.29
CA LYS A 163 33.36 54.76 22.53
C LYS A 163 34.48 54.14 23.37
N ALA A 164 35.64 53.82 22.74
CA ALA A 164 36.76 53.21 23.46
C ALA A 164 37.32 54.11 24.58
N SER A 165 37.27 55.44 24.40
CA SER A 165 37.75 56.38 25.40
C SER A 165 36.93 56.34 26.71
N ASP A 166 35.66 55.88 26.65
CA ASP A 166 34.82 55.72 27.83
C ASP A 166 35.37 54.58 28.70
N VAL A 167 35.83 53.49 28.06
CA VAL A 167 36.41 52.34 28.73
C VAL A 167 37.72 52.75 29.41
N ALA A 168 38.54 53.53 28.69
CA ALA A 168 39.81 54.02 29.19
C ALA A 168 39.60 54.89 30.44
N ALA A 169 38.54 55.71 30.44
CA ALA A 169 38.20 56.54 31.58
C ALA A 169 37.85 55.69 32.80
N VAL A 170 37.09 54.60 32.61
CA VAL A 170 36.75 53.70 33.71
C VAL A 170 38.00 53.01 34.23
N ARG A 171 38.87 52.58 33.31
CA ARG A 171 40.12 51.93 33.66
C ARG A 171 41.02 52.86 34.48
N ALA A 172 41.12 54.13 34.10
CA ALA A 172 41.91 55.13 34.80
C ALA A 172 41.33 55.39 36.19
N ALA A 173 39.99 55.48 36.30
CA ALA A 173 39.31 55.69 37.59
C ALA A 173 39.49 54.51 38.56
N LEU A 174 39.75 53.30 38.03
CA LEU A 174 40.03 52.14 38.88
C LEU A 174 41.43 52.21 39.52
N GLY A 175 42.31 53.02 38.94
CA GLY A 175 43.66 53.28 39.44
C GLY A 175 44.60 52.11 39.36
N PRO A 176 45.75 52.24 40.05
CA PRO A 176 46.73 51.12 40.05
C PRO A 176 46.27 49.94 40.90
N GLU A 177 45.48 50.19 41.96
CA GLU A 177 44.98 49.13 42.83
C GLU A 177 43.88 48.28 42.17
N GLY A 178 43.30 48.75 41.06
CA GLY A 178 42.23 48.05 40.36
C GLY A 178 42.56 47.55 38.96
N HIS A 179 43.82 47.13 38.72
CA HIS A 179 44.23 46.59 37.42
C HIS A 179 43.53 45.24 37.13
N GLY A 180 43.37 44.43 38.17
CA GLY A 180 42.78 43.09 38.09
C GLY A 180 41.28 43.03 37.86
N ILE A 181 40.57 44.12 38.07
CA ILE A 181 39.12 44.17 37.87
C ILE A 181 38.76 44.08 36.37
N LYS A 182 37.75 43.27 36.03
CA LYS A 182 37.31 43.12 34.65
C LYS A 182 36.29 44.19 34.30
N ILE A 183 36.44 44.84 33.15
CA ILE A 183 35.50 45.85 32.69
C ILE A 183 34.60 45.29 31.59
N ILE A 184 33.32 45.16 31.90
CA ILE A 184 32.31 44.68 30.97
C ILE A 184 31.54 45.91 30.52
N SER A 185 31.70 46.31 29.26
CA SER A 185 31.02 47.50 28.75
C SER A 185 29.56 47.26 28.39
N LYS A 186 28.67 48.08 28.93
CA LYS A 186 27.25 47.97 28.62
C LYS A 186 26.93 48.78 27.36
N ILE A 187 26.37 48.11 26.35
CA ILE A 187 25.96 48.76 25.11
C ILE A 187 24.49 49.05 25.27
N GLU A 188 24.12 50.34 25.39
CA GLU A 188 22.73 50.72 25.63
C GLU A 188 22.16 51.75 24.66
N ASN A 189 22.90 52.13 23.60
CA ASN A 189 22.39 53.12 22.65
C ASN A 189 22.94 52.91 21.22
N HIS A 190 22.45 53.70 20.25
CA HIS A 190 22.88 53.58 18.87
C HIS A 190 24.39 53.77 18.70
N GLU A 191 24.98 54.76 19.40
CA GLU A 191 26.42 55.01 19.27
C GLU A 191 27.25 53.83 19.69
N GLY A 192 26.90 53.21 20.83
CA GLY A 192 27.58 52.03 21.34
C GLY A 192 27.50 50.87 20.37
N VAL A 193 26.33 50.68 19.72
CA VAL A 193 26.16 49.62 18.73
C VAL A 193 27.04 49.90 17.51
N LYS A 194 27.05 51.16 17.03
CA LYS A 194 27.84 51.52 15.86
C LYS A 194 29.34 51.44 16.09
N ARG A 195 29.79 51.84 17.28
CA ARG A 195 31.20 51.79 17.61
C ARG A 195 31.60 50.50 18.35
N PHE A 196 30.77 49.45 18.25
CA PHE A 196 30.96 48.17 18.93
C PHE A 196 32.37 47.61 18.84
N ASP A 197 32.94 47.55 17.64
CA ASP A 197 34.26 46.95 17.46
C ASP A 197 35.37 47.63 18.24
N GLU A 198 35.35 48.97 18.31
CA GLU A 198 36.37 49.70 19.06
C GLU A 198 36.19 49.51 20.57
N ILE A 199 34.94 49.38 21.04
CA ILE A 199 34.64 49.17 22.44
C ILE A 199 35.07 47.75 22.87
N LEU A 200 34.71 46.74 22.06
CA LEU A 200 35.07 45.36 22.35
C LEU A 200 36.58 45.14 22.41
N GLU A 201 37.32 45.83 21.53
CA GLU A 201 38.78 45.71 21.48
C GLU A 201 39.44 46.07 22.81
N VAL A 202 38.92 47.10 23.48
CA VAL A 202 39.47 47.56 24.75
C VAL A 202 38.72 47.07 25.99
N SER A 203 37.61 46.36 25.84
CA SER A 203 36.86 45.85 26.99
C SER A 203 37.21 44.38 27.28
N ASP A 204 36.97 43.94 28.50
CA ASP A 204 37.14 42.52 28.84
C ASP A 204 35.94 41.67 28.31
N GLY A 205 34.79 42.32 28.16
CA GLY A 205 33.55 41.72 27.68
C GLY A 205 32.47 42.77 27.48
N ILE A 206 31.28 42.31 27.10
CA ILE A 206 30.14 43.18 26.80
C ILE A 206 28.87 42.74 27.50
N MET A 207 27.99 43.69 27.81
CA MET A 207 26.67 43.39 28.30
C MET A 207 25.69 43.99 27.32
N VAL A 208 24.74 43.18 26.83
CA VAL A 208 23.68 43.64 25.96
C VAL A 208 22.57 44.14 26.89
N ALA A 209 22.64 45.45 27.21
CA ALA A 209 21.73 46.16 28.11
C ALA A 209 20.44 46.51 27.34
N ARG A 210 19.55 45.52 27.20
CA ARG A 210 18.33 45.61 26.40
C ARG A 210 17.29 46.63 26.88
N GLY A 211 17.27 46.93 28.16
CA GLY A 211 16.34 47.93 28.71
C GLY A 211 16.49 49.30 28.05
N ASP A 212 17.66 49.93 28.23
CA ASP A 212 17.92 51.23 27.60
C ASP A 212 18.01 51.12 26.10
N LEU A 213 18.62 50.05 25.60
CA LEU A 213 18.76 49.82 24.16
C LEU A 213 17.40 49.80 23.46
N GLY A 214 16.41 49.20 24.11
CA GLY A 214 15.04 49.13 23.61
C GLY A 214 14.29 50.45 23.56
N ILE A 215 14.81 51.47 24.25
CA ILE A 215 14.26 52.82 24.24
C ILE A 215 15.07 53.71 23.26
N GLU A 216 16.40 53.47 23.16
CA GLU A 216 17.30 54.23 22.28
C GLU A 216 17.18 53.87 20.80
N ILE A 217 16.90 52.59 20.52
CA ILE A 217 16.69 52.09 19.15
C ILE A 217 15.29 51.46 19.10
N PRO A 218 14.69 51.28 17.91
CA PRO A 218 13.34 50.65 17.85
C PRO A 218 13.32 49.29 18.56
N ALA A 219 12.29 49.01 19.36
CA ALA A 219 12.19 47.76 20.11
C ALA A 219 12.35 46.52 19.22
N GLU A 220 11.82 46.58 17.99
CA GLU A 220 11.89 45.46 17.04
C GLU A 220 13.29 45.25 16.40
N LYS A 221 14.25 46.12 16.72
CA LYS A 221 15.62 46.00 16.21
C LYS A 221 16.60 45.48 17.29
N VAL A 222 16.18 45.42 18.56
CA VAL A 222 17.04 44.97 19.65
C VAL A 222 17.55 43.54 19.45
N PHE A 223 16.69 42.61 18.97
CA PHE A 223 17.15 41.23 18.73
C PHE A 223 18.32 41.15 17.74
N LEU A 224 18.35 42.07 16.74
CA LEU A 224 19.42 42.11 15.76
C LEU A 224 20.70 42.52 16.44
N ALA A 225 20.64 43.54 17.34
CA ALA A 225 21.79 44.04 18.06
C ALA A 225 22.32 42.97 19.01
N GLN A 226 21.41 42.27 19.72
CA GLN A 226 21.78 41.19 20.63
C GLN A 226 22.52 40.08 19.87
N LYS A 227 21.92 39.57 18.79
CA LYS A 227 22.54 38.51 18.00
C LYS A 227 23.87 38.91 17.38
N MET A 228 24.01 40.17 16.94
CA MET A 228 25.25 40.65 16.35
C MET A 228 26.36 40.74 17.41
N MET A 229 26.05 41.33 18.58
CA MET A 229 27.02 41.50 19.64
C MET A 229 27.45 40.17 20.24
N ILE A 230 26.52 39.21 20.39
CA ILE A 230 26.87 37.89 20.90
C ILE A 230 27.81 37.19 19.92
N GLY A 231 27.48 37.25 18.65
CA GLY A 231 28.30 36.64 17.61
C GLY A 231 29.72 37.19 17.57
N ARG A 232 29.84 38.52 17.63
CA ARG A 232 31.15 39.17 17.62
C ARG A 232 31.95 38.84 18.86
N CYS A 233 31.28 38.73 20.03
CA CYS A 233 31.96 38.37 21.26
C CYS A 233 32.44 36.95 21.20
N ASN A 234 31.64 36.04 20.64
CA ASN A 234 32.01 34.64 20.48
C ASN A 234 33.23 34.53 19.55
N LEU A 235 33.23 35.32 18.49
CA LEU A 235 34.31 35.37 17.52
CA LEU A 235 34.32 35.37 17.52
C LEU A 235 35.59 35.85 18.21
N ALA A 236 35.47 36.93 19.03
CA ALA A 236 36.59 37.52 19.78
C ALA A 236 37.09 36.70 20.96
N GLY A 237 36.29 35.74 21.42
CA GLY A 237 36.60 34.94 22.59
C GLY A 237 36.40 35.72 23.88
N LYS A 238 35.54 36.73 23.89
CA LYS A 238 35.31 37.54 25.08
C LYS A 238 33.90 37.33 25.64
N PRO A 239 33.74 37.34 27.00
CA PRO A 239 32.40 37.13 27.56
C PRO A 239 31.34 38.13 27.13
N VAL A 240 30.13 37.64 26.94
CA VAL A 240 28.99 38.49 26.60
C VAL A 240 27.80 38.14 27.53
N VAL A 241 27.15 39.14 28.09
CA VAL A 241 26.03 38.96 29.01
C VAL A 241 24.74 39.41 28.34
N CYS A 242 23.68 38.57 28.38
CA CYS A 242 22.38 39.03 27.91
C CYS A 242 21.64 39.50 29.13
N ALA A 243 21.10 40.72 29.08
CA ALA A 243 20.45 41.31 30.25
C ALA A 243 19.09 41.98 29.97
N THR A 244 18.29 42.14 31.05
CA THR A 244 17.03 42.88 31.22
C THR A 244 15.76 42.22 30.67
N GLN A 245 14.75 42.13 31.58
CA GLN A 245 13.39 41.62 31.37
C GLN A 245 13.32 40.19 30.90
N MET A 246 14.35 39.37 31.20
CA MET A 246 14.39 37.97 30.79
C MET A 246 13.25 37.17 31.40
N LEU A 247 12.95 37.38 32.70
CA LEU A 247 11.84 36.71 33.40
C LEU A 247 11.00 37.75 34.14
N GLU A 248 10.75 38.90 33.51
CA GLU A 248 10.03 40.05 34.07
C GLU A 248 8.77 39.73 34.86
N SER A 249 7.88 38.91 34.33
CA SER A 249 6.62 38.56 35.01
C SER A 249 6.85 37.88 36.38
N MET A 250 8.01 37.21 36.54
CA MET A 250 8.33 36.54 37.80
C MET A 250 8.57 37.49 38.98
N ILE A 251 8.54 38.82 38.75
CA ILE A 251 8.63 39.79 39.83
C ILE A 251 7.38 39.64 40.74
N THR A 252 6.20 39.38 40.14
CA THR A 252 4.96 39.21 40.89
C THR A 252 4.37 37.80 40.79
N LYS A 253 4.73 37.01 39.75
CA LYS A 253 4.14 35.67 39.55
C LYS A 253 5.16 34.56 39.76
N PRO A 254 4.74 33.39 40.29
CA PRO A 254 5.71 32.30 40.56
C PRO A 254 6.26 31.56 39.33
N ARG A 255 5.60 31.73 38.19
CA ARG A 255 5.99 31.09 36.94
C ARG A 255 6.12 32.15 35.86
N PRO A 256 7.09 31.99 34.95
CA PRO A 256 7.23 32.97 33.86
C PRO A 256 6.25 32.71 32.68
N THR A 257 6.24 33.63 31.71
CA THR A 257 5.41 33.46 30.52
C THR A 257 6.14 32.58 29.49
N ARG A 258 5.42 32.15 28.44
CA ARG A 258 6.00 31.34 27.38
C ARG A 258 7.08 32.12 26.63
N ALA A 259 6.92 33.44 26.50
CA ALA A 259 7.89 34.31 25.84
C ALA A 259 9.16 34.43 26.67
N GLU A 260 9.03 34.49 28.00
CA GLU A 260 10.17 34.61 28.89
C GLU A 260 11.07 33.38 28.92
N THR A 261 10.48 32.18 28.99
CA THR A 261 11.31 30.96 28.98
C THR A 261 12.05 30.83 27.63
N SER A 262 11.33 31.15 26.54
CA SER A 262 11.83 31.15 25.19
C SER A 262 13.00 32.14 25.08
N ASP A 263 12.86 33.34 25.65
CA ASP A 263 13.89 34.35 25.63
C ASP A 263 15.18 33.89 26.30
N VAL A 264 15.07 33.27 27.49
CA VAL A 264 16.24 32.76 28.21
C VAL A 264 16.93 31.68 27.38
N ALA A 265 16.14 30.75 26.84
CA ALA A 265 16.66 29.67 26.02
C ALA A 265 17.37 30.18 24.79
N ASN A 266 16.78 31.20 24.13
CA ASN A 266 17.35 31.75 22.92
C ASN A 266 18.59 32.54 23.19
N ALA A 267 18.73 33.19 24.35
CA ALA A 267 19.97 33.91 24.68
C ALA A 267 21.13 32.90 24.82
N VAL A 268 20.86 31.76 25.49
CA VAL A 268 21.85 30.69 25.63
C VAL A 268 22.19 30.12 24.23
N LEU A 269 21.16 29.80 23.43
CA LEU A 269 21.39 29.28 22.08
C LEU A 269 22.14 30.26 21.19
N ASP A 270 21.90 31.58 21.35
CA ASP A 270 22.60 32.64 20.62
C ASP A 270 24.10 32.61 20.92
N GLY A 271 24.48 32.22 22.14
CA GLY A 271 25.88 32.11 22.53
C GLY A 271 26.28 32.98 23.71
N ALA A 272 25.30 33.47 24.49
CA ALA A 272 25.59 34.29 25.67
C ALA A 272 26.35 33.50 26.75
N ASP A 273 27.39 34.10 27.30
CA ASP A 273 28.17 33.48 28.37
C ASP A 273 27.44 33.57 29.71
N CYS A 274 26.70 34.67 29.93
CA CYS A 274 25.97 34.93 31.16
C CYS A 274 24.58 35.42 30.85
N ILE A 275 23.64 35.08 31.73
CA ILE A 275 22.25 35.56 31.69
C ILE A 275 22.01 36.30 33.01
N MET A 276 21.24 37.39 32.98
CA MET A 276 21.05 38.22 34.16
C MET A 276 19.60 38.33 34.63
N LEU A 277 19.42 38.61 35.92
CA LEU A 277 18.14 38.87 36.56
C LEU A 277 18.27 40.23 37.24
N SER A 278 17.34 41.17 36.97
CA SER A 278 17.40 42.48 37.58
C SER A 278 16.30 42.60 38.67
N GLY A 279 15.15 43.21 38.35
CA GLY A 279 14.03 43.34 39.28
C GLY A 279 13.56 42.00 39.81
N GLU A 280 13.70 40.94 39.00
CA GLU A 280 13.32 39.58 39.34
C GLU A 280 13.96 39.11 40.65
N THR A 281 15.20 39.54 40.92
CA THR A 281 15.90 39.17 42.16
C THR A 281 16.05 40.33 43.16
N ALA A 282 16.20 41.56 42.65
CA ALA A 282 16.41 42.72 43.47
C ALA A 282 15.16 43.14 44.26
N LYS A 283 13.99 43.13 43.62
CA LYS A 283 12.77 43.59 44.28
C LYS A 283 11.55 42.64 44.17
N GLY A 284 11.68 41.57 43.42
CA GLY A 284 10.57 40.65 43.19
C GLY A 284 10.18 39.79 44.35
N ASN A 285 9.05 39.09 44.21
CA ASN A 285 8.52 38.19 45.23
C ASN A 285 9.10 36.77 45.13
N PHE A 286 9.78 36.43 44.01
CA PHE A 286 10.32 35.09 43.83
C PHE A 286 11.78 35.11 43.36
N PRO A 287 12.71 35.71 44.13
CA PRO A 287 14.10 35.79 43.67
C PRO A 287 14.80 34.44 43.53
N VAL A 288 14.55 33.52 44.46
CA VAL A 288 15.16 32.20 44.40
C VAL A 288 14.56 31.40 43.24
N GLU A 289 13.24 31.51 43.05
CA GLU A 289 12.53 30.81 41.98
C GLU A 289 12.97 31.29 40.59
N ALA A 290 13.30 32.58 40.46
CA ALA A 290 13.78 33.15 39.20
C ALA A 290 15.16 32.57 38.87
N VAL A 291 16.03 32.42 39.88
CA VAL A 291 17.35 31.84 39.69
C VAL A 291 17.19 30.37 39.29
N LYS A 292 16.31 29.63 39.98
CA LYS A 292 16.05 28.24 39.67
C LYS A 292 15.54 28.06 38.23
N MET A 293 14.67 28.98 37.78
CA MET A 293 14.11 28.93 36.44
C MET A 293 15.20 29.15 35.38
N GLN A 294 16.06 30.17 35.57
CA GLN A 294 17.17 30.42 34.64
C GLN A 294 18.12 29.24 34.60
N HIS A 295 18.37 28.62 35.77
CA HIS A 295 19.22 27.44 35.84
C HIS A 295 18.63 26.30 35.03
N ALA A 296 17.35 26.01 35.21
CA ALA A 296 16.66 24.93 34.52
C ALA A 296 16.64 25.13 33.00
N ILE A 297 16.33 26.36 32.53
CA ILE A 297 16.27 26.64 31.12
C ILE A 297 17.65 26.54 30.48
N ALA A 298 18.67 27.17 31.11
CA ALA A 298 20.03 27.13 30.58
C ALA A 298 20.55 25.74 30.37
N ARG A 299 20.32 24.83 31.32
CA ARG A 299 20.72 23.43 31.21
C ARG A 299 20.09 22.76 29.98
N GLU A 300 18.78 23.01 29.74
CA GLU A 300 18.09 22.45 28.59
C GLU A 300 18.66 23.02 27.30
N ALA A 301 18.87 24.35 27.26
CA ALA A 301 19.37 25.04 26.10
C ALA A 301 20.79 24.65 25.75
N GLU A 302 21.65 24.42 26.75
CA GLU A 302 23.04 24.01 26.48
C GLU A 302 23.12 22.64 25.83
N ALA A 303 22.25 21.71 26.25
CA ALA A 303 22.23 20.37 25.64
C ALA A 303 21.75 20.46 24.18
N ALA A 304 20.88 21.43 23.86
CA ALA A 304 20.36 21.63 22.50
C ALA A 304 21.33 22.37 21.56
N VAL A 305 22.55 22.69 22.01
CA VAL A 305 23.53 23.35 21.17
C VAL A 305 24.04 22.39 20.07
N TYR A 306 24.05 22.85 18.82
CA TYR A 306 24.47 22.08 17.66
C TYR A 306 25.99 22.15 17.52
N HIS A 307 26.70 21.42 18.39
CA HIS A 307 28.16 21.41 18.42
C HIS A 307 28.83 21.02 17.11
N ARG A 308 28.19 20.16 16.29
CA ARG A 308 28.78 19.73 15.03
C ARG A 308 29.15 20.91 14.12
N GLN A 309 28.20 21.83 13.88
CA GLN A 309 28.51 23.00 13.07
C GLN A 309 29.20 24.09 13.89
N LEU A 310 28.80 24.24 15.16
CA LEU A 310 29.38 25.27 16.03
C LEU A 310 30.89 25.14 16.18
N PHE A 311 31.38 23.95 16.55
CA PHE A 311 32.82 23.76 16.71
C PHE A 311 33.56 23.99 15.42
N GLU A 312 33.00 23.51 14.31
CA GLU A 312 33.59 23.74 13.01
C GLU A 312 33.73 25.20 12.66
N GLU A 313 32.69 25.98 12.92
CA GLU A 313 32.69 27.40 12.64
C GLU A 313 33.64 28.15 13.53
N LEU A 314 33.69 27.79 14.82
CA LEU A 314 34.59 28.44 15.78
C LEU A 314 36.02 28.14 15.42
N ARG A 315 36.31 26.91 15.06
CA ARG A 315 37.62 26.47 14.64
C ARG A 315 38.06 27.23 13.39
N ARG A 316 37.21 27.30 12.36
CA ARG A 316 37.52 27.95 11.11
C ARG A 316 37.72 29.46 11.30
N ALA A 317 36.87 30.09 12.13
CA ALA A 317 36.90 31.53 12.37
C ALA A 317 38.07 32.00 13.22
N ALA A 318 38.51 31.17 14.17
CA ALA A 318 39.61 31.55 15.04
C ALA A 318 40.88 31.61 14.25
N PRO A 319 41.64 32.71 14.38
CA PRO A 319 42.84 32.86 13.57
C PRO A 319 43.98 31.94 13.95
N LEU A 320 44.90 31.74 13.00
CA LEU A 320 46.10 30.94 13.25
C LEU A 320 46.91 31.61 14.36
N SER A 321 47.58 30.81 15.17
CA SER A 321 48.28 31.38 16.31
C SER A 321 49.55 30.72 16.60
N ARG A 322 50.53 31.49 17.05
CA ARG A 322 51.80 30.92 17.50
CA ARG A 322 51.80 30.93 17.49
C ARG A 322 51.94 30.98 19.03
N ASP A 323 50.84 31.30 19.76
CA ASP A 323 50.80 31.33 21.22
C ASP A 323 50.53 29.91 21.66
N PRO A 324 51.42 29.31 22.45
CA PRO A 324 51.23 27.91 22.86
C PRO A 324 49.97 27.64 23.66
N THR A 325 49.46 28.63 24.40
CA THR A 325 48.23 28.45 25.17
C THR A 325 47.07 28.29 24.21
N GLU A 326 47.01 29.17 23.19
CA GLU A 326 46.00 29.17 22.12
C GLU A 326 46.06 27.82 21.34
N VAL A 327 47.26 27.36 20.98
CA VAL A 327 47.46 26.09 20.29
C VAL A 327 47.07 24.88 21.18
N THR A 328 47.39 24.91 22.46
CA THR A 328 47.06 23.80 23.36
C THR A 328 45.56 23.77 23.57
N ALA A 329 44.90 24.94 23.66
CA ALA A 329 43.45 25.01 23.86
C ALA A 329 42.67 24.33 22.75
N ILE A 330 43.04 24.59 21.47
CA ILE A 330 42.36 24.00 20.33
C ILE A 330 42.60 22.49 20.32
N GLY A 331 43.85 22.05 20.54
CA GLY A 331 44.18 20.63 20.58
C GLY A 331 43.42 19.90 21.68
N ALA A 332 43.27 20.56 22.84
CA ALA A 332 42.54 20.01 23.97
C ALA A 332 41.04 19.86 23.69
N VAL A 333 40.41 20.87 23.10
CA VAL A 333 38.98 20.81 22.79
C VAL A 333 38.71 19.74 21.70
N GLU A 334 39.61 19.67 20.71
CA GLU A 334 39.52 18.67 19.67
C GLU A 334 39.62 17.25 20.28
N ALA A 335 40.57 17.08 21.20
CA ALA A 335 40.80 15.80 21.89
C ALA A 335 39.58 15.42 22.75
N ALA A 336 39.00 16.40 23.47
CA ALA A 336 37.83 16.19 24.31
C ALA A 336 36.62 15.74 23.49
N PHE A 337 36.42 16.33 22.29
CA PHE A 337 35.33 15.91 21.41
C PHE A 337 35.53 14.47 20.90
N LYS A 338 36.76 14.10 20.56
CA LYS A 338 37.13 12.77 20.03
C LYS A 338 36.79 11.60 20.98
N CYS A 339 36.90 11.81 22.30
CA CYS A 339 36.65 10.73 23.25
C CYS A 339 35.43 10.96 24.15
N CYS A 340 34.69 12.06 23.93
CA CYS A 340 33.56 12.40 24.79
C CYS A 340 34.03 12.61 26.22
N ALA A 341 35.16 13.34 26.36
CA ALA A 341 35.76 13.62 27.67
C ALA A 341 34.74 14.26 28.61
N ALA A 342 34.67 13.79 29.84
CA ALA A 342 33.73 14.33 30.82
C ALA A 342 34.10 15.77 31.20
N ALA A 343 35.40 16.05 31.25
CA ALA A 343 35.89 17.34 31.64
C ALA A 343 37.28 17.59 31.04
N ILE A 344 37.68 18.84 31.04
CA ILE A 344 39.00 19.33 30.70
C ILE A 344 39.43 20.02 31.98
N ILE A 345 40.46 19.49 32.65
CA ILE A 345 40.95 20.09 33.88
C ILE A 345 42.11 20.97 33.52
N VAL A 346 42.01 22.26 33.82
CA VAL A 346 43.07 23.19 33.47
C VAL A 346 43.63 23.91 34.70
N LEU A 347 44.96 24.03 34.78
CA LEU A 347 45.59 24.78 35.86
C LEU A 347 45.71 26.19 35.34
N THR A 348 45.16 27.17 36.07
CA THR A 348 45.23 28.56 35.65
C THR A 348 45.52 29.50 36.82
N THR A 349 46.25 30.59 36.54
CA THR A 349 46.58 31.58 37.56
C THR A 349 45.66 32.78 37.41
N THR A 350 45.56 33.30 36.17
CA THR A 350 44.72 34.46 35.83
C THR A 350 43.34 34.08 35.27
N GLY A 351 43.16 32.82 34.89
CA GLY A 351 41.93 32.38 34.25
C GLY A 351 42.04 32.30 32.72
N ARG A 352 43.11 32.90 32.13
CA ARG A 352 43.29 32.97 30.68
C ARG A 352 43.27 31.60 29.99
N SER A 353 43.98 30.61 30.51
CA SER A 353 43.99 29.27 29.92
C SER A 353 42.57 28.66 29.87
N ALA A 354 41.75 28.93 30.89
CA ALA A 354 40.38 28.42 30.92
C ALA A 354 39.52 29.21 29.90
N GLN A 355 39.75 30.52 29.76
CA GLN A 355 39.04 31.34 28.82
C GLN A 355 39.31 30.87 27.38
N LEU A 356 40.57 30.53 27.06
CA LEU A 356 40.91 30.05 25.71
C LEU A 356 40.31 28.69 25.41
N LEU A 357 40.07 27.85 26.42
CA LEU A 357 39.40 26.57 26.20
C LEU A 357 37.88 26.84 25.92
N SER A 358 37.29 27.74 26.71
CA SER A 358 35.91 28.15 26.68
C SER A 358 35.47 28.73 25.31
N ARG A 359 36.37 29.47 24.66
CA ARG A 359 36.06 30.10 23.37
C ARG A 359 35.66 29.08 22.28
N TYR A 360 36.14 27.83 22.39
CA TYR A 360 35.80 26.78 21.44
C TYR A 360 34.53 26.01 21.79
N ARG A 361 33.80 26.45 22.83
CA ARG A 361 32.55 25.90 23.28
C ARG A 361 32.55 24.37 23.39
N PRO A 362 33.48 23.80 24.19
CA PRO A 362 33.47 22.33 24.34
C PRO A 362 32.21 21.84 25.03
N ARG A 363 31.80 20.60 24.75
CA ARG A 363 30.70 19.98 25.47
C ARG A 363 31.21 19.53 26.89
N ALA A 364 32.53 19.23 27.00
CA ALA A 364 33.22 18.87 28.24
C ALA A 364 33.31 20.08 29.16
N ALA A 365 33.11 19.87 30.47
CA ALA A 365 33.22 20.97 31.44
C ALA A 365 34.65 21.39 31.56
N VAL A 366 34.91 22.69 31.65
CA VAL A 366 36.27 23.16 31.87
C VAL A 366 36.43 23.39 33.36
N ILE A 367 37.07 22.46 34.06
CA ILE A 367 37.29 22.57 35.50
C ILE A 367 38.60 23.31 35.68
N ALA A 368 38.53 24.57 36.13
CA ALA A 368 39.71 25.39 36.29
C ALA A 368 40.19 25.39 37.73
N VAL A 369 41.37 24.82 37.97
CA VAL A 369 41.95 24.78 39.32
C VAL A 369 42.91 25.98 39.49
N THR A 370 42.57 26.89 40.43
CA THR A 370 43.37 28.09 40.63
C THR A 370 43.58 28.39 42.11
N ARG A 371 44.71 29.01 42.41
CA ARG A 371 45.01 29.48 43.77
C ARG A 371 44.47 30.94 43.95
N SER A 372 44.20 31.67 42.86
CA SER A 372 43.72 33.03 42.94
C SER A 372 42.21 33.08 43.19
N ALA A 373 41.81 33.61 44.35
CA ALA A 373 40.39 33.75 44.69
C ALA A 373 39.68 34.73 43.72
N GLN A 374 40.37 35.80 43.31
CA GLN A 374 39.81 36.75 42.37
C GLN A 374 39.56 36.08 41.00
N ALA A 375 40.57 35.33 40.47
CA ALA A 375 40.44 34.61 39.20
C ALA A 375 39.30 33.62 39.29
N ALA A 376 39.20 32.90 40.42
CA ALA A 376 38.11 31.94 40.62
C ALA A 376 36.74 32.61 40.53
N ARG A 377 36.62 33.85 41.00
CA ARG A 377 35.36 34.57 40.92
C ARG A 377 35.10 35.09 39.51
N GLN A 378 36.14 35.64 38.88
CA GLN A 378 36.04 36.20 37.53
C GLN A 378 35.82 35.19 36.40
N VAL A 379 36.29 33.94 36.53
CA VAL A 379 36.09 32.96 35.47
C VAL A 379 34.62 32.48 35.36
N HIS A 380 33.72 33.03 36.18
CA HIS A 380 32.29 32.81 36.01
C HIS A 380 31.80 33.56 34.75
N LEU A 381 32.53 34.59 34.27
CA LEU A 381 32.18 35.33 33.07
C LEU A 381 32.28 34.42 31.81
N CYS A 382 33.12 33.37 31.83
CA CYS A 382 33.29 32.47 30.68
C CYS A 382 32.42 31.24 30.76
N ARG A 383 31.63 30.99 29.70
CA ARG A 383 30.74 29.84 29.67
C ARG A 383 31.46 28.49 29.77
N GLY A 384 30.96 27.64 30.65
CA GLY A 384 31.49 26.29 30.81
C GLY A 384 32.73 26.15 31.68
N VAL A 385 33.16 27.24 32.33
CA VAL A 385 34.30 27.19 33.22
C VAL A 385 33.78 27.08 34.65
N PHE A 386 34.22 26.02 35.35
CA PHE A 386 33.85 25.69 36.72
C PHE A 386 35.06 25.93 37.61
N PRO A 387 35.11 27.07 38.31
CA PRO A 387 36.29 27.37 39.16
C PRO A 387 36.40 26.55 40.44
N LEU A 388 37.62 26.11 40.73
CA LEU A 388 37.91 25.39 41.97
C LEU A 388 39.02 26.16 42.65
N LEU A 389 38.72 26.75 43.83
CA LEU A 389 39.74 27.46 44.56
C LEU A 389 40.55 26.44 45.35
N TYR A 390 41.82 26.28 44.95
CA TYR A 390 42.75 25.33 45.52
C TYR A 390 43.34 25.86 46.82
N ARG A 391 42.91 25.28 47.94
CA ARG A 391 43.40 25.69 49.25
C ARG A 391 44.17 24.58 49.98
N GLU A 392 44.59 23.51 49.28
CA GLU A 392 45.36 22.44 49.90
CA GLU A 392 45.38 22.43 49.88
C GLU A 392 46.81 22.92 50.10
N PRO A 393 47.56 22.34 51.07
CA PRO A 393 48.95 22.81 51.30
C PRO A 393 49.89 22.47 50.15
N PRO A 394 50.89 23.34 49.92
CA PRO A 394 51.81 23.10 48.80
C PRO A 394 52.66 21.83 48.85
N GLU A 395 53.16 21.44 47.70
CA GLU A 395 54.11 20.36 47.60
C GLU A 395 55.47 21.02 47.31
N ALA A 396 56.54 20.39 47.79
CA ALA A 396 57.88 20.93 47.62
C ALA A 396 58.40 20.88 46.16
N ILE A 397 58.24 19.72 45.47
CA ILE A 397 58.65 19.58 44.08
C ILE A 397 57.53 20.09 43.18
N TRP A 398 57.81 21.09 42.31
CA TRP A 398 56.80 21.69 41.41
C TRP A 398 55.99 20.67 40.63
N ALA A 399 56.64 19.65 40.07
CA ALA A 399 55.97 18.57 39.35
C ALA A 399 54.91 17.87 40.24
N ASP A 400 55.25 17.59 41.52
CA ASP A 400 54.32 16.99 42.49
C ASP A 400 53.21 17.98 42.86
N ASP A 401 53.55 19.27 42.93
CA ASP A 401 52.58 20.29 43.27
C ASP A 401 51.49 20.37 42.17
N VAL A 402 51.92 20.29 40.91
CA VAL A 402 51.07 20.33 39.73
C VAL A 402 50.13 19.13 39.76
N ASP A 403 50.71 17.90 39.89
CA ASP A 403 49.96 16.63 39.95
CA ASP A 403 49.89 16.68 39.91
C ASP A 403 48.90 16.68 41.06
N ARG A 404 49.22 17.33 42.19
CA ARG A 404 48.31 17.44 43.31
C ARG A 404 47.09 18.29 42.91
N ARG A 405 47.32 19.45 42.24
CA ARG A 405 46.23 20.29 41.75
C ARG A 405 45.39 19.59 40.66
N VAL A 406 46.01 18.68 39.89
CA VAL A 406 45.29 17.88 38.91
C VAL A 406 44.36 16.91 39.65
N GLN A 407 44.92 16.11 40.60
CA GLN A 407 44.16 15.19 41.45
C GLN A 407 43.07 15.91 42.26
N PHE A 408 43.29 17.19 42.60
CA PHE A 408 42.30 17.98 43.32
C PHE A 408 41.08 18.19 42.42
N GLY A 409 41.33 18.61 41.17
CA GLY A 409 40.27 18.83 40.19
C GLY A 409 39.46 17.58 39.94
N ILE A 410 40.14 16.41 39.91
CA ILE A 410 39.51 15.10 39.72
C ILE A 410 38.63 14.69 40.93
N GLU A 411 39.11 14.91 42.17
CA GLU A 411 38.32 14.58 43.36
C GLU A 411 37.08 15.42 43.45
N SER A 412 37.22 16.75 43.28
CA SER A 412 36.09 17.68 43.30
C SER A 412 35.11 17.38 42.16
N GLY A 413 35.63 16.95 41.02
CA GLY A 413 34.82 16.58 39.87
C GLY A 413 34.01 15.35 40.17
N LYS A 414 34.57 14.39 40.90
CA LYS A 414 33.89 13.16 41.29
C LYS A 414 32.83 13.47 42.33
N LEU A 415 33.19 14.29 43.33
CA LEU A 415 32.27 14.70 44.39
C LEU A 415 31.05 15.43 43.82
N ARG A 416 31.29 16.36 42.86
CA ARG A 416 30.22 17.16 42.29
C ARG A 416 29.41 16.49 41.18
N GLY A 417 29.81 15.29 40.76
CA GLY A 417 29.08 14.56 39.75
C GLY A 417 29.55 14.70 38.32
N PHE A 418 30.56 15.54 38.07
CA PHE A 418 31.14 15.72 36.73
C PHE A 418 31.86 14.47 36.25
N LEU A 419 32.49 13.73 37.15
CA LEU A 419 33.32 12.58 36.78
C LEU A 419 32.92 11.31 37.48
N ARG A 420 33.22 10.18 36.83
CA ARG A 420 33.03 8.83 37.34
C ARG A 420 34.27 8.01 36.96
N VAL A 421 34.55 6.92 37.68
CA VAL A 421 35.69 6.05 37.36
C VAL A 421 35.45 5.44 35.98
N GLY A 422 36.47 5.50 35.13
CA GLY A 422 36.36 5.02 33.76
C GLY A 422 36.25 6.14 32.75
N ASP A 423 35.84 7.34 33.18
CA ASP A 423 35.73 8.52 32.29
C ASP A 423 37.10 8.96 31.80
N LEU A 424 37.13 9.61 30.63
CA LEU A 424 38.38 10.17 30.13
C LEU A 424 38.38 11.68 30.37
N VAL A 425 39.54 12.22 30.73
CA VAL A 425 39.70 13.65 30.92
C VAL A 425 40.91 14.16 30.17
N ILE A 426 40.85 15.44 29.83
CA ILE A 426 41.96 16.09 29.17
C ILE A 426 42.53 17.04 30.21
N VAL A 427 43.83 16.95 30.49
CA VAL A 427 44.46 17.80 31.50
C VAL A 427 45.35 18.81 30.82
N VAL A 428 45.13 20.09 31.10
CA VAL A 428 45.92 21.13 30.47
C VAL A 428 46.80 21.83 31.50
N THR A 429 48.11 21.73 31.30
CA THR A 429 49.11 22.34 32.19
C THR A 429 50.19 23.10 31.36
N GLY A 430 51.14 23.70 32.07
CA GLY A 430 52.28 24.40 31.50
C GLY A 430 53.60 23.73 31.87
N TRP A 431 54.69 24.23 31.31
CA TRP A 431 56.01 23.66 31.51
C TRP A 431 56.82 24.30 32.69
N ARG A 432 56.40 25.48 33.13
CA ARG A 432 57.06 26.18 34.22
C ARG A 432 56.07 27.07 34.95
N PRO A 433 56.23 27.29 36.28
CA PRO A 433 55.25 28.10 37.02
C PRO A 433 55.23 29.56 36.58
N GLY A 434 54.12 30.23 36.84
CA GLY A 434 53.92 31.59 36.39
C GLY A 434 52.93 31.58 35.23
N SER A 435 52.08 32.60 35.13
CA SER A 435 51.09 32.66 34.06
C SER A 435 51.74 32.81 32.65
N GLY A 436 51.10 32.22 31.64
CA GLY A 436 51.50 32.33 30.25
C GLY A 436 52.29 31.19 29.65
N TYR A 437 52.45 30.06 30.38
CA TYR A 437 53.26 28.94 29.90
C TYR A 437 52.50 27.66 29.65
N THR A 438 51.16 27.71 29.50
CA THR A 438 50.38 26.50 29.17
C THR A 438 50.83 25.97 27.81
N ASN A 439 51.19 24.70 27.73
CA ASN A 439 51.66 24.10 26.49
C ASN A 439 51.50 22.55 26.45
N ILE A 440 50.83 21.96 27.46
CA ILE A 440 50.72 20.52 27.55
C ILE A 440 49.29 20.08 27.67
N MET A 441 48.96 19.03 26.95
CA MET A 441 47.65 18.43 27.01
CA MET A 441 47.64 18.42 26.94
C MET A 441 47.83 16.92 27.22
N ARG A 442 47.12 16.36 28.20
CA ARG A 442 47.27 14.95 28.54
C ARG A 442 45.94 14.24 28.51
N VAL A 443 45.92 12.99 28.01
CA VAL A 443 44.70 12.19 28.04
C VAL A 443 44.81 11.25 29.25
N LEU A 444 43.96 11.45 30.22
CA LEU A 444 43.98 10.73 31.48
C LEU A 444 42.69 9.94 31.70
N SER A 445 42.82 8.70 32.18
CA SER A 445 41.65 7.88 32.50
C SER A 445 41.38 7.99 33.99
N ILE A 446 40.13 8.28 34.38
CA ILE A 446 39.74 8.41 35.78
C ILE A 446 39.79 7.10 36.52
N SER A 447 40.70 7.08 37.53
CA SER A 447 41.02 5.98 38.44
C SER A 447 41.42 4.72 37.67
N ARG B 12 40.40 37.04 5.53
CA ARG B 12 41.79 37.42 5.77
C ARG B 12 42.14 37.44 7.26
N ALA B 13 41.23 37.94 8.14
CA ALA B 13 41.41 38.06 9.59
C ALA B 13 41.79 36.75 10.32
N ASP B 14 41.35 35.59 9.77
CA ASP B 14 41.70 34.27 10.31
C ASP B 14 43.19 33.89 10.05
N VAL B 15 43.89 34.62 9.18
CA VAL B 15 45.32 34.40 8.93
C VAL B 15 46.14 35.73 9.02
N ALA B 16 45.49 36.87 9.31
CA ALA B 16 46.10 38.21 9.32
C ALA B 16 47.27 38.36 10.29
N GLN B 17 47.11 37.96 11.56
CA GLN B 17 48.18 38.07 12.53
C GLN B 17 49.35 37.18 12.14
N LEU B 18 49.08 35.90 11.81
CA LEU B 18 50.14 34.98 11.40
C LEU B 18 50.83 35.40 10.11
N THR B 19 50.13 36.17 9.25
CA THR B 19 50.67 36.69 7.99
C THR B 19 51.66 37.77 8.31
N GLN B 20 51.31 38.67 9.24
CA GLN B 20 52.21 39.73 9.68
C GLN B 20 53.49 39.14 10.29
N GLU B 21 53.36 38.07 11.09
CA GLU B 21 54.47 37.38 11.76
C GLU B 21 55.39 36.58 10.82
N LEU B 22 54.80 35.66 10.02
CA LEU B 22 55.59 34.80 9.14
C LEU B 22 55.92 35.42 7.79
N GLY B 23 55.17 36.44 7.39
CA GLY B 23 55.38 37.17 6.15
C GLY B 23 54.50 36.73 5.01
N THR B 24 54.34 37.61 4.00
CA THR B 24 53.55 37.30 2.82
C THR B 24 54.24 36.24 1.98
N ALA B 25 55.58 36.26 1.89
CA ALA B 25 56.30 35.24 1.14
C ALA B 25 56.06 33.84 1.68
N PHE B 26 55.92 33.68 3.00
CA PHE B 26 55.66 32.38 3.60
C PHE B 26 54.32 31.83 3.10
N PHE B 27 53.29 32.69 3.07
CA PHE B 27 51.97 32.28 2.67
C PHE B 27 51.79 32.15 1.14
N GLN B 28 52.81 32.50 0.33
CA GLN B 28 52.75 32.33 -1.12
C GLN B 28 53.33 30.96 -1.53
N GLN B 29 54.25 30.39 -0.72
CA GLN B 29 54.87 29.09 -0.96
C GLN B 29 53.91 27.94 -0.63
N GLN B 30 54.30 26.71 -1.00
CA GLN B 30 53.65 25.41 -0.80
C GLN B 30 52.12 25.41 -0.98
N GLN B 31 51.63 26.13 -1.99
CA GLN B 31 50.22 26.28 -2.37
C GLN B 31 49.33 26.67 -1.21
N LEU B 32 49.84 27.51 -0.29
CA LEU B 32 49.07 27.93 0.87
C LEU B 32 47.84 28.75 0.50
N PRO B 33 47.82 29.65 -0.51
CA PRO B 33 46.56 30.32 -0.86
C PRO B 33 45.51 29.29 -1.30
N ALA B 34 45.88 28.30 -2.10
CA ALA B 34 44.98 27.25 -2.56
C ALA B 34 44.51 26.37 -1.39
N ALA B 35 45.36 26.17 -0.37
CA ALA B 35 45.04 25.35 0.81
C ALA B 35 44.06 26.05 1.77
N MET B 36 44.05 27.40 1.80
CA MET B 36 43.16 28.20 2.64
C MET B 36 41.79 28.50 1.94
N ALA B 37 41.62 28.11 0.67
CA ALA B 37 40.39 28.37 -0.09
C ALA B 37 39.14 27.79 0.56
N ASP B 38 38.01 28.50 0.44
CA ASP B 38 36.74 28.09 1.05
C ASP B 38 36.02 26.98 0.31
N THR B 39 36.30 26.83 -0.99
CA THR B 39 35.68 25.78 -1.79
C THR B 39 36.78 25.03 -2.57
N PHE B 40 36.46 23.82 -3.03
CA PHE B 40 37.36 23.04 -3.87
C PHE B 40 37.61 23.75 -5.22
N LEU B 41 36.56 24.43 -5.75
CA LEU B 41 36.68 25.18 -6.98
C LEU B 41 37.68 26.32 -6.81
N GLU B 42 37.55 27.09 -5.72
CA GLU B 42 38.46 28.19 -5.39
C GLU B 42 39.90 27.63 -5.24
N HIS B 43 40.03 26.44 -4.61
CA HIS B 43 41.30 25.76 -4.40
C HIS B 43 41.99 25.49 -5.73
N LEU B 44 41.26 24.93 -6.72
CA LEU B 44 41.82 24.67 -8.04
C LEU B 44 42.25 25.96 -8.71
N CYS B 45 41.41 27.00 -8.65
CA CYS B 45 41.69 28.29 -9.26
C CYS B 45 42.93 28.94 -8.70
N LEU B 46 43.23 28.69 -7.40
CA LEU B 46 44.37 29.29 -6.74
C LEU B 46 45.67 28.52 -6.85
N LEU B 47 45.70 27.39 -7.56
CA LEU B 47 46.95 26.63 -7.74
C LEU B 47 47.91 27.48 -8.55
N ASP B 48 49.16 27.62 -8.10
CA ASP B 48 50.13 28.50 -8.72
C ASP B 48 51.40 27.73 -9.08
N ILE B 49 51.81 27.75 -10.36
CA ILE B 49 53.06 27.08 -10.75
C ILE B 49 54.30 27.75 -10.12
N ASP B 50 54.17 29.02 -9.74
CA ASP B 50 55.24 29.77 -9.10
C ASP B 50 55.33 29.56 -7.59
N SER B 51 54.36 28.91 -6.98
CA SER B 51 54.35 28.61 -5.56
C SER B 51 55.21 27.38 -5.34
N GLU B 52 56.45 27.57 -4.84
CA GLU B 52 57.38 26.45 -4.66
C GLU B 52 57.13 25.56 -3.45
N PRO B 53 57.31 24.23 -3.60
CA PRO B 53 57.15 23.33 -2.44
C PRO B 53 58.29 23.52 -1.42
N VAL B 54 57.95 23.60 -0.14
CA VAL B 54 58.96 23.79 0.89
C VAL B 54 59.16 22.53 1.72
N ALA B 55 58.06 21.85 2.06
CA ALA B 55 58.09 20.64 2.87
C ALA B 55 58.86 19.48 2.24
N ALA B 56 59.37 18.57 3.08
CA ALA B 56 60.06 17.38 2.64
C ALA B 56 59.06 16.43 1.96
N ARG B 57 59.51 15.65 0.98
CA ARG B 57 58.64 14.74 0.25
C ARG B 57 58.14 13.65 1.20
N SER B 58 56.82 13.60 1.38
CA SER B 58 56.20 12.69 2.31
C SER B 58 55.72 11.33 1.72
N THR B 59 55.48 11.24 0.41
CA THR B 59 55.04 9.99 -0.21
C THR B 59 56.28 9.16 -0.52
N SER B 60 56.34 7.95 0.00
CA SER B 60 57.51 7.10 -0.18
C SER B 60 57.61 6.53 -1.57
N ILE B 61 58.84 6.33 -2.02
CA ILE B 61 59.10 5.77 -3.32
C ILE B 61 59.59 4.35 -3.14
N ILE B 62 58.93 3.40 -3.80
CA ILE B 62 59.33 2.00 -3.78
C ILE B 62 59.99 1.75 -5.13
N ALA B 63 61.24 1.29 -5.14
CA ALA B 63 61.92 0.99 -6.40
C ALA B 63 62.16 -0.48 -6.50
N THR B 64 61.86 -1.08 -7.65
CA THR B 64 62.10 -2.51 -7.86
C THR B 64 63.55 -2.72 -8.23
N ILE B 65 64.22 -3.64 -7.51
CA ILE B 65 65.62 -3.95 -7.77
C ILE B 65 65.76 -5.02 -8.87
N GLY B 66 66.66 -4.78 -9.81
CA GLY B 66 66.94 -5.71 -10.89
C GLY B 66 68.32 -5.44 -11.48
N PRO B 67 68.59 -5.97 -12.68
CA PRO B 67 69.91 -5.75 -13.30
C PRO B 67 70.33 -4.28 -13.45
N ALA B 68 69.35 -3.40 -13.69
CA ALA B 68 69.63 -1.97 -13.83
C ALA B 68 69.91 -1.24 -12.50
N SER B 69 69.58 -1.87 -11.38
CA SER B 69 69.70 -1.20 -10.08
C SER B 69 70.26 -2.13 -8.97
N ARG B 70 71.20 -3.00 -9.32
CA ARG B 70 71.73 -3.97 -8.36
C ARG B 70 73.07 -3.60 -7.75
N SER B 71 73.91 -2.88 -8.50
CA SER B 71 75.23 -2.53 -8.02
C SER B 71 75.16 -1.64 -6.80
N VAL B 72 76.09 -1.83 -5.85
CA VAL B 72 76.15 -1.04 -4.63
C VAL B 72 76.29 0.46 -4.95
N GLU B 73 77.05 0.80 -6.00
CA GLU B 73 77.24 2.19 -6.42
C GLU B 73 75.94 2.78 -6.97
N ARG B 74 75.21 1.99 -7.79
CA ARG B 74 73.92 2.39 -8.38
C ARG B 74 72.88 2.58 -7.26
N LEU B 75 72.86 1.67 -6.27
CA LEU B 75 71.94 1.72 -5.13
C LEU B 75 72.19 2.95 -4.25
N LYS B 76 73.45 3.37 -4.10
CA LYS B 76 73.77 4.58 -3.35
C LYS B 76 73.19 5.78 -4.07
N GLU B 77 73.23 5.79 -5.42
CA GLU B 77 72.66 6.88 -6.19
C GLU B 77 71.13 6.91 -6.03
N MET B 78 70.48 5.74 -5.96
CA MET B 78 69.04 5.68 -5.80
CA MET B 78 69.03 5.67 -5.80
C MET B 78 68.58 6.09 -4.41
N ILE B 79 69.41 5.84 -3.38
CA ILE B 79 69.08 6.27 -2.02
C ILE B 79 69.16 7.81 -1.98
N LYS B 80 70.19 8.38 -2.62
CA LYS B 80 70.34 9.83 -2.70
C LYS B 80 69.22 10.49 -3.52
N ALA B 81 68.71 9.77 -4.56
CA ALA B 81 67.61 10.23 -5.42
C ALA B 81 66.25 10.23 -4.67
N GLY B 82 66.11 9.36 -3.68
CA GLY B 82 64.90 9.30 -2.88
C GLY B 82 64.27 7.94 -2.62
N MET B 83 64.93 6.84 -2.99
CA MET B 83 64.36 5.52 -2.76
C MET B 83 64.20 5.24 -1.25
N ASN B 84 62.99 4.83 -0.81
CA ASN B 84 62.74 4.54 0.61
C ASN B 84 62.54 3.05 0.86
N ILE B 85 62.02 2.32 -0.17
CA ILE B 85 61.74 0.90 -0.09
C ILE B 85 62.30 0.22 -1.33
N ALA B 86 63.01 -0.90 -1.15
CA ALA B 86 63.56 -1.68 -2.24
C ALA B 86 62.71 -2.92 -2.42
N ARG B 87 62.12 -3.11 -3.60
CA ARG B 87 61.26 -4.24 -3.87
C ARG B 87 62.00 -5.36 -4.62
N LEU B 88 61.92 -6.59 -4.11
CA LEU B 88 62.53 -7.75 -4.73
C LEU B 88 61.42 -8.56 -5.34
N ASN B 89 61.38 -8.63 -6.68
CA ASN B 89 60.31 -9.35 -7.36
C ASN B 89 60.65 -10.84 -7.48
N PHE B 90 59.99 -11.67 -6.66
CA PHE B 90 60.25 -13.10 -6.67
C PHE B 90 59.59 -13.85 -7.84
N SER B 91 59.04 -13.12 -8.81
CA SER B 91 58.55 -13.71 -10.05
C SER B 91 59.73 -14.05 -10.98
N HIS B 92 60.88 -13.38 -10.80
CA HIS B 92 62.09 -13.57 -11.58
C HIS B 92 63.28 -13.72 -10.62
N GLY B 93 64.25 -14.54 -11.01
CA GLY B 93 65.47 -14.73 -10.23
C GLY B 93 65.42 -15.82 -9.19
N SER B 94 66.60 -16.30 -8.82
CA SER B 94 66.79 -17.34 -7.82
C SER B 94 66.94 -16.75 -6.41
N HIS B 95 66.90 -17.60 -5.37
CA HIS B 95 67.12 -17.17 -4.00
C HIS B 95 68.53 -16.60 -3.84
N GLU B 96 69.51 -17.18 -4.53
CA GLU B 96 70.88 -16.72 -4.50
C GLU B 96 70.96 -15.29 -5.08
N TYR B 97 70.24 -15.05 -6.18
CA TYR B 97 70.15 -13.75 -6.85
C TYR B 97 69.58 -12.70 -5.90
N HIS B 98 68.45 -13.01 -5.26
CA HIS B 98 67.78 -12.09 -4.34
C HIS B 98 68.57 -11.83 -3.07
N ALA B 99 69.29 -12.84 -2.55
CA ALA B 99 70.13 -12.64 -1.37
C ALA B 99 71.27 -11.67 -1.68
N GLU B 100 71.82 -11.74 -2.91
CA GLU B 100 72.87 -10.82 -3.33
C GLU B 100 72.32 -9.40 -3.41
N SER B 101 71.08 -9.25 -3.92
CA SER B 101 70.37 -7.98 -4.01
C SER B 101 70.20 -7.37 -2.59
N ILE B 102 69.68 -8.17 -1.63
CA ILE B 102 69.49 -7.76 -0.24
C ILE B 102 70.79 -7.27 0.38
N ALA B 103 71.88 -8.03 0.15
CA ALA B 103 73.20 -7.71 0.69
C ALA B 103 73.74 -6.40 0.12
N ASN B 104 73.49 -6.16 -1.19
CA ASN B 104 73.92 -4.95 -1.87
C ASN B 104 73.15 -3.74 -1.40
N VAL B 105 71.84 -3.92 -1.12
CA VAL B 105 71.00 -2.85 -0.60
C VAL B 105 71.51 -2.47 0.79
N ARG B 106 71.70 -3.47 1.68
CA ARG B 106 72.21 -3.21 3.03
C ARG B 106 73.59 -2.59 3.06
N GLU B 107 74.46 -2.97 2.12
CA GLU B 107 75.78 -2.38 2.02
C GLU B 107 75.70 -0.89 1.64
N ALA B 108 74.86 -0.57 0.62
CA ALA B 108 74.66 0.81 0.18
C ALA B 108 73.98 1.65 1.27
N VAL B 109 73.04 1.07 2.03
CA VAL B 109 72.36 1.80 3.11
C VAL B 109 73.33 2.11 4.24
N GLU B 110 74.14 1.11 4.63
CA GLU B 110 75.09 1.31 5.72
C GLU B 110 76.26 2.20 5.37
N SER B 111 76.51 2.45 4.08
CA SER B 111 77.58 3.35 3.67
C SER B 111 77.33 4.82 4.15
N PHE B 112 76.09 5.13 4.61
CA PHE B 112 75.73 6.47 5.10
C PHE B 112 75.52 6.51 6.64
N ALA B 113 75.63 5.33 7.32
CA ALA B 113 75.42 5.20 8.77
C ALA B 113 76.45 5.92 9.66
N GLY B 114 77.49 6.49 9.04
CA GLY B 114 78.51 7.25 9.74
C GLY B 114 77.92 8.45 10.48
N SER B 115 76.91 9.08 9.86
CA SER B 115 76.24 10.20 10.51
C SER B 115 74.81 9.82 10.81
N PRO B 116 74.55 9.31 12.03
CA PRO B 116 73.18 8.89 12.39
C PRO B 116 72.13 10.02 12.40
N LEU B 117 72.59 11.28 12.43
CA LEU B 117 71.67 12.40 12.37
C LEU B 117 71.13 12.61 10.94
N SER B 118 71.85 12.14 9.89
CA SER B 118 71.46 12.29 8.48
C SER B 118 71.33 10.95 7.67
N TYR B 119 71.53 9.79 8.35
CA TYR B 119 71.41 8.42 7.83
C TYR B 119 70.00 8.18 7.30
N ARG B 120 69.88 7.41 6.22
CA ARG B 120 68.57 7.15 5.64
C ARG B 120 68.22 5.68 5.61
N PRO B 121 67.31 5.24 6.51
CA PRO B 121 66.90 3.82 6.51
C PRO B 121 66.11 3.42 5.26
N VAL B 122 66.30 2.18 4.77
CA VAL B 122 65.60 1.72 3.58
C VAL B 122 64.93 0.38 3.86
N ALA B 123 63.61 0.27 3.67
CA ALA B 123 62.94 -0.99 3.90
C ALA B 123 63.18 -1.98 2.75
N ILE B 124 63.11 -3.28 3.03
CA ILE B 124 63.25 -4.31 2.01
C ILE B 124 61.95 -5.08 1.94
N ALA B 125 61.33 -5.09 0.76
CA ALA B 125 60.06 -5.78 0.57
C ALA B 125 60.18 -6.94 -0.41
N LEU B 126 59.52 -8.04 -0.08
CA LEU B 126 59.51 -9.22 -0.93
C LEU B 126 58.18 -9.29 -1.67
N ASP B 127 58.20 -9.24 -3.00
CA ASP B 127 56.97 -9.35 -3.78
C ASP B 127 56.85 -10.81 -4.21
N THR B 128 55.83 -11.53 -3.73
CA THR B 128 55.68 -12.95 -4.06
C THR B 128 55.28 -13.21 -5.50
N LYS B 129 55.56 -14.41 -6.02
CA LYS B 129 55.22 -14.80 -7.39
C LYS B 129 53.70 -14.96 -7.56
N GLY B 130 53.01 -15.47 -6.54
CA GLY B 130 51.57 -15.62 -6.59
C GLY B 130 51.07 -17.05 -6.74
N PRO B 131 49.74 -17.25 -6.71
CA PRO B 131 49.19 -18.60 -6.81
C PRO B 131 49.09 -19.21 -8.21
N GLY B 132 49.08 -18.35 -9.23
CA GLY B 132 48.94 -18.81 -10.61
C GLY B 132 47.64 -19.55 -10.84
N SER B 133 47.74 -20.80 -11.31
CA SER B 133 46.60 -21.67 -11.57
C SER B 133 45.90 -22.16 -10.26
N GLY B 134 46.68 -22.23 -9.17
CA GLY B 134 46.21 -22.71 -7.89
C GLY B 134 45.13 -21.91 -7.18
N PRO B 135 44.50 -22.54 -6.16
CA PRO B 135 43.45 -21.84 -5.40
C PRO B 135 43.95 -20.94 -4.26
N GLY B 136 45.08 -21.33 -3.66
CA GLY B 136 45.68 -20.60 -2.54
C GLY B 136 47.19 -20.50 -2.62
N LEU B 137 47.85 -20.48 -1.46
CA LEU B 137 49.30 -20.32 -1.35
C LEU B 137 50.10 -21.43 -2.03
N SER B 138 50.90 -21.06 -3.04
CA SER B 138 51.71 -22.02 -3.77
C SER B 138 52.92 -22.51 -2.97
N GLU B 139 53.53 -23.65 -3.38
CA GLU B 139 54.70 -24.21 -2.72
C GLU B 139 55.93 -23.34 -2.88
N GLN B 140 56.05 -22.68 -4.05
CA GLN B 140 57.18 -21.76 -4.27
C GLN B 140 57.03 -20.54 -3.34
N ASP B 141 55.79 -20.06 -3.16
CA ASP B 141 55.52 -18.94 -2.27
C ASP B 141 55.89 -19.26 -0.84
N VAL B 142 55.66 -20.50 -0.37
CA VAL B 142 56.04 -20.90 0.98
C VAL B 142 57.57 -20.87 1.14
N ARG B 143 58.28 -21.34 0.12
CA ARG B 143 59.75 -21.34 0.13
C ARG B 143 60.31 -19.91 0.12
N ASP B 144 59.70 -19.03 -0.68
CA ASP B 144 60.09 -17.63 -0.82
C ASP B 144 59.80 -16.84 0.45
N LEU B 145 58.66 -17.12 1.10
CA LEU B 145 58.31 -16.45 2.35
C LEU B 145 59.27 -16.86 3.46
N ARG B 146 59.67 -18.15 3.51
CA ARG B 146 60.65 -18.62 4.49
C ARG B 146 61.99 -17.94 4.27
N PHE B 147 62.37 -17.75 3.00
CA PHE B 147 63.58 -17.05 2.60
C PHE B 147 63.57 -15.62 3.17
N GLY B 148 62.42 -14.94 3.04
CA GLY B 148 62.25 -13.58 3.52
C GLY B 148 62.43 -13.45 5.02
N VAL B 149 61.86 -14.40 5.76
CA VAL B 149 62.01 -14.41 7.21
C VAL B 149 63.47 -14.63 7.60
N GLU B 150 64.14 -15.59 6.93
CA GLU B 150 65.54 -15.89 7.17
C GLU B 150 66.48 -14.73 6.84
N HIS B 151 66.12 -13.97 5.81
CA HIS B 151 66.92 -12.81 5.41
C HIS B 151 66.49 -11.48 6.04
N GLY B 152 65.49 -11.50 6.93
CA GLY B 152 65.03 -10.32 7.64
C GLY B 152 64.38 -9.22 6.81
N VAL B 153 63.48 -9.61 5.91
CA VAL B 153 62.74 -8.62 5.12
C VAL B 153 61.72 -7.91 6.02
N ASP B 154 61.34 -6.66 5.67
CA ASP B 154 60.43 -5.88 6.50
C ASP B 154 58.99 -6.02 6.05
N ILE B 155 58.78 -6.05 4.72
CA ILE B 155 57.43 -6.10 4.14
C ILE B 155 57.29 -7.26 3.14
N VAL B 156 56.07 -7.77 3.00
CA VAL B 156 55.73 -8.76 1.99
C VAL B 156 54.61 -8.15 1.11
N PHE B 157 54.81 -8.11 -0.20
CA PHE B 157 53.76 -7.69 -1.11
C PHE B 157 53.16 -9.01 -1.60
N ALA B 158 52.04 -9.42 -1.00
CA ALA B 158 51.43 -10.70 -1.35
C ALA B 158 50.63 -10.58 -2.64
N SER B 159 51.08 -11.25 -3.70
CA SER B 159 50.41 -11.26 -5.00
C SER B 159 49.07 -11.98 -5.02
N PHE B 160 48.18 -11.51 -5.90
CA PHE B 160 46.83 -12.01 -6.15
C PHE B 160 46.02 -12.41 -4.89
N VAL B 161 45.89 -11.50 -3.91
CA VAL B 161 45.09 -11.77 -2.72
C VAL B 161 43.64 -11.66 -3.13
N ARG B 162 42.85 -12.73 -2.90
CA ARG B 162 41.46 -12.78 -3.31
C ARG B 162 40.43 -12.89 -2.18
N LYS B 163 40.89 -13.11 -0.95
CA LYS B 163 40.04 -13.26 0.24
C LYS B 163 40.89 -13.15 1.50
N ALA B 164 40.25 -13.01 2.67
CA ALA B 164 40.99 -12.88 3.93
C ALA B 164 41.84 -14.12 4.26
N SER B 165 41.35 -15.32 3.88
CA SER B 165 42.08 -16.56 4.13
C SER B 165 43.42 -16.64 3.38
N ASP B 166 43.58 -15.87 2.29
CA ASP B 166 44.83 -15.83 1.54
C ASP B 166 45.88 -15.10 2.39
N VAL B 167 45.50 -14.02 3.09
CA VAL B 167 46.46 -13.29 3.90
C VAL B 167 46.80 -14.10 5.17
N ALA B 168 45.83 -14.88 5.70
CA ALA B 168 46.08 -15.76 6.84
C ALA B 168 47.12 -16.82 6.45
N ALA B 169 47.03 -17.35 5.22
CA ALA B 169 47.98 -18.34 4.72
C ALA B 169 49.38 -17.73 4.63
N VAL B 170 49.51 -16.49 4.17
CA VAL B 170 50.80 -15.82 4.09
C VAL B 170 51.38 -15.62 5.48
N ARG B 171 50.51 -15.21 6.43
CA ARG B 171 50.91 -14.99 7.81
CA ARG B 171 50.91 -15.00 7.83
C ARG B 171 51.42 -16.30 8.45
N ALA B 172 50.71 -17.41 8.21
CA ALA B 172 51.10 -18.72 8.71
C ALA B 172 52.45 -19.15 8.10
N ALA B 173 52.63 -18.95 6.80
CA ALA B 173 53.89 -19.29 6.12
C ALA B 173 55.08 -18.46 6.62
N LEU B 174 54.84 -17.27 7.16
CA LEU B 174 55.90 -16.45 7.74
C LEU B 174 56.40 -17.03 9.09
N GLY B 175 55.61 -17.89 9.71
CA GLY B 175 55.98 -18.57 10.94
C GLY B 175 56.05 -17.70 12.17
N PRO B 176 56.60 -18.28 13.26
CA PRO B 176 56.69 -17.53 14.51
C PRO B 176 57.69 -16.39 14.47
N GLU B 177 58.76 -16.53 13.68
CA GLU B 177 59.77 -15.50 13.59
C GLU B 177 59.43 -14.32 12.69
N GLY B 178 58.42 -14.49 11.83
CA GLY B 178 58.01 -13.43 10.93
C GLY B 178 56.79 -12.65 11.40
N HIS B 179 56.57 -12.59 12.71
CA HIS B 179 55.43 -11.86 13.25
C HIS B 179 55.53 -10.34 13.04
N GLY B 180 56.75 -9.79 13.01
CA GLY B 180 56.97 -8.36 12.82
C GLY B 180 56.86 -7.86 11.39
N ILE B 181 56.90 -8.77 10.41
CA ILE B 181 56.81 -8.42 8.99
C ILE B 181 55.42 -7.91 8.62
N LYS B 182 55.36 -6.80 7.85
CA LYS B 182 54.10 -6.22 7.41
C LYS B 182 53.61 -6.90 6.13
N ILE B 183 52.34 -7.29 6.09
CA ILE B 183 51.76 -7.89 4.89
C ILE B 183 50.91 -6.87 4.14
N ILE B 184 51.37 -6.49 2.94
CA ILE B 184 50.64 -5.59 2.05
C ILE B 184 50.00 -6.46 0.97
N SER B 185 48.67 -6.56 0.99
CA SER B 185 47.96 -7.39 0.03
C SER B 185 47.79 -6.72 -1.34
N LYS B 186 48.19 -7.41 -2.41
CA LYS B 186 48.04 -6.89 -3.76
C LYS B 186 46.67 -7.26 -4.32
N ILE B 187 45.89 -6.23 -4.70
CA ILE B 187 44.58 -6.44 -5.30
C ILE B 187 44.81 -6.39 -6.80
N GLU B 188 44.66 -7.53 -7.49
CA GLU B 188 44.93 -7.63 -8.92
C GLU B 188 43.80 -8.22 -9.75
N ASN B 189 42.63 -8.48 -9.17
CA ASN B 189 41.51 -9.04 -9.94
C ASN B 189 40.15 -8.64 -9.38
N HIS B 190 39.06 -9.02 -10.07
CA HIS B 190 37.73 -8.69 -9.66
C HIS B 190 37.38 -9.21 -8.27
N GLU B 191 37.78 -10.46 -7.95
CA GLU B 191 37.47 -11.02 -6.63
C GLU B 191 38.10 -10.21 -5.48
N GLY B 192 39.37 -9.83 -5.64
CA GLY B 192 40.05 -9.00 -4.67
C GLY B 192 39.36 -7.65 -4.47
N VAL B 193 38.88 -7.04 -5.57
CA VAL B 193 38.17 -5.78 -5.48
C VAL B 193 36.85 -5.95 -4.74
N LYS B 194 36.11 -7.02 -5.07
CA LYS B 194 34.81 -7.27 -4.44
C LYS B 194 34.91 -7.65 -2.97
N ARG B 195 35.94 -8.39 -2.60
CA ARG B 195 36.14 -8.77 -1.20
C ARG B 195 37.11 -7.83 -0.47
N PHE B 196 37.30 -6.61 -0.99
CA PHE B 196 38.26 -5.64 -0.47
C PHE B 196 38.21 -5.44 1.04
N ASP B 197 36.99 -5.22 1.59
CA ASP B 197 36.82 -4.94 3.02
C ASP B 197 37.32 -6.04 3.93
N GLU B 198 37.08 -7.32 3.56
CA GLU B 198 37.58 -8.43 4.36
C GLU B 198 39.09 -8.56 4.26
N ILE B 199 39.67 -8.24 3.12
CA ILE B 199 41.12 -8.31 2.92
C ILE B 199 41.83 -7.19 3.71
N LEU B 200 41.29 -5.97 3.63
CA LEU B 200 41.89 -4.84 4.33
C LEU B 200 41.87 -5.03 5.84
N GLU B 201 40.80 -5.64 6.36
CA GLU B 201 40.64 -5.89 7.80
C GLU B 201 41.78 -6.71 8.35
N VAL B 202 42.25 -7.70 7.59
CA VAL B 202 43.32 -8.59 8.04
C VAL B 202 44.71 -8.24 7.49
N SER B 203 44.83 -7.23 6.60
CA SER B 203 46.13 -6.86 6.06
C SER B 203 46.70 -5.65 6.78
N ASP B 204 48.01 -5.45 6.68
CA ASP B 204 48.63 -4.23 7.23
C ASP B 204 48.43 -3.01 6.29
N GLY B 205 48.23 -3.29 4.99
CA GLY B 205 48.00 -2.33 3.93
C GLY B 205 47.67 -3.02 2.62
N ILE B 206 47.49 -2.21 1.57
CA ILE B 206 47.10 -2.68 0.24
C ILE B 206 48.01 -2.11 -0.86
N MET B 207 48.17 -2.86 -1.94
CA MET B 207 48.84 -2.37 -3.13
C MET B 207 47.83 -2.46 -4.27
N VAL B 208 47.64 -1.35 -4.98
CA VAL B 208 46.78 -1.31 -6.16
C VAL B 208 47.68 -1.73 -7.34
N ALA B 209 47.69 -3.04 -7.61
CA ALA B 209 48.48 -3.71 -8.65
C ALA B 209 47.78 -3.54 -10.00
N ARG B 210 47.94 -2.35 -10.61
CA ARG B 210 47.25 -1.94 -11.83
C ARG B 210 47.57 -2.77 -13.09
N GLY B 211 48.75 -3.36 -13.20
CA GLY B 211 49.11 -4.19 -14.33
C GLY B 211 48.15 -5.36 -14.52
N ASP B 212 48.08 -6.27 -13.56
CA ASP B 212 47.16 -7.41 -13.65
C ASP B 212 45.72 -6.96 -13.57
N LEU B 213 45.42 -5.97 -12.70
CA LEU B 213 44.08 -5.45 -12.54
C LEU B 213 43.53 -4.93 -13.88
N GLY B 214 44.37 -4.28 -14.67
CA GLY B 214 44.03 -3.76 -16.01
C GLY B 214 43.73 -4.82 -17.05
N ILE B 215 44.13 -6.08 -16.79
CA ILE B 215 43.85 -7.22 -17.66
C ILE B 215 42.64 -8.01 -17.11
N GLU B 216 42.46 -8.06 -15.78
CA GLU B 216 41.36 -8.78 -15.14
C GLU B 216 40.02 -8.05 -15.19
N ILE B 217 40.07 -6.72 -15.15
CA ILE B 217 38.89 -5.85 -15.26
C ILE B 217 39.10 -4.91 -16.45
N PRO B 218 38.02 -4.32 -17.04
CA PRO B 218 38.24 -3.40 -18.18
C PRO B 218 39.22 -2.29 -17.84
N ALA B 219 40.17 -1.99 -18.74
CA ALA B 219 41.18 -0.96 -18.48
C ALA B 219 40.59 0.41 -18.06
N GLU B 220 39.41 0.77 -18.60
CA GLU B 220 38.74 2.02 -18.28
C GLU B 220 38.07 2.03 -16.91
N LYS B 221 38.07 0.91 -16.17
CA LYS B 221 37.51 0.80 -14.83
C LYS B 221 38.57 0.78 -13.74
N VAL B 222 39.87 0.64 -14.09
CA VAL B 222 40.96 0.59 -13.11
C VAL B 222 41.03 1.85 -12.24
N PHE B 223 40.85 3.05 -12.82
CA PHE B 223 40.89 4.30 -12.05
C PHE B 223 39.83 4.31 -10.94
N LEU B 224 38.66 3.68 -11.18
CA LEU B 224 37.60 3.62 -10.17
C LEU B 224 38.06 2.73 -9.02
N ALA B 225 38.70 1.59 -9.32
CA ALA B 225 39.19 0.66 -8.32
C ALA B 225 40.30 1.33 -7.52
N GLN B 226 41.23 2.04 -8.19
CA GLN B 226 42.32 2.73 -7.53
C GLN B 226 41.76 3.77 -6.53
N LYS B 227 40.89 4.65 -7.00
CA LYS B 227 40.29 5.68 -6.17
C LYS B 227 39.48 5.13 -5.00
N MET B 228 38.75 4.02 -5.21
CA MET B 228 37.98 3.40 -4.14
C MET B 228 38.88 2.79 -3.07
N MET B 229 39.90 2.04 -3.48
CA MET B 229 40.81 1.38 -2.55
C MET B 229 41.64 2.36 -1.77
N ILE B 230 42.09 3.45 -2.42
CA ILE B 230 42.87 4.47 -1.71
C ILE B 230 41.99 5.16 -0.65
N GLY B 231 40.75 5.48 -1.01
CA GLY B 231 39.81 6.11 -0.09
C GLY B 231 39.52 5.25 1.12
N ARG B 232 39.28 3.96 0.90
CA ARG B 232 39.02 3.02 2.00
C ARG B 232 40.23 2.83 2.88
N CYS B 233 41.44 2.80 2.29
CA CYS B 233 42.67 2.70 3.08
C CYS B 233 42.89 3.94 3.91
N ASN B 234 42.60 5.11 3.35
CA ASN B 234 42.73 6.37 4.07
C ASN B 234 41.74 6.40 5.24
N LEU B 235 40.52 5.91 5.01
CA LEU B 235 39.49 5.85 6.04
C LEU B 235 39.91 4.90 7.15
N ALA B 236 40.49 3.75 6.81
CA ALA B 236 40.97 2.74 7.76
C ALA B 236 42.28 3.14 8.48
N GLY B 237 43.01 4.10 7.95
CA GLY B 237 44.29 4.50 8.49
C GLY B 237 45.40 3.53 8.12
N LYS B 238 45.25 2.76 7.03
CA LYS B 238 46.26 1.78 6.63
C LYS B 238 47.00 2.17 5.34
N PRO B 239 48.32 1.91 5.24
CA PRO B 239 49.04 2.28 4.01
C PRO B 239 48.50 1.67 2.71
N VAL B 240 48.54 2.45 1.64
CA VAL B 240 48.10 2.03 0.33
C VAL B 240 49.18 2.45 -0.68
N VAL B 241 49.57 1.53 -1.55
CA VAL B 241 50.58 1.77 -2.57
C VAL B 241 49.92 1.82 -3.95
N CYS B 242 50.26 2.84 -4.75
CA CYS B 242 49.80 2.86 -6.14
C CYS B 242 50.98 2.30 -6.95
N ALA B 243 50.70 1.31 -7.81
CA ALA B 243 51.76 0.63 -8.55
C ALA B 243 51.47 0.41 -10.02
N THR B 244 52.57 0.19 -10.83
CA THR B 244 52.67 -0.24 -12.23
C THR B 244 52.39 0.83 -13.32
N GLN B 245 53.33 0.95 -14.25
CA GLN B 245 53.35 1.83 -15.42
C GLN B 245 53.26 3.30 -15.08
N MET B 246 53.63 3.72 -13.88
CA MET B 246 53.55 5.12 -13.50
C MET B 246 54.41 6.03 -14.39
N LEU B 247 55.65 5.62 -14.71
CA LEU B 247 56.58 6.36 -15.58
C LEU B 247 57.13 5.39 -16.64
N GLU B 248 56.28 4.52 -17.20
CA GLU B 248 56.62 3.48 -18.17
C GLU B 248 57.56 3.89 -19.27
N SER B 249 57.33 5.02 -19.95
CA SER B 249 58.17 5.50 -21.03
C SER B 249 59.61 5.76 -20.60
N MET B 250 59.84 6.04 -19.31
CA MET B 250 61.19 6.27 -18.81
C MET B 250 62.08 5.01 -18.78
N ILE B 251 61.54 3.84 -19.15
CA ILE B 251 62.34 2.62 -19.30
C ILE B 251 63.34 2.84 -20.45
N THR B 252 62.92 3.52 -21.54
CA THR B 252 63.78 3.82 -22.68
C THR B 252 64.08 5.31 -22.87
N LYS B 253 63.24 6.22 -22.35
CA LYS B 253 63.44 7.66 -22.55
C LYS B 253 63.83 8.40 -21.27
N PRO B 254 64.65 9.46 -21.36
CA PRO B 254 65.08 10.17 -20.13
C PRO B 254 64.01 11.06 -19.47
N ARG B 255 62.92 11.35 -20.19
CA ARG B 255 61.83 12.19 -19.70
C ARG B 255 60.50 11.44 -19.88
N PRO B 256 59.55 11.57 -18.93
CA PRO B 256 58.25 10.90 -19.09
C PRO B 256 57.25 11.66 -19.98
N THR B 257 56.10 11.03 -20.26
CA THR B 257 55.04 11.66 -21.05
C THR B 257 54.17 12.57 -20.14
N ARG B 258 53.31 13.39 -20.74
CA ARG B 258 52.40 14.23 -19.98
C ARG B 258 51.40 13.40 -19.18
N ALA B 259 51.02 12.22 -19.69
CA ALA B 259 50.11 11.33 -18.96
C ALA B 259 50.79 10.70 -17.75
N GLU B 260 52.08 10.38 -17.87
CA GLU B 260 52.83 9.78 -16.78
C GLU B 260 53.05 10.71 -15.60
N THR B 261 53.40 12.00 -15.86
CA THR B 261 53.59 12.92 -14.73
C THR B 261 52.25 13.17 -14.03
N SER B 262 51.18 13.27 -14.83
CA SER B 262 49.82 13.45 -14.38
C SER B 262 49.41 12.27 -13.51
N ASP B 263 49.75 11.06 -13.93
CA ASP B 263 49.40 9.84 -13.18
C ASP B 263 50.04 9.81 -11.80
N VAL B 264 51.34 10.14 -11.72
CA VAL B 264 52.04 10.17 -10.45
C VAL B 264 51.42 11.20 -9.54
N ALA B 265 51.15 12.39 -10.08
CA ALA B 265 50.57 13.47 -9.29
C ALA B 265 49.20 13.10 -8.77
N ASN B 266 48.40 12.46 -9.61
CA ASN B 266 47.04 12.08 -9.25
C ASN B 266 47.02 10.96 -8.25
N ALA B 267 48.00 10.07 -8.24
CA ALA B 267 48.05 9.00 -7.24
C ALA B 267 48.30 9.63 -5.87
N VAL B 268 49.20 10.62 -5.80
CA VAL B 268 49.49 11.33 -4.55
C VAL B 268 48.23 12.10 -4.13
N LEU B 269 47.61 12.84 -5.04
CA LEU B 269 46.37 13.58 -4.74
C LEU B 269 45.25 12.66 -4.30
N ASP B 270 45.16 11.46 -4.86
CA ASP B 270 44.15 10.46 -4.49
C ASP B 270 44.29 10.05 -3.04
N GLY B 271 45.52 10.04 -2.52
CA GLY B 271 45.82 9.71 -1.14
C GLY B 271 46.75 8.54 -0.94
N ALA B 272 47.50 8.15 -1.98
CA ALA B 272 48.43 7.04 -1.88
C ALA B 272 49.57 7.36 -0.91
N ASP B 273 49.90 6.40 -0.06
CA ASP B 273 50.99 6.55 0.88
C ASP B 273 52.36 6.33 0.20
N CYS B 274 52.39 5.41 -0.79
CA CYS B 274 53.58 5.05 -1.54
C CYS B 274 53.29 5.00 -3.01
N ILE B 275 54.31 5.34 -3.81
CA ILE B 275 54.28 5.22 -5.27
C ILE B 275 55.41 4.27 -5.66
N MET B 276 55.21 3.43 -6.67
CA MET B 276 56.18 2.42 -7.06
C MET B 276 56.74 2.58 -8.46
N LEU B 277 57.95 2.03 -8.69
CA LEU B 277 58.62 1.95 -9.97
C LEU B 277 58.95 0.48 -10.17
N SER B 278 58.56 -0.11 -11.32
CA SER B 278 58.84 -1.51 -11.58
C SER B 278 59.97 -1.65 -12.64
N GLY B 279 59.61 -1.85 -13.92
CA GLY B 279 60.57 -1.92 -15.01
C GLY B 279 61.43 -0.68 -15.11
N GLU B 280 60.87 0.48 -14.73
CA GLU B 280 61.55 1.77 -14.74
C GLU B 280 62.86 1.72 -13.96
N THR B 281 62.92 0.94 -12.85
CA THR B 281 64.16 0.82 -12.06
C THR B 281 64.84 -0.53 -12.18
N ALA B 282 64.05 -1.59 -12.36
CA ALA B 282 64.60 -2.95 -12.42
C ALA B 282 65.37 -3.23 -13.70
N LYS B 283 64.83 -2.81 -14.86
CA LYS B 283 65.46 -3.09 -16.13
C LYS B 283 65.61 -1.90 -17.09
N GLY B 284 65.16 -0.72 -16.70
CA GLY B 284 65.22 0.44 -17.57
C GLY B 284 66.59 1.05 -17.72
N ASN B 285 66.71 2.01 -18.63
CA ASN B 285 67.94 2.73 -18.89
C ASN B 285 68.13 3.93 -17.96
N PHE B 286 67.07 4.37 -17.23
CA PHE B 286 67.17 5.55 -16.37
C PHE B 286 66.58 5.30 -14.97
N PRO B 287 67.12 4.33 -14.20
CA PRO B 287 66.53 4.05 -12.88
C PRO B 287 66.64 5.19 -11.87
N VAL B 288 67.77 5.89 -11.85
CA VAL B 288 67.96 7.00 -10.93
C VAL B 288 67.09 8.17 -11.33
N GLU B 289 67.00 8.44 -12.65
CA GLU B 289 66.19 9.53 -13.19
C GLU B 289 64.70 9.34 -12.92
N ALA B 290 64.24 8.08 -12.94
CA ALA B 290 62.86 7.74 -12.65
C ALA B 290 62.54 8.03 -11.18
N VAL B 291 63.48 7.72 -10.26
CA VAL B 291 63.31 7.99 -8.83
C VAL B 291 63.26 9.50 -8.63
N LYS B 292 64.19 10.23 -9.27
CA LYS B 292 64.23 11.69 -9.17
C LYS B 292 62.92 12.32 -9.65
N MET B 293 62.35 11.79 -10.74
CA MET B 293 61.11 12.31 -11.31
C MET B 293 59.95 12.10 -10.36
N GLN B 294 59.81 10.88 -9.79
CA GLN B 294 58.75 10.60 -8.83
C GLN B 294 58.88 11.49 -7.60
N HIS B 295 60.12 11.74 -7.16
CA HIS B 295 60.40 12.61 -6.02
C HIS B 295 59.90 14.02 -6.32
N ALA B 296 60.28 14.56 -7.49
CA ALA B 296 59.91 15.90 -7.89
C ALA B 296 58.39 16.09 -7.99
N ILE B 297 57.69 15.12 -8.62
CA ILE B 297 56.26 15.19 -8.78
C ILE B 297 55.53 15.10 -7.46
N ALA B 298 55.91 14.12 -6.60
CA ALA B 298 55.27 13.92 -5.28
C ALA B 298 55.34 15.16 -4.43
N ARG B 299 56.49 15.83 -4.41
CA ARG B 299 56.66 17.06 -3.64
C ARG B 299 55.68 18.14 -4.11
N GLU B 300 55.47 18.28 -5.43
CA GLU B 300 54.53 19.26 -5.98
C GLU B 300 53.10 18.88 -5.62
N ALA B 301 52.76 17.59 -5.78
CA ALA B 301 51.43 17.10 -5.51
C ALA B 301 51.03 17.19 -4.06
N GLU B 302 51.96 16.95 -3.12
CA GLU B 302 51.64 17.04 -1.70
C GLU B 302 51.28 18.45 -1.30
N ALA B 303 51.98 19.45 -1.87
CA ALA B 303 51.66 20.85 -1.57
C ALA B 303 50.27 21.22 -2.10
N ALA B 304 49.83 20.61 -3.22
CA ALA B 304 48.53 20.85 -3.82
C ALA B 304 47.36 20.14 -3.12
N VAL B 305 47.61 19.41 -2.03
CA VAL B 305 46.54 18.75 -1.30
C VAL B 305 45.63 19.78 -0.60
N TYR B 306 44.31 19.62 -0.74
CA TYR B 306 43.33 20.53 -0.16
C TYR B 306 43.06 20.13 1.29
N HIS B 307 44.00 20.45 2.18
CA HIS B 307 43.92 20.08 3.60
C HIS B 307 42.70 20.60 4.34
N ARG B 308 42.15 21.76 3.92
CA ARG B 308 40.98 22.31 4.58
C ARG B 308 39.81 21.35 4.61
N GLN B 309 39.43 20.79 3.44
CA GLN B 309 38.33 19.83 3.43
C GLN B 309 38.80 18.44 3.85
N LEU B 310 40.02 18.07 3.48
CA LEU B 310 40.56 16.75 3.80
C LEU B 310 40.59 16.48 5.30
N PHE B 311 41.18 17.40 6.09
CA PHE B 311 41.25 17.21 7.52
C PHE B 311 39.86 17.15 8.15
N GLU B 312 38.95 18.00 7.71
CA GLU B 312 37.58 18.00 8.19
C GLU B 312 36.90 16.67 7.92
N GLU B 313 37.08 16.10 6.73
CA GLU B 313 36.48 14.84 6.36
C GLU B 313 37.07 13.67 7.10
N LEU B 314 38.41 13.67 7.30
CA LEU B 314 39.10 12.62 8.04
C LEU B 314 38.64 12.62 9.48
N ARG B 315 38.57 13.80 10.06
CA ARG B 315 38.10 14.01 11.42
C ARG B 315 36.63 13.53 11.59
N ARG B 316 35.73 13.95 10.71
CA ARG B 316 34.32 13.57 10.76
C ARG B 316 34.13 12.04 10.53
N ALA B 317 34.89 11.44 9.60
CA ALA B 317 34.78 10.02 9.29
C ALA B 317 35.35 9.11 10.36
N ALA B 318 36.44 9.55 11.03
CA ALA B 318 37.07 8.72 12.06
C ALA B 318 36.10 8.61 13.26
N PRO B 319 35.88 7.38 13.74
CA PRO B 319 34.94 7.19 14.85
C PRO B 319 35.50 7.70 16.17
N LEU B 320 34.61 7.93 17.16
CA LEU B 320 35.03 8.34 18.49
C LEU B 320 35.92 7.29 19.10
N SER B 321 36.91 7.72 19.89
CA SER B 321 37.85 6.76 20.43
C SER B 321 38.17 6.96 21.84
N ARG B 322 38.32 5.86 22.57
CA ARG B 322 38.75 5.92 23.96
C ARG B 322 40.23 5.52 24.12
N ASP B 323 40.97 5.30 22.99
CA ASP B 323 42.38 4.98 22.99
C ASP B 323 43.14 6.27 23.11
N PRO B 324 43.93 6.44 24.17
CA PRO B 324 44.68 7.70 24.34
C PRO B 324 45.65 8.05 23.20
N THR B 325 46.21 7.04 22.50
CA THR B 325 47.11 7.31 21.38
C THR B 325 46.32 7.96 20.25
N GLU B 326 45.15 7.41 19.95
CA GLU B 326 44.22 7.89 18.94
C GLU B 326 43.76 9.31 19.27
N VAL B 327 43.40 9.57 20.55
CA VAL B 327 42.97 10.89 21.02
C VAL B 327 44.11 11.91 20.96
N THR B 328 45.33 11.49 21.35
CA THR B 328 46.48 12.40 21.33
C THR B 328 46.86 12.74 19.90
N ALA B 329 46.76 11.77 18.97
CA ALA B 329 47.08 12.00 17.57
C ALA B 329 46.21 13.08 16.93
N ILE B 330 44.88 13.06 17.18
CA ILE B 330 44.01 14.07 16.59
C ILE B 330 44.21 15.44 17.23
N GLY B 331 44.49 15.48 18.52
CA GLY B 331 44.77 16.74 19.20
C GLY B 331 46.07 17.35 18.70
N ALA B 332 47.08 16.49 18.46
CA ALA B 332 48.39 16.90 17.95
C ALA B 332 48.29 17.46 16.52
N VAL B 333 47.53 16.78 15.62
CA VAL B 333 47.38 17.23 14.24
C VAL B 333 46.59 18.56 14.21
N GLU B 334 45.55 18.68 15.03
CA GLU B 334 44.77 19.91 15.15
C GLU B 334 45.68 21.06 15.64
N ALA B 335 46.52 20.80 16.63
CA ALA B 335 47.46 21.77 17.17
C ALA B 335 48.48 22.21 16.12
N ALA B 336 49.02 21.24 15.35
CA ALA B 336 49.99 21.50 14.29
C ALA B 336 49.39 22.40 13.19
N PHE B 337 48.12 22.16 12.81
CA PHE B 337 47.47 22.99 11.81
C PHE B 337 47.27 24.42 12.31
N LYS B 338 46.91 24.59 13.59
CA LYS B 338 46.67 25.90 14.21
C LYS B 338 47.84 26.85 14.15
N CYS B 339 49.06 26.35 14.30
CA CYS B 339 50.25 27.19 14.33
C CYS B 339 51.19 27.03 13.14
N CYS B 340 50.81 26.18 12.16
CA CYS B 340 51.65 25.87 11.00
C CYS B 340 52.95 25.26 11.48
N ALA B 341 52.85 24.29 12.41
CA ALA B 341 54.00 23.60 13.00
C ALA B 341 54.87 23.01 11.92
N ALA B 342 56.18 23.19 12.06
CA ALA B 342 57.11 22.67 11.07
C ALA B 342 57.15 21.14 11.12
N ALA B 343 56.99 20.56 12.31
CA ALA B 343 57.05 19.13 12.49
C ALA B 343 56.27 18.69 13.72
N ILE B 344 55.98 17.40 13.80
CA ILE B 344 55.40 16.74 14.94
C ILE B 344 56.45 15.68 15.28
N ILE B 345 57.13 15.80 16.41
CA ILE B 345 58.13 14.81 16.81
C ILE B 345 57.45 13.79 17.69
N VAL B 346 57.45 12.53 17.30
CA VAL B 346 56.79 11.48 18.06
C VAL B 346 57.76 10.37 18.47
N LEU B 347 57.66 9.91 19.72
CA LEU B 347 58.47 8.81 20.19
C LEU B 347 57.65 7.57 19.96
N THR B 348 58.23 6.59 19.24
CA THR B 348 57.50 5.37 18.93
C THR B 348 58.37 4.11 18.99
N THR B 349 57.79 2.99 19.40
CA THR B 349 58.52 1.73 19.51
C THR B 349 58.20 0.86 18.30
N THR B 350 56.88 0.70 18.02
CA THR B 350 56.37 -0.10 16.91
C THR B 350 56.07 0.70 15.66
N GLY B 351 56.01 2.03 15.78
CA GLY B 351 55.64 2.90 14.68
C GLY B 351 54.17 3.30 14.74
N ARG B 352 53.34 2.63 15.57
CA ARG B 352 51.92 2.88 15.69
C ARG B 352 51.56 4.33 15.97
N SER B 353 52.22 4.98 16.93
CA SER B 353 51.93 6.39 17.26
C SER B 353 52.15 7.31 16.06
N ALA B 354 53.17 7.01 15.25
CA ALA B 354 53.44 7.80 14.05
C ALA B 354 52.37 7.52 12.98
N GLN B 355 51.91 6.27 12.88
CA GLN B 355 50.88 5.89 11.94
C GLN B 355 49.58 6.60 12.28
N LEU B 356 49.23 6.72 13.57
CA LEU B 356 47.99 7.38 13.97
C LEU B 356 48.03 8.87 13.71
N LEU B 357 49.22 9.48 13.72
CA LEU B 357 49.34 10.89 13.40
C LEU B 357 49.14 11.06 11.86
N SER B 358 49.79 10.19 11.09
CA SER B 358 49.80 10.12 9.63
C SER B 358 48.39 9.97 9.05
N ARG B 359 47.49 9.20 9.71
CA ARG B 359 46.13 8.98 9.19
C ARG B 359 45.35 10.28 9.04
N TYR B 360 45.67 11.32 9.84
CA TYR B 360 44.99 12.61 9.74
C TYR B 360 45.60 13.56 8.72
N ARG B 361 46.57 13.07 7.95
CA ARG B 361 47.23 13.77 6.88
C ARG B 361 47.70 15.17 7.26
N PRO B 362 48.55 15.31 8.31
CA PRO B 362 49.07 16.63 8.65
C PRO B 362 49.98 17.18 7.56
N ARG B 363 50.01 18.50 7.45
CA ARG B 363 50.94 19.17 6.55
C ARG B 363 52.36 19.16 7.23
N ALA B 364 52.42 19.14 8.58
CA ALA B 364 53.66 19.05 9.36
C ALA B 364 54.30 17.66 9.16
N ALA B 365 55.64 17.64 9.12
CA ALA B 365 56.38 16.37 9.00
C ALA B 365 56.27 15.60 10.31
N VAL B 366 56.04 14.29 10.25
CA VAL B 366 55.98 13.49 11.46
C VAL B 366 57.34 12.87 11.62
N ILE B 367 58.18 13.44 12.49
CA ILE B 367 59.53 12.93 12.75
C ILE B 367 59.42 11.86 13.83
N ALA B 368 59.54 10.59 13.44
CA ALA B 368 59.39 9.49 14.39
C ALA B 368 60.72 9.02 14.93
N VAL B 369 60.96 9.22 16.23
CA VAL B 369 62.20 8.78 16.88
C VAL B 369 61.98 7.40 17.50
N THR B 370 62.76 6.42 17.04
CA THR B 370 62.60 5.05 17.51
C THR B 370 63.93 4.36 17.74
N ARG B 371 63.95 3.38 18.64
CA ARG B 371 65.13 2.54 18.85
C ARG B 371 65.06 1.28 17.96
N SER B 372 63.86 0.93 17.42
CA SER B 372 63.67 -0.23 16.58
C SER B 372 64.07 0.04 15.13
N ALA B 373 65.11 -0.65 14.64
CA ALA B 373 65.56 -0.51 13.25
C ALA B 373 64.49 -1.01 12.26
N GLN B 374 63.78 -2.09 12.63
CA GLN B 374 62.71 -2.63 11.80
C GLN B 374 61.56 -1.63 11.68
N ALA B 375 61.10 -1.04 12.81
CA ALA B 375 60.05 -0.02 12.82
C ALA B 375 60.48 1.18 11.99
N ALA B 376 61.73 1.63 12.14
CA ALA B 376 62.25 2.75 11.35
C ALA B 376 62.17 2.45 9.83
N ARG B 377 62.37 1.21 9.41
CA ARG B 377 62.26 0.85 7.99
C ARG B 377 60.80 0.76 7.56
N GLN B 378 59.97 0.13 8.38
CA GLN B 378 58.55 -0.05 8.09
C GLN B 378 57.69 1.23 8.10
N VAL B 379 58.05 2.28 8.89
CA VAL B 379 57.27 3.51 8.89
C VAL B 379 57.30 4.26 7.54
N HIS B 380 58.16 3.84 6.62
CA HIS B 380 58.17 4.39 5.26
C HIS B 380 56.84 4.09 4.53
N LEU B 381 56.09 3.06 4.97
CA LEU B 381 54.79 2.76 4.42
C LEU B 381 53.77 3.87 4.70
N CYS B 382 53.94 4.67 5.78
CA CYS B 382 53.00 5.75 6.18
C CYS B 382 53.40 7.09 5.66
N ARG B 383 52.49 7.75 4.95
CA ARG B 383 52.79 9.06 4.39
C ARG B 383 53.16 10.13 5.42
N GLY B 384 54.25 10.82 5.17
CA GLY B 384 54.70 11.93 6.01
C GLY B 384 55.46 11.55 7.26
N VAL B 385 55.81 10.27 7.42
CA VAL B 385 56.60 9.84 8.57
C VAL B 385 58.07 9.75 8.16
N PHE B 386 58.93 10.46 8.90
CA PHE B 386 60.37 10.55 8.69
C PHE B 386 61.09 9.83 9.84
N PRO B 387 61.54 8.58 9.62
CA PRO B 387 62.16 7.82 10.71
C PRO B 387 63.57 8.24 11.13
N LEU B 388 63.79 8.28 12.45
CA LEU B 388 65.11 8.56 13.01
C LEU B 388 65.44 7.40 13.93
N LEU B 389 66.50 6.67 13.60
CA LEU B 389 66.93 5.56 14.43
C LEU B 389 67.83 6.10 15.52
N TYR B 390 67.44 5.93 16.77
CA TYR B 390 68.19 6.39 17.93
C TYR B 390 69.05 5.21 18.41
N ARG B 391 70.39 5.40 18.43
CA ARG B 391 71.28 4.31 18.81
C ARG B 391 71.89 4.45 20.22
N GLU B 392 71.65 5.57 20.91
CA GLU B 392 72.22 5.79 22.24
C GLU B 392 71.75 4.83 23.33
N PRO B 393 72.65 4.53 24.31
CA PRO B 393 72.25 3.67 25.43
C PRO B 393 71.33 4.42 26.40
N PRO B 394 70.40 3.69 27.05
CA PRO B 394 69.42 4.35 27.92
C PRO B 394 70.01 5.14 29.09
N GLU B 395 69.34 6.23 29.47
CA GLU B 395 69.69 7.04 30.64
C GLU B 395 69.11 6.34 31.87
N ALA B 396 69.68 6.62 33.05
CA ALA B 396 69.21 6.00 34.29
C ALA B 396 67.78 6.47 34.62
N ILE B 397 67.51 7.77 34.44
CA ILE B 397 66.18 8.31 34.66
C ILE B 397 65.40 8.27 33.34
N TRP B 398 64.27 7.52 33.29
CA TRP B 398 63.46 7.39 32.07
C TRP B 398 63.05 8.73 31.48
N ALA B 399 62.63 9.70 32.30
CA ALA B 399 62.24 11.01 31.82
C ALA B 399 63.40 11.71 31.08
N ASP B 400 64.64 11.47 31.49
CA ASP B 400 65.81 12.07 30.83
C ASP B 400 66.12 11.39 29.52
N ASP B 401 65.90 10.06 29.46
CA ASP B 401 66.09 9.25 28.26
C ASP B 401 65.12 9.74 27.17
N VAL B 402 63.85 9.97 27.55
CA VAL B 402 62.79 10.53 26.73
C VAL B 402 63.24 11.88 26.17
N ASP B 403 63.66 12.82 27.04
CA ASP B 403 64.11 14.15 26.65
C ASP B 403 65.28 14.12 25.71
N ARG B 404 66.18 13.16 25.87
CA ARG B 404 67.32 13.06 24.97
C ARG B 404 66.85 12.66 23.58
N ARG B 405 65.84 11.79 23.48
CA ARG B 405 65.27 11.37 22.22
C ARG B 405 64.54 12.52 21.53
N VAL B 406 63.81 13.33 22.30
CA VAL B 406 63.11 14.52 21.78
C VAL B 406 64.14 15.52 21.25
N GLN B 407 65.20 15.74 22.01
CA GLN B 407 66.27 16.64 21.60
C GLN B 407 67.00 16.13 20.39
N PHE B 408 67.17 14.82 20.26
CA PHE B 408 67.78 14.19 19.09
C PHE B 408 66.95 14.49 17.85
N GLY B 409 65.63 14.47 17.98
CA GLY B 409 64.72 14.79 16.90
C GLY B 409 64.80 16.25 16.52
N ILE B 410 64.88 17.14 17.51
CA ILE B 410 65.00 18.57 17.26
C ILE B 410 66.33 18.89 16.59
N GLU B 411 67.40 18.27 17.06
CA GLU B 411 68.73 18.48 16.49
C GLU B 411 68.84 17.90 15.11
N SER B 412 68.29 16.71 14.86
CA SER B 412 68.31 16.12 13.51
C SER B 412 67.38 16.88 12.56
N GLY B 413 66.31 17.47 13.08
CA GLY B 413 65.36 18.24 12.29
C GLY B 413 65.96 19.57 11.89
N LYS B 414 66.77 20.17 12.76
CA LYS B 414 67.45 21.41 12.46
C LYS B 414 68.55 21.13 11.45
N LEU B 415 69.30 20.04 11.67
CA LEU B 415 70.36 19.57 10.80
C LEU B 415 69.84 19.26 9.41
N ARG B 416 68.72 18.53 9.25
CA ARG B 416 68.21 18.19 7.92
C ARG B 416 67.38 19.31 7.23
N GLY B 417 67.14 20.42 7.91
CA GLY B 417 66.39 21.54 7.30
C GLY B 417 64.91 21.62 7.60
N PHE B 418 64.35 20.62 8.30
CA PHE B 418 62.93 20.61 8.67
C PHE B 418 62.60 21.72 9.67
N LEU B 419 63.54 22.06 10.55
CA LEU B 419 63.29 23.03 11.60
C LEU B 419 64.27 24.17 11.58
N ARG B 420 63.78 25.32 12.00
CA ARG B 420 64.57 26.54 12.12
C ARG B 420 64.26 27.16 13.48
N VAL B 421 65.17 27.99 13.99
CA VAL B 421 64.94 28.66 15.27
C VAL B 421 63.73 29.60 15.12
N GLY B 422 62.80 29.50 16.06
CA GLY B 422 61.57 30.28 16.00
C GLY B 422 60.37 29.45 15.62
N ASP B 423 60.59 28.30 14.96
CA ASP B 423 59.53 27.38 14.57
C ASP B 423 58.83 26.77 15.78
N LEU B 424 57.57 26.39 15.60
CA LEU B 424 56.83 25.67 16.62
C LEU B 424 56.78 24.21 16.20
N VAL B 425 56.88 23.35 17.18
CA VAL B 425 56.85 21.92 16.95
C VAL B 425 55.91 21.28 17.99
N ILE B 426 55.27 20.20 17.62
CA ILE B 426 54.38 19.50 18.54
C ILE B 426 55.11 18.22 18.91
N VAL B 427 55.27 17.93 20.21
CA VAL B 427 55.98 16.73 20.65
C VAL B 427 54.98 15.74 21.22
N VAL B 428 54.97 14.52 20.71
CA VAL B 428 54.05 13.51 21.19
C VAL B 428 54.81 12.40 21.91
N THR B 429 54.50 12.21 23.20
CA THR B 429 55.16 11.19 24.03
C THR B 429 54.08 10.42 24.87
N GLY B 430 54.53 9.48 25.70
CA GLY B 430 53.70 8.70 26.60
C GLY B 430 54.09 8.96 28.06
N TRP B 431 53.30 8.42 28.98
CA TRP B 431 53.51 8.67 30.42
C TRP B 431 54.39 7.58 31.12
N ARG B 432 54.51 6.41 30.48
CA ARG B 432 55.30 5.30 31.00
C ARG B 432 56.02 4.58 29.86
N PRO B 433 57.14 3.89 30.14
CA PRO B 433 57.84 3.19 29.04
C PRO B 433 56.98 2.10 28.42
N GLY B 434 57.41 1.63 27.26
CA GLY B 434 56.71 0.57 26.56
C GLY B 434 55.70 1.07 25.55
N SER B 435 55.45 0.26 24.55
CA SER B 435 54.51 0.59 23.50
C SER B 435 53.06 0.64 24.03
N GLY B 436 52.25 1.51 23.43
CA GLY B 436 50.84 1.65 23.74
C GLY B 436 50.41 2.69 24.77
N TYR B 437 51.34 3.56 25.24
CA TYR B 437 50.99 4.53 26.29
C TYR B 437 51.10 5.98 25.89
N THR B 438 51.13 6.30 24.57
CA THR B 438 51.19 7.69 24.11
C THR B 438 49.95 8.45 24.61
N ASN B 439 50.14 9.59 25.28
CA ASN B 439 49.01 10.34 25.82
C ASN B 439 49.33 11.83 26.05
N ILE B 440 50.49 12.30 25.59
CA ILE B 440 50.92 13.67 25.86
C ILE B 440 51.27 14.38 24.61
N MET B 441 50.83 15.61 24.53
CA MET B 441 51.15 16.46 23.40
CA MET B 441 51.09 16.50 23.40
C MET B 441 51.68 17.79 23.97
N ARG B 442 52.84 18.24 23.47
CA ARG B 442 53.47 19.46 23.96
C ARG B 442 53.73 20.43 22.85
N VAL B 443 53.52 21.72 23.09
CA VAL B 443 53.82 22.74 22.11
C VAL B 443 55.16 23.32 22.52
N LEU B 444 56.20 23.11 21.70
CA LEU B 444 57.53 23.63 22.02
CA LEU B 444 57.53 23.61 22.03
C LEU B 444 58.03 24.61 20.98
N SER B 445 58.71 25.69 21.42
CA SER B 445 59.26 26.67 20.50
C SER B 445 60.75 26.34 20.28
N ILE B 446 61.18 26.26 19.01
CA ILE B 446 62.56 25.94 18.69
C ILE B 446 63.54 27.08 19.02
N SER B 447 64.54 26.76 19.83
CA SER B 447 65.59 27.70 20.21
C SER B 447 66.96 27.28 19.60
N GLU C 21 23.62 48.82 -11.73
CA GLU C 21 22.31 48.34 -12.17
C GLU C 21 21.23 48.44 -11.06
N LEU C 22 21.57 47.99 -9.83
CA LEU C 22 20.67 48.06 -8.67
C LEU C 22 21.15 49.09 -7.62
N GLY C 23 22.47 49.31 -7.56
CA GLY C 23 23.08 50.26 -6.64
C GLY C 23 23.66 49.62 -5.39
N THR C 24 24.63 50.32 -4.75
CA THR C 24 25.24 49.86 -3.50
C THR C 24 24.23 49.92 -2.35
N ALA C 25 23.33 50.93 -2.36
CA ALA C 25 22.28 51.10 -1.36
C ALA C 25 21.34 49.89 -1.35
N PHE C 26 21.07 49.29 -2.53
CA PHE C 26 20.21 48.11 -2.62
C PHE C 26 20.79 46.95 -1.81
N PHE C 27 22.10 46.74 -1.95
CA PHE C 27 22.77 45.63 -1.28
C PHE C 27 23.07 45.88 0.22
N GLN C 28 22.78 47.10 0.73
CA GLN C 28 22.94 47.39 2.15
C GLN C 28 21.62 47.16 2.94
N GLN C 29 20.46 47.23 2.25
CA GLN C 29 19.14 47.00 2.82
C GLN C 29 18.86 45.50 3.01
N GLN C 30 17.75 45.19 3.72
CA GLN C 30 17.19 43.88 4.04
C GLN C 30 18.22 42.80 4.42
N GLN C 31 19.23 43.20 5.22
CA GLN C 31 20.32 42.34 5.71
C GLN C 31 21.02 41.54 4.62
N LEU C 32 21.16 42.11 3.41
CA LEU C 32 21.81 41.42 2.31
C LEU C 32 23.29 41.08 2.59
N PRO C 33 24.11 41.94 3.25
CA PRO C 33 25.47 41.51 3.62
C PRO C 33 25.47 40.25 4.49
N ALA C 34 24.58 40.21 5.52
CA ALA C 34 24.44 39.06 6.42
C ALA C 34 23.92 37.81 5.68
N ALA C 35 23.09 38.00 4.65
CA ALA C 35 22.52 36.91 3.86
C ALA C 35 23.54 36.26 2.93
N MET C 36 24.55 37.03 2.48
CA MET C 36 25.62 36.55 1.60
C MET C 36 26.77 35.88 2.37
N ALA C 37 26.79 35.95 3.70
CA ALA C 37 27.87 35.40 4.52
C ALA C 37 28.13 33.90 4.30
N ASP C 38 29.40 33.48 4.36
CA ASP C 38 29.81 32.09 4.13
C ASP C 38 29.55 31.17 5.31
N THR C 39 29.45 31.72 6.53
CA THR C 39 29.16 30.94 7.72
C THR C 39 28.03 31.58 8.50
N PHE C 40 27.39 30.80 9.39
CA PHE C 40 26.33 31.30 10.26
C PHE C 40 26.91 32.33 11.26
N LEU C 41 28.14 32.10 11.72
CA LEU C 41 28.81 33.02 12.62
C LEU C 41 29.02 34.36 11.94
N GLU C 42 29.54 34.37 10.69
CA GLU C 42 29.74 35.57 9.88
C GLU C 42 28.39 36.29 9.68
N HIS C 43 27.33 35.50 9.44
CA HIS C 43 25.97 35.99 9.23
C HIS C 43 25.52 36.79 10.44
N LEU C 44 25.68 36.23 11.66
CA LEU C 44 25.30 36.91 12.89
C LEU C 44 26.09 38.20 13.06
N CYS C 45 27.40 38.15 12.80
CA CYS C 45 28.27 39.31 12.94
C CYS C 45 27.91 40.45 11.99
N LEU C 46 27.36 40.12 10.83
CA LEU C 46 26.99 41.08 9.81
C LEU C 46 25.59 41.67 9.96
N LEU C 47 24.80 41.24 10.95
CA LEU C 47 23.46 41.79 11.16
C LEU C 47 23.58 43.27 11.53
N ASP C 48 22.84 44.14 10.83
CA ASP C 48 22.95 45.57 11.00
C ASP C 48 21.61 46.16 11.40
N ILE C 49 21.53 46.89 12.53
CA ILE C 49 20.26 47.53 12.92
C ILE C 49 19.88 48.66 11.97
N ASP C 50 20.85 49.20 11.20
CA ASP C 50 20.61 50.25 10.22
C ASP C 50 20.19 49.73 8.86
N SER C 51 20.26 48.40 8.63
CA SER C 51 19.84 47.79 7.38
C SER C 51 18.32 47.63 7.45
N GLU C 52 17.58 48.49 6.73
CA GLU C 52 16.12 48.49 6.77
C GLU C 52 15.45 47.39 5.96
N PRO C 53 14.34 46.85 6.47
CA PRO C 53 13.61 45.83 5.70
C PRO C 53 12.86 46.46 4.51
N VAL C 54 12.95 45.85 3.34
CA VAL C 54 12.27 46.38 2.16
C VAL C 54 11.07 45.54 1.76
N ALA C 55 11.22 44.22 1.82
CA ALA C 55 10.16 43.29 1.47
C ALA C 55 8.89 43.41 2.34
N ALA C 56 7.75 42.93 1.81
CA ALA C 56 6.51 42.92 2.57
C ALA C 56 6.60 41.83 3.65
N ARG C 57 5.90 42.04 4.77
CA ARG C 57 5.90 41.09 5.89
C ARG C 57 5.26 39.77 5.43
N SER C 58 6.01 38.69 5.51
CA SER C 58 5.61 37.40 5.01
C SER C 58 5.01 36.45 6.05
N THR C 59 5.31 36.63 7.34
CA THR C 59 4.74 35.78 8.40
C THR C 59 3.36 36.32 8.74
N SER C 60 2.33 35.48 8.60
CA SER C 60 0.96 35.94 8.86
C SER C 60 0.69 36.15 10.32
N ILE C 61 -0.19 37.11 10.61
CA ILE C 61 -0.58 37.41 11.96
C ILE C 61 -2.00 36.90 12.18
N ILE C 62 -2.18 36.07 13.21
CA ILE C 62 -3.50 35.56 13.58
C ILE C 62 -3.92 36.34 14.81
N ALA C 63 -5.07 37.02 14.75
CA ALA C 63 -5.54 37.75 15.93
C ALA C 63 -6.79 37.12 16.45
N THR C 64 -6.85 36.93 17.77
CA THR C 64 -8.05 36.36 18.38
C THR C 64 -9.12 37.44 18.55
N ILE C 65 -10.33 37.19 18.06
CA ILE C 65 -11.43 38.12 18.19
C ILE C 65 -12.15 37.94 19.54
N GLY C 66 -12.40 39.05 20.22
CA GLY C 66 -13.11 39.09 21.49
C GLY C 66 -13.72 40.44 21.75
N PRO C 67 -14.12 40.72 22.99
CA PRO C 67 -14.73 42.03 23.29
C PRO C 67 -13.87 43.24 22.86
N ALA C 68 -12.53 43.13 22.97
CA ALA C 68 -11.62 44.21 22.61
C ALA C 68 -11.45 44.41 21.10
N SER C 69 -11.88 43.45 20.28
CA SER C 69 -11.65 43.50 18.85
C SER C 69 -12.85 43.03 18.04
N ARG C 70 -14.07 43.34 18.49
CA ARG C 70 -15.28 42.87 17.81
C ARG C 70 -15.97 43.86 16.92
N SER C 71 -15.85 45.14 17.26
CA SER C 71 -16.52 46.18 16.49
C SER C 71 -15.98 46.26 15.08
N VAL C 72 -16.85 46.55 14.11
CA VAL C 72 -16.48 46.68 12.71
C VAL C 72 -15.40 47.74 12.53
N GLU C 73 -15.47 48.84 13.30
CA GLU C 73 -14.46 49.90 13.22
C GLU C 73 -13.11 49.44 13.76
N ARG C 74 -13.12 48.70 14.88
CA ARG C 74 -11.92 48.17 15.49
C ARG C 74 -11.27 47.12 14.57
N LEU C 75 -12.07 46.27 13.92
CA LEU C 75 -11.61 45.27 12.96
C LEU C 75 -10.98 45.87 11.72
N LYS C 76 -11.50 47.01 11.24
CA LYS C 76 -10.91 47.72 10.11
C LYS C 76 -9.52 48.22 10.48
N GLU C 77 -9.34 48.68 11.72
CA GLU C 77 -8.05 49.12 12.21
C GLU C 77 -7.05 47.96 12.29
N MET C 78 -7.52 46.76 12.68
CA MET C 78 -6.67 45.59 12.79
CA MET C 78 -6.67 45.59 12.79
C MET C 78 -6.27 45.02 11.43
N ILE C 79 -7.14 45.18 10.41
CA ILE C 79 -6.82 44.74 9.08
C ILE C 79 -5.71 45.67 8.55
N LYS C 80 -5.84 46.99 8.79
CA LYS C 80 -4.85 47.97 8.39
C LYS C 80 -3.52 47.78 9.13
N ALA C 81 -3.58 47.31 10.38
CA ALA C 81 -2.38 47.03 11.19
C ALA C 81 -1.62 45.77 10.72
N GLY C 82 -2.34 44.85 10.06
CA GLY C 82 -1.73 43.64 9.53
C GLY C 82 -2.37 42.30 9.81
N MET C 83 -3.56 42.26 10.43
CA MET C 83 -4.24 40.99 10.73
C MET C 83 -4.57 40.24 9.43
N ASN C 84 -4.16 38.97 9.34
CA ASN C 84 -4.45 38.16 8.14
C ASN C 84 -5.49 37.08 8.41
N ILE C 85 -5.52 36.58 9.67
CA ILE C 85 -6.44 35.53 10.09
C ILE C 85 -7.12 35.96 11.38
N ALA C 86 -8.43 35.80 11.43
CA ALA C 86 -9.22 36.12 12.62
C ALA C 86 -9.57 34.79 13.32
N ARG C 87 -9.14 34.63 14.56
CA ARG C 87 -9.40 33.43 15.33
C ARG C 87 -10.62 33.59 16.25
N LEU C 88 -11.57 32.64 16.13
CA LEU C 88 -12.74 32.60 16.99
C LEU C 88 -12.52 31.48 18.01
N ASN C 89 -12.35 31.84 19.29
CA ASN C 89 -12.11 30.86 20.34
C ASN C 89 -13.40 30.27 20.84
N PHE C 90 -13.70 29.04 20.44
CA PHE C 90 -14.94 28.39 20.85
C PHE C 90 -14.92 27.85 22.29
N SER C 91 -13.89 28.16 23.07
CA SER C 91 -13.87 27.85 24.49
C SER C 91 -14.78 28.83 25.26
N HIS C 92 -15.04 30.02 24.69
CA HIS C 92 -15.84 31.09 25.28
C HIS C 92 -16.84 31.60 24.24
N GLY C 93 -18.03 31.97 24.69
CA GLY C 93 -19.05 32.52 23.80
C GLY C 93 -19.98 31.51 23.15
N SER C 94 -21.16 31.98 22.77
CA SER C 94 -22.18 31.16 22.12
C SER C 94 -22.03 31.16 20.59
N HIS C 95 -22.79 30.29 19.89
CA HIS C 95 -22.80 30.27 18.44
C HIS C 95 -23.29 31.61 17.87
N GLU C 96 -24.26 32.22 18.56
CA GLU C 96 -24.82 33.52 18.17
C GLU C 96 -23.74 34.59 18.26
N TYR C 97 -22.93 34.56 19.33
CA TYR C 97 -21.83 35.47 19.57
C TYR C 97 -20.78 35.34 18.46
N HIS C 98 -20.36 34.10 18.13
CA HIS C 98 -19.38 33.86 17.09
C HIS C 98 -19.87 34.18 15.69
N ALA C 99 -21.17 33.96 15.40
CA ALA C 99 -21.73 34.32 14.10
C ALA C 99 -21.71 35.84 13.92
N GLU C 100 -21.93 36.61 15.01
CA GLU C 100 -21.86 38.07 14.97
C GLU C 100 -20.43 38.51 14.70
N SER C 101 -19.44 37.85 15.33
CA SER C 101 -18.02 38.11 15.11
C SER C 101 -17.67 37.86 13.63
N ILE C 102 -18.07 36.71 13.04
CA ILE C 102 -17.85 36.35 11.64
C ILE C 102 -18.42 37.41 10.73
N ALA C 103 -19.66 37.85 11.00
CA ALA C 103 -20.34 38.87 10.20
C ALA C 103 -19.63 40.23 10.25
N ASN C 104 -19.12 40.60 11.45
CA ASN C 104 -18.38 41.84 11.66
C ASN C 104 -17.04 41.81 10.95
N VAL C 105 -16.37 40.63 10.92
CA VAL C 105 -15.10 40.46 10.24
C VAL C 105 -15.34 40.63 8.76
N ARG C 106 -16.33 39.92 8.19
CA ARG C 106 -16.67 40.01 6.78
C ARG C 106 -17.09 41.41 6.34
N GLU C 107 -17.78 42.14 7.22
CA GLU C 107 -18.21 43.51 6.94
C GLU C 107 -17.00 44.44 6.88
N ALA C 108 -16.07 44.32 7.85
CA ALA C 108 -14.85 45.12 7.87
C ALA C 108 -13.93 44.78 6.66
N VAL C 109 -13.86 43.49 6.27
CA VAL C 109 -13.05 43.09 5.12
C VAL C 109 -13.61 43.68 3.83
N GLU C 110 -14.96 43.57 3.65
CA GLU C 110 -15.59 44.06 2.44
C GLU C 110 -15.68 45.59 2.35
N SER C 111 -15.42 46.30 3.46
CA SER C 111 -15.40 47.76 3.41
C SER C 111 -14.22 48.32 2.58
N PHE C 112 -13.25 47.47 2.21
CA PHE C 112 -12.13 47.88 1.38
C PHE C 112 -12.21 47.28 -0.03
N ALA C 113 -13.32 46.61 -0.42
CA ALA C 113 -13.42 45.99 -1.75
C ALA C 113 -13.39 47.00 -2.90
N GLY C 114 -13.62 48.28 -2.61
CA GLY C 114 -13.56 49.31 -3.65
C GLY C 114 -12.13 49.59 -4.11
N SER C 115 -11.27 49.94 -3.14
CA SER C 115 -9.86 50.20 -3.37
C SER C 115 -9.04 48.90 -3.50
N PRO C 116 -8.47 48.61 -4.69
CA PRO C 116 -7.65 47.40 -4.85
C PRO C 116 -6.33 47.42 -4.05
N LEU C 117 -5.84 48.63 -3.74
CA LEU C 117 -4.62 48.91 -2.97
C LEU C 117 -4.79 48.55 -1.48
N SER C 118 -6.02 48.67 -0.95
CA SER C 118 -6.31 48.38 0.46
C SER C 118 -7.02 47.05 0.71
N TYR C 119 -7.71 46.48 -0.31
CA TYR C 119 -8.43 45.21 -0.13
C TYR C 119 -7.50 44.04 0.08
N ARG C 120 -7.67 43.35 1.21
CA ARG C 120 -6.91 42.15 1.53
C ARG C 120 -7.87 41.11 2.09
N PRO C 121 -7.88 39.85 1.57
CA PRO C 121 -8.77 38.84 2.14
C PRO C 121 -8.29 38.41 3.53
N VAL C 122 -9.23 38.10 4.43
CA VAL C 122 -8.87 37.71 5.80
C VAL C 122 -9.48 36.35 6.06
N ALA C 123 -8.65 35.39 6.51
CA ALA C 123 -9.12 34.03 6.82
C ALA C 123 -9.88 34.00 8.14
N ILE C 124 -10.85 33.10 8.25
CA ILE C 124 -11.56 32.91 9.50
C ILE C 124 -11.27 31.53 10.04
N ALA C 125 -10.71 31.46 11.24
CA ALA C 125 -10.37 30.19 11.86
C ALA C 125 -11.17 29.90 13.12
N LEU C 126 -11.63 28.66 13.26
CA LEU C 126 -12.38 28.23 14.42
C LEU C 126 -11.46 27.45 15.35
N ASP C 127 -11.25 27.92 16.59
CA ASP C 127 -10.42 27.20 17.55
C ASP C 127 -11.38 26.39 18.42
N THR C 128 -11.32 25.06 18.36
CA THR C 128 -12.24 24.22 19.15
C THR C 128 -11.95 24.24 20.65
N LYS C 129 -12.97 23.92 21.47
CA LYS C 129 -12.87 23.90 22.93
C LYS C 129 -11.98 22.73 23.40
N GLY C 130 -12.09 21.60 22.72
CA GLY C 130 -11.28 20.44 23.06
C GLY C 130 -12.03 19.31 23.74
N PRO C 131 -11.33 18.19 23.99
CA PRO C 131 -12.00 17.02 24.59
C PRO C 131 -12.17 17.11 26.11
N GLY C 134 -12.19 13.90 28.46
CA GLY C 134 -12.70 12.90 27.54
C GLY C 134 -11.63 12.24 26.68
N PRO C 135 -11.98 11.11 26.03
CA PRO C 135 -10.98 10.38 25.23
C PRO C 135 -10.77 10.89 23.81
N GLY C 136 -11.84 11.33 23.17
CA GLY C 136 -11.79 11.81 21.79
C GLY C 136 -12.62 13.06 21.55
N LEU C 137 -13.20 13.18 20.33
CA LEU C 137 -13.97 14.37 19.95
C LEU C 137 -15.23 14.59 20.81
N SER C 138 -15.33 15.73 21.50
CA SER C 138 -16.48 16.03 22.34
C SER C 138 -17.75 16.35 21.57
N GLU C 139 -18.89 16.24 22.23
CA GLU C 139 -20.19 16.51 21.62
C GLU C 139 -20.30 17.97 21.21
N GLN C 140 -19.81 18.88 22.05
CA GLN C 140 -19.81 20.31 21.76
C GLN C 140 -18.91 20.59 20.58
N ASP C 141 -17.73 19.97 20.49
CA ASP C 141 -16.83 20.12 19.35
C ASP C 141 -17.51 19.73 18.05
N VAL C 142 -18.28 18.64 18.01
CA VAL C 142 -19.00 18.24 16.79
C VAL C 142 -19.99 19.32 16.37
N ARG C 143 -20.68 19.93 17.34
CA ARG C 143 -21.64 20.99 17.07
C ARG C 143 -20.95 22.25 16.58
N ASP C 144 -19.80 22.58 17.16
CA ASP C 144 -18.98 23.73 16.80
C ASP C 144 -18.37 23.57 15.41
N LEU C 145 -17.90 22.35 15.07
CA LEU C 145 -17.36 22.06 13.74
C LEU C 145 -18.46 22.16 12.69
N ARG C 146 -19.67 21.69 13.01
CA ARG C 146 -20.81 21.80 12.09
C ARG C 146 -21.17 23.29 11.86
N PHE C 147 -21.06 24.11 12.91
CA PHE C 147 -21.29 25.54 12.83
C PHE C 147 -20.29 26.18 11.86
N GLY C 148 -19.02 25.75 11.95
CA GLY C 148 -17.95 26.24 11.10
C GLY C 148 -18.18 25.94 9.62
N VAL C 149 -18.64 24.73 9.33
CA VAL C 149 -18.96 24.36 7.95
C VAL C 149 -20.11 25.21 7.42
N GLU C 150 -21.17 25.39 8.24
CA GLU C 150 -22.34 26.17 7.88
C GLU C 150 -22.02 27.64 7.68
N HIS C 151 -21.08 28.17 8.45
CA HIS C 151 -20.68 29.56 8.33
C HIS C 151 -19.48 29.81 7.40
N GLY C 152 -19.01 28.78 6.71
CA GLY C 152 -17.93 28.88 5.75
C GLY C 152 -16.57 29.26 6.30
N VAL C 153 -16.16 28.69 7.45
CA VAL C 153 -14.83 28.98 8.01
C VAL C 153 -13.78 28.33 7.12
N ASP C 154 -12.57 28.89 7.14
CA ASP C 154 -11.50 28.39 6.28
C ASP C 154 -10.61 27.41 7.00
N ILE C 155 -10.33 27.68 8.28
CA ILE C 155 -9.41 26.87 9.08
C ILE C 155 -10.03 26.41 10.38
N VAL C 156 -9.59 25.25 10.90
CA VAL C 156 -9.97 24.73 12.20
C VAL C 156 -8.68 24.54 13.00
N PHE C 157 -8.58 25.13 14.18
CA PHE C 157 -7.46 24.89 15.07
C PHE C 157 -8.00 23.83 16.04
N ALA C 158 -7.70 22.55 15.78
CA ALA C 158 -8.22 21.48 16.63
C ALA C 158 -7.42 21.34 17.93
N SER C 159 -8.08 21.65 19.06
CA SER C 159 -7.47 21.58 20.37
C SER C 159 -7.16 20.16 20.84
N PHE C 160 -6.08 20.05 21.65
CA PHE C 160 -5.59 18.84 22.28
C PHE C 160 -5.58 17.60 21.37
N VAL C 161 -4.88 17.68 20.23
CA VAL C 161 -4.74 16.55 19.33
C VAL C 161 -3.65 15.67 19.91
N ARG C 162 -3.92 14.37 20.14
CA ARG C 162 -2.96 13.48 20.78
C ARG C 162 -2.49 12.35 19.87
N LYS C 163 -3.27 12.02 18.84
CA LYS C 163 -2.99 10.92 17.91
C LYS C 163 -3.63 11.20 16.54
N ALA C 164 -3.28 10.42 15.50
CA ALA C 164 -3.84 10.62 14.16
C ALA C 164 -5.34 10.40 14.12
N SER C 165 -5.88 9.49 14.94
CA SER C 165 -7.32 9.23 14.97
C SER C 165 -8.12 10.45 15.45
N ASP C 166 -7.50 11.36 16.22
CA ASP C 166 -8.15 12.59 16.67
C ASP C 166 -8.39 13.50 15.46
N VAL C 167 -7.40 13.58 14.56
CA VAL C 167 -7.48 14.40 13.35
C VAL C 167 -8.55 13.83 12.44
N ALA C 168 -8.59 12.49 12.29
CA ALA C 168 -9.58 11.81 11.46
C ALA C 168 -10.98 12.10 11.98
N ALA C 169 -11.17 12.17 13.30
CA ALA C 169 -12.44 12.48 13.91
C ALA C 169 -12.88 13.90 13.53
N VAL C 170 -11.95 14.87 13.56
CA VAL C 170 -12.26 16.24 13.17
C VAL C 170 -12.62 16.29 11.68
N ARG C 171 -11.86 15.58 10.86
CA ARG C 171 -12.06 15.50 9.42
C ARG C 171 -13.45 14.91 9.10
N ALA C 172 -13.85 13.85 9.80
CA ALA C 172 -15.16 13.22 9.63
C ALA C 172 -16.28 14.20 10.07
N ALA C 173 -16.09 14.89 11.22
CA ALA C 173 -17.05 15.86 11.73
C ALA C 173 -17.26 17.07 10.80
N LEU C 174 -16.29 17.34 9.89
CA LEU C 174 -16.41 18.44 8.93
C LEU C 174 -17.36 18.08 7.77
N GLY C 175 -18.46 17.40 8.13
CA GLY C 175 -19.57 16.93 7.29
C GLY C 175 -19.22 16.68 5.86
N PRO C 176 -20.24 16.61 4.97
CA PRO C 176 -19.95 16.43 3.53
C PRO C 176 -19.47 17.73 2.81
N GLU C 177 -19.85 18.90 3.34
CA GLU C 177 -19.48 20.17 2.73
C GLU C 177 -18.16 20.76 3.19
N GLY C 178 -17.55 20.26 4.27
CA GLY C 178 -16.37 20.90 4.82
C GLY C 178 -15.01 20.32 4.49
N HIS C 179 -14.90 19.42 3.51
CA HIS C 179 -13.61 18.81 3.14
C HIS C 179 -12.52 19.80 2.67
N GLY C 180 -12.88 21.01 2.24
CA GLY C 180 -11.91 22.04 1.87
C GLY C 180 -11.31 22.83 3.04
N ILE C 181 -11.90 22.73 4.25
CA ILE C 181 -11.39 23.41 5.41
C ILE C 181 -10.04 22.81 5.85
N LYS C 182 -9.08 23.67 6.21
CA LYS C 182 -7.76 23.22 6.64
C LYS C 182 -7.75 22.89 8.13
N ILE C 183 -7.23 21.72 8.50
CA ILE C 183 -7.17 21.34 9.90
C ILE C 183 -5.75 21.53 10.42
N ILE C 184 -5.58 22.47 11.31
CA ILE C 184 -4.32 22.75 11.97
C ILE C 184 -4.40 22.12 13.38
N SER C 185 -3.65 21.05 13.64
CA SER C 185 -3.70 20.34 14.90
C SER C 185 -2.89 21.04 15.96
N LYS C 186 -3.52 21.29 17.12
CA LYS C 186 -2.84 21.93 18.23
C LYS C 186 -2.16 20.89 19.09
N ILE C 187 -0.84 20.99 19.25
CA ILE C 187 -0.09 20.07 20.08
C ILE C 187 0.03 20.76 21.44
N GLU C 188 -0.66 20.21 22.46
CA GLU C 188 -0.69 20.83 23.78
C GLU C 188 -0.30 19.92 24.94
N ASN C 189 0.15 18.69 24.67
CA ASN C 189 0.56 17.78 25.76
C ASN C 189 1.69 16.83 25.33
N HIS C 190 2.20 16.03 26.29
CA HIS C 190 3.28 15.09 26.03
C HIS C 190 2.91 14.08 24.95
N GLU C 191 1.67 13.55 24.96
CA GLU C 191 1.25 12.57 23.95
C GLU C 191 1.30 13.12 22.53
N GLY C 192 0.81 14.34 22.35
CA GLY C 192 0.85 15.03 21.07
C GLY C 192 2.27 15.24 20.57
N VAL C 193 3.19 15.59 21.48
CA VAL C 193 4.59 15.76 21.11
C VAL C 193 5.21 14.41 20.70
N LYS C 194 4.92 13.36 21.46
CA LYS C 194 5.47 12.05 21.18
C LYS C 194 4.93 11.42 19.92
N ARG C 195 3.64 11.64 19.65
CA ARG C 195 3.02 11.11 18.42
C ARG C 195 2.99 12.13 17.29
N PHE C 196 3.86 13.17 17.34
CA PHE C 196 3.93 14.26 16.38
C PHE C 196 3.92 13.81 14.92
N ASP C 197 4.76 12.85 14.56
CA ASP C 197 4.88 12.43 13.16
C ASP C 197 3.59 11.87 12.58
N GLU C 198 2.85 11.07 13.37
CA GLU C 198 1.60 10.53 12.87
C GLU C 198 0.52 11.60 12.76
N ILE C 199 0.57 12.62 13.63
CA ILE C 199 -0.39 13.73 13.60
C ILE C 199 -0.11 14.64 12.39
N LEU C 200 1.15 14.97 12.15
CA LEU C 200 1.52 15.83 11.05
C LEU C 200 1.20 15.20 9.70
N GLU C 201 1.37 13.89 9.58
CA GLU C 201 1.09 13.16 8.35
C GLU C 201 -0.36 13.35 7.88
N VAL C 202 -1.30 13.37 8.84
CA VAL C 202 -2.70 13.51 8.53
C VAL C 202 -3.26 14.93 8.71
N SER C 203 -2.47 15.88 9.23
CA SER C 203 -2.94 17.26 9.41
C SER C 203 -2.52 18.16 8.26
N ASP C 204 -3.18 19.29 8.10
CA ASP C 204 -2.77 20.28 7.10
C ASP C 204 -1.60 21.12 7.64
N GLY C 205 -1.52 21.25 8.95
CA GLY C 205 -0.48 21.99 9.63
C GLY C 205 -0.59 21.80 11.14
N ILE C 206 0.27 22.49 11.88
CA ILE C 206 0.37 22.37 13.34
C ILE C 206 0.38 23.74 14.02
N MET C 207 -0.15 23.79 15.23
CA MET C 207 -0.06 24.95 16.07
C MET C 207 0.70 24.52 17.32
N VAL C 208 1.75 25.24 17.67
CA VAL C 208 2.49 24.99 18.89
C VAL C 208 1.77 25.79 19.97
N ALA C 209 0.82 25.10 20.63
CA ALA C 209 -0.05 25.66 21.68
C ALA C 209 0.72 25.67 23.01
N ARG C 210 1.59 26.69 23.18
CA ARG C 210 2.52 26.81 24.30
C ARG C 210 1.88 26.98 25.67
N GLY C 211 0.67 27.54 25.74
CA GLY C 211 -0.04 27.70 27.00
C GLY C 211 -0.26 26.38 27.73
N ASP C 212 -1.05 25.48 27.14
CA ASP C 212 -1.29 24.18 27.75
C ASP C 212 -0.04 23.34 27.76
N LEU C 213 0.76 23.39 26.70
CA LEU C 213 2.00 22.63 26.62
C LEU C 213 2.94 22.95 27.80
N GLY C 214 3.01 24.22 28.20
CA GLY C 214 3.80 24.69 29.32
C GLY C 214 3.34 24.20 30.67
N ILE C 215 2.11 23.69 30.75
CA ILE C 215 1.53 23.12 31.98
C ILE C 215 1.64 21.57 31.94
N GLU C 216 1.50 20.97 30.74
CA GLU C 216 1.56 19.51 30.55
C GLU C 216 2.98 18.95 30.59
N ILE C 217 3.96 19.74 30.13
CA ILE C 217 5.38 19.37 30.15
C ILE C 217 6.13 20.46 30.94
N PRO C 218 7.35 20.19 31.44
CA PRO C 218 8.09 21.25 32.17
C PRO C 218 8.24 22.51 31.34
N ALA C 219 8.01 23.69 31.94
CA ALA C 219 8.08 24.95 31.22
C ALA C 219 9.42 25.15 30.46
N GLU C 220 10.51 24.68 31.05
CA GLU C 220 11.84 24.80 30.46
C GLU C 220 12.08 23.85 29.27
N LYS C 221 11.13 22.97 28.94
CA LYS C 221 11.24 22.06 27.80
C LYS C 221 10.39 22.49 26.60
N VAL C 222 9.52 23.50 26.77
CA VAL C 222 8.63 23.98 25.70
C VAL C 222 9.41 24.49 24.48
N PHE C 223 10.52 25.22 24.69
CA PHE C 223 11.32 25.72 23.57
C PHE C 223 11.86 24.59 22.67
N LEU C 224 12.16 23.43 23.26
CA LEU C 224 12.65 22.27 22.52
C LEU C 224 11.53 21.74 21.65
N ALA C 225 10.30 21.66 22.20
CA ALA C 225 9.14 21.17 21.47
C ALA C 225 8.81 22.11 20.34
N GLN C 226 8.86 23.44 20.59
CA GLN C 226 8.58 24.44 19.56
C GLN C 226 9.58 24.29 18.39
N LYS C 227 10.89 24.31 18.70
CA LYS C 227 11.91 24.20 17.68
C LYS C 227 11.84 22.87 16.90
N MET C 228 11.49 21.77 17.57
CA MET C 228 11.38 20.48 16.91
C MET C 228 10.18 20.45 15.93
N MET C 229 9.02 20.90 16.40
CA MET C 229 7.81 20.91 15.60
C MET C 229 7.88 21.86 14.43
N ILE C 230 8.50 23.04 14.61
CA ILE C 230 8.68 23.98 13.50
C ILE C 230 9.60 23.36 12.43
N GLY C 231 10.69 22.76 12.87
CA GLY C 231 11.63 22.14 11.96
C GLY C 231 11.01 21.02 11.14
N ARG C 232 10.22 20.17 11.81
CA ARG C 232 9.56 19.07 11.12
C ARG C 232 8.50 19.56 10.16
N CYS C 233 7.79 20.64 10.51
CA CYS C 233 6.78 21.23 9.61
C CYS C 233 7.44 21.83 8.40
N ASN C 234 8.59 22.49 8.59
CA ASN C 234 9.36 23.07 7.49
C ASN C 234 9.84 21.96 6.56
N LEU C 235 10.29 20.84 7.14
CA LEU C 235 10.75 19.68 6.39
C LEU C 235 9.59 19.07 5.58
N ALA C 236 8.41 18.96 6.18
CA ALA C 236 7.20 18.43 5.54
C ALA C 236 6.53 19.37 4.55
N GLY C 237 6.87 20.67 4.61
CA GLY C 237 6.26 21.68 3.76
C GLY C 237 4.86 22.06 4.22
N LYS C 238 4.56 21.90 5.52
CA LYS C 238 3.24 22.21 6.05
C LYS C 238 3.26 23.42 6.99
N PRO C 239 2.22 24.27 6.96
CA PRO C 239 2.23 25.44 7.87
C PRO C 239 2.32 25.12 9.36
N VAL C 240 3.05 25.96 10.08
CA VAL C 240 3.21 25.83 11.52
C VAL C 240 2.97 27.20 12.16
N VAL C 241 2.16 27.23 13.22
CA VAL C 241 1.82 28.46 13.93
C VAL C 241 2.50 28.46 15.30
N CYS C 242 3.13 29.56 15.67
CA CYS C 242 3.64 29.69 17.03
C CYS C 242 2.59 30.48 17.78
N ALA C 243 2.16 29.97 18.93
CA ALA C 243 1.06 30.61 19.66
C ALA C 243 1.29 30.73 21.16
N THR C 244 0.54 31.68 21.79
CA THR C 244 0.36 31.95 23.22
C THR C 244 1.51 32.71 23.92
N GLN C 245 1.11 33.82 24.58
CA GLN C 245 1.93 34.70 25.42
C GLN C 245 3.08 35.37 24.69
N MET C 246 2.96 35.53 23.37
CA MET C 246 4.01 36.17 22.56
C MET C 246 4.25 37.63 22.97
N LEU C 247 3.17 38.39 23.20
CA LEU C 247 3.27 39.79 23.65
C LEU C 247 2.34 40.00 24.87
N GLU C 248 2.32 39.02 25.79
CA GLU C 248 1.46 38.98 26.96
C GLU C 248 1.30 40.29 27.74
N SER C 249 2.41 40.98 28.05
CA SER C 249 2.39 42.25 28.77
C SER C 249 1.58 43.35 28.05
N MET C 250 1.46 43.26 26.72
CA MET C 250 0.71 44.24 25.95
C MET C 250 -0.82 44.18 26.18
N ILE C 251 -1.30 43.23 26.99
CA ILE C 251 -2.72 43.20 27.37
C ILE C 251 -3.04 44.46 28.21
N THR C 252 -2.10 44.89 29.07
CA THR C 252 -2.27 46.06 29.91
C THR C 252 -1.31 47.22 29.58
N LYS C 253 -0.15 46.94 28.95
CA LYS C 253 0.85 47.96 28.66
C LYS C 253 0.99 48.27 27.16
N PRO C 254 1.27 49.53 26.77
CA PRO C 254 1.35 49.85 25.33
C PRO C 254 2.60 49.34 24.59
N ARG C 255 3.63 48.94 25.33
CA ARG C 255 4.86 48.42 24.77
C ARG C 255 5.19 47.07 25.40
N PRO C 256 5.74 46.13 24.62
CA PRO C 256 6.09 44.81 25.17
C PRO C 256 7.45 44.80 25.92
N THR C 257 7.77 43.67 26.54
CA THR C 257 9.04 43.52 27.23
C THR C 257 10.13 43.12 26.22
N ARG C 258 11.41 43.16 26.66
CA ARG C 258 12.53 42.74 25.84
C ARG C 258 12.43 41.24 25.51
N ALA C 259 11.88 40.43 26.42
CA ALA C 259 11.69 38.99 26.20
C ALA C 259 10.61 38.73 25.18
N GLU C 260 9.55 39.53 25.19
CA GLU C 260 8.44 39.37 24.25
C GLU C 260 8.81 39.69 22.81
N THR C 261 9.56 40.77 22.57
CA THR C 261 9.97 41.09 21.19
C THR C 261 10.92 40.01 20.67
N SER C 262 11.83 39.57 21.54
CA SER C 262 12.79 38.51 21.29
C SER C 262 12.04 37.21 20.91
N ASP C 263 10.98 36.89 21.66
CA ASP C 263 10.20 35.69 21.41
C ASP C 263 9.56 35.70 20.04
N VAL C 264 8.95 36.82 19.65
CA VAL C 264 8.32 36.95 18.34
C VAL C 264 9.36 36.81 17.24
N ALA C 265 10.49 37.48 17.41
CA ALA C 265 11.56 37.42 16.43
C ALA C 265 12.12 36.02 16.27
N ASN C 266 12.30 35.32 17.40
CA ASN C 266 12.84 33.97 17.37
C ASN C 266 11.89 32.97 16.81
N ALA C 267 10.57 33.16 16.97
CA ALA C 267 9.59 32.26 16.35
C ALA C 267 9.69 32.38 14.83
N VAL C 268 9.82 33.62 14.30
CA VAL C 268 9.97 33.85 12.86
C VAL C 268 11.30 33.22 12.41
N LEU C 269 12.41 33.52 13.10
CA LEU C 269 13.71 32.92 12.75
C LEU C 269 13.69 31.39 12.81
N ASP C 270 12.96 30.79 13.76
CA ASP C 270 12.82 29.34 13.90
C ASP C 270 12.18 28.75 12.65
N GLY C 271 11.28 29.49 12.00
CA GLY C 271 10.63 29.03 10.79
C GLY C 271 9.12 28.97 10.85
N ALA C 272 8.51 29.67 11.80
CA ALA C 272 7.05 29.69 11.92
C ALA C 272 6.39 30.42 10.72
N ASP C 273 5.34 29.82 10.18
CA ASP C 273 4.58 30.42 9.09
C ASP C 273 3.66 31.52 9.59
N CYS C 274 3.10 31.34 10.80
CA CYS C 274 2.17 32.27 11.42
C CYS C 274 2.55 32.50 12.86
N ILE C 275 2.27 33.73 13.34
CA ILE C 275 2.41 34.11 14.72
C ILE C 275 1.01 34.54 15.21
N MET C 276 0.68 34.24 16.47
CA MET C 276 -0.66 34.50 16.98
C MET C 276 -0.69 35.45 18.16
N LEU C 277 -1.85 36.11 18.34
CA LEU C 277 -2.15 36.97 19.48
C LEU C 277 -3.44 36.43 20.08
N SER C 278 -3.47 36.18 21.39
CA SER C 278 -4.68 35.68 22.04
C SER C 278 -5.34 36.79 22.91
N GLY C 279 -5.07 36.82 24.22
CA GLY C 279 -5.57 37.85 25.12
C GLY C 279 -5.19 39.24 24.68
N GLU C 280 -4.01 39.36 24.05
CA GLU C 280 -3.47 40.61 23.53
C GLU C 280 -4.47 41.33 22.61
N THR C 281 -5.25 40.58 21.81
CA THR C 281 -6.25 41.18 20.92
C THR C 281 -7.70 40.93 21.35
N ALA C 282 -7.96 39.79 22.00
CA ALA C 282 -9.32 39.44 22.40
C ALA C 282 -9.84 40.27 23.58
N LYS C 283 -9.00 40.50 24.59
CA LYS C 283 -9.44 41.19 25.80
C LYS C 283 -8.54 42.35 26.26
N GLY C 284 -7.39 42.53 25.62
CA GLY C 284 -6.44 43.55 26.02
C GLY C 284 -6.83 44.99 25.72
N ASN C 285 -6.05 45.92 26.24
CA ASN C 285 -6.25 47.35 26.05
C ASN C 285 -5.58 47.89 24.79
N PHE C 286 -4.68 47.11 24.14
CA PHE C 286 -3.98 47.56 22.95
C PHE C 286 -4.00 46.51 21.84
N PRO C 287 -5.19 46.12 21.34
CA PRO C 287 -5.23 45.08 20.30
C PRO C 287 -4.58 45.50 18.98
N VAL C 288 -4.80 46.75 18.55
CA VAL C 288 -4.24 47.24 17.30
C VAL C 288 -2.72 47.40 17.43
N GLU C 289 -2.27 47.90 18.57
CA GLU C 289 -0.86 48.11 18.87
C GLU C 289 -0.08 46.80 18.92
N ALA C 290 -0.73 45.72 19.42
CA ALA C 290 -0.13 44.39 19.48
C ALA C 290 0.07 43.84 18.05
N VAL C 291 -0.92 44.08 17.15
CA VAL C 291 -0.80 43.64 15.76
C VAL C 291 0.35 44.41 15.09
N LYS C 292 0.40 45.73 15.33
CA LYS C 292 1.44 46.58 14.77
C LYS C 292 2.82 46.11 15.21
N MET C 293 2.96 45.73 16.49
CA MET C 293 4.22 45.26 17.05
C MET C 293 4.66 43.94 16.40
N GLN C 294 3.75 42.97 16.27
CA GLN C 294 4.07 41.71 15.61
C GLN C 294 4.47 41.93 14.17
N HIS C 295 3.77 42.85 13.47
CA HIS C 295 4.09 43.21 12.11
C HIS C 295 5.51 43.74 12.00
N ALA C 296 5.86 44.71 12.85
CA ALA C 296 7.17 45.33 12.86
C ALA C 296 8.31 44.35 13.14
N ILE C 297 8.13 43.46 14.14
CA ILE C 297 9.15 42.48 14.49
C ILE C 297 9.34 41.45 13.38
N ALA C 298 8.21 40.89 12.86
CA ALA C 298 8.28 39.88 11.80
C ALA C 298 9.04 40.39 10.57
N ARG C 299 8.79 41.64 10.12
CA ARG C 299 9.50 42.24 8.99
C ARG C 299 11.02 42.26 9.23
N GLU C 300 11.45 42.65 10.44
CA GLU C 300 12.86 42.68 10.78
C GLU C 300 13.44 41.29 10.78
N ALA C 301 12.73 40.35 11.38
CA ALA C 301 13.19 38.98 11.53
C ALA C 301 13.27 38.25 10.17
N GLU C 302 12.34 38.54 9.25
CA GLU C 302 12.38 37.88 7.94
C GLU C 302 13.62 38.29 7.13
N ALA C 303 14.01 39.56 7.21
CA ALA C 303 15.20 40.02 6.53
C ALA C 303 16.46 39.37 7.14
N ALA C 304 16.44 39.04 8.44
CA ALA C 304 17.58 38.41 9.12
C ALA C 304 17.67 36.89 8.89
N VAL C 305 16.81 36.30 8.06
CA VAL C 305 16.87 34.87 7.80
C VAL C 305 18.13 34.54 6.96
N TYR C 306 18.87 33.50 7.35
CA TYR C 306 20.10 33.10 6.67
C TYR C 306 19.77 32.18 5.47
N HIS C 307 19.27 32.77 4.41
CA HIS C 307 18.83 32.03 3.23
C HIS C 307 19.89 31.16 2.58
N ARG C 308 21.17 31.58 2.64
CA ARG C 308 22.25 30.80 2.03
C ARG C 308 22.28 29.35 2.51
N GLN C 309 22.32 29.12 3.84
CA GLN C 309 22.30 27.75 4.36
C GLN C 309 20.88 27.17 4.37
N LEU C 310 19.86 28.00 4.67
CA LEU C 310 18.48 27.54 4.73
C LEU C 310 18.04 26.90 3.43
N PHE C 311 18.20 27.61 2.29
CA PHE C 311 17.77 27.09 1.01
C PHE C 311 18.51 25.81 0.65
N GLU C 312 19.82 25.77 0.93
CA GLU C 312 20.65 24.59 0.67
C GLU C 312 20.15 23.39 1.47
N GLU C 313 19.80 23.61 2.73
CA GLU C 313 19.33 22.54 3.59
C GLU C 313 17.95 22.07 3.21
N LEU C 314 17.05 23.00 2.83
CA LEU C 314 15.70 22.65 2.41
C LEU C 314 15.77 21.84 1.13
N ARG C 315 16.61 22.27 0.20
CA ARG C 315 16.86 21.62 -1.08
C ARG C 315 17.40 20.20 -0.87
N ARG C 316 18.44 20.05 -0.05
CA ARG C 316 19.05 18.76 0.23
C ARG C 316 18.11 17.81 0.97
N ALA C 317 17.34 18.33 1.94
CA ALA C 317 16.42 17.51 2.73
C ALA C 317 15.19 17.06 1.98
N ALA C 318 14.67 17.91 1.06
CA ALA C 318 13.48 17.56 0.29
C ALA C 318 13.81 16.37 -0.62
N PRO C 319 12.95 15.36 -0.59
CA PRO C 319 13.25 14.16 -1.41
C PRO C 319 13.08 14.41 -2.90
N LEU C 320 13.70 13.56 -3.73
CA LEU C 320 13.53 13.66 -5.18
C LEU C 320 12.07 13.47 -5.53
N SER C 321 11.63 14.22 -6.54
CA SER C 321 10.23 14.19 -6.89
C SER C 321 10.01 14.12 -8.34
N ARG C 322 9.01 13.36 -8.74
CA ARG C 322 8.60 13.29 -10.13
C ARG C 322 7.29 14.07 -10.35
N ASP C 323 6.85 14.89 -9.36
CA ASP C 323 5.67 15.73 -9.47
C ASP C 323 6.14 17.02 -10.10
N PRO C 324 5.61 17.36 -11.27
CA PRO C 324 6.04 18.59 -11.94
C PRO C 324 5.83 19.87 -11.15
N THR C 325 4.82 19.94 -10.26
CA THR C 325 4.59 21.14 -9.47
C THR C 325 5.75 21.30 -8.48
N GLU C 326 6.13 20.21 -7.82
CA GLU C 326 7.22 20.21 -6.86
CA GLU C 326 7.23 20.19 -6.87
C GLU C 326 8.56 20.54 -7.56
N VAL C 327 8.81 19.97 -8.77
CA VAL C 327 10.02 20.24 -9.56
C VAL C 327 10.03 21.70 -10.05
N THR C 328 8.87 22.24 -10.50
CA THR C 328 8.81 23.63 -10.97
C THR C 328 9.06 24.58 -9.82
N ALA C 329 8.55 24.26 -8.62
CA ALA C 329 8.69 25.12 -7.46
C ALA C 329 10.15 25.34 -7.09
N ILE C 330 10.95 24.28 -7.10
CA ILE C 330 12.37 24.39 -6.75
C ILE C 330 13.15 25.15 -7.84
N GLY C 331 12.82 24.93 -9.09
CA GLY C 331 13.46 25.65 -10.18
C GLY C 331 13.10 27.14 -10.10
N ALA C 332 11.83 27.47 -9.76
CA ALA C 332 11.35 28.85 -9.62
C ALA C 332 12.02 29.58 -8.46
N VAL C 333 12.16 28.94 -7.32
CA VAL C 333 12.80 29.55 -6.15
C VAL C 333 14.30 29.75 -6.42
N GLU C 334 14.95 28.78 -7.09
CA GLU C 334 16.34 28.87 -7.48
CA GLU C 334 16.34 28.87 -7.48
C GLU C 334 16.54 30.04 -8.42
N ALA C 335 15.63 30.20 -9.40
CA ALA C 335 15.66 31.26 -10.39
C ALA C 335 15.46 32.62 -9.72
N ALA C 336 14.51 32.72 -8.76
CA ALA C 336 14.24 33.95 -8.06
C ALA C 336 15.44 34.43 -7.24
N PHE C 337 16.15 33.49 -6.62
CA PHE C 337 17.34 33.82 -5.85
C PHE C 337 18.44 34.35 -6.77
N LYS C 338 18.63 33.74 -7.95
CA LYS C 338 19.65 34.10 -8.91
C LYS C 338 19.58 35.53 -9.40
N CYS C 339 18.36 36.08 -9.57
CA CYS C 339 18.22 37.44 -10.09
C CYS C 339 17.66 38.44 -9.11
N CYS C 340 17.44 38.04 -7.82
CA CYS C 340 16.83 38.87 -6.81
C CYS C 340 15.43 39.31 -7.29
N ALA C 341 14.65 38.37 -7.87
CA ALA C 341 13.31 38.63 -8.37
C ALA C 341 12.44 39.37 -7.34
N ALA C 342 11.76 40.39 -7.79
CA ALA C 342 10.91 41.20 -6.93
C ALA C 342 9.75 40.36 -6.38
N ALA C 343 9.25 39.43 -7.19
CA ALA C 343 8.16 38.56 -6.81
C ALA C 343 8.16 37.29 -7.69
N ILE C 344 7.43 36.24 -7.25
CA ILE C 344 7.13 35.03 -7.99
C ILE C 344 5.61 35.09 -8.11
N ILE C 345 5.07 35.23 -9.33
CA ILE C 345 3.63 35.26 -9.53
C ILE C 345 3.20 33.85 -9.90
N VAL C 346 2.34 33.24 -9.09
CA VAL C 346 1.86 31.89 -9.35
C VAL C 346 0.34 31.84 -9.51
N LEU C 347 -0.14 31.15 -10.52
CA LEU C 347 -1.55 30.94 -10.76
C LEU C 347 -1.85 29.62 -10.03
N THR C 348 -2.80 29.66 -9.13
CA THR C 348 -3.18 28.52 -8.29
C THR C 348 -4.67 28.60 -8.00
N THR C 349 -5.33 27.46 -7.95
CA THR C 349 -6.77 27.39 -7.70
C THR C 349 -7.03 26.82 -6.33
N THR C 350 -6.22 25.85 -5.91
CA THR C 350 -6.31 25.29 -4.57
C THR C 350 -5.32 25.93 -3.59
N GLY C 351 -4.29 26.61 -4.07
CA GLY C 351 -3.26 27.17 -3.21
C GLY C 351 -2.01 26.31 -3.17
N ARG C 352 -2.10 25.05 -3.65
CA ARG C 352 -1.02 24.08 -3.61
C ARG C 352 0.27 24.57 -4.28
N SER C 353 0.15 25.12 -5.49
CA SER C 353 1.32 25.65 -6.18
C SER C 353 2.05 26.73 -5.37
N ALA C 354 1.30 27.59 -4.68
CA ALA C 354 1.90 28.64 -3.86
C ALA C 354 2.52 28.05 -2.61
N GLN C 355 1.92 27.00 -2.05
CA GLN C 355 2.45 26.32 -0.88
C GLN C 355 3.78 25.66 -1.19
N LEU C 356 3.89 25.00 -2.37
CA LEU C 356 5.13 24.36 -2.77
C LEU C 356 6.25 25.35 -3.04
N LEU C 357 5.92 26.58 -3.43
CA LEU C 357 6.94 27.61 -3.62
C LEU C 357 7.44 28.06 -2.22
N SER C 358 6.49 28.31 -1.33
CA SER C 358 6.66 28.74 0.04
C SER C 358 7.57 27.77 0.88
N ARG C 359 7.47 26.44 0.65
CA ARG C 359 8.25 25.48 1.42
C ARG C 359 9.76 25.68 1.27
N TYR C 360 10.20 26.27 0.14
CA TYR C 360 11.63 26.56 -0.09
C TYR C 360 12.08 27.89 0.46
N ARG C 361 11.20 28.59 1.16
CA ARG C 361 11.47 29.83 1.81
C ARG C 361 12.15 30.89 0.91
N PRO C 362 11.55 31.24 -0.22
CA PRO C 362 12.14 32.30 -1.05
C PRO C 362 12.15 33.65 -0.35
N ARG C 363 13.12 34.48 -0.71
CA ARG C 363 13.15 35.85 -0.23
C ARG C 363 12.12 36.69 -1.05
N ALA C 364 11.71 36.22 -2.23
CA ALA C 364 10.76 36.94 -3.07
C ALA C 364 9.36 36.73 -2.61
N ALA C 365 8.51 37.75 -2.76
CA ALA C 365 7.09 37.59 -2.43
C ALA C 365 6.43 36.59 -3.39
N VAL C 366 5.57 35.71 -2.88
CA VAL C 366 4.87 34.77 -3.74
C VAL C 366 3.49 35.40 -3.93
N ILE C 367 3.24 36.03 -5.08
CA ILE C 367 1.95 36.63 -5.37
C ILE C 367 1.07 35.53 -6.00
N ALA C 368 0.08 35.05 -5.26
CA ALA C 368 -0.77 33.97 -5.75
C ALA C 368 -2.05 34.50 -6.31
N VAL C 369 -2.25 34.32 -7.62
CA VAL C 369 -3.46 34.78 -8.30
C VAL C 369 -4.44 33.63 -8.40
N THR C 370 -5.61 33.80 -7.76
CA THR C 370 -6.61 32.75 -7.72
C THR C 370 -8.01 33.21 -8.03
N ARG C 371 -8.81 32.32 -8.61
CA ARG C 371 -10.23 32.58 -8.79
C ARG C 371 -11.03 32.10 -7.52
N SER C 372 -10.35 31.37 -6.60
CA SER C 372 -11.00 30.85 -5.41
C SER C 372 -10.87 31.76 -4.19
N ALA C 373 -12.00 32.25 -3.69
CA ALA C 373 -11.99 33.12 -2.52
C ALA C 373 -11.49 32.34 -1.29
N GLN C 374 -11.88 31.07 -1.16
CA GLN C 374 -11.45 30.24 -0.04
C GLN C 374 -9.94 30.05 -0.06
N ALA C 375 -9.37 29.66 -1.25
CA ALA C 375 -7.93 29.46 -1.42
C ALA C 375 -7.20 30.74 -1.10
N ALA C 376 -7.71 31.91 -1.57
CA ALA C 376 -7.11 33.21 -1.28
C ALA C 376 -7.03 33.46 0.20
N ARG C 377 -8.08 33.10 0.96
CA ARG C 377 -8.07 33.24 2.41
C ARG C 377 -7.09 32.22 3.09
N GLN C 378 -7.13 30.93 2.66
CA GLN C 378 -6.31 29.89 3.25
C GLN C 378 -4.80 30.00 2.99
N VAL C 379 -4.38 30.62 1.88
CA VAL C 379 -2.95 30.74 1.61
C VAL C 379 -2.24 31.65 2.62
N HIS C 380 -2.99 32.34 3.50
CA HIS C 380 -2.39 33.12 4.57
C HIS C 380 -1.62 32.20 5.56
N LEU C 381 -1.95 30.89 5.60
CA LEU C 381 -1.26 29.93 6.42
C LEU C 381 0.20 29.71 5.97
N CYS C 382 0.51 29.95 4.69
CA CYS C 382 1.86 29.74 4.14
C CYS C 382 2.69 31.00 4.12
N ARG C 383 3.90 30.93 4.69
CA ARG C 383 4.78 32.09 4.75
C ARG C 383 5.18 32.65 3.39
N GLY C 384 4.99 33.96 3.24
CA GLY C 384 5.36 34.71 2.05
C GLY C 384 4.41 34.63 0.89
N VAL C 385 3.19 34.10 1.11
CA VAL C 385 2.20 34.03 0.03
C VAL C 385 1.24 35.18 0.15
N PHE C 386 1.17 36.01 -0.90
CA PHE C 386 0.31 37.19 -0.95
C PHE C 386 -0.82 36.96 -1.88
N PRO C 387 -2.02 36.65 -1.35
CA PRO C 387 -3.15 36.32 -2.26
C PRO C 387 -3.79 37.48 -2.98
N LEU C 388 -4.22 37.23 -4.24
CA LEU C 388 -4.99 38.13 -5.09
C LEU C 388 -6.19 37.35 -5.65
N LEU C 389 -7.39 37.73 -5.25
CA LEU C 389 -8.60 37.11 -5.81
C LEU C 389 -8.92 37.75 -7.18
N TYR C 390 -9.02 36.92 -8.18
CA TYR C 390 -9.29 37.32 -9.54
C TYR C 390 -10.75 37.03 -9.83
N ARG C 391 -11.47 38.01 -10.36
CA ARG C 391 -12.92 37.84 -10.58
C ARG C 391 -13.38 38.10 -11.99
N GLU C 392 -12.46 38.26 -12.93
CA GLU C 392 -12.81 38.53 -14.28
C GLU C 392 -13.50 37.37 -14.92
N PRO C 393 -14.43 37.63 -15.85
CA PRO C 393 -15.03 36.50 -16.57
C PRO C 393 -13.99 35.81 -17.46
N PRO C 394 -14.04 34.48 -17.54
CA PRO C 394 -13.06 33.73 -18.35
C PRO C 394 -13.01 34.09 -19.81
N GLU C 395 -11.80 34.06 -20.40
CA GLU C 395 -11.59 34.29 -21.83
C GLU C 395 -11.85 32.97 -22.57
N ALA C 396 -12.25 33.07 -23.85
CA ALA C 396 -12.52 31.90 -24.69
C ALA C 396 -11.23 31.15 -24.96
N ILE C 397 -10.13 31.88 -25.21
CA ILE C 397 -8.84 31.24 -25.42
C ILE C 397 -8.12 31.14 -24.07
N TRP C 398 -7.87 29.90 -23.59
CA TRP C 398 -7.24 29.68 -22.29
C TRP C 398 -5.93 30.42 -22.11
N ALA C 399 -5.09 30.41 -23.13
CA ALA C 399 -3.80 31.10 -23.11
C ALA C 399 -3.97 32.62 -22.85
N ASP C 400 -5.06 33.20 -23.33
CA ASP C 400 -5.36 34.60 -23.08
C ASP C 400 -5.87 34.83 -21.64
N ASP C 401 -6.53 33.83 -21.03
CA ASP C 401 -6.99 33.90 -19.66
C ASP C 401 -5.78 33.87 -18.73
N VAL C 402 -4.80 32.98 -19.04
CA VAL C 402 -3.57 32.92 -18.28
C VAL C 402 -2.82 34.26 -18.32
N ASP C 403 -2.70 34.87 -19.51
CA ASP C 403 -1.99 36.14 -19.66
C ASP C 403 -2.68 37.28 -18.92
N ARG C 404 -4.01 37.32 -19.00
CA ARG C 404 -4.76 38.29 -18.26
C ARG C 404 -4.55 38.19 -16.72
N ARG C 405 -4.57 36.97 -16.15
CA ARG C 405 -4.29 36.74 -14.73
C ARG C 405 -2.85 37.07 -14.37
N VAL C 406 -1.86 36.65 -15.18
CA VAL C 406 -0.45 37.02 -14.98
C VAL C 406 -0.26 38.57 -14.92
N GLN C 407 -0.88 39.34 -15.89
CA GLN C 407 -0.77 40.81 -15.88
C GLN C 407 -1.50 41.46 -14.70
N PHE C 408 -2.57 40.83 -14.23
CA PHE C 408 -3.28 41.30 -13.03
C PHE C 408 -2.33 41.21 -11.82
N GLY C 409 -1.54 40.12 -11.77
CA GLY C 409 -0.56 39.93 -10.71
C GLY C 409 0.51 41.00 -10.75
N ILE C 410 0.93 41.41 -11.94
CA ILE C 410 1.93 42.46 -12.14
C ILE C 410 1.35 43.84 -11.84
N GLU C 411 0.13 44.14 -12.32
CA GLU C 411 -0.56 45.41 -12.06
C GLU C 411 -0.84 45.63 -10.60
N SER C 412 -1.28 44.57 -9.91
CA SER C 412 -1.52 44.67 -8.47
C SER C 412 -0.21 44.88 -7.74
N GLY C 413 0.82 44.15 -8.15
CA GLY C 413 2.15 44.25 -7.56
C GLY C 413 2.72 45.64 -7.64
N LYS C 414 2.59 46.28 -8.83
CA LYS C 414 3.05 47.63 -9.14
C LYS C 414 2.30 48.63 -8.26
N LEU C 415 0.98 48.45 -8.19
CA LEU C 415 0.08 49.24 -7.37
C LEU C 415 0.40 49.18 -5.86
N ARG C 416 0.84 48.03 -5.35
CA ARG C 416 1.15 47.85 -3.93
C ARG C 416 2.62 48.11 -3.51
N GLY C 417 3.51 48.27 -4.47
CA GLY C 417 4.90 48.59 -4.16
C GLY C 417 5.89 47.46 -4.27
N PHE C 418 5.42 46.25 -4.62
CA PHE C 418 6.30 45.11 -4.80
C PHE C 418 7.09 45.24 -6.12
N LEU C 419 6.44 45.76 -7.18
CA LEU C 419 7.05 45.83 -8.50
C LEU C 419 7.14 47.24 -9.08
N ARG C 420 8.14 47.43 -9.91
CA ARG C 420 8.45 48.63 -10.67
C ARG C 420 8.86 48.18 -12.07
N VAL C 421 8.73 49.06 -13.07
CA VAL C 421 9.16 48.79 -14.43
C VAL C 421 10.68 48.55 -14.42
N GLY C 422 11.11 47.46 -15.02
CA GLY C 422 12.52 47.07 -15.00
C GLY C 422 12.83 45.91 -14.08
N ASP C 423 11.97 45.64 -13.11
CA ASP C 423 12.11 44.51 -12.20
C ASP C 423 11.98 43.17 -12.91
N LEU C 424 12.55 42.12 -12.34
CA LEU C 424 12.38 40.78 -12.87
C LEU C 424 11.42 40.01 -11.98
N VAL C 425 10.46 39.28 -12.58
CA VAL C 425 9.59 38.39 -11.81
C VAL C 425 9.64 36.99 -12.42
N ILE C 426 9.38 35.98 -11.61
CA ILE C 426 9.32 34.60 -12.07
C ILE C 426 7.84 34.26 -12.11
N VAL C 427 7.37 33.71 -13.21
CA VAL C 427 5.96 33.36 -13.34
C VAL C 427 5.77 31.86 -13.37
N VAL C 428 4.96 31.34 -12.46
CA VAL C 428 4.69 29.90 -12.42
C VAL C 428 3.26 29.58 -12.86
N THR C 429 3.13 28.80 -13.92
CA THR C 429 1.85 28.42 -14.50
C THR C 429 1.89 26.91 -14.87
N GLY C 430 0.82 26.40 -15.45
CA GLY C 430 0.73 25.03 -15.92
C GLY C 430 0.49 25.00 -17.41
N TRP C 431 0.42 23.79 -17.99
CA TRP C 431 0.26 23.63 -19.44
C TRP C 431 -1.18 23.48 -19.94
N ARG C 432 -2.09 23.30 -19.01
CA ARG C 432 -3.47 23.08 -19.32
C ARG C 432 -4.30 23.51 -18.10
N PRO C 433 -5.58 23.86 -18.33
CA PRO C 433 -6.44 24.31 -17.22
C PRO C 433 -6.68 23.25 -16.17
N GLY C 434 -7.09 23.70 -15.01
CA GLY C 434 -7.41 22.82 -13.92
C GLY C 434 -6.24 22.68 -12.98
N SER C 435 -6.54 22.39 -11.74
CA SER C 435 -5.57 22.19 -10.70
C SER C 435 -4.69 20.95 -10.96
N GLY C 436 -3.44 21.01 -10.50
CA GLY C 436 -2.52 19.90 -10.59
C GLY C 436 -1.58 19.79 -11.76
N TYR C 437 -1.56 20.76 -12.66
CA TYR C 437 -0.71 20.71 -13.86
C TYR C 437 0.39 21.76 -13.94
N THR C 438 0.77 22.41 -12.83
CA THR C 438 1.83 23.42 -12.85
C THR C 438 3.12 22.78 -13.31
N ASN C 439 3.76 23.32 -14.35
CA ASN C 439 5.00 22.77 -14.88
C ASN C 439 5.84 23.81 -15.62
N ILE C 440 5.47 25.10 -15.57
CA ILE C 440 6.18 26.13 -16.31
C ILE C 440 6.67 27.23 -15.40
N MET C 441 7.91 27.63 -15.62
CA MET C 441 8.49 28.75 -14.91
C MET C 441 9.03 29.68 -15.98
N ARG C 442 8.62 30.95 -16.02
CA ARG C 442 9.07 31.94 -17.01
C ARG C 442 9.78 33.06 -16.27
N VAL C 443 10.80 33.63 -16.91
CA VAL C 443 11.48 34.80 -16.36
C VAL C 443 10.94 36.00 -17.14
N LEU C 444 10.24 36.89 -16.46
CA LEU C 444 9.65 38.05 -17.12
C LEU C 444 10.19 39.36 -16.63
N SER C 445 10.46 40.29 -17.53
CA SER C 445 10.92 41.62 -17.17
CA SER C 445 10.92 41.63 -17.21
C SER C 445 9.71 42.55 -17.17
N ILE C 446 9.48 43.28 -16.07
CA ILE C 446 8.33 44.17 -15.91
C ILE C 446 8.39 45.39 -16.85
N SER C 447 7.35 45.56 -17.66
CA SER C 447 7.23 46.69 -18.57
C SER C 447 6.01 47.59 -18.18
N GLY D 23 13.00 2.13 -9.59
CA GLY D 23 13.55 0.81 -9.32
C GLY D 23 14.88 0.82 -8.60
N THR D 24 15.19 -0.27 -7.89
CA THR D 24 16.44 -0.41 -7.13
C THR D 24 17.66 -0.47 -8.07
N ALA D 25 17.50 -1.17 -9.20
CA ALA D 25 18.55 -1.31 -10.20
C ALA D 25 18.95 0.04 -10.77
N PHE D 26 17.99 0.98 -10.92
CA PHE D 26 18.29 2.32 -11.43
C PHE D 26 19.28 3.04 -10.53
N PHE D 27 19.06 2.95 -9.21
CA PHE D 27 19.92 3.63 -8.24
C PHE D 27 21.27 2.93 -7.98
N GLN D 28 21.49 1.73 -8.56
CA GLN D 28 22.78 1.04 -8.44
C GLN D 28 23.73 1.40 -9.62
N GLN D 29 23.16 1.79 -10.78
CA GLN D 29 23.90 2.18 -11.97
C GLN D 29 24.47 3.61 -11.84
N GLN D 30 25.34 4.00 -12.80
CA GLN D 30 26.00 5.29 -12.99
C GLN D 30 26.50 5.95 -11.69
N GLN D 31 27.08 5.13 -10.80
CA GLN D 31 27.67 5.53 -9.51
C GLN D 31 26.73 6.39 -8.66
N LEU D 32 25.43 6.10 -8.70
CA LEU D 32 24.46 6.87 -7.93
C LEU D 32 24.68 6.74 -6.40
N PRO D 33 25.04 5.57 -5.83
CA PRO D 33 25.37 5.55 -4.39
C PRO D 33 26.51 6.51 -4.03
N ALA D 34 27.58 6.53 -4.85
CA ALA D 34 28.73 7.41 -4.64
C ALA D 34 28.35 8.90 -4.85
N ALA D 35 27.37 9.18 -5.71
CA ALA D 35 26.91 10.54 -6.01
C ALA D 35 26.06 11.15 -4.88
N MET D 36 25.37 10.28 -4.11
CA MET D 36 24.53 10.66 -2.97
C MET D 36 25.32 10.80 -1.65
N ALA D 37 26.61 10.41 -1.62
CA ALA D 37 27.44 10.45 -0.41
C ALA D 37 27.55 11.85 0.21
N ASP D 38 27.61 11.91 1.55
CA ASP D 38 27.67 13.18 2.29
C ASP D 38 29.03 13.82 2.29
N THR D 39 30.08 13.05 2.09
CA THR D 39 31.44 13.58 2.03
C THR D 39 32.15 13.07 0.77
N PHE D 40 33.22 13.74 0.36
CA PHE D 40 34.04 13.31 -0.75
C PHE D 40 34.72 11.97 -0.43
N LEU D 41 35.12 11.75 0.82
CA LEU D 41 35.74 10.51 1.24
C LEU D 41 34.76 9.36 1.10
N GLU D 42 33.52 9.52 1.59
CA GLU D 42 32.44 8.52 1.46
C GLU D 42 32.19 8.23 -0.05
N HIS D 43 32.21 9.30 -0.87
CA HIS D 43 32.01 9.23 -2.31
C HIS D 43 33.05 8.29 -2.94
N LEU D 44 34.33 8.48 -2.62
CA LEU D 44 35.41 7.64 -3.14
C LEU D 44 35.22 6.19 -2.69
N CYS D 45 34.87 5.99 -1.42
CA CYS D 45 34.70 4.66 -0.88
C CYS D 45 33.53 3.91 -1.52
N LEU D 46 32.52 4.63 -2.00
CA LEU D 46 31.35 4.03 -2.64
C LEU D 46 31.47 3.79 -4.13
N LEU D 47 32.62 4.14 -4.76
CA LEU D 47 32.79 3.90 -6.19
C LEU D 47 32.77 2.39 -6.46
N ASP D 48 31.96 1.96 -7.42
CA ASP D 48 31.77 0.54 -7.70
C ASP D 48 32.14 0.23 -9.15
N ILE D 49 33.09 -0.71 -9.37
CA ILE D 49 33.45 -1.10 -10.73
C ILE D 49 32.29 -1.86 -11.42
N ASP D 50 31.33 -2.40 -10.66
CA ASP D 50 30.19 -3.08 -11.23
C ASP D 50 29.03 -2.14 -11.55
N SER D 51 29.09 -0.87 -11.13
CA SER D 51 28.06 0.12 -11.42
C SER D 51 28.31 0.62 -12.83
N GLU D 52 27.50 0.17 -13.79
CA GLU D 52 27.69 0.54 -15.20
C GLU D 52 27.22 1.95 -15.58
N PRO D 53 27.96 2.64 -16.47
CA PRO D 53 27.50 3.96 -16.91
C PRO D 53 26.27 3.84 -17.82
N VAL D 54 25.24 4.66 -17.59
CA VAL D 54 24.03 4.62 -18.41
C VAL D 54 23.96 5.83 -19.32
N ALA D 55 24.33 7.01 -18.80
CA ALA D 55 24.31 8.26 -19.53
C ALA D 55 25.19 8.26 -20.79
N ALA D 56 24.88 9.15 -21.74
CA ALA D 56 25.69 9.30 -22.93
C ALA D 56 26.99 10.01 -22.54
N ARG D 57 28.07 9.72 -23.27
CA ARG D 57 29.37 10.34 -23.02
C ARG D 57 29.28 11.83 -23.32
N SER D 58 29.49 12.66 -22.32
CA SER D 58 29.34 14.09 -22.42
C SER D 58 30.65 14.88 -22.75
N THR D 59 31.84 14.33 -22.45
CA THR D 59 33.09 15.01 -22.78
C THR D 59 33.42 14.75 -24.27
N SER D 60 33.54 15.82 -25.07
CA SER D 60 33.82 15.67 -26.50
CA SER D 60 33.81 15.68 -26.50
C SER D 60 35.20 15.20 -26.78
N ILE D 61 35.35 14.46 -27.87
CA ILE D 61 36.62 13.94 -28.30
C ILE D 61 37.04 14.74 -29.55
N ILE D 62 38.21 15.34 -29.48
CA ILE D 62 38.79 16.05 -30.63
C ILE D 62 39.83 15.13 -31.23
N ALA D 63 39.72 14.79 -32.51
CA ALA D 63 40.71 13.92 -33.15
C ALA D 63 41.46 14.72 -34.19
N THR D 64 42.79 14.62 -34.18
CA THR D 64 43.62 15.30 -35.19
C THR D 64 43.61 14.50 -36.48
N ILE D 65 43.30 15.15 -37.60
CA ILE D 65 43.28 14.51 -38.90
C ILE D 65 44.69 14.49 -39.53
N GLY D 66 45.07 13.36 -40.08
CA GLY D 66 46.34 13.17 -40.73
C GLY D 66 46.30 11.99 -41.67
N PRO D 67 47.47 11.52 -42.12
CA PRO D 67 47.51 10.34 -43.01
C PRO D 67 46.74 9.11 -42.50
N ALA D 68 46.73 8.88 -41.19
CA ALA D 68 46.04 7.73 -40.60
C ALA D 68 44.53 7.87 -40.51
N SER D 69 44.03 9.09 -40.68
CA SER D 69 42.62 9.34 -40.49
C SER D 69 42.04 10.28 -41.55
N ARG D 70 42.52 10.15 -42.80
CA ARG D 70 42.07 11.05 -43.84
C ARG D 70 41.07 10.43 -44.78
N SER D 71 41.08 9.09 -44.94
CA SER D 71 40.14 8.46 -45.86
C SER D 71 38.72 8.63 -45.40
N VAL D 72 37.81 8.84 -46.35
CA VAL D 72 36.38 8.99 -46.06
C VAL D 72 35.82 7.77 -45.29
N GLU D 73 36.26 6.57 -45.62
CA GLU D 73 35.82 5.36 -44.92
C GLU D 73 36.34 5.30 -43.50
N ARG D 74 37.60 5.70 -43.28
CA ARG D 74 38.22 5.73 -41.97
C ARG D 74 37.50 6.80 -41.10
N LEU D 75 37.19 7.98 -41.69
CA LEU D 75 36.49 9.05 -41.00
C LEU D 75 35.07 8.65 -40.58
N LYS D 76 34.38 7.83 -41.37
CA LYS D 76 33.06 7.33 -41.01
C LYS D 76 33.18 6.43 -39.78
N GLU D 77 34.25 5.64 -39.69
CA GLU D 77 34.48 4.79 -38.55
C GLU D 77 34.75 5.62 -37.30
N MET D 78 35.47 6.75 -37.45
CA MET D 78 35.79 7.61 -36.31
CA MET D 78 35.80 7.61 -36.32
C MET D 78 34.57 8.38 -35.81
N ILE D 79 33.64 8.71 -36.71
CA ILE D 79 32.41 9.38 -36.30
C ILE D 79 31.57 8.37 -35.49
N LYS D 80 31.51 7.11 -35.94
CA LYS D 80 30.79 6.05 -35.24
C LYS D 80 31.43 5.73 -33.87
N ALA D 81 32.78 5.83 -33.79
CA ALA D 81 33.55 5.60 -32.55
C ALA D 81 33.35 6.71 -31.53
N GLY D 82 33.00 7.92 -32.00
CA GLY D 82 32.76 9.03 -31.09
C GLY D 82 33.43 10.37 -31.38
N MET D 83 34.10 10.53 -32.52
CA MET D 83 34.79 11.80 -32.83
C MET D 83 33.78 12.92 -32.97
N ASN D 84 34.00 14.03 -32.25
CA ASN D 84 33.08 15.16 -32.33
C ASN D 84 33.69 16.35 -33.04
N ILE D 85 34.99 16.53 -32.94
CA ILE D 85 35.69 17.65 -33.54
C ILE D 85 36.90 17.12 -34.29
N ALA D 86 37.10 17.59 -35.51
CA ALA D 86 38.22 17.17 -36.34
C ALA D 86 39.22 18.34 -36.35
N ARG D 87 40.43 18.10 -35.85
CA ARG D 87 41.46 19.12 -35.78
C ARG D 87 42.41 19.04 -36.98
N LEU D 88 42.59 20.21 -37.66
CA LEU D 88 43.50 20.34 -38.77
C LEU D 88 44.72 21.08 -38.26
N ASN D 89 45.87 20.39 -38.16
CA ASN D 89 47.06 21.01 -37.64
C ASN D 89 47.79 21.78 -38.73
N PHE D 90 47.71 23.13 -38.72
CA PHE D 90 48.36 23.92 -39.75
C PHE D 90 49.89 24.07 -39.56
N SER D 91 50.48 23.32 -38.63
CA SER D 91 51.93 23.26 -38.49
C SER D 91 52.55 22.35 -39.58
N HIS D 92 51.72 21.44 -40.16
CA HIS D 92 52.09 20.47 -41.18
C HIS D 92 51.08 20.54 -42.32
N GLY D 93 51.56 20.40 -43.54
CA GLY D 93 50.67 20.39 -44.70
C GLY D 93 50.37 21.73 -45.34
N SER D 94 50.00 21.69 -46.59
CA SER D 94 49.64 22.86 -47.40
C SER D 94 48.14 23.13 -47.33
N HIS D 95 47.71 24.31 -47.85
CA HIS D 95 46.29 24.66 -47.92
C HIS D 95 45.51 23.64 -48.76
N GLU D 96 46.14 23.12 -49.81
CA GLU D 96 45.55 22.11 -50.69
C GLU D 96 45.30 20.83 -49.89
N TYR D 97 46.26 20.44 -49.04
CA TYR D 97 46.18 19.27 -48.20
C TYR D 97 45.00 19.41 -47.23
N HIS D 98 44.91 20.56 -46.54
CA HIS D 98 43.88 20.83 -45.56
C HIS D 98 42.50 20.96 -46.17
N ALA D 99 42.38 21.54 -47.37
CA ALA D 99 41.10 21.62 -48.07
C ALA D 99 40.60 20.20 -48.43
N GLU D 100 41.50 19.29 -48.83
CA GLU D 100 41.13 17.88 -49.09
C GLU D 100 40.64 17.22 -47.79
N SER D 101 41.28 17.55 -46.64
CA SER D 101 40.92 17.04 -45.30
C SER D 101 39.49 17.47 -45.00
N ILE D 102 39.24 18.76 -45.10
CA ILE D 102 37.93 19.37 -44.86
C ILE D 102 36.86 18.70 -45.71
N ALA D 103 37.15 18.49 -46.98
CA ALA D 103 36.23 17.85 -47.91
C ALA D 103 35.94 16.40 -47.55
N ASN D 104 36.95 15.67 -47.09
CA ASN D 104 36.79 14.26 -46.68
C ASN D 104 35.99 14.15 -45.43
N VAL D 105 36.19 15.10 -44.50
CA VAL D 105 35.44 15.12 -43.26
C VAL D 105 33.97 15.38 -43.58
N ARG D 106 33.69 16.44 -44.34
CA ARG D 106 32.33 16.79 -44.73
C ARG D 106 31.62 15.68 -45.53
N GLU D 107 32.36 14.95 -46.36
CA GLU D 107 31.79 13.84 -47.12
C GLU D 107 31.39 12.71 -46.18
N ALA D 108 32.28 12.36 -45.22
CA ALA D 108 31.98 11.30 -44.25
C ALA D 108 30.84 11.72 -43.32
N VAL D 109 30.78 12.99 -42.91
CA VAL D 109 29.72 13.47 -42.05
C VAL D 109 28.37 13.43 -42.78
N GLU D 110 28.33 13.93 -44.02
CA GLU D 110 27.10 13.95 -44.77
C GLU D 110 26.63 12.59 -45.27
N SER D 111 27.48 11.55 -45.21
CA SER D 111 27.07 10.21 -45.57
C SER D 111 26.01 9.64 -44.59
N PHE D 112 25.79 10.29 -43.44
CA PHE D 112 24.80 9.88 -42.45
C PHE D 112 23.61 10.85 -42.40
N ALA D 113 23.60 11.92 -43.22
CA ALA D 113 22.53 12.91 -43.24
C ALA D 113 21.17 12.36 -43.73
N GLY D 114 21.17 11.16 -44.32
CA GLY D 114 19.94 10.51 -44.78
C GLY D 114 18.99 10.19 -43.64
N SER D 115 19.50 10.00 -42.43
CA SER D 115 18.68 9.74 -41.24
C SER D 115 18.84 10.93 -40.28
N PRO D 116 18.04 12.01 -40.44
CA PRO D 116 18.25 13.19 -39.60
C PRO D 116 18.05 12.98 -38.11
N LEU D 117 17.34 11.93 -37.69
CA LEU D 117 17.15 11.67 -36.27
C LEU D 117 18.40 11.06 -35.63
N SER D 118 19.37 10.53 -36.44
CA SER D 118 20.60 9.93 -35.90
C SER D 118 21.91 10.58 -36.42
N TYR D 119 21.80 11.65 -37.24
CA TYR D 119 22.95 12.38 -37.82
C TYR D 119 23.82 13.07 -36.75
N ARG D 120 25.15 12.93 -36.86
CA ARG D 120 26.04 13.52 -35.90
C ARG D 120 26.87 14.63 -36.53
N PRO D 121 26.65 15.89 -36.13
CA PRO D 121 27.48 16.99 -36.68
C PRO D 121 28.91 16.90 -36.16
N VAL D 122 29.89 17.25 -36.98
CA VAL D 122 31.30 17.20 -36.55
C VAL D 122 31.92 18.54 -36.79
N ALA D 123 32.48 19.19 -35.76
CA ALA D 123 33.08 20.49 -35.95
C ALA D 123 34.44 20.37 -36.62
N ILE D 124 34.86 21.43 -37.31
CA ILE D 124 36.19 21.48 -37.92
C ILE D 124 36.95 22.61 -37.26
N ALA D 125 38.06 22.28 -36.63
CA ALA D 125 38.89 23.26 -35.96
C ALA D 125 40.24 23.42 -36.66
N LEU D 126 40.67 24.67 -36.82
CA LEU D 126 41.96 24.99 -37.42
C LEU D 126 42.97 25.29 -36.29
N ASP D 127 44.04 24.50 -36.18
CA ASP D 127 45.06 24.74 -35.16
C ASP D 127 46.15 25.52 -35.85
N THR D 128 46.41 26.76 -35.43
CA THR D 128 47.42 27.58 -36.11
C THR D 128 48.84 27.13 -35.83
N LYS D 129 49.78 27.49 -36.72
CA LYS D 129 51.20 27.15 -36.59
C LYS D 129 51.85 27.94 -35.43
N GLY D 130 51.44 29.18 -35.23
CA GLY D 130 51.94 29.99 -34.13
C GLY D 130 52.91 31.08 -34.54
N PRO D 131 53.34 31.87 -33.55
CA PRO D 131 54.26 32.99 -33.86
C PRO D 131 55.73 32.63 -34.00
N GLY D 132 56.16 31.53 -33.37
CA GLY D 132 57.56 31.13 -33.36
C GLY D 132 58.44 32.18 -32.69
N SER D 133 59.45 32.66 -33.43
CA SER D 133 60.36 33.71 -32.94
C SER D 133 59.72 35.11 -32.88
N GLY D 134 58.64 35.31 -33.63
CA GLY D 134 57.94 36.60 -33.67
C GLY D 134 57.25 37.02 -32.39
N PRO D 135 56.90 38.32 -32.32
CA PRO D 135 56.23 38.85 -31.12
C PRO D 135 54.70 38.62 -31.08
N GLY D 136 54.08 38.62 -32.26
CA GLY D 136 52.64 38.46 -32.40
C GLY D 136 52.24 37.60 -33.58
N LEU D 137 51.12 37.96 -34.24
CA LEU D 137 50.58 37.18 -35.34
C LEU D 137 51.47 37.12 -36.56
N SER D 138 51.89 35.90 -36.93
CA SER D 138 52.75 35.72 -38.09
C SER D 138 51.98 35.90 -39.42
N GLU D 139 52.72 36.11 -40.53
CA GLU D 139 52.11 36.30 -41.84
C GLU D 139 51.47 35.02 -42.36
N GLN D 140 52.08 33.86 -42.04
CA GLN D 140 51.50 32.56 -42.41
C GLN D 140 50.21 32.37 -41.66
N ASP D 141 50.14 32.77 -40.37
CA ASP D 141 48.94 32.66 -39.56
C ASP D 141 47.81 33.47 -40.15
N VAL D 142 48.10 34.67 -40.70
CA VAL D 142 47.07 35.50 -41.34
C VAL D 142 46.50 34.80 -42.58
N ARG D 143 47.37 34.19 -43.36
CA ARG D 143 46.96 33.46 -44.55
C ARG D 143 46.13 32.22 -44.21
N ASP D 144 46.55 31.49 -43.15
CA ASP D 144 45.85 30.29 -42.66
C ASP D 144 44.49 30.63 -42.07
N LEU D 145 44.40 31.76 -41.35
CA LEU D 145 43.14 32.20 -40.77
C LEU D 145 42.16 32.59 -41.86
N ARG D 146 42.65 33.29 -42.92
CA ARG D 146 41.74 33.65 -44.00
CA ARG D 146 41.78 33.64 -44.03
C ARG D 146 41.28 32.41 -44.76
N PHE D 147 42.14 31.36 -44.85
CA PHE D 147 41.78 30.08 -45.46
C PHE D 147 40.60 29.45 -44.65
N GLY D 148 40.69 29.53 -43.34
CA GLY D 148 39.67 28.99 -42.45
C GLY D 148 38.33 29.64 -42.65
N VAL D 149 38.34 30.98 -42.76
CA VAL D 149 37.11 31.72 -43.00
C VAL D 149 36.48 31.33 -44.36
N GLU D 150 37.33 31.26 -45.42
CA GLU D 150 36.92 30.88 -46.76
C GLU D 150 36.37 29.47 -46.83
N HIS D 151 36.93 28.55 -46.03
CA HIS D 151 36.48 27.16 -46.02
C HIS D 151 35.44 26.84 -44.95
N GLY D 152 35.01 27.83 -44.20
CA GLY D 152 33.96 27.66 -43.20
C GLY D 152 34.29 26.84 -41.99
N VAL D 153 35.48 27.06 -41.40
CA VAL D 153 35.84 26.34 -40.17
C VAL D 153 35.02 26.91 -39.01
N ASP D 154 34.84 26.09 -37.96
CA ASP D 154 34.03 26.50 -36.82
C ASP D 154 34.86 27.07 -35.67
N ILE D 155 36.00 26.46 -35.40
CA ILE D 155 36.85 26.82 -34.28
C ILE D 155 38.28 27.09 -34.75
N VAL D 156 38.99 27.94 -34.00
CA VAL D 156 40.39 28.20 -34.21
C VAL D 156 41.10 27.86 -32.89
N PHE D 157 42.11 27.02 -32.93
CA PHE D 157 42.92 26.76 -31.75
C PHE D 157 44.13 27.66 -31.99
N ALA D 158 44.16 28.84 -31.35
CA ALA D 158 45.26 29.77 -31.56
C ALA D 158 46.48 29.38 -30.73
N SER D 159 47.56 29.01 -31.42
CA SER D 159 48.81 28.59 -30.77
C SER D 159 49.56 29.71 -30.09
N PHE D 160 50.28 29.35 -29.01
CA PHE D 160 51.12 30.20 -28.17
C PHE D 160 50.52 31.58 -27.84
N VAL D 161 49.31 31.60 -27.28
CA VAL D 161 48.69 32.87 -26.89
C VAL D 161 49.36 33.30 -25.61
N ARG D 162 49.91 34.52 -25.60
CA ARG D 162 50.64 35.03 -24.43
C ARG D 162 49.98 36.21 -23.72
N LYS D 163 49.05 36.90 -24.39
CA LYS D 163 48.35 38.06 -23.85
C LYS D 163 47.01 38.27 -24.56
N ALA D 164 46.14 39.13 -24.04
CA ALA D 164 44.85 39.40 -24.66
C ALA D 164 44.95 39.99 -26.08
N SER D 165 45.99 40.79 -26.35
CA SER D 165 46.20 41.39 -27.67
C SER D 165 46.46 40.33 -28.76
N ASP D 166 46.99 39.14 -28.37
CA ASP D 166 47.19 38.02 -29.32
C ASP D 166 45.84 37.52 -29.81
N VAL D 167 44.86 37.42 -28.92
CA VAL D 167 43.52 36.98 -29.24
C VAL D 167 42.85 37.98 -30.17
N ALA D 168 43.02 39.28 -29.88
CA ALA D 168 42.46 40.36 -30.69
C ALA D 168 43.02 40.31 -32.11
N ALA D 169 44.33 40.01 -32.24
CA ALA D 169 44.97 39.89 -33.53
C ALA D 169 44.36 38.73 -34.34
N VAL D 170 44.08 37.58 -33.70
CA VAL D 170 43.45 36.46 -34.37
C VAL D 170 42.04 36.83 -34.80
N ARG D 171 41.31 37.52 -33.94
CA ARG D 171 39.94 37.94 -34.22
C ARG D 171 39.92 38.91 -35.40
N ALA D 172 40.88 39.84 -35.47
CA ALA D 172 40.99 40.82 -36.55
C ALA D 172 41.29 40.12 -37.84
N ALA D 173 42.24 39.14 -37.81
CA ALA D 173 42.60 38.37 -39.01
C ALA D 173 41.44 37.52 -39.54
N LEU D 174 40.48 37.17 -38.68
CA LEU D 174 39.30 36.44 -39.12
C LEU D 174 38.35 37.33 -39.93
N GLY D 175 38.46 38.65 -39.77
CA GLY D 175 37.67 39.63 -40.50
C GLY D 175 36.21 39.67 -40.12
N PRO D 176 35.43 40.42 -40.93
CA PRO D 176 34.00 40.53 -40.65
C PRO D 176 33.22 39.25 -40.92
N GLU D 177 33.70 38.42 -41.85
CA GLU D 177 33.01 37.16 -42.16
C GLU D 177 33.27 36.04 -41.15
N GLY D 178 34.32 36.17 -40.34
CA GLY D 178 34.65 35.16 -39.35
C GLY D 178 34.20 35.53 -37.96
N HIS D 179 33.10 36.31 -37.85
CA HIS D 179 32.60 36.75 -36.54
CA HIS D 179 32.60 36.74 -36.54
C HIS D 179 32.10 35.57 -35.69
N GLY D 180 31.49 34.59 -36.34
CA GLY D 180 30.95 33.44 -35.66
C GLY D 180 31.93 32.34 -35.28
N ILE D 181 33.18 32.39 -35.78
CA ILE D 181 34.19 31.40 -35.44
C ILE D 181 34.63 31.54 -33.97
N LYS D 182 34.71 30.42 -33.24
CA LYS D 182 35.13 30.42 -31.84
C LYS D 182 36.65 30.38 -31.73
N ILE D 183 37.22 31.24 -30.89
CA ILE D 183 38.66 31.26 -30.67
C ILE D 183 39.01 30.61 -29.34
N ILE D 184 39.67 29.46 -29.40
CA ILE D 184 40.13 28.74 -28.24
C ILE D 184 41.64 29.03 -28.14
N SER D 185 42.04 29.77 -27.11
CA SER D 185 43.44 30.12 -26.94
C SER D 185 44.23 29.00 -26.33
N LYS D 186 45.37 28.64 -26.97
CA LYS D 186 46.25 27.62 -26.44
C LYS D 186 47.24 28.24 -25.50
N ILE D 187 47.29 27.73 -24.25
CA ILE D 187 48.25 28.19 -23.26
C ILE D 187 49.38 27.19 -23.29
N GLU D 188 50.55 27.63 -23.77
CA GLU D 188 51.69 26.72 -23.92
C GLU D 188 53.00 27.17 -23.26
N ASN D 189 52.97 28.28 -22.49
CA ASN D 189 54.18 28.78 -21.83
C ASN D 189 53.89 29.51 -20.51
N HIS D 190 54.95 29.91 -19.79
CA HIS D 190 54.79 30.61 -18.52
C HIS D 190 54.02 31.92 -18.66
N GLU D 191 54.29 32.72 -19.70
CA GLU D 191 53.57 33.99 -19.88
C GLU D 191 52.06 33.80 -20.03
N GLY D 192 51.65 32.83 -20.83
CA GLY D 192 50.26 32.48 -21.02
C GLY D 192 49.61 32.04 -19.72
N VAL D 193 50.32 31.26 -18.88
CA VAL D 193 49.79 30.85 -17.58
C VAL D 193 49.65 32.05 -16.65
N LYS D 194 50.66 32.93 -16.62
CA LYS D 194 50.62 34.12 -15.77
C LYS D 194 49.56 35.14 -16.19
N ARG D 195 49.38 35.33 -17.49
CA ARG D 195 48.36 36.26 -18.00
C ARG D 195 47.03 35.56 -18.33
N PHE D 196 46.80 34.36 -17.75
CA PHE D 196 45.62 33.53 -17.99
C PHE D 196 44.30 34.28 -17.92
N ASP D 197 44.10 35.08 -16.87
CA ASP D 197 42.85 35.78 -16.67
C ASP D 197 42.51 36.75 -17.79
N GLU D 198 43.51 37.49 -18.31
CA GLU D 198 43.22 38.45 -19.37
C GLU D 198 42.95 37.72 -20.69
N ILE D 199 43.59 36.55 -20.90
CA ILE D 199 43.39 35.77 -22.10
C ILE D 199 42.00 35.15 -22.10
N LEU D 200 41.60 34.55 -20.97
CA LEU D 200 40.28 33.91 -20.83
C LEU D 200 39.14 34.91 -21.01
N GLU D 201 39.32 36.13 -20.52
CA GLU D 201 38.31 37.18 -20.62
C GLU D 201 37.92 37.47 -22.06
N VAL D 202 38.92 37.47 -22.96
CA VAL D 202 38.67 37.76 -24.38
C VAL D 202 38.56 36.53 -25.29
N SER D 203 38.81 35.32 -24.76
CA SER D 203 38.72 34.10 -25.57
C SER D 203 37.38 33.43 -25.41
N ASP D 204 36.99 32.59 -26.36
CA ASP D 204 35.77 31.79 -26.23
C ASP D 204 36.01 30.56 -25.30
N GLY D 205 37.27 30.13 -25.19
CA GLY D 205 37.71 29.03 -24.37
C GLY D 205 39.21 28.88 -24.38
N ILE D 206 39.71 27.82 -23.72
CA ILE D 206 41.13 27.56 -23.57
C ILE D 206 41.51 26.11 -23.92
N MET D 207 42.73 25.90 -24.42
CA MET D 207 43.28 24.59 -24.60
C MET D 207 44.53 24.51 -23.73
N VAL D 208 44.63 23.47 -22.91
CA VAL D 208 45.80 23.22 -22.09
C VAL D 208 46.73 22.39 -22.97
N ALA D 209 47.60 23.09 -23.72
CA ALA D 209 48.57 22.52 -24.67
C ALA D 209 49.78 21.98 -23.91
N ARG D 210 49.64 20.78 -23.30
CA ARG D 210 50.62 20.16 -22.42
C ARG D 210 51.98 19.81 -23.04
N GLY D 211 52.04 19.55 -24.34
CA GLY D 211 53.30 19.28 -25.03
C GLY D 211 54.30 20.42 -24.88
N ASP D 212 53.96 21.61 -25.40
CA ASP D 212 54.84 22.76 -25.28
C ASP D 212 54.95 23.23 -23.85
N LEU D 213 53.84 23.21 -23.11
CA LEU D 213 53.82 23.63 -21.72
C LEU D 213 54.82 22.82 -20.87
N GLY D 214 54.92 21.53 -21.14
CA GLY D 214 55.85 20.62 -20.46
C GLY D 214 57.32 20.86 -20.75
N ILE D 215 57.62 21.64 -21.79
CA ILE D 215 58.98 22.04 -22.16
C ILE D 215 59.25 23.48 -21.65
N GLU D 216 58.22 24.35 -21.63
CA GLU D 216 58.34 25.74 -21.19
C GLU D 216 58.40 25.89 -19.67
N ILE D 217 57.72 25.01 -18.94
CA ILE D 217 57.70 24.99 -17.48
C ILE D 217 58.18 23.59 -17.03
N PRO D 218 58.62 23.41 -15.77
CA PRO D 218 59.04 22.06 -15.33
C PRO D 218 57.92 21.03 -15.54
N ALA D 219 58.26 19.85 -16.07
CA ALA D 219 57.28 18.80 -16.36
C ALA D 219 56.39 18.46 -15.15
N GLU D 220 56.97 18.50 -13.94
CA GLU D 220 56.24 18.18 -12.72
C GLU D 220 55.27 19.29 -12.25
N LYS D 221 55.26 20.44 -12.93
CA LYS D 221 54.37 21.54 -12.61
C LYS D 221 53.16 21.64 -13.57
N VAL D 222 53.18 20.89 -14.71
CA VAL D 222 52.12 20.92 -15.70
C VAL D 222 50.75 20.55 -15.11
N PHE D 223 50.69 19.54 -14.24
CA PHE D 223 49.42 19.13 -13.62
C PHE D 223 48.76 20.28 -12.81
N LEU D 224 49.58 21.15 -12.18
CA LEU D 224 49.09 22.29 -11.44
C LEU D 224 48.46 23.29 -12.40
N ALA D 225 49.11 23.54 -13.57
CA ALA D 225 48.62 24.47 -14.56
C ALA D 225 47.33 23.94 -15.18
N GLN D 226 47.27 22.63 -15.47
CA GLN D 226 46.08 22.02 -16.05
C GLN D 226 44.90 22.16 -15.06
N LYS D 227 45.09 21.76 -13.79
CA LYS D 227 44.04 21.86 -12.78
C LYS D 227 43.58 23.31 -12.54
N MET D 228 44.52 24.28 -12.57
CA MET D 228 44.16 25.67 -12.36
C MET D 228 43.32 26.22 -13.52
N MET D 229 43.76 25.96 -14.76
CA MET D 229 43.08 26.47 -15.93
C MET D 229 41.72 25.84 -16.11
N ILE D 230 41.58 24.53 -15.80
CA ILE D 230 40.28 23.87 -15.91
C ILE D 230 39.32 24.47 -14.89
N GLY D 231 39.80 24.67 -13.66
CA GLY D 231 38.97 25.25 -12.60
C GLY D 231 38.49 26.64 -12.94
N ARG D 232 39.40 27.49 -13.47
CA ARG D 232 39.03 28.85 -13.86
C ARG D 232 38.07 28.88 -15.02
N CYS D 233 38.24 27.96 -15.98
CA CYS D 233 37.33 27.87 -17.12
C CYS D 233 35.96 27.43 -16.67
N ASN D 234 35.89 26.48 -15.74
CA ASN D 234 34.63 26.01 -15.18
C ASN D 234 33.91 27.16 -14.44
N LEU D 235 34.69 27.94 -13.70
CA LEU D 235 34.18 29.09 -12.97
C LEU D 235 33.60 30.13 -13.97
N ALA D 236 34.34 30.40 -15.06
CA ALA D 236 33.94 31.34 -16.11
C ALA D 236 32.80 30.85 -17.02
N GLY D 237 32.55 29.54 -17.03
CA GLY D 237 31.57 28.89 -17.90
C GLY D 237 32.05 28.79 -19.34
N LYS D 238 33.38 28.74 -19.54
CA LYS D 238 33.95 28.68 -20.87
C LYS D 238 34.60 27.33 -21.16
N PRO D 239 34.47 26.77 -22.38
CA PRO D 239 35.07 25.46 -22.65
C PRO D 239 36.58 25.41 -22.46
N VAL D 240 37.05 24.25 -21.95
CA VAL D 240 38.45 23.99 -21.72
C VAL D 240 38.79 22.61 -22.28
N VAL D 241 39.88 22.54 -23.05
CA VAL D 241 40.31 21.31 -23.68
C VAL D 241 41.59 20.81 -23.02
N CYS D 242 41.65 19.52 -22.64
CA CYS D 242 42.90 18.94 -22.17
C CYS D 242 43.53 18.27 -23.38
N ALA D 243 44.78 18.59 -23.68
CA ALA D 243 45.43 18.08 -24.87
C ALA D 243 46.84 17.53 -24.64
N THR D 244 47.30 16.67 -25.59
CA THR D 244 48.63 16.11 -25.82
C THR D 244 49.04 14.93 -24.91
N GLN D 245 49.44 13.83 -25.58
CA GLN D 245 49.97 12.60 -25.03
C GLN D 245 49.02 11.85 -24.12
N MET D 246 47.72 12.07 -24.27
CA MET D 246 46.73 11.40 -23.41
C MET D 246 46.76 9.88 -23.54
N LEU D 247 46.88 9.34 -24.77
CA LEU D 247 46.99 7.90 -25.04
C LEU D 247 48.17 7.66 -25.99
N GLU D 248 49.30 8.34 -25.75
CA GLU D 248 50.51 8.31 -26.57
C GLU D 248 50.96 6.91 -27.05
N SER D 249 51.03 5.92 -26.16
CA SER D 249 51.43 4.58 -26.51
C SER D 249 50.55 3.93 -27.57
N MET D 250 49.29 4.36 -27.67
CA MET D 250 48.37 3.81 -28.67
C MET D 250 48.71 4.19 -30.11
N ILE D 251 49.76 5.01 -30.33
CA ILE D 251 50.23 5.29 -31.67
C ILE D 251 50.77 3.99 -32.32
N THR D 252 51.44 3.15 -31.52
CA THR D 252 51.99 1.88 -31.99
C THR D 252 51.35 0.65 -31.33
N LYS D 253 50.74 0.77 -30.16
CA LYS D 253 50.17 -0.37 -29.45
C LYS D 253 48.64 -0.34 -29.37
N PRO D 254 47.97 -1.50 -29.42
CA PRO D 254 46.50 -1.51 -29.44
C PRO D 254 45.80 -1.16 -28.11
N ARG D 255 46.54 -1.21 -27.01
CA ARG D 255 46.00 -0.89 -25.70
C ARG D 255 46.90 0.17 -25.04
N PRO D 256 46.30 1.12 -24.28
CA PRO D 256 47.12 2.14 -23.60
C PRO D 256 47.75 1.65 -22.29
N THR D 257 48.61 2.48 -21.68
CA THR D 257 49.23 2.13 -20.41
C THR D 257 48.26 2.48 -19.23
N ARG D 258 48.58 2.02 -18.02
CA ARG D 258 47.80 2.33 -16.84
C ARG D 258 47.83 3.83 -16.55
N ALA D 259 48.96 4.50 -16.86
CA ALA D 259 49.06 5.94 -16.64
C ALA D 259 48.21 6.71 -17.63
N GLU D 260 48.11 6.24 -18.88
CA GLU D 260 47.32 6.88 -19.92
C GLU D 260 45.82 6.84 -19.65
N THR D 261 45.27 5.70 -19.21
CA THR D 261 43.85 5.62 -18.93
C THR D 261 43.52 6.54 -17.73
N SER D 262 44.39 6.51 -16.71
CA SER D 262 44.30 7.32 -15.52
C SER D 262 44.31 8.81 -15.90
N ASP D 263 45.18 9.21 -16.81
CA ASP D 263 45.28 10.58 -17.27
C ASP D 263 43.97 11.07 -17.91
N VAL D 264 43.40 10.26 -18.82
CA VAL D 264 42.14 10.60 -19.47
C VAL D 264 41.03 10.75 -18.44
N ALA D 265 40.96 9.80 -17.52
CA ALA D 265 39.92 9.82 -16.49
C ALA D 265 40.05 11.04 -15.59
N ASN D 266 41.27 11.39 -15.23
CA ASN D 266 41.50 12.52 -14.37
C ASN D 266 41.27 13.84 -15.07
N ALA D 267 41.48 13.94 -16.37
CA ALA D 267 41.17 15.17 -17.12
C ALA D 267 39.66 15.41 -17.08
N VAL D 268 38.86 14.36 -17.28
CA VAL D 268 37.41 14.45 -17.18
C VAL D 268 37.00 14.84 -15.74
N LEU D 269 37.54 14.15 -14.73
CA LEU D 269 37.25 14.45 -13.33
C LEU D 269 37.67 15.86 -12.95
N ASP D 270 38.75 16.36 -13.52
CA ASP D 270 39.21 17.74 -13.29
C ASP D 270 38.17 18.76 -13.78
N GLY D 271 37.41 18.41 -14.83
CA GLY D 271 36.38 19.28 -15.37
C GLY D 271 36.55 19.69 -16.81
N ALA D 272 37.40 18.98 -17.56
CA ALA D 272 37.65 19.31 -18.97
C ALA D 272 36.40 19.07 -19.81
N ASP D 273 36.09 20.01 -20.70
CA ASP D 273 34.95 19.89 -21.58
C ASP D 273 35.27 18.96 -22.74
N CYS D 274 36.55 18.99 -23.21
CA CYS D 274 37.03 18.21 -24.35
C CYS D 274 38.34 17.55 -24.02
N ILE D 275 38.53 16.37 -24.60
CA ILE D 275 39.78 15.63 -24.54
C ILE D 275 40.26 15.47 -25.98
N MET D 276 41.58 15.52 -26.22
CA MET D 276 42.12 15.50 -27.57
C MET D 276 43.02 14.33 -27.84
N LEU D 277 43.14 13.96 -29.13
CA LEU D 277 44.04 12.94 -29.63
C LEU D 277 44.86 13.63 -30.75
N SER D 278 46.20 13.52 -30.69
CA SER D 278 47.04 14.12 -31.71
C SER D 278 47.61 13.01 -32.60
N GLY D 279 48.86 12.57 -32.32
CA GLY D 279 49.50 11.49 -33.06
C GLY D 279 48.70 10.22 -33.08
N GLU D 280 47.95 9.98 -32.00
CA GLU D 280 47.12 8.79 -31.81
C GLU D 280 46.14 8.62 -32.97
N THR D 281 45.63 9.73 -33.54
CA THR D 281 44.69 9.65 -34.69
C THR D 281 45.30 10.15 -35.99
N ALA D 282 46.21 11.11 -35.93
CA ALA D 282 46.81 11.67 -37.13
C ALA D 282 47.77 10.72 -37.84
N LYS D 283 48.63 10.05 -37.09
CA LYS D 283 49.65 9.19 -37.69
C LYS D 283 49.74 7.77 -37.13
N GLY D 284 48.99 7.47 -36.08
CA GLY D 284 49.07 6.18 -35.41
C GLY D 284 48.48 5.01 -36.15
N ASN D 285 48.69 3.83 -35.60
CA ASN D 285 48.16 2.59 -36.16
C ASN D 285 46.77 2.24 -35.67
N PHE D 286 46.26 2.93 -34.63
CA PHE D 286 44.95 2.59 -34.09
C PHE D 286 44.10 3.84 -33.87
N PRO D 287 43.81 4.64 -34.93
CA PRO D 287 43.06 5.88 -34.71
C PRO D 287 41.63 5.65 -34.23
N VAL D 288 40.95 4.64 -34.74
CA VAL D 288 39.59 4.36 -34.32
C VAL D 288 39.57 3.80 -32.90
N GLU D 289 40.55 2.93 -32.58
CA GLU D 289 40.66 2.33 -31.25
C GLU D 289 40.99 3.35 -30.18
N ALA D 290 41.76 4.39 -30.53
CA ALA D 290 42.10 5.49 -29.62
C ALA D 290 40.84 6.29 -29.31
N VAL D 291 39.97 6.53 -30.30
CA VAL D 291 38.72 7.24 -30.10
C VAL D 291 37.81 6.39 -29.21
N LYS D 292 37.69 5.11 -29.51
CA LYS D 292 36.89 4.19 -28.69
C LYS D 292 37.37 4.15 -27.24
N MET D 293 38.69 4.15 -27.01
CA MET D 293 39.27 4.14 -25.65
C MET D 293 38.90 5.40 -24.89
N GLN D 294 39.08 6.60 -25.50
CA GLN D 294 38.72 7.87 -24.88
C GLN D 294 37.24 7.91 -24.57
N HIS D 295 36.40 7.38 -25.47
CA HIS D 295 34.97 7.31 -25.28
C HIS D 295 34.64 6.47 -24.05
N ALA D 296 35.21 5.28 -23.97
CA ALA D 296 34.97 4.38 -22.86
C ALA D 296 35.40 4.92 -21.51
N ILE D 297 36.61 5.54 -21.45
CA ILE D 297 37.10 6.10 -20.20
C ILE D 297 36.24 7.28 -19.75
N ALA D 298 35.96 8.23 -20.68
CA ALA D 298 35.16 9.42 -20.37
C ALA D 298 33.80 9.06 -19.77
N ARG D 299 33.11 8.05 -20.33
CA ARG D 299 31.82 7.60 -19.81
C ARG D 299 31.96 7.12 -18.36
N GLU D 300 33.03 6.36 -18.03
CA GLU D 300 33.24 5.89 -16.67
C GLU D 300 33.48 7.06 -15.75
N ALA D 301 34.35 7.99 -16.17
CA ALA D 301 34.74 9.13 -15.37
C ALA D 301 33.58 10.08 -15.11
N GLU D 302 32.70 10.28 -16.10
CA GLU D 302 31.55 11.18 -15.93
C GLU D 302 30.57 10.66 -14.88
N ALA D 303 30.36 9.35 -14.83
CA ALA D 303 29.49 8.76 -13.81
C ALA D 303 30.09 8.94 -12.43
N ALA D 304 31.42 8.95 -12.31
CA ALA D 304 32.11 9.12 -11.03
C ALA D 304 32.19 10.58 -10.56
N VAL D 305 31.58 11.53 -11.26
CA VAL D 305 31.60 12.92 -10.86
C VAL D 305 30.73 13.11 -9.60
N TYR D 306 31.28 13.79 -8.58
CA TYR D 306 30.60 14.06 -7.31
C TYR D 306 29.71 15.30 -7.45
N HIS D 307 28.58 15.14 -8.12
CA HIS D 307 27.63 16.22 -8.39
C HIS D 307 27.11 16.93 -7.14
N ARG D 308 26.98 16.22 -6.00
CA ARG D 308 26.48 16.82 -4.78
C ARG D 308 27.26 18.07 -4.38
N GLN D 309 28.60 17.97 -4.31
CA GLN D 309 29.39 19.14 -3.96
C GLN D 309 29.59 20.03 -5.18
N LEU D 310 29.79 19.42 -6.36
CA LEU D 310 30.05 20.19 -7.58
C LEU D 310 28.95 21.18 -7.91
N PHE D 311 27.68 20.72 -7.97
CA PHE D 311 26.58 21.64 -8.27
C PHE D 311 26.46 22.75 -7.25
N GLU D 312 26.61 22.41 -5.97
CA GLU D 312 26.57 23.40 -4.89
C GLU D 312 27.63 24.49 -5.07
N GLU D 313 28.87 24.07 -5.42
CA GLU D 313 29.97 24.99 -5.59
C GLU D 313 29.80 25.88 -6.82
N LEU D 314 29.29 25.28 -7.93
CA LEU D 314 29.07 26.02 -9.17
C LEU D 314 27.98 27.05 -8.96
N ARG D 315 26.91 26.65 -8.29
CA ARG D 315 25.80 27.51 -7.96
C ARG D 315 26.27 28.70 -7.10
N ARG D 316 27.02 28.43 -6.02
CA ARG D 316 27.50 29.45 -5.10
C ARG D 316 28.47 30.40 -5.81
N ALA D 317 29.37 29.88 -6.66
CA ALA D 317 30.38 30.68 -7.33
C ALA D 317 29.84 31.56 -8.45
N ALA D 318 28.78 31.11 -9.14
CA ALA D 318 28.21 31.88 -10.22
C ALA D 318 27.56 33.16 -9.66
N PRO D 319 27.88 34.31 -10.28
CA PRO D 319 27.34 35.57 -9.75
C PRO D 319 25.88 35.78 -10.08
N LEU D 320 25.21 36.66 -9.33
CA LEU D 320 23.81 36.97 -9.60
C LEU D 320 23.66 37.57 -10.99
N SER D 321 22.51 37.32 -11.62
CA SER D 321 22.30 37.78 -12.98
C SER D 321 20.93 38.30 -13.24
N ARG D 322 20.83 39.31 -14.07
CA ARG D 322 19.55 39.84 -14.53
C ARG D 322 19.23 39.40 -16.00
N ASP D 323 20.06 38.52 -16.58
CA ASP D 323 19.85 37.98 -17.90
C ASP D 323 18.91 36.81 -17.78
N PRO D 324 17.77 36.85 -18.46
CA PRO D 324 16.81 35.74 -18.37
C PRO D 324 17.32 34.38 -18.82
N THR D 325 18.29 34.33 -19.76
CA THR D 325 18.84 33.05 -20.22
C THR D 325 19.62 32.42 -19.06
N GLU D 326 20.43 33.24 -18.38
CA GLU D 326 21.25 32.85 -17.25
C GLU D 326 20.36 32.34 -16.10
N VAL D 327 19.27 33.10 -15.79
CA VAL D 327 18.29 32.75 -14.75
C VAL D 327 17.52 31.47 -15.10
N THR D 328 17.11 31.30 -16.35
CA THR D 328 16.40 30.10 -16.78
C THR D 328 17.31 28.88 -16.71
N ALA D 329 18.61 29.05 -17.04
CA ALA D 329 19.55 27.93 -17.03
C ALA D 329 19.73 27.32 -15.65
N ILE D 330 19.86 28.17 -14.61
CA ILE D 330 20.04 27.66 -13.27
C ILE D 330 18.77 27.02 -12.73
N GLY D 331 17.60 27.60 -13.05
CA GLY D 331 16.34 27.00 -12.62
C GLY D 331 16.13 25.67 -13.30
N ALA D 332 16.50 25.56 -14.59
CA ALA D 332 16.37 24.32 -15.35
C ALA D 332 17.29 23.22 -14.80
N VAL D 333 18.55 23.54 -14.46
CA VAL D 333 19.49 22.53 -13.94
C VAL D 333 19.03 22.06 -12.55
N GLU D 334 18.57 23.00 -11.73
CA GLU D 334 18.03 22.70 -10.42
CA GLU D 334 18.02 22.70 -10.41
C GLU D 334 16.81 21.77 -10.53
N ALA D 335 15.90 22.06 -11.49
CA ALA D 335 14.72 21.27 -11.76
C ALA D 335 15.10 19.87 -12.25
N ALA D 336 16.11 19.75 -13.15
CA ALA D 336 16.57 18.48 -13.67
C ALA D 336 17.14 17.60 -12.57
N PHE D 337 17.88 18.17 -11.61
CA PHE D 337 18.41 17.40 -10.52
C PHE D 337 17.28 16.89 -9.61
N LYS D 338 16.27 17.71 -9.34
CA LYS D 338 15.13 17.36 -8.50
C LYS D 338 14.35 16.11 -8.93
N CYS D 339 14.23 15.87 -10.24
CA CYS D 339 13.47 14.73 -10.74
C CYS D 339 14.31 13.68 -11.44
N CYS D 340 15.66 13.83 -11.47
CA CYS D 340 16.52 12.93 -12.23
C CYS D 340 16.12 12.90 -13.69
N ALA D 341 15.94 14.12 -14.27
CA ALA D 341 15.54 14.28 -15.66
C ALA D 341 16.54 13.56 -16.58
N ALA D 342 16.05 12.80 -17.56
CA ALA D 342 16.91 12.10 -18.49
C ALA D 342 17.65 13.07 -19.39
N ALA D 343 16.99 14.19 -19.74
CA ALA D 343 17.56 15.20 -20.61
C ALA D 343 16.94 16.58 -20.35
N ILE D 344 17.61 17.61 -20.81
CA ILE D 344 17.14 18.98 -20.85
C ILE D 344 17.16 19.29 -22.35
N ILE D 345 16.01 19.51 -22.97
CA ILE D 345 15.95 19.82 -24.40
C ILE D 345 15.91 21.33 -24.55
N VAL D 346 16.90 21.92 -25.22
CA VAL D 346 16.96 23.37 -25.36
C VAL D 346 16.95 23.79 -26.81
N LEU D 347 16.19 24.82 -27.14
CA LEU D 347 16.16 25.38 -28.49
C LEU D 347 17.19 26.48 -28.50
N THR D 348 18.15 26.39 -29.45
CA THR D 348 19.23 27.38 -29.48
C THR D 348 19.59 27.80 -30.90
N THR D 349 19.94 29.10 -31.10
CA THR D 349 20.31 29.60 -32.43
C THR D 349 21.83 29.69 -32.51
N THR D 350 22.47 30.29 -31.49
CA THR D 350 23.91 30.45 -31.40
C THR D 350 24.59 29.38 -30.54
N GLY D 351 23.83 28.64 -29.74
CA GLY D 351 24.37 27.64 -28.83
C GLY D 351 24.52 28.17 -27.41
N ARG D 352 24.40 29.49 -27.22
CA ARG D 352 24.58 30.12 -25.93
C ARG D 352 23.66 29.55 -24.83
N SER D 353 22.36 29.32 -25.13
CA SER D 353 21.46 28.75 -24.14
C SER D 353 21.91 27.38 -23.67
N ALA D 354 22.49 26.59 -24.55
CA ALA D 354 23.00 25.27 -24.20
C ALA D 354 24.30 25.40 -23.38
N GLN D 355 25.12 26.41 -23.68
CA GLN D 355 26.34 26.64 -22.96
C GLN D 355 26.03 27.05 -21.52
N LEU D 356 25.01 27.90 -21.31
CA LEU D 356 24.64 28.33 -19.97
C LEU D 356 24.06 27.21 -19.15
N LEU D 357 23.45 26.20 -19.77
CA LEU D 357 22.95 25.04 -19.04
C LEU D 357 24.16 24.16 -18.61
N SER D 358 25.08 23.94 -19.55
CA SER D 358 26.31 23.18 -19.44
C SER D 358 27.23 23.67 -18.31
N ARG D 359 27.33 24.98 -18.09
CA ARG D 359 28.19 25.53 -17.04
C ARG D 359 27.86 25.01 -15.65
N TYR D 360 26.58 24.62 -15.40
CA TYR D 360 26.15 24.07 -14.10
C TYR D 360 26.36 22.57 -13.98
N ARG D 361 26.98 21.95 -15.00
CA ARG D 361 27.33 20.54 -15.02
C ARG D 361 26.17 19.61 -14.64
N PRO D 362 25.03 19.70 -15.33
CA PRO D 362 23.94 18.77 -15.03
C PRO D 362 24.31 17.32 -15.33
N ARG D 363 23.70 16.40 -14.60
CA ARG D 363 23.86 14.98 -14.90
C ARG D 363 22.94 14.65 -16.15
N ALA D 364 21.86 15.41 -16.36
CA ALA D 364 20.96 15.27 -17.49
C ALA D 364 21.64 15.73 -18.76
N ALA D 365 21.40 15.00 -19.88
CA ALA D 365 22.00 15.39 -21.16
C ALA D 365 21.36 16.68 -21.63
N VAL D 366 22.13 17.61 -22.21
CA VAL D 366 21.56 18.82 -22.77
C VAL D 366 21.41 18.59 -24.25
N ILE D 367 20.20 18.29 -24.72
CA ILE D 367 19.94 18.05 -26.13
C ILE D 367 19.62 19.38 -26.76
N ALA D 368 20.51 19.92 -27.58
CA ALA D 368 20.33 21.22 -28.19
C ALA D 368 19.80 21.12 -29.59
N VAL D 369 18.57 21.57 -29.81
CA VAL D 369 17.98 21.56 -31.16
C VAL D 369 18.21 22.92 -31.85
N THR D 370 18.88 22.90 -33.00
CA THR D 370 19.19 24.13 -33.71
C THR D 370 19.03 24.01 -35.21
N ARG D 371 18.73 25.12 -35.87
CA ARG D 371 18.73 25.16 -37.33
C ARG D 371 20.09 25.63 -37.87
N SER D 372 20.96 26.21 -37.02
CA SER D 372 22.28 26.63 -37.43
C SER D 372 23.26 25.45 -37.45
N ALA D 373 23.75 25.08 -38.65
CA ALA D 373 24.75 24.01 -38.76
C ALA D 373 26.05 24.37 -38.05
N GLN D 374 26.46 25.64 -38.10
CA GLN D 374 27.65 26.09 -37.40
C GLN D 374 27.51 25.95 -35.88
N ALA D 375 26.38 26.41 -35.31
CA ALA D 375 26.13 26.28 -33.89
C ALA D 375 26.11 24.83 -33.47
N ALA D 376 25.47 23.97 -34.28
CA ALA D 376 25.41 22.54 -34.00
C ALA D 376 26.83 21.95 -33.92
N ARG D 377 27.76 22.43 -34.74
CA ARG D 377 29.12 21.95 -34.69
C ARG D 377 29.88 22.49 -33.51
N GLN D 378 29.73 23.80 -33.24
CA GLN D 378 30.43 24.47 -32.13
C GLN D 378 30.00 24.07 -30.73
N VAL D 379 28.73 23.67 -30.52
CA VAL D 379 28.31 23.26 -29.17
C VAL D 379 29.03 22.01 -28.65
N HIS D 380 29.77 21.30 -29.50
CA HIS D 380 30.59 20.18 -29.07
C HIS D 380 31.70 20.65 -28.09
N LEU D 381 32.05 21.94 -28.08
CA LEU D 381 33.02 22.48 -27.15
C LEU D 381 32.50 22.41 -25.71
N CYS D 382 31.15 22.43 -25.50
CA CYS D 382 30.57 22.43 -24.14
C CYS D 382 30.19 21.05 -23.66
N ARG D 383 30.67 20.66 -22.50
CA ARG D 383 30.38 19.34 -21.95
C ARG D 383 28.90 19.04 -21.73
N GLY D 384 28.49 17.88 -22.22
CA GLY D 384 27.13 17.40 -22.06
C GLY D 384 26.11 17.96 -23.01
N VAL D 385 26.55 18.70 -24.05
CA VAL D 385 25.62 19.25 -25.03
C VAL D 385 25.64 18.33 -26.25
N PHE D 386 24.47 17.83 -26.63
CA PHE D 386 24.30 16.91 -27.75
C PHE D 386 23.52 17.62 -28.85
N PRO D 387 24.20 18.09 -29.89
CA PRO D 387 23.51 18.86 -30.94
C PRO D 387 22.65 18.06 -31.91
N LEU D 388 21.51 18.64 -32.26
CA LEU D 388 20.62 18.07 -33.24
C LEU D 388 20.39 19.15 -34.28
N LEU D 389 20.80 18.90 -35.52
CA LEU D 389 20.54 19.86 -36.60
C LEU D 389 19.16 19.60 -37.16
N TYR D 390 18.29 20.59 -37.07
CA TYR D 390 16.92 20.51 -37.58
C TYR D 390 16.92 21.12 -38.99
N ARG D 391 16.48 20.35 -39.98
CA ARG D 391 16.52 20.82 -41.35
C ARG D 391 15.19 21.23 -41.94
N GLU D 392 14.07 20.97 -41.23
CA GLU D 392 12.73 21.33 -41.74
C GLU D 392 12.51 22.83 -41.92
N PRO D 393 11.76 23.20 -42.97
CA PRO D 393 11.46 24.63 -43.17
C PRO D 393 10.44 25.10 -42.12
N PRO D 394 10.51 26.41 -41.77
CA PRO D 394 9.65 26.93 -40.71
C PRO D 394 8.16 26.74 -40.90
N GLU D 395 7.43 26.56 -39.81
CA GLU D 395 5.97 26.50 -39.79
C GLU D 395 5.50 27.96 -39.80
N ALA D 396 4.29 28.22 -40.31
CA ALA D 396 3.77 29.58 -40.35
C ALA D 396 3.49 30.10 -38.93
N ILE D 397 3.01 29.21 -38.04
CA ILE D 397 2.77 29.58 -36.67
C ILE D 397 4.00 29.28 -35.84
N TRP D 398 4.66 30.31 -35.25
CA TRP D 398 5.89 30.15 -34.48
C TRP D 398 5.79 29.16 -33.33
N ALA D 399 4.71 29.13 -32.53
CA ALA D 399 4.57 28.15 -31.46
C ALA D 399 4.57 26.72 -32.02
N ASP D 400 4.00 26.51 -33.22
CA ASP D 400 4.00 25.18 -33.82
C ASP D 400 5.40 24.80 -34.28
N ASP D 401 6.17 25.77 -34.80
CA ASP D 401 7.54 25.54 -35.21
C ASP D 401 8.40 25.11 -33.99
N VAL D 402 8.18 25.80 -32.84
CA VAL D 402 8.85 25.57 -31.58
C VAL D 402 8.51 24.16 -31.08
N ASP D 403 7.22 23.78 -31.11
CA ASP D 403 6.81 22.43 -30.73
C ASP D 403 7.43 21.37 -31.64
N ARG D 404 7.47 21.58 -32.95
CA ARG D 404 8.03 20.60 -33.88
C ARG D 404 9.46 20.31 -33.61
N ARG D 405 10.22 21.34 -33.26
CA ARG D 405 11.63 21.17 -32.91
C ARG D 405 11.79 20.37 -31.60
N VAL D 406 10.93 20.67 -30.59
CA VAL D 406 10.93 19.97 -29.31
C VAL D 406 10.61 18.51 -29.53
N GLN D 407 9.64 18.23 -30.40
CA GLN D 407 9.28 16.85 -30.74
C GLN D 407 10.40 16.14 -31.43
N PHE D 408 11.10 16.85 -32.32
CA PHE D 408 12.26 16.32 -33.00
C PHE D 408 13.34 15.88 -31.99
N GLY D 409 13.53 16.67 -30.93
CA GLY D 409 14.48 16.37 -29.88
C GLY D 409 14.06 15.12 -29.11
N ILE D 410 12.77 15.02 -28.79
CA ILE D 410 12.24 13.85 -28.09
C ILE D 410 12.38 12.59 -28.95
N GLU D 411 12.07 12.69 -30.25
CA GLU D 411 12.16 11.56 -31.17
C GLU D 411 13.58 11.15 -31.42
N SER D 412 14.49 12.11 -31.56
CA SER D 412 15.91 11.78 -31.76
C SER D 412 16.46 11.14 -30.52
N GLY D 413 16.12 11.69 -29.35
CA GLY D 413 16.60 11.19 -28.07
C GLY D 413 16.08 9.81 -27.75
N LYS D 414 14.89 9.46 -28.21
CA LYS D 414 14.32 8.14 -28.02
C LYS D 414 15.09 7.16 -28.92
N LEU D 415 15.30 7.53 -30.18
CA LEU D 415 16.03 6.72 -31.15
C LEU D 415 17.47 6.45 -30.67
N ARG D 416 18.14 7.45 -30.11
CA ARG D 416 19.51 7.32 -29.67
C ARG D 416 19.69 6.71 -28.26
N GLY D 417 18.59 6.44 -27.56
CA GLY D 417 18.68 5.83 -26.23
C GLY D 417 18.72 6.76 -25.03
N PHE D 418 18.72 8.09 -25.25
CA PHE D 418 18.71 9.05 -24.15
C PHE D 418 17.39 9.03 -23.38
N LEU D 419 16.28 8.74 -24.07
CA LEU D 419 14.96 8.83 -23.48
C LEU D 419 14.17 7.58 -23.69
N ARG D 420 13.23 7.35 -22.76
CA ARG D 420 12.25 6.27 -22.77
C ARG D 420 10.91 6.85 -22.35
N VAL D 421 9.79 6.20 -22.74
CA VAL D 421 8.46 6.64 -22.29
C VAL D 421 8.38 6.57 -20.76
N GLY D 422 7.93 7.64 -20.14
CA GLY D 422 7.85 7.71 -18.69
C GLY D 422 8.92 8.59 -18.09
N ASP D 423 10.01 8.85 -18.83
CA ASP D 423 11.08 9.73 -18.36
C ASP D 423 10.60 11.17 -18.22
N LEU D 424 11.25 11.94 -17.35
CA LEU D 424 10.95 13.35 -17.23
C LEU D 424 12.01 14.12 -17.95
N VAL D 425 11.63 15.17 -18.63
CA VAL D 425 12.53 16.01 -19.40
C VAL D 425 12.23 17.49 -19.07
N ILE D 426 13.25 18.34 -19.07
CA ILE D 426 13.07 19.80 -18.86
C ILE D 426 13.22 20.44 -20.25
N VAL D 427 12.25 21.26 -20.67
CA VAL D 427 12.32 21.91 -21.99
C VAL D 427 12.61 23.41 -21.82
N VAL D 428 13.68 23.90 -22.44
CA VAL D 428 14.05 25.29 -22.32
C VAL D 428 13.85 26.01 -23.63
N THR D 429 12.94 27.00 -23.65
CA THR D 429 12.64 27.80 -24.85
C THR D 429 12.65 29.34 -24.50
N GLY D 430 12.34 30.19 -25.49
CA GLY D 430 12.23 31.63 -25.35
C GLY D 430 10.83 32.12 -25.70
N TRP D 431 10.57 33.40 -25.48
CA TRP D 431 9.26 33.98 -25.71
C TRP D 431 9.02 34.55 -27.12
N ARG D 432 10.13 34.80 -27.86
CA ARG D 432 10.07 35.32 -29.22
C ARG D 432 11.15 34.72 -30.08
N PRO D 433 10.99 34.71 -31.41
CA PRO D 433 12.06 34.18 -32.28
C PRO D 433 13.37 34.98 -32.17
N GLY D 434 14.47 34.41 -32.62
CA GLY D 434 15.76 35.06 -32.57
C GLY D 434 16.54 34.74 -31.33
N SER D 435 17.85 34.89 -31.41
CA SER D 435 18.79 34.59 -30.35
CA SER D 435 18.78 34.58 -30.32
C SER D 435 18.67 35.59 -29.20
N GLY D 436 18.90 35.11 -27.98
CA GLY D 436 18.95 35.94 -26.79
C GLY D 436 17.69 36.09 -25.99
N TYR D 437 16.63 35.34 -26.31
CA TYR D 437 15.35 35.50 -25.61
C TYR D 437 14.88 34.27 -24.82
N THR D 438 15.78 33.33 -24.48
CA THR D 438 15.40 32.19 -23.64
C THR D 438 14.91 32.66 -22.29
N ASN D 439 13.75 32.20 -21.86
CA ASN D 439 13.19 32.63 -20.57
C ASN D 439 12.16 31.63 -19.98
N ILE D 440 11.98 30.46 -20.63
CA ILE D 440 10.98 29.51 -20.19
C ILE D 440 11.59 28.17 -19.89
N MET D 441 11.17 27.57 -18.80
CA MET D 441 11.59 26.25 -18.39
C MET D 441 10.32 25.45 -18.13
N ARG D 442 10.13 24.28 -18.79
CA ARG D 442 8.93 23.49 -18.58
C ARG D 442 9.23 21.99 -18.23
N VAL D 443 8.46 21.38 -17.30
CA VAL D 443 8.66 19.98 -16.91
C VAL D 443 7.76 19.11 -17.77
N LEU D 444 8.32 18.25 -18.60
CA LEU D 444 7.56 17.43 -19.55
C LEU D 444 7.74 15.95 -19.31
N SER D 445 6.66 15.17 -19.38
CA SER D 445 6.75 13.72 -19.23
C SER D 445 6.78 13.10 -20.61
N ILE D 446 7.74 12.22 -20.87
CA ILE D 446 7.86 11.56 -22.18
C ILE D 446 6.74 10.57 -22.44
N SER D 447 6.02 10.79 -23.53
CA SER D 447 4.92 9.91 -23.97
C SER D 447 5.30 9.16 -25.29
N ALA E 25 -10.44 -17.96 -27.68
CA ALA E 25 -10.78 -19.25 -27.10
C ALA E 25 -12.27 -19.63 -27.23
N PHE E 26 -12.54 -20.95 -27.25
CA PHE E 26 -13.91 -21.47 -27.31
C PHE E 26 -14.70 -21.02 -26.08
N PHE E 27 -14.07 -21.08 -24.90
CA PHE E 27 -14.72 -20.72 -23.65
C PHE E 27 -14.81 -19.20 -23.40
N GLN E 28 -14.23 -18.37 -24.29
CA GLN E 28 -14.36 -16.90 -24.19
C GLN E 28 -15.55 -16.37 -25.04
N GLN E 29 -15.94 -17.11 -26.08
CA GLN E 29 -17.07 -16.78 -26.95
C GLN E 29 -18.42 -17.12 -26.29
N GLN E 30 -19.53 -16.68 -26.93
CA GLN E 30 -20.94 -16.86 -26.59
C GLN E 30 -21.27 -16.76 -25.08
N GLN E 31 -20.65 -15.78 -24.40
CA GLN E 31 -20.81 -15.46 -22.98
C GLN E 31 -20.63 -16.68 -22.07
N LEU E 32 -19.73 -17.60 -22.43
CA LEU E 32 -19.51 -18.80 -21.62
C LEU E 32 -18.98 -18.48 -20.21
N PRO E 33 -18.08 -17.50 -19.98
CA PRO E 33 -17.72 -17.15 -18.58
C PRO E 33 -18.95 -16.74 -17.77
N ALA E 34 -19.83 -15.90 -18.34
CA ALA E 34 -21.05 -15.46 -17.67
C ALA E 34 -22.05 -16.61 -17.45
N ALA E 35 -22.05 -17.60 -18.35
CA ALA E 35 -22.94 -18.78 -18.27
C ALA E 35 -22.51 -19.77 -17.18
N MET E 36 -21.19 -19.82 -16.86
CA MET E 36 -20.60 -20.67 -15.84
C MET E 36 -20.66 -20.06 -14.43
N ALA E 37 -21.06 -18.77 -14.29
CA ALA E 37 -21.09 -18.08 -13.01
C ALA E 37 -21.96 -18.76 -11.95
N ASP E 38 -21.53 -18.71 -10.68
CA ASP E 38 -22.26 -19.36 -9.59
C ASP E 38 -23.49 -18.61 -9.10
N THR E 39 -23.55 -17.31 -9.34
CA THR E 39 -24.71 -16.51 -8.97
C THR E 39 -25.17 -15.67 -10.16
N PHE E 40 -26.40 -15.19 -10.12
CA PHE E 40 -26.93 -14.29 -11.15
C PHE E 40 -26.17 -12.97 -11.16
N LEU E 41 -25.76 -12.48 -9.98
CA LEU E 41 -24.98 -11.26 -9.86
C LEU E 41 -23.63 -11.43 -10.57
N GLU E 42 -22.90 -12.53 -10.29
CA GLU E 42 -21.62 -12.82 -10.94
CA GLU E 42 -21.62 -12.78 -10.95
C GLU E 42 -21.82 -12.93 -12.46
N HIS E 43 -22.95 -13.54 -12.90
CA HIS E 43 -23.31 -13.71 -14.31
C HIS E 43 -23.41 -12.35 -14.98
N LEU E 44 -24.13 -11.40 -14.37
CA LEU E 44 -24.25 -10.04 -14.92
C LEU E 44 -22.88 -9.37 -15.02
N CYS E 45 -22.06 -9.49 -13.97
CA CYS E 45 -20.74 -8.88 -13.93
C CYS E 45 -19.81 -9.42 -15.00
N LEU E 46 -19.99 -10.68 -15.40
CA LEU E 46 -19.14 -11.31 -16.39
C LEU E 46 -19.61 -11.13 -17.82
N LEU E 47 -20.74 -10.45 -18.09
CA LEU E 47 -21.20 -10.22 -19.47
C LEU E 47 -20.18 -9.36 -20.18
N ASP E 48 -19.76 -9.78 -21.38
CA ASP E 48 -18.69 -9.14 -22.13
C ASP E 48 -19.18 -8.73 -23.50
N ILE E 49 -19.05 -7.44 -23.84
CA ILE E 49 -19.41 -6.97 -25.19
C ILE E 49 -18.47 -7.54 -26.28
N ASP E 50 -17.27 -7.97 -25.89
CA ASP E 50 -16.29 -8.57 -26.79
C ASP E 50 -16.48 -10.09 -26.98
N SER E 51 -17.35 -10.71 -26.22
CA SER E 51 -17.61 -12.15 -26.34
C SER E 51 -18.61 -12.31 -27.46
N GLU E 52 -18.17 -12.77 -28.65
CA GLU E 52 -19.03 -12.89 -29.83
C GLU E 52 -19.97 -14.09 -29.85
N PRO E 53 -21.22 -13.89 -30.34
CA PRO E 53 -22.16 -15.03 -30.41
C PRO E 53 -21.74 -16.01 -31.52
N VAL E 54 -21.75 -17.31 -31.19
CA VAL E 54 -21.38 -18.33 -32.17
C VAL E 54 -22.57 -19.12 -32.65
N ALA E 55 -23.49 -19.45 -31.74
CA ALA E 55 -24.67 -20.22 -32.08
C ALA E 55 -25.61 -19.55 -33.08
N ALA E 56 -26.41 -20.36 -33.79
CA ALA E 56 -27.41 -19.83 -34.72
C ALA E 56 -28.55 -19.16 -33.90
N ARG E 57 -29.17 -18.12 -34.48
CA ARG E 57 -30.25 -17.40 -33.83
C ARG E 57 -31.44 -18.34 -33.64
N SER E 58 -31.82 -18.58 -32.40
CA SER E 58 -32.87 -19.52 -32.04
C SER E 58 -34.28 -18.92 -31.87
N THR E 59 -34.40 -17.61 -31.59
CA THR E 59 -35.70 -16.98 -31.42
C THR E 59 -36.22 -16.59 -32.81
N SER E 60 -37.40 -17.10 -33.18
CA SER E 60 -37.94 -16.83 -34.51
C SER E 60 -38.43 -15.42 -34.66
N ILE E 61 -38.33 -14.91 -35.89
CA ILE E 61 -38.80 -13.58 -36.24
C ILE E 61 -40.08 -13.69 -37.06
N ILE E 62 -41.14 -13.05 -36.61
CA ILE E 62 -42.40 -13.01 -37.33
C ILE E 62 -42.49 -11.62 -37.96
N ALA E 63 -42.64 -11.54 -39.29
CA ALA E 63 -42.75 -10.26 -39.96
C ALA E 63 -44.13 -10.11 -40.55
N THR E 64 -44.75 -8.95 -40.32
CA THR E 64 -46.07 -8.69 -40.90
C THR E 64 -45.94 -8.25 -42.36
N ILE E 65 -46.69 -8.92 -43.27
CA ILE E 65 -46.65 -8.58 -44.69
C ILE E 65 -47.63 -7.46 -45.01
N GLY E 66 -47.17 -6.49 -45.78
CA GLY E 66 -47.98 -5.35 -46.22
C GLY E 66 -47.38 -4.74 -47.47
N PRO E 67 -47.81 -3.51 -47.80
CA PRO E 67 -47.27 -2.84 -49.00
C PRO E 67 -45.74 -2.75 -49.06
N ALA E 68 -45.09 -2.57 -47.89
CA ALA E 68 -43.63 -2.45 -47.82
C ALA E 68 -42.89 -3.77 -48.00
N SER E 69 -43.59 -4.89 -47.87
CA SER E 69 -42.94 -6.19 -47.89
C SER E 69 -43.73 -7.24 -48.70
N ARG E 70 -44.35 -6.83 -49.81
CA ARG E 70 -45.17 -7.74 -50.60
C ARG E 70 -44.51 -8.28 -51.83
N SER E 71 -43.57 -7.53 -52.41
CA SER E 71 -42.92 -7.97 -53.64
C SER E 71 -42.11 -9.22 -53.41
N VAL E 72 -42.09 -10.13 -54.40
CA VAL E 72 -41.33 -11.38 -54.33
C VAL E 72 -39.84 -11.09 -54.11
N GLU E 73 -39.32 -10.02 -54.72
CA GLU E 73 -37.92 -9.65 -54.55
C GLU E 73 -37.63 -9.16 -53.11
N ARG E 74 -38.55 -8.35 -52.56
CA ARG E 74 -38.47 -7.82 -51.20
C ARG E 74 -38.56 -8.97 -50.18
N LEU E 75 -39.46 -9.94 -50.42
CA LEU E 75 -39.63 -11.10 -49.56
C LEU E 75 -38.42 -12.00 -49.56
N LYS E 76 -37.71 -12.13 -50.67
CA LYS E 76 -36.48 -12.92 -50.73
C LYS E 76 -35.42 -12.27 -49.85
N GLU E 77 -35.37 -10.92 -49.82
CA GLU E 77 -34.43 -10.20 -48.98
C GLU E 77 -34.76 -10.41 -47.50
N MET E 78 -36.06 -10.47 -47.15
CA MET E 78 -36.49 -10.68 -45.77
CA MET E 78 -36.50 -10.68 -45.78
C MET E 78 -36.24 -12.10 -45.29
N ILE E 79 -36.30 -13.08 -46.19
CA ILE E 79 -36.00 -14.46 -45.83
C ILE E 79 -34.50 -14.55 -45.54
N LYS E 80 -33.67 -13.90 -46.35
CA LYS E 80 -32.22 -13.87 -46.16
C LYS E 80 -31.85 -13.12 -44.86
N ALA E 81 -32.62 -12.07 -44.52
CA ALA E 81 -32.42 -11.26 -43.32
C ALA E 81 -32.78 -12.05 -42.04
N GLY E 82 -33.68 -13.02 -42.14
CA GLY E 82 -34.04 -13.86 -41.01
C GLY E 82 -35.51 -14.11 -40.75
N MET E 83 -36.42 -13.67 -41.64
CA MET E 83 -37.84 -13.89 -41.42
C MET E 83 -38.18 -15.40 -41.40
N ASN E 84 -38.86 -15.86 -40.36
CA ASN E 84 -39.22 -17.29 -40.24
C ASN E 84 -40.71 -17.50 -40.41
N ILE E 85 -41.53 -16.50 -40.04
CA ILE E 85 -42.97 -16.56 -40.12
C ILE E 85 -43.48 -15.27 -40.75
N ALA E 86 -44.41 -15.41 -41.71
CA ALA E 86 -45.00 -14.26 -42.38
C ALA E 86 -46.42 -14.10 -41.84
N ARG E 87 -46.70 -12.94 -41.27
CA ARG E 87 -48.01 -12.67 -40.69
C ARG E 87 -48.91 -11.88 -41.65
N LEU E 88 -50.13 -12.37 -41.88
CA LEU E 88 -51.12 -11.69 -42.72
C LEU E 88 -52.16 -11.10 -41.80
N ASN E 89 -52.22 -9.77 -41.73
CA ASN E 89 -53.17 -9.10 -40.84
C ASN E 89 -54.53 -8.95 -41.51
N PHE E 90 -55.50 -9.78 -41.11
CA PHE E 90 -56.83 -9.73 -41.70
C PHE E 90 -57.71 -8.57 -41.20
N SER E 91 -57.13 -7.64 -40.45
CA SER E 91 -57.83 -6.41 -40.07
C SER E 91 -57.88 -5.43 -41.26
N HIS E 92 -56.95 -5.58 -42.23
CA HIS E 92 -56.80 -4.74 -43.41
C HIS E 92 -56.67 -5.64 -44.64
N GLY E 93 -57.22 -5.18 -45.77
CA GLY E 93 -57.12 -5.92 -47.02
C GLY E 93 -58.20 -6.96 -47.27
N SER E 94 -58.38 -7.26 -48.55
CA SER E 94 -59.37 -8.23 -49.01
C SER E 94 -58.76 -9.64 -49.08
N HIS E 95 -59.61 -10.67 -49.27
CA HIS E 95 -59.15 -12.04 -49.46
C HIS E 95 -58.26 -12.15 -50.71
N GLU E 96 -58.58 -11.39 -51.76
CA GLU E 96 -57.80 -11.35 -52.99
C GLU E 96 -56.39 -10.81 -52.69
N TYR E 97 -56.32 -9.75 -51.87
CA TYR E 97 -55.07 -9.13 -51.46
C TYR E 97 -54.19 -10.12 -50.69
N HIS E 98 -54.78 -10.81 -49.69
CA HIS E 98 -54.07 -11.77 -48.87
C HIS E 98 -53.65 -13.01 -49.63
N ALA E 99 -54.46 -13.47 -50.60
CA ALA E 99 -54.10 -14.63 -51.42
C ALA E 99 -52.87 -14.29 -52.29
N GLU E 100 -52.78 -13.03 -52.77
CA GLU E 100 -51.64 -12.59 -53.56
C GLU E 100 -50.39 -12.56 -52.68
N SER E 101 -50.54 -12.10 -51.42
CA SER E 101 -49.46 -12.07 -50.43
C SER E 101 -48.95 -13.51 -50.18
N ILE E 102 -49.86 -14.47 -49.91
CA ILE E 102 -49.55 -15.87 -49.70
C ILE E 102 -48.76 -16.44 -50.89
N ALA E 103 -49.23 -16.15 -52.11
CA ALA E 103 -48.60 -16.62 -53.33
C ALA E 103 -47.19 -16.07 -53.50
N ASN E 104 -47.01 -14.78 -53.14
CA ASN E 104 -45.71 -14.11 -53.23
C ASN E 104 -44.72 -14.66 -52.21
N VAL E 105 -45.22 -14.99 -51.02
CA VAL E 105 -44.39 -15.58 -49.98
C VAL E 105 -43.93 -16.95 -50.44
N ARG E 106 -44.86 -17.80 -50.90
CA ARG E 106 -44.54 -19.13 -51.41
C ARG E 106 -43.58 -19.11 -52.58
N GLU E 107 -43.70 -18.12 -53.47
CA GLU E 107 -42.82 -17.98 -54.61
C GLU E 107 -41.40 -17.63 -54.15
N ALA E 108 -41.28 -16.67 -53.23
CA ALA E 108 -39.98 -16.28 -52.67
C ALA E 108 -39.34 -17.44 -51.85
N VAL E 109 -40.16 -18.22 -51.10
CA VAL E 109 -39.63 -19.34 -50.33
C VAL E 109 -39.13 -20.43 -51.26
N GLU E 110 -39.90 -20.78 -52.29
CA GLU E 110 -39.50 -21.83 -53.23
C GLU E 110 -38.37 -21.44 -54.15
N SER E 111 -38.03 -20.15 -54.26
CA SER E 111 -36.89 -19.72 -55.05
C SER E 111 -35.54 -20.24 -54.48
N PHE E 112 -35.54 -20.77 -53.25
CA PHE E 112 -34.34 -21.32 -52.60
C PHE E 112 -34.40 -22.87 -52.49
N ALA E 113 -35.53 -23.51 -52.92
CA ALA E 113 -35.72 -24.97 -52.86
C ALA E 113 -34.77 -25.80 -53.72
N GLY E 114 -33.99 -25.13 -54.58
CA GLY E 114 -32.99 -25.76 -55.43
C GLY E 114 -31.91 -26.45 -54.64
N SER E 115 -31.59 -25.93 -53.46
CA SER E 115 -30.58 -26.54 -52.59
C SER E 115 -31.28 -27.04 -51.31
N PRO E 116 -31.81 -28.30 -51.30
CA PRO E 116 -32.55 -28.79 -50.11
C PRO E 116 -31.75 -28.87 -48.78
N LEU E 117 -30.41 -28.85 -48.88
CA LEU E 117 -29.51 -28.86 -47.72
C LEU E 117 -29.38 -27.46 -47.07
N SER E 118 -29.87 -26.39 -47.75
CA SER E 118 -29.81 -25.02 -47.22
C SER E 118 -31.18 -24.24 -47.32
N TYR E 119 -32.26 -24.91 -47.79
CA TYR E 119 -33.61 -24.36 -47.95
C TYR E 119 -34.23 -23.99 -46.60
N ARG E 120 -34.85 -22.81 -46.53
CA ARG E 120 -35.47 -22.37 -45.29
C ARG E 120 -36.99 -22.34 -45.36
N PRO E 121 -37.68 -23.23 -44.63
CA PRO E 121 -39.15 -23.18 -44.62
C PRO E 121 -39.65 -21.90 -43.94
N VAL E 122 -40.74 -21.29 -44.43
CA VAL E 122 -41.30 -20.09 -43.80
C VAL E 122 -42.76 -20.35 -43.50
N ALA E 123 -43.19 -20.21 -42.24
CA ALA E 123 -44.59 -20.43 -41.90
C ALA E 123 -45.47 -19.24 -42.32
N ILE E 124 -46.74 -19.50 -42.56
CA ILE E 124 -47.69 -18.45 -42.88
C ILE E 124 -48.76 -18.41 -41.80
N ALA E 125 -48.90 -17.26 -41.15
CA ALA E 125 -49.85 -17.11 -40.07
C ALA E 125 -50.94 -16.10 -40.41
N LEU E 126 -52.18 -16.43 -40.05
CA LEU E 126 -53.32 -15.57 -40.28
C LEU E 126 -53.69 -14.89 -38.98
N ASP E 127 -53.62 -13.56 -38.93
CA ASP E 127 -54.01 -12.82 -37.73
C ASP E 127 -55.45 -12.37 -37.95
N THR E 128 -56.40 -12.88 -37.14
CA THR E 128 -57.81 -12.53 -37.33
C THR E 128 -58.12 -11.08 -36.94
N LYS E 129 -59.22 -10.53 -37.49
CA LYS E 129 -59.65 -9.17 -37.20
C LYS E 129 -60.16 -9.03 -35.75
N GLY E 130 -60.83 -10.07 -35.26
CA GLY E 130 -61.33 -10.07 -33.89
C GLY E 130 -62.82 -9.85 -33.75
N PRO E 131 -63.33 -9.94 -32.52
CA PRO E 131 -64.78 -9.74 -32.30
C PRO E 131 -65.19 -8.27 -32.34
N GLY E 136 -68.42 -12.91 -29.07
CA GLY E 136 -67.67 -14.08 -29.51
C GLY E 136 -67.17 -13.98 -30.94
N LEU E 137 -67.00 -15.14 -31.62
CA LEU E 137 -66.49 -15.21 -32.99
C LEU E 137 -67.37 -14.49 -34.01
N SER E 138 -66.81 -13.47 -34.65
CA SER E 138 -67.54 -12.68 -35.63
C SER E 138 -67.77 -13.44 -36.95
N GLU E 139 -68.72 -12.97 -37.78
CA GLU E 139 -69.01 -13.59 -39.08
C GLU E 139 -67.87 -13.43 -40.07
N GLN E 140 -67.19 -12.28 -40.03
CA GLN E 140 -66.03 -12.04 -40.89
C GLN E 140 -64.90 -12.99 -40.49
N ASP E 141 -64.71 -13.21 -39.18
CA ASP E 141 -63.71 -14.14 -38.68
C ASP E 141 -63.94 -15.55 -39.17
N VAL E 142 -65.20 -16.00 -39.25
CA VAL E 142 -65.52 -17.34 -39.76
C VAL E 142 -65.13 -17.44 -41.25
N ARG E 143 -65.41 -16.39 -42.02
CA ARG E 143 -65.06 -16.36 -43.44
C ARG E 143 -63.53 -16.35 -43.64
N ASP E 144 -62.82 -15.57 -42.81
CA ASP E 144 -61.36 -15.45 -42.87
C ASP E 144 -60.68 -16.74 -42.45
N LEU E 145 -61.22 -17.42 -41.42
CA LEU E 145 -60.67 -18.70 -40.98
C LEU E 145 -60.86 -19.77 -42.04
N ARG E 146 -62.02 -19.75 -42.73
CA ARG E 146 -62.28 -20.68 -43.82
C ARG E 146 -61.28 -20.43 -44.98
N PHE E 147 -60.96 -19.16 -45.24
CA PHE E 147 -60.00 -18.75 -46.25
C PHE E 147 -58.62 -19.34 -45.92
N GLY E 148 -58.24 -19.26 -44.64
CA GLY E 148 -56.97 -19.78 -44.16
C GLY E 148 -56.82 -21.28 -44.36
N VAL E 149 -57.88 -22.03 -44.08
CA VAL E 149 -57.88 -23.47 -44.29
C VAL E 149 -57.73 -23.80 -45.77
N GLU E 150 -58.49 -23.08 -46.62
CA GLU E 150 -58.46 -23.25 -48.07
C GLU E 150 -57.12 -22.90 -48.67
N HIS E 151 -56.44 -21.91 -48.11
CA HIS E 151 -55.12 -21.51 -48.59
C HIS E 151 -53.94 -22.17 -47.88
N GLY E 152 -54.21 -23.10 -46.96
CA GLY E 152 -53.18 -23.86 -46.26
C GLY E 152 -52.27 -23.08 -45.34
N VAL E 153 -52.86 -22.19 -44.51
CA VAL E 153 -52.06 -21.46 -43.53
C VAL E 153 -51.61 -22.41 -42.41
N ASP E 154 -50.49 -22.11 -41.75
CA ASP E 154 -49.97 -22.98 -40.70
C ASP E 154 -50.44 -22.58 -39.31
N ILE E 155 -50.51 -21.28 -39.05
CA ILE E 155 -50.85 -20.76 -37.74
C ILE E 155 -51.99 -19.75 -37.83
N VAL E 156 -52.77 -19.64 -36.74
CA VAL E 156 -53.82 -18.64 -36.61
C VAL E 156 -53.49 -17.83 -35.35
N PHE E 157 -53.37 -16.51 -35.46
CA PHE E 157 -53.20 -15.64 -34.30
C PHE E 157 -54.62 -15.16 -34.03
N ALA E 158 -55.31 -15.81 -33.08
CA ALA E 158 -56.68 -15.45 -32.77
C ALA E 158 -56.76 -14.20 -31.92
N SER E 159 -57.28 -13.11 -32.48
CA SER E 159 -57.42 -11.84 -31.79
C SER E 159 -58.43 -11.85 -30.65
N PHE E 160 -58.17 -11.01 -29.64
CA PHE E 160 -58.97 -10.77 -28.45
C PHE E 160 -59.58 -12.03 -27.83
N VAL E 161 -58.73 -13.04 -27.51
CA VAL E 161 -59.21 -14.26 -26.84
C VAL E 161 -59.44 -13.89 -25.38
N ARG E 162 -60.66 -14.13 -24.89
CA ARG E 162 -61.01 -13.78 -23.51
C ARG E 162 -61.32 -14.97 -22.61
N LYS E 163 -61.56 -16.15 -23.20
CA LYS E 163 -61.91 -17.35 -22.44
C LYS E 163 -61.62 -18.59 -23.30
N ALA E 164 -61.64 -19.78 -22.69
CA ALA E 164 -61.37 -21.03 -23.42
C ALA E 164 -62.39 -21.30 -24.54
N SER E 165 -63.65 -20.89 -24.35
CA SER E 165 -64.68 -21.09 -25.36
C SER E 165 -64.40 -20.31 -26.65
N ASP E 166 -63.63 -19.21 -26.57
CA ASP E 166 -63.24 -18.44 -27.76
C ASP E 166 -62.30 -19.28 -28.62
N VAL E 167 -61.37 -20.02 -27.99
CA VAL E 167 -60.42 -20.88 -28.69
C VAL E 167 -61.17 -22.03 -29.37
N ALA E 168 -62.14 -22.62 -28.65
CA ALA E 168 -62.97 -23.70 -29.17
C ALA E 168 -63.74 -23.25 -30.41
N ALA E 169 -64.24 -22.00 -30.39
CA ALA E 169 -64.97 -21.43 -31.52
C ALA E 169 -64.05 -21.31 -32.73
N VAL E 170 -62.80 -20.88 -32.55
CA VAL E 170 -61.83 -20.78 -33.65
C VAL E 170 -61.52 -22.16 -34.19
N ARG E 171 -61.35 -23.14 -33.30
CA ARG E 171 -61.07 -24.50 -33.69
C ARG E 171 -62.21 -25.09 -34.52
N ALA E 172 -63.47 -24.86 -34.10
CA ALA E 172 -64.66 -25.32 -34.80
C ALA E 172 -64.75 -24.66 -36.18
N ALA E 173 -64.48 -23.34 -36.27
CA ALA E 173 -64.50 -22.61 -37.53
C ALA E 173 -63.42 -23.07 -38.52
N LEU E 174 -62.32 -23.65 -38.01
CA LEU E 174 -61.29 -24.21 -38.89
C LEU E 174 -61.76 -25.54 -39.56
N GLY E 175 -62.77 -26.19 -38.99
CA GLY E 175 -63.34 -27.40 -39.53
C GLY E 175 -62.47 -28.63 -39.43
N PRO E 176 -62.91 -29.72 -40.07
CA PRO E 176 -62.15 -30.97 -40.00
C PRO E 176 -60.83 -30.91 -40.80
N GLU E 177 -60.77 -30.08 -41.85
CA GLU E 177 -59.57 -29.95 -42.67
C GLU E 177 -58.46 -29.07 -42.03
N GLY E 178 -58.83 -28.24 -41.06
CA GLY E 178 -57.87 -27.36 -40.40
C GLY E 178 -57.42 -27.88 -39.05
N HIS E 179 -57.42 -29.20 -38.87
CA HIS E 179 -57.03 -29.79 -37.60
C HIS E 179 -55.54 -29.61 -37.29
N GLY E 180 -54.71 -29.55 -38.33
CA GLY E 180 -53.27 -29.38 -38.17
C GLY E 180 -52.81 -27.96 -37.87
N ILE E 181 -53.68 -26.96 -38.10
CA ILE E 181 -53.34 -25.56 -37.87
C ILE E 181 -53.15 -25.26 -36.38
N LYS E 182 -52.08 -24.52 -36.03
CA LYS E 182 -51.80 -24.15 -34.65
C LYS E 182 -52.55 -22.88 -34.28
N ILE E 183 -53.22 -22.89 -33.13
CA ILE E 183 -53.94 -21.70 -32.66
C ILE E 183 -53.16 -21.01 -31.56
N ILE E 184 -52.69 -19.82 -31.85
CA ILE E 184 -51.95 -18.99 -30.93
C ILE E 184 -52.92 -17.92 -30.46
N SER E 185 -53.35 -17.98 -29.19
CA SER E 185 -54.31 -17.01 -28.67
C SER E 185 -53.66 -15.69 -28.31
N LYS E 186 -54.23 -14.60 -28.83
CA LYS E 186 -53.73 -13.27 -28.50
C LYS E 186 -54.41 -12.76 -27.23
N ILE E 187 -53.60 -12.43 -26.21
CA ILE E 187 -54.12 -11.88 -24.97
C ILE E 187 -54.00 -10.36 -25.10
N GLU E 188 -55.14 -9.66 -25.21
CA GLU E 188 -55.14 -8.22 -25.44
C GLU E 188 -55.97 -7.41 -24.45
N ASN E 189 -56.53 -8.03 -23.40
CA ASN E 189 -57.33 -7.28 -22.42
C ASN E 189 -57.27 -7.88 -21.00
N HIS E 190 -57.90 -7.22 -20.02
CA HIS E 190 -57.90 -7.69 -18.63
C HIS E 190 -58.49 -9.09 -18.47
N GLU E 191 -59.60 -9.37 -19.18
CA GLU E 191 -60.24 -10.68 -19.08
C GLU E 191 -59.33 -11.81 -19.54
N GLY E 192 -58.64 -11.60 -20.66
CA GLY E 192 -57.70 -12.57 -21.18
C GLY E 192 -56.55 -12.82 -20.23
N VAL E 193 -56.07 -11.77 -19.56
CA VAL E 193 -54.99 -11.92 -18.58
C VAL E 193 -55.49 -12.71 -17.38
N LYS E 194 -56.70 -12.39 -16.89
CA LYS E 194 -57.26 -13.07 -15.72
C LYS E 194 -57.60 -14.53 -15.98
N ARG E 195 -58.10 -14.82 -17.17
CA ARG E 195 -58.46 -16.19 -17.54
C ARG E 195 -57.33 -16.91 -18.30
N PHE E 196 -56.08 -16.39 -18.20
CA PHE E 196 -54.90 -16.91 -18.88
C PHE E 196 -54.74 -18.42 -18.81
N ASP E 197 -54.85 -19.01 -17.62
CA ASP E 197 -54.64 -20.44 -17.43
C ASP E 197 -55.60 -21.31 -18.22
N GLU E 198 -56.88 -20.92 -18.28
CA GLU E 198 -57.86 -21.70 -19.03
C GLU E 198 -57.63 -21.55 -20.54
N ILE E 199 -57.17 -20.38 -21.00
CA ILE E 199 -56.88 -20.12 -22.41
C ILE E 199 -55.64 -20.91 -22.85
N LEU E 200 -54.57 -20.88 -22.03
CA LEU E 200 -53.34 -21.59 -22.35
C LEU E 200 -53.55 -23.10 -22.42
N GLU E 201 -54.41 -23.64 -21.55
CA GLU E 201 -54.70 -25.07 -21.51
C GLU E 201 -55.23 -25.57 -22.84
N VAL E 202 -56.06 -24.77 -23.50
CA VAL E 202 -56.68 -25.17 -24.76
C VAL E 202 -55.99 -24.58 -26.00
N SER E 203 -54.99 -23.72 -25.84
CA SER E 203 -54.29 -23.12 -26.98
C SER E 203 -52.98 -23.86 -27.29
N ASP E 204 -52.47 -23.71 -28.50
CA ASP E 204 -51.18 -24.27 -28.85
C ASP E 204 -50.03 -23.35 -28.33
N GLY E 205 -50.33 -22.07 -28.18
CA GLY E 205 -49.42 -21.05 -27.69
C GLY E 205 -50.13 -19.72 -27.47
N ILE E 206 -49.37 -18.71 -27.08
CA ILE E 206 -49.90 -17.39 -26.75
C ILE E 206 -49.12 -16.28 -27.45
N MET E 207 -49.79 -15.17 -27.74
CA MET E 207 -49.14 -13.97 -28.22
C MET E 207 -49.46 -12.88 -27.21
N VAL E 208 -48.42 -12.19 -26.73
CA VAL E 208 -48.58 -11.05 -25.83
C VAL E 208 -48.76 -9.84 -26.74
N ALA E 209 -50.03 -9.55 -27.04
CA ALA E 209 -50.48 -8.47 -27.93
C ALA E 209 -50.45 -7.14 -27.16
N ARG E 210 -49.25 -6.55 -27.01
CA ARG E 210 -49.00 -5.36 -26.20
C ARG E 210 -49.69 -4.09 -26.65
N GLY E 211 -50.00 -3.96 -27.94
CA GLY E 211 -50.69 -2.78 -28.45
C GLY E 211 -52.05 -2.57 -27.79
N ASP E 212 -52.97 -3.53 -27.97
CA ASP E 212 -54.29 -3.42 -27.35
C ASP E 212 -54.21 -3.56 -25.86
N LEU E 213 -53.35 -4.46 -25.36
CA LEU E 213 -53.18 -4.68 -23.94
C LEU E 213 -52.79 -3.37 -23.21
N GLY E 214 -51.94 -2.57 -23.85
CA GLY E 214 -51.51 -1.28 -23.32
C GLY E 214 -52.59 -0.22 -23.24
N ILE E 215 -53.71 -0.43 -23.95
CA ILE E 215 -54.87 0.46 -23.93
C ILE E 215 -55.94 -0.10 -22.97
N GLU E 216 -56.06 -1.45 -22.87
CA GLU E 216 -57.06 -2.10 -22.03
C GLU E 216 -56.69 -2.10 -20.56
N ILE E 217 -55.37 -2.22 -20.27
CA ILE E 217 -54.83 -2.16 -18.90
C ILE E 217 -53.85 -0.97 -18.81
N PRO E 218 -53.53 -0.45 -17.60
CA PRO E 218 -52.56 0.66 -17.52
C PRO E 218 -51.24 0.33 -18.22
N ALA E 219 -50.71 1.26 -19.01
CA ALA E 219 -49.49 1.04 -19.76
C ALA E 219 -48.32 0.55 -18.90
N GLU E 220 -48.22 1.03 -17.66
CA GLU E 220 -47.17 0.63 -16.74
C GLU E 220 -47.33 -0.79 -16.16
N LYS E 221 -48.42 -1.48 -16.47
CA LYS E 221 -48.65 -2.83 -15.99
C LYS E 221 -48.39 -3.89 -17.09
N VAL E 222 -48.24 -3.48 -18.36
CA VAL E 222 -48.03 -4.40 -19.46
C VAL E 222 -46.79 -5.29 -19.27
N PHE E 223 -45.67 -4.73 -18.78
CA PHE E 223 -44.46 -5.53 -18.56
C PHE E 223 -44.69 -6.71 -17.55
N LEU E 224 -45.60 -6.50 -16.57
CA LEU E 224 -45.92 -7.55 -15.61
C LEU E 224 -46.67 -8.65 -16.31
N ALA E 225 -47.64 -8.29 -17.18
CA ALA E 225 -48.42 -9.25 -17.95
C ALA E 225 -47.53 -10.02 -18.88
N GLN E 226 -46.60 -9.33 -19.58
CA GLN E 226 -45.66 -9.97 -20.50
C GLN E 226 -44.79 -11.00 -19.76
N LYS E 227 -44.12 -10.58 -18.69
CA LYS E 227 -43.27 -11.47 -17.91
C LYS E 227 -44.03 -12.65 -17.31
N MET E 228 -45.28 -12.45 -16.86
CA MET E 228 -46.08 -13.53 -16.27
C MET E 228 -46.47 -14.54 -17.34
N MET E 229 -46.95 -14.07 -18.50
CA MET E 229 -47.39 -14.95 -19.56
C MET E 229 -46.25 -15.72 -20.17
N ILE E 230 -45.07 -15.08 -20.32
CA ILE E 230 -43.90 -15.78 -20.86
C ILE E 230 -43.46 -16.87 -19.89
N GLY E 231 -43.43 -16.55 -18.60
CA GLY E 231 -43.06 -17.52 -17.58
C GLY E 231 -43.98 -18.72 -17.53
N ARG E 232 -45.30 -18.49 -17.58
CA ARG E 232 -46.27 -19.57 -17.57
C ARG E 232 -46.19 -20.42 -18.84
N CYS E 233 -45.91 -19.80 -19.99
CA CYS E 233 -45.76 -20.53 -21.25
C CYS E 233 -44.51 -21.38 -21.21
N ASN E 234 -43.42 -20.85 -20.63
CA ASN E 234 -42.17 -21.59 -20.49
C ASN E 234 -42.38 -22.81 -19.57
N LEU E 235 -43.15 -22.61 -18.49
CA LEU E 235 -43.48 -23.64 -17.53
C LEU E 235 -44.31 -24.73 -18.23
N ALA E 236 -45.30 -24.32 -19.05
CA ALA E 236 -46.17 -25.23 -19.81
C ALA E 236 -45.51 -25.91 -21.00
N GLY E 237 -44.39 -25.38 -21.46
CA GLY E 237 -43.70 -25.90 -22.64
C GLY E 237 -44.39 -25.49 -23.94
N LYS E 238 -45.15 -24.37 -23.93
CA LYS E 238 -45.87 -23.92 -25.12
C LYS E 238 -45.28 -22.62 -25.68
N PRO E 239 -45.24 -22.46 -27.02
CA PRO E 239 -44.68 -21.21 -27.58
C PRO E 239 -45.38 -19.93 -27.14
N VAL E 240 -44.58 -18.90 -26.95
CA VAL E 240 -45.08 -17.57 -26.58
C VAL E 240 -44.40 -16.52 -27.49
N VAL E 241 -45.19 -15.61 -28.04
CA VAL E 241 -44.71 -14.56 -28.93
C VAL E 241 -44.79 -13.21 -28.23
N CYS E 242 -43.72 -12.42 -28.31
CA CYS E 242 -43.79 -11.06 -27.80
C CYS E 242 -44.05 -10.20 -29.01
N ALA E 243 -45.08 -9.34 -28.95
CA ALA E 243 -45.47 -8.56 -30.11
C ALA E 243 -45.75 -7.09 -29.83
N THR E 244 -45.67 -6.25 -30.91
CA THR E 244 -46.06 -4.85 -31.05
C THR E 244 -45.08 -3.80 -30.47
N GLN E 245 -44.71 -2.83 -31.34
CA GLN E 245 -43.86 -1.67 -31.09
C GLN E 245 -42.45 -2.01 -30.64
N MET E 246 -41.95 -3.21 -30.97
CA MET E 246 -40.61 -3.63 -30.57
C MET E 246 -39.52 -2.74 -31.16
N LEU E 247 -39.64 -2.36 -32.45
CA LEU E 247 -38.70 -1.47 -33.12
C LEU E 247 -39.49 -0.35 -33.84
N GLU E 248 -40.53 0.18 -33.18
CA GLU E 248 -41.44 1.18 -33.73
C GLU E 248 -40.79 2.34 -34.50
N SER E 249 -39.75 2.98 -33.96
CA SER E 249 -39.09 4.10 -34.60
C SER E 249 -38.49 3.73 -35.96
N MET E 250 -38.16 2.44 -36.18
CA MET E 250 -37.60 1.96 -37.45
C MET E 250 -38.59 2.02 -38.62
N ILE E 251 -39.86 2.41 -38.37
CA ILE E 251 -40.83 2.61 -39.45
C ILE E 251 -40.35 3.81 -40.30
N THR E 252 -39.76 4.84 -39.68
CA THR E 252 -39.27 6.00 -40.39
C THR E 252 -37.75 6.19 -40.30
N LYS E 253 -37.08 5.61 -39.29
CA LYS E 253 -35.63 5.79 -39.09
C LYS E 253 -34.84 4.53 -39.34
N PRO E 254 -33.60 4.62 -39.88
CA PRO E 254 -32.83 3.41 -40.18
C PRO E 254 -32.24 2.66 -38.98
N ARG E 255 -32.19 3.32 -37.82
CA ARG E 255 -31.67 2.72 -36.61
C ARG E 255 -32.72 2.86 -35.51
N PRO E 256 -32.84 1.86 -34.62
CA PRO E 256 -33.82 1.96 -33.52
C PRO E 256 -33.30 2.79 -32.34
N THR E 257 -34.18 3.04 -31.36
CA THR E 257 -33.78 3.77 -30.17
C THR E 257 -33.12 2.78 -29.17
N ARG E 258 -32.48 3.34 -28.13
CA ARG E 258 -31.87 2.53 -27.10
C ARG E 258 -32.93 1.70 -26.35
N ALA E 259 -34.16 2.24 -26.21
CA ALA E 259 -35.25 1.53 -25.57
C ALA E 259 -35.74 0.37 -26.39
N GLU E 260 -35.77 0.53 -27.70
CA GLU E 260 -36.20 -0.52 -28.63
C GLU E 260 -35.27 -1.72 -28.67
N THR E 261 -33.93 -1.49 -28.73
CA THR E 261 -33.00 -2.63 -28.74
C THR E 261 -33.06 -3.39 -27.41
N SER E 262 -33.17 -2.63 -26.32
CA SER E 262 -33.32 -3.13 -24.96
C SER E 262 -34.59 -3.98 -24.86
N ASP E 263 -35.70 -3.50 -25.43
CA ASP E 263 -36.97 -4.22 -25.42
C ASP E 263 -36.87 -5.60 -26.13
N VAL E 264 -36.24 -5.63 -27.30
CA VAL E 264 -36.07 -6.88 -28.05
C VAL E 264 -35.21 -7.85 -27.25
N ALA E 265 -34.10 -7.34 -26.68
CA ALA E 265 -33.19 -8.16 -25.90
C ALA E 265 -33.87 -8.71 -24.66
N ASN E 266 -34.69 -7.87 -23.99
CA ASN E 266 -35.35 -8.30 -22.79
C ASN E 266 -36.46 -9.27 -23.06
N ALA E 267 -37.13 -9.20 -24.24
CA ALA E 267 -38.16 -10.18 -24.57
C ALA E 267 -37.50 -11.57 -24.72
N VAL E 268 -36.33 -11.63 -25.38
CA VAL E 268 -35.58 -12.88 -25.55
C VAL E 268 -35.14 -13.37 -24.16
N LEU E 269 -34.54 -12.50 -23.34
CA LEU E 269 -34.11 -12.87 -22.01
C LEU E 269 -35.26 -13.33 -21.12
N ASP E 270 -36.46 -12.73 -21.27
CA ASP E 270 -37.68 -13.11 -20.55
C ASP E 270 -38.07 -14.57 -20.86
N GLY E 271 -37.80 -15.02 -22.09
CA GLY E 271 -38.10 -16.38 -22.51
C GLY E 271 -39.03 -16.50 -23.70
N ALA E 272 -39.21 -15.43 -24.47
CA ALA E 272 -40.08 -15.45 -25.64
C ALA E 272 -39.54 -16.38 -26.74
N ASP E 273 -40.42 -17.20 -27.31
CA ASP E 273 -40.03 -18.12 -28.38
C ASP E 273 -39.91 -17.37 -29.71
N CYS E 274 -40.78 -16.36 -29.90
CA CYS E 274 -40.83 -15.55 -31.12
C CYS E 274 -40.92 -14.08 -30.79
N ILE E 275 -40.33 -13.27 -31.65
CA ILE E 275 -40.43 -11.82 -31.59
C ILE E 275 -41.08 -11.37 -32.92
N MET E 276 -41.93 -10.33 -32.87
CA MET E 276 -42.68 -9.90 -34.03
C MET E 276 -42.40 -8.46 -34.47
N LEU E 277 -42.64 -8.18 -35.77
CA LEU E 277 -42.55 -6.85 -36.36
C LEU E 277 -43.90 -6.61 -37.03
N SER E 278 -44.53 -5.47 -36.75
CA SER E 278 -45.83 -5.16 -37.37
C SER E 278 -45.65 -4.05 -38.43
N GLY E 279 -45.89 -2.78 -38.07
CA GLY E 279 -45.74 -1.65 -38.97
C GLY E 279 -44.33 -1.54 -39.51
N GLU E 280 -43.34 -1.98 -38.71
CA GLU E 280 -41.92 -1.97 -39.06
C GLU E 280 -41.66 -2.69 -40.38
N THR E 281 -42.42 -3.78 -40.68
CA THR E 281 -42.26 -4.52 -41.94
C THR E 281 -43.42 -4.34 -42.92
N ALA E 282 -44.63 -4.15 -42.40
CA ALA E 282 -45.82 -4.03 -43.24
C ALA E 282 -45.88 -2.70 -43.99
N LYS E 283 -45.57 -1.58 -43.31
CA LYS E 283 -45.67 -0.27 -43.94
C LYS E 283 -44.43 0.64 -43.81
N GLY E 284 -43.41 0.16 -43.12
CA GLY E 284 -42.21 0.96 -42.85
C GLY E 284 -41.25 1.16 -43.99
N ASN E 285 -40.33 2.10 -43.84
CA ASN E 285 -39.32 2.39 -44.84
C ASN E 285 -38.10 1.47 -44.76
N PHE E 286 -37.95 0.69 -43.67
CA PHE E 286 -36.80 -0.20 -43.53
C PHE E 286 -37.24 -1.61 -43.09
N PRO E 287 -38.07 -2.33 -43.87
CA PRO E 287 -38.53 -3.66 -43.43
C PRO E 287 -37.42 -4.71 -43.32
N VAL E 288 -36.47 -4.69 -44.25
CA VAL E 288 -35.36 -5.64 -44.21
C VAL E 288 -34.42 -5.30 -43.04
N GLU E 289 -34.15 -4.01 -42.84
CA GLU E 289 -33.27 -3.53 -41.77
C GLU E 289 -33.85 -3.84 -40.38
N ALA E 290 -35.19 -3.80 -40.23
CA ALA E 290 -35.86 -4.14 -38.99
C ALA E 290 -35.67 -5.64 -38.68
N VAL E 291 -35.77 -6.50 -39.71
CA VAL E 291 -35.57 -7.94 -39.56
C VAL E 291 -34.12 -8.20 -39.16
N LYS E 292 -33.18 -7.53 -39.85
CA LYS E 292 -31.76 -7.68 -39.55
C LYS E 292 -31.43 -7.28 -38.11
N MET E 293 -32.06 -6.19 -37.62
CA MET E 293 -31.86 -5.69 -36.27
C MET E 293 -32.36 -6.70 -35.24
N GLN E 294 -33.58 -7.25 -35.44
CA GLN E 294 -34.12 -8.27 -34.53
C GLN E 294 -33.24 -9.50 -34.52
N HIS E 295 -32.71 -9.90 -35.68
CA HIS E 295 -31.82 -11.04 -35.80
C HIS E 295 -30.55 -10.81 -34.99
N ALA E 296 -29.93 -9.64 -35.17
CA ALA E 296 -28.70 -9.28 -34.48
C ALA E 296 -28.86 -9.25 -32.96
N ILE E 297 -29.96 -8.63 -32.46
CA ILE E 297 -30.21 -8.52 -31.03
C ILE E 297 -30.48 -9.87 -30.43
N ALA E 298 -31.34 -10.69 -31.07
CA ALA E 298 -31.71 -12.01 -30.55
C ALA E 298 -30.51 -12.89 -30.35
N ARG E 299 -29.58 -12.92 -31.31
CA ARG E 299 -28.34 -13.69 -31.21
C ARG E 299 -27.53 -13.28 -29.97
N GLU E 300 -27.41 -11.96 -29.72
CA GLU E 300 -26.67 -11.44 -28.57
C GLU E 300 -27.35 -11.84 -27.27
N ALA E 301 -28.68 -11.68 -27.23
CA ALA E 301 -29.47 -11.98 -26.05
C ALA E 301 -29.47 -13.46 -25.73
N GLU E 302 -29.51 -14.35 -26.74
CA GLU E 302 -29.51 -15.80 -26.49
C GLU E 302 -28.22 -16.26 -25.84
N ALA E 303 -27.07 -15.69 -26.26
CA ALA E 303 -25.80 -16.04 -25.66
C ALA E 303 -25.75 -15.56 -24.19
N ALA E 304 -26.44 -14.47 -23.84
CA ALA E 304 -26.49 -13.93 -22.48
C ALA E 304 -27.46 -14.66 -21.54
N VAL E 305 -28.12 -15.72 -22.01
CA VAL E 305 -29.03 -16.48 -21.16
C VAL E 305 -28.25 -17.22 -20.07
N TYR E 306 -28.69 -17.12 -18.81
CA TYR E 306 -28.04 -17.75 -17.67
C TYR E 306 -28.51 -19.21 -17.56
N HIS E 307 -28.00 -20.08 -18.43
CA HIS E 307 -28.41 -21.48 -18.49
C HIS E 307 -28.22 -22.25 -17.20
N ARG E 308 -27.22 -21.88 -16.38
CA ARG E 308 -26.95 -22.59 -15.13
C ARG E 308 -28.16 -22.62 -14.22
N GLN E 309 -28.78 -21.47 -13.94
CA GLN E 309 -29.98 -21.47 -13.13
C GLN E 309 -31.24 -21.83 -13.95
N LEU E 310 -31.30 -21.39 -15.21
CA LEU E 310 -32.44 -21.67 -16.06
C LEU E 310 -32.70 -23.16 -16.22
N PHE E 311 -31.69 -23.96 -16.60
CA PHE E 311 -31.87 -25.40 -16.78
C PHE E 311 -32.28 -26.05 -15.49
N GLU E 312 -31.65 -25.65 -14.37
CA GLU E 312 -32.02 -26.18 -13.07
C GLU E 312 -33.48 -25.93 -12.70
N GLU E 313 -33.95 -24.74 -12.97
CA GLU E 313 -35.32 -24.36 -12.66
C GLU E 313 -36.31 -25.05 -13.58
N LEU E 314 -35.96 -25.19 -14.87
CA LEU E 314 -36.82 -25.88 -15.83
C LEU E 314 -36.91 -27.36 -15.48
N ARG E 315 -35.76 -27.94 -15.18
CA ARG E 315 -35.58 -29.30 -14.73
C ARG E 315 -36.50 -29.60 -13.51
N ARG E 316 -36.44 -28.75 -12.45
CA ARG E 316 -37.18 -28.87 -11.20
C ARG E 316 -38.69 -28.66 -11.43
N ALA E 317 -39.06 -27.65 -12.24
CA ALA E 317 -40.44 -27.30 -12.51
C ALA E 317 -41.21 -28.29 -13.37
N ALA E 318 -40.56 -28.92 -14.38
CA ALA E 318 -41.25 -29.87 -15.25
C ALA E 318 -41.66 -31.07 -14.44
N PRO E 319 -42.93 -31.48 -14.54
CA PRO E 319 -43.39 -32.59 -13.73
C PRO E 319 -42.78 -33.90 -14.10
N LEU E 320 -42.81 -34.87 -13.18
CA LEU E 320 -42.33 -36.22 -13.44
C LEU E 320 -43.23 -36.83 -14.50
N SER E 321 -42.64 -37.63 -15.36
CA SER E 321 -43.37 -38.16 -16.48
C SER E 321 -43.06 -39.58 -16.74
N ARG E 322 -44.08 -40.32 -17.19
CA ARG E 322 -43.83 -41.68 -17.65
C ARG E 322 -43.93 -41.78 -19.19
N ASP E 323 -43.94 -40.65 -19.90
CA ASP E 323 -43.95 -40.57 -21.36
C ASP E 323 -42.51 -40.68 -21.80
N PRO E 324 -42.18 -41.70 -22.59
CA PRO E 324 -40.79 -41.87 -23.03
C PRO E 324 -40.23 -40.72 -23.84
N THR E 325 -41.06 -39.95 -24.57
CA THR E 325 -40.56 -38.81 -25.33
C THR E 325 -40.09 -37.74 -24.35
N GLU E 326 -40.91 -37.46 -23.31
CA GLU E 326 -40.63 -36.50 -22.26
C GLU E 326 -39.33 -36.90 -21.52
N VAL E 327 -39.19 -38.21 -21.17
CA VAL E 327 -38.02 -38.75 -20.49
C VAL E 327 -36.76 -38.69 -21.36
N THR E 328 -36.89 -38.99 -22.65
CA THR E 328 -35.75 -38.95 -23.56
C THR E 328 -35.29 -37.53 -23.76
N ALA E 329 -36.23 -36.57 -23.83
CA ALA E 329 -35.92 -35.15 -24.04
C ALA E 329 -35.05 -34.59 -22.91
N ILE E 330 -35.37 -34.91 -21.65
CA ILE E 330 -34.58 -34.39 -20.55
C ILE E 330 -33.19 -35.07 -20.49
N GLY E 331 -33.12 -36.36 -20.79
CA GLY E 331 -31.84 -37.07 -20.82
C GLY E 331 -30.95 -36.53 -21.93
N ALA E 332 -31.56 -36.18 -23.08
CA ALA E 332 -30.86 -35.62 -24.24
C ALA E 332 -30.32 -34.23 -23.94
N VAL E 333 -31.12 -33.35 -23.32
CA VAL E 333 -30.68 -31.99 -22.99
C VAL E 333 -29.57 -32.03 -21.91
N GLU E 334 -29.71 -32.93 -20.93
CA GLU E 334 -28.70 -33.14 -19.91
C GLU E 334 -27.39 -33.60 -20.55
N ALA E 335 -27.46 -34.55 -21.48
CA ALA E 335 -26.31 -35.08 -22.19
C ALA E 335 -25.64 -33.98 -23.03
N ALA E 336 -26.43 -33.17 -23.74
CA ALA E 336 -25.94 -32.06 -24.56
C ALA E 336 -25.19 -31.03 -23.71
N PHE E 337 -25.70 -30.71 -22.50
CA PHE E 337 -24.99 -29.77 -21.61
C PHE E 337 -23.65 -30.34 -21.13
N LYS E 338 -23.60 -31.63 -20.82
CA LYS E 338 -22.42 -32.31 -20.30
C LYS E 338 -21.23 -32.28 -21.26
N CYS E 339 -21.47 -32.34 -22.57
CA CYS E 339 -20.37 -32.37 -23.54
C CYS E 339 -20.28 -31.12 -24.41
N CYS E 340 -21.15 -30.12 -24.19
CA CYS E 340 -21.23 -28.95 -25.05
C CYS E 340 -21.51 -29.37 -26.49
N ALA E 341 -22.52 -30.26 -26.65
CA ALA E 341 -22.96 -30.76 -27.94
C ALA E 341 -23.32 -29.61 -28.88
N ALA E 342 -22.84 -29.65 -30.11
CA ALA E 342 -23.12 -28.59 -31.07
C ALA E 342 -24.61 -28.55 -31.43
N ALA E 343 -25.24 -29.73 -31.48
CA ALA E 343 -26.63 -29.86 -31.87
C ALA E 343 -27.24 -31.14 -31.30
N ILE E 344 -28.57 -31.18 -31.29
CA ILE E 344 -29.38 -32.33 -30.96
C ILE E 344 -30.17 -32.57 -32.22
N ILE E 345 -29.94 -33.69 -32.91
CA ILE E 345 -30.67 -33.99 -34.14
C ILE E 345 -31.83 -34.87 -33.76
N VAL E 346 -33.06 -34.44 -34.05
CA VAL E 346 -34.24 -35.19 -33.67
C VAL E 346 -35.11 -35.52 -34.89
N LEU E 347 -35.60 -36.76 -34.95
CA LEU E 347 -36.50 -37.16 -36.00
C LEU E 347 -37.90 -36.91 -35.47
N THR E 348 -38.68 -36.13 -36.19
CA THR E 348 -40.03 -35.82 -35.75
C THR E 348 -41.04 -35.83 -36.89
N THR E 349 -42.21 -36.31 -36.59
CA THR E 349 -43.29 -36.37 -37.56
C THR E 349 -44.14 -35.09 -37.44
N THR E 350 -44.69 -34.83 -36.22
CA THR E 350 -45.54 -33.68 -35.88
C THR E 350 -44.80 -32.46 -35.32
N GLY E 351 -43.53 -32.64 -34.94
CA GLY E 351 -42.75 -31.59 -34.32
C GLY E 351 -42.70 -31.70 -32.79
N ARG E 352 -43.56 -32.57 -32.19
CA ARG E 352 -43.67 -32.75 -30.74
C ARG E 352 -42.33 -33.10 -30.06
N SER E 353 -41.56 -34.05 -30.60
CA SER E 353 -40.27 -34.42 -30.02
C SER E 353 -39.30 -33.25 -29.98
N ALA E 354 -39.35 -32.38 -31.00
CA ALA E 354 -38.50 -31.20 -31.03
C ALA E 354 -38.99 -30.17 -30.00
N GLN E 355 -40.32 -30.05 -29.82
CA GLN E 355 -40.89 -29.13 -28.87
C GLN E 355 -40.51 -29.54 -27.45
N LEU E 356 -40.52 -30.83 -27.13
CA LEU E 356 -40.15 -31.32 -25.80
C LEU E 356 -38.69 -31.11 -25.50
N LEU E 357 -37.81 -31.09 -26.51
CA LEU E 357 -36.41 -30.82 -26.29
C LEU E 357 -36.25 -29.30 -26.01
N SER E 358 -36.94 -28.47 -26.81
CA SER E 358 -36.92 -27.01 -26.74
CA SER E 358 -36.90 -27.02 -26.72
C SER E 358 -37.37 -26.46 -25.37
N ARG E 359 -38.35 -27.12 -24.72
CA ARG E 359 -38.86 -26.66 -23.43
C ARG E 359 -37.77 -26.58 -22.36
N TYR E 360 -36.70 -27.41 -22.46
CA TYR E 360 -35.59 -27.38 -21.51
C TYR E 360 -34.52 -26.34 -21.86
N ARG E 361 -34.76 -25.51 -22.88
CA ARG E 361 -33.89 -24.44 -23.34
C ARG E 361 -32.42 -24.86 -23.48
N PRO E 362 -32.13 -25.89 -24.29
CA PRO E 362 -30.72 -26.27 -24.47
C PRO E 362 -29.93 -25.18 -25.17
N ARG E 363 -28.64 -25.14 -24.91
CA ARG E 363 -27.76 -24.24 -25.63
C ARG E 363 -27.47 -24.83 -27.04
N ALA E 364 -27.54 -26.18 -27.18
CA ALA E 364 -27.36 -26.91 -28.42
C ALA E 364 -28.57 -26.67 -29.34
N ALA E 365 -28.31 -26.52 -30.65
CA ALA E 365 -29.40 -26.33 -31.63
C ALA E 365 -30.18 -27.61 -31.75
N VAL E 366 -31.51 -27.51 -31.84
CA VAL E 366 -32.33 -28.70 -32.05
C VAL E 366 -32.62 -28.78 -33.54
N ILE E 367 -31.89 -29.61 -34.26
CA ILE E 367 -32.09 -29.79 -35.69
C ILE E 367 -33.18 -30.84 -35.89
N ALA E 368 -34.35 -30.43 -36.31
CA ALA E 368 -35.48 -31.34 -36.45
C ALA E 368 -35.65 -31.80 -37.90
N VAL E 369 -35.46 -33.08 -38.14
CA VAL E 369 -35.61 -33.65 -39.48
C VAL E 369 -37.01 -34.26 -39.62
N THR E 370 -37.79 -33.72 -40.55
CA THR E 370 -39.17 -34.14 -40.73
C THR E 370 -39.55 -34.27 -42.18
N ARG E 371 -40.50 -35.18 -42.47
CA ARG E 371 -41.05 -35.29 -43.81
C ARG E 371 -42.27 -34.34 -43.98
N SER E 372 -42.89 -33.89 -42.87
CA SER E 372 -44.04 -33.03 -42.94
C SER E 372 -43.66 -31.58 -43.20
N ALA E 373 -44.06 -31.03 -44.35
CA ALA E 373 -43.79 -29.64 -44.71
C ALA E 373 -44.48 -28.68 -43.73
N GLN E 374 -45.69 -29.03 -43.32
CA GLN E 374 -46.44 -28.22 -42.37
C GLN E 374 -45.72 -28.19 -41.01
N ALA E 375 -45.28 -29.35 -40.48
CA ALA E 375 -44.55 -29.43 -39.22
C ALA E 375 -43.25 -28.63 -39.33
N ALA E 376 -42.54 -28.73 -40.46
CA ALA E 376 -41.31 -27.96 -40.66
C ALA E 376 -41.57 -26.45 -40.57
N ARG E 377 -42.72 -25.98 -41.04
CA ARG E 377 -43.07 -24.57 -40.95
C ARG E 377 -43.47 -24.19 -39.53
N GLN E 378 -44.30 -25.03 -38.89
CA GLN E 378 -44.81 -24.80 -37.55
C GLN E 378 -43.76 -24.87 -36.41
N VAL E 379 -42.68 -25.68 -36.57
CA VAL E 379 -41.67 -25.75 -35.51
C VAL E 379 -40.90 -24.43 -35.32
N HIS E 380 -41.09 -23.44 -36.21
CA HIS E 380 -40.52 -22.12 -36.03
C HIS E 380 -41.11 -21.44 -34.76
N LEU E 381 -42.29 -21.87 -34.29
CA LEU E 381 -42.89 -21.36 -33.08
C LEU E 381 -42.05 -21.74 -31.83
N CYS E 382 -41.28 -22.84 -31.87
CA CYS E 382 -40.46 -23.30 -30.74
C CYS E 382 -39.03 -22.81 -30.79
N ARG E 383 -38.57 -22.16 -29.72
CA ARG E 383 -37.22 -21.62 -29.68
C ARG E 383 -36.13 -22.66 -29.83
N GLY E 384 -35.17 -22.40 -30.70
CA GLY E 384 -34.03 -23.27 -30.89
C GLY E 384 -34.24 -24.47 -31.78
N VAL E 385 -35.41 -24.57 -32.44
CA VAL E 385 -35.68 -25.68 -33.36
C VAL E 385 -35.43 -25.20 -34.78
N PHE E 386 -34.55 -25.90 -35.50
CA PHE E 386 -34.13 -25.62 -36.86
C PHE E 386 -34.68 -26.71 -37.78
N PRO E 387 -35.79 -26.43 -38.48
CA PRO E 387 -36.42 -27.47 -39.32
C PRO E 387 -35.69 -27.82 -40.60
N LEU E 388 -35.64 -29.12 -40.90
CA LEU E 388 -35.09 -29.62 -42.14
C LEU E 388 -36.17 -30.47 -42.77
N LEU E 389 -36.63 -30.04 -43.96
CA LEU E 389 -37.63 -30.82 -44.66
C LEU E 389 -36.94 -31.88 -45.49
N TYR E 390 -37.23 -33.15 -45.21
CA TYR E 390 -36.67 -34.29 -45.90
C TYR E 390 -37.64 -34.67 -47.03
N ARG E 391 -37.15 -34.65 -48.28
CA ARG E 391 -38.03 -34.92 -49.42
C ARG E 391 -37.83 -36.33 -50.04
N GLU E 392 -36.84 -37.11 -49.58
CA GLU E 392 -36.56 -38.43 -50.13
C GLU E 392 -37.65 -39.48 -49.90
N PRO E 393 -37.82 -40.41 -50.85
CA PRO E 393 -38.80 -41.47 -50.65
C PRO E 393 -38.26 -42.53 -49.68
N PRO E 394 -39.16 -43.16 -48.92
CA PRO E 394 -38.71 -44.13 -47.90
C PRO E 394 -37.87 -45.29 -48.38
N GLU E 395 -36.97 -45.75 -47.52
CA GLU E 395 -36.14 -46.93 -47.74
C GLU E 395 -36.98 -48.17 -47.41
N ALA E 396 -36.63 -49.33 -47.97
CA ALA E 396 -37.37 -50.57 -47.70
C ALA E 396 -37.19 -50.99 -46.24
N ILE E 397 -35.96 -50.86 -45.72
CA ILE E 397 -35.69 -51.16 -44.32
C ILE E 397 -35.83 -49.87 -43.49
N TRP E 398 -36.80 -49.83 -42.55
CA TRP E 398 -37.04 -48.65 -41.73
C TRP E 398 -35.80 -48.15 -40.98
N ALA E 399 -34.99 -49.07 -40.44
CA ALA E 399 -33.76 -48.69 -39.75
C ALA E 399 -32.79 -47.91 -40.66
N ASP E 400 -32.79 -48.21 -41.96
CA ASP E 400 -31.95 -47.50 -42.93
C ASP E 400 -32.54 -46.12 -43.25
N ASP E 401 -33.87 -46.00 -43.25
CA ASP E 401 -34.58 -44.74 -43.50
C ASP E 401 -34.33 -43.74 -42.37
N VAL E 402 -34.16 -44.25 -41.12
CA VAL E 402 -33.87 -43.44 -39.95
C VAL E 402 -32.43 -42.95 -40.10
N ASP E 403 -31.48 -43.86 -40.38
CA ASP E 403 -30.07 -43.49 -40.57
C ASP E 403 -29.86 -42.47 -41.68
N ARG E 404 -30.69 -42.55 -42.73
CA ARG E 404 -30.59 -41.60 -43.83
C ARG E 404 -31.00 -40.21 -43.41
N ARG E 405 -32.05 -40.12 -42.59
CA ARG E 405 -32.53 -38.85 -42.09
C ARG E 405 -31.56 -38.25 -41.06
N VAL E 406 -30.90 -39.11 -40.26
CA VAL E 406 -29.89 -38.64 -39.31
C VAL E 406 -28.71 -38.07 -40.08
N GLN E 407 -28.25 -38.79 -41.11
CA GLN E 407 -27.16 -38.32 -41.95
C GLN E 407 -27.49 -37.06 -42.70
N PHE E 408 -28.75 -36.91 -43.13
CA PHE E 408 -29.24 -35.71 -43.80
C PHE E 408 -29.13 -34.51 -42.84
N GLY E 409 -29.49 -34.73 -41.58
CA GLY E 409 -29.38 -33.73 -40.53
C GLY E 409 -27.95 -33.33 -40.25
N ILE E 410 -27.01 -34.28 -40.27
CA ILE E 410 -25.59 -33.99 -40.05
C ILE E 410 -25.00 -33.24 -41.25
N GLU E 411 -25.39 -33.65 -42.46
CA GLU E 411 -24.90 -33.01 -43.67
C GLU E 411 -25.42 -31.58 -43.81
N SER E 412 -26.69 -31.33 -43.44
CA SER E 412 -27.23 -29.96 -43.52
C SER E 412 -26.61 -29.07 -42.45
N GLY E 413 -26.33 -29.63 -41.29
CA GLY E 413 -25.74 -28.89 -40.19
C GLY E 413 -24.32 -28.49 -40.54
N LYS E 414 -23.58 -29.41 -41.17
CA LYS E 414 -22.22 -29.12 -41.61
C LYS E 414 -22.23 -28.02 -42.65
N LEU E 415 -23.14 -28.14 -43.62
CA LEU E 415 -23.33 -27.18 -44.69
C LEU E 415 -23.66 -25.79 -44.15
N ARG E 416 -24.59 -25.73 -43.17
CA ARG E 416 -25.05 -24.47 -42.60
C ARG E 416 -24.14 -23.86 -41.53
N GLY E 417 -23.12 -24.60 -41.09
CA GLY E 417 -22.19 -24.08 -40.10
C GLY E 417 -22.45 -24.46 -38.66
N PHE E 418 -23.54 -25.21 -38.38
CA PHE E 418 -23.85 -25.68 -37.04
C PHE E 418 -22.84 -26.71 -36.54
N LEU E 419 -22.31 -27.54 -37.46
CA LEU E 419 -21.43 -28.64 -37.09
C LEU E 419 -20.11 -28.61 -37.83
N ARG E 420 -19.10 -29.18 -37.19
CA ARG E 420 -17.77 -29.36 -37.75
C ARG E 420 -17.28 -30.77 -37.33
N VAL E 421 -16.26 -31.31 -38.03
CA VAL E 421 -15.72 -32.62 -37.70
C VAL E 421 -15.06 -32.55 -36.32
N GLY E 422 -15.38 -33.51 -35.47
CA GLY E 422 -14.88 -33.53 -34.10
C GLY E 422 -15.93 -33.14 -33.07
N ASP E 423 -16.99 -32.43 -33.50
CA ASP E 423 -18.09 -32.03 -32.64
C ASP E 423 -18.87 -33.24 -32.14
N LEU E 424 -19.51 -33.09 -30.98
CA LEU E 424 -20.38 -34.15 -30.48
C LEU E 424 -21.83 -33.77 -30.71
N VAL E 425 -22.66 -34.75 -31.07
CA VAL E 425 -24.09 -34.52 -31.25
C VAL E 425 -24.92 -35.57 -30.50
N ILE E 426 -26.12 -35.17 -30.13
CA ILE E 426 -27.05 -36.06 -29.48
C ILE E 426 -28.13 -36.35 -30.52
N VAL E 427 -28.37 -37.63 -30.81
CA VAL E 427 -29.37 -38.00 -31.81
C VAL E 427 -30.57 -38.59 -31.10
N VAL E 428 -31.75 -38.02 -31.32
CA VAL E 428 -32.97 -38.49 -30.69
C VAL E 428 -33.90 -39.15 -31.71
N THR E 429 -34.17 -40.45 -31.53
CA THR E 429 -35.02 -41.23 -32.43
C THR E 429 -36.04 -42.09 -31.60
N GLY E 430 -36.88 -42.86 -32.32
CA GLY E 430 -37.85 -43.76 -31.72
C GLY E 430 -37.56 -45.20 -32.08
N TRP E 431 -38.32 -46.13 -31.48
CA TRP E 431 -38.11 -47.58 -31.70
C TRP E 431 -38.96 -48.17 -32.85
N ARG E 432 -40.04 -47.49 -33.22
CA ARG E 432 -40.93 -47.92 -34.28
C ARG E 432 -41.46 -46.70 -35.07
N PRO E 433 -41.88 -46.91 -36.32
CA PRO E 433 -42.40 -45.78 -37.11
C PRO E 433 -43.69 -45.19 -36.53
N GLY E 434 -44.00 -43.98 -36.96
CA GLY E 434 -45.16 -43.27 -36.48
C GLY E 434 -44.83 -42.33 -35.36
N SER E 435 -45.64 -41.30 -35.21
CA SER E 435 -45.49 -40.31 -34.17
C SER E 435 -45.80 -40.89 -32.78
N GLY E 436 -45.09 -40.36 -31.77
CA GLY E 436 -45.28 -40.72 -30.37
C GLY E 436 -44.39 -41.80 -29.77
N TYR E 437 -43.37 -42.26 -30.50
CA TYR E 437 -42.53 -43.38 -30.03
C TYR E 437 -41.07 -43.04 -29.81
N THR E 438 -40.72 -41.75 -29.68
CA THR E 438 -39.33 -41.36 -29.38
C THR E 438 -38.91 -41.95 -28.02
N ASN E 439 -37.78 -42.64 -27.98
CA ASN E 439 -37.31 -43.26 -26.74
C ASN E 439 -35.79 -43.54 -26.74
N ILE E 440 -35.07 -43.06 -27.75
CA ILE E 440 -33.63 -43.34 -27.86
C ILE E 440 -32.81 -42.08 -27.98
N MET E 441 -31.71 -42.06 -27.26
CA MET E 441 -30.78 -40.96 -27.32
CA MET E 441 -30.76 -40.95 -27.24
C MET E 441 -29.37 -41.54 -27.54
N ARG E 442 -28.66 -40.99 -28.54
CA ARG E 442 -27.35 -41.48 -28.89
C ARG E 442 -26.32 -40.38 -28.86
N VAL E 443 -25.10 -40.68 -28.36
CA VAL E 443 -24.03 -39.68 -28.41
C VAL E 443 -23.15 -40.05 -29.59
N LEU E 444 -23.13 -39.18 -30.59
CA LEU E 444 -22.42 -39.42 -31.83
C LEU E 444 -21.33 -38.38 -32.08
N SER E 445 -20.16 -38.84 -32.54
CA SER E 445 -19.07 -37.93 -32.86
CA SER E 445 -19.05 -37.94 -32.85
C SER E 445 -19.09 -37.62 -34.35
N ILE E 446 -19.03 -36.34 -34.72
CA ILE E 446 -19.05 -35.93 -36.12
C ILE E 446 -17.75 -36.30 -36.85
N SER E 447 -17.90 -37.09 -37.92
CA SER E 447 -16.78 -37.51 -38.76
C SER E 447 -16.86 -36.83 -40.15
N ALA F 13 -47.68 -30.16 -8.11
CA ALA F 13 -47.97 -30.14 -9.55
C ALA F 13 -46.87 -30.87 -10.39
N ASP F 14 -45.59 -30.79 -9.95
CA ASP F 14 -44.50 -31.52 -10.59
C ASP F 14 -44.60 -33.04 -10.28
N VAL F 15 -45.48 -33.47 -9.36
CA VAL F 15 -45.70 -34.88 -9.06
C VAL F 15 -47.19 -35.25 -9.13
N ALA F 16 -48.11 -34.31 -9.49
CA ALA F 16 -49.55 -34.52 -9.51
C ALA F 16 -50.04 -35.63 -10.48
N GLN F 17 -49.58 -35.61 -11.74
CA GLN F 17 -49.99 -36.64 -12.69
C GLN F 17 -49.41 -37.99 -12.27
N LEU F 18 -48.11 -38.02 -11.95
CA LEU F 18 -47.48 -39.26 -11.53
C LEU F 18 -48.05 -39.82 -10.24
N THR F 19 -48.65 -38.96 -9.40
CA THR F 19 -49.29 -39.38 -8.16
C THR F 19 -50.59 -40.07 -8.45
N GLN F 20 -51.36 -39.53 -9.39
CA GLN F 20 -52.62 -40.11 -9.81
C GLN F 20 -52.38 -41.50 -10.46
N GLU F 21 -51.30 -41.61 -11.26
CA GLU F 21 -50.92 -42.85 -11.91
C GLU F 21 -50.36 -43.92 -10.98
N LEU F 22 -49.32 -43.56 -10.17
CA LEU F 22 -48.64 -44.52 -9.31
C LEU F 22 -49.29 -44.72 -7.95
N GLY F 23 -50.13 -43.77 -7.55
CA GLY F 23 -50.85 -43.80 -6.28
C GLY F 23 -50.18 -43.05 -5.17
N THR F 24 -50.98 -42.67 -4.16
CA THR F 24 -50.47 -41.95 -3.00
C THR F 24 -49.58 -42.86 -2.17
N ALA F 25 -49.92 -44.16 -2.05
CA ALA F 25 -49.11 -45.08 -1.27
C ALA F 25 -47.71 -45.19 -1.83
N PHE F 26 -47.53 -45.10 -3.17
CA PHE F 26 -46.20 -45.17 -3.78
C PHE F 26 -45.33 -44.01 -3.28
N PHE F 27 -45.91 -42.80 -3.25
CA PHE F 27 -45.18 -41.61 -2.85
C PHE F 27 -45.00 -41.46 -1.34
N GLN F 28 -45.58 -42.36 -0.52
CA GLN F 28 -45.38 -42.38 0.94
C GLN F 28 -44.21 -43.30 1.31
N GLN F 29 -43.90 -44.31 0.50
CA GLN F 29 -42.79 -45.25 0.73
C GLN F 29 -41.43 -44.62 0.38
N GLN F 30 -40.35 -45.32 0.75
CA GLN F 30 -38.91 -45.03 0.54
C GLN F 30 -38.53 -43.56 0.72
N GLN F 31 -39.08 -42.93 1.75
CA GLN F 31 -38.84 -41.53 2.12
C GLN F 31 -39.00 -40.56 0.96
N LEU F 32 -39.96 -40.82 0.06
CA LEU F 32 -40.19 -39.95 -1.09
C LEU F 32 -40.64 -38.55 -0.68
N PRO F 33 -41.49 -38.34 0.35
CA PRO F 33 -41.81 -36.95 0.73
C PRO F 33 -40.55 -36.21 1.15
N ALA F 34 -39.67 -36.83 1.96
CA ALA F 34 -38.43 -36.25 2.41
C ALA F 34 -37.45 -36.00 1.24
N ALA F 35 -37.48 -36.86 0.19
CA ALA F 35 -36.60 -36.74 -0.96
C ALA F 35 -37.02 -35.61 -1.91
N MET F 36 -38.32 -35.25 -1.94
CA MET F 36 -38.86 -34.17 -2.76
C MET F 36 -38.77 -32.80 -2.06
N ALA F 37 -38.36 -32.73 -0.78
CA ALA F 37 -38.32 -31.49 -0.01
C ALA F 37 -37.44 -30.42 -0.65
N ASP F 38 -37.84 -29.16 -0.51
CA ASP F 38 -37.14 -28.04 -1.11
C ASP F 38 -35.88 -27.61 -0.36
N THR F 39 -35.79 -27.94 0.95
CA THR F 39 -34.62 -27.62 1.75
C THR F 39 -34.18 -28.87 2.51
N PHE F 40 -32.93 -28.88 2.99
CA PHE F 40 -32.41 -29.97 3.80
C PHE F 40 -33.17 -30.03 5.16
N LEU F 41 -33.55 -28.87 5.71
CA LEU F 41 -34.30 -28.82 6.96
C LEU F 41 -35.66 -29.48 6.77
N GLU F 42 -36.39 -29.13 5.70
CA GLU F 42 -37.69 -29.71 5.37
C GLU F 42 -37.52 -31.23 5.18
N HIS F 43 -36.40 -31.67 4.54
CA HIS F 43 -36.07 -33.06 4.29
C HIS F 43 -35.99 -33.81 5.62
N LEU F 44 -35.25 -33.27 6.60
CA LEU F 44 -35.14 -33.91 7.91
C LEU F 44 -36.50 -34.01 8.60
N CYS F 45 -37.29 -32.93 8.53
CA CYS F 45 -38.61 -32.88 9.15
C CYS F 45 -39.57 -33.87 8.57
N LEU F 46 -39.39 -34.21 7.29
CA LEU F 46 -40.27 -35.16 6.61
C LEU F 46 -39.85 -36.60 6.71
N LEU F 47 -38.74 -36.94 7.37
CA LEU F 47 -38.33 -38.35 7.53
C LEU F 47 -39.39 -39.07 8.36
N ASP F 48 -39.83 -40.24 7.90
CA ASP F 48 -40.93 -40.96 8.52
C ASP F 48 -40.53 -42.37 8.87
N ILE F 49 -40.65 -42.78 10.13
CA ILE F 49 -40.36 -44.15 10.52
C ILE F 49 -41.34 -45.17 9.90
N ASP F 50 -42.53 -44.70 9.49
CA ASP F 50 -43.54 -45.51 8.84
C ASP F 50 -43.36 -45.63 7.33
N SER F 51 -42.50 -44.84 6.72
CA SER F 51 -42.19 -44.91 5.31
C SER F 51 -41.21 -46.05 5.09
N GLU F 52 -41.70 -47.19 4.59
CA GLU F 52 -40.87 -48.37 4.38
C GLU F 52 -39.95 -48.34 3.17
N PRO F 53 -38.69 -48.84 3.33
CA PRO F 53 -37.79 -48.90 2.16
C PRO F 53 -38.27 -49.94 1.15
N VAL F 54 -38.30 -49.59 -0.16
CA VAL F 54 -38.76 -50.52 -1.18
C VAL F 54 -37.59 -51.06 -2.00
N ALA F 55 -36.63 -50.17 -2.35
CA ALA F 55 -35.49 -50.58 -3.18
C ALA F 55 -34.56 -51.62 -2.53
N ALA F 56 -33.79 -52.35 -3.35
CA ALA F 56 -32.83 -53.34 -2.88
C ALA F 56 -31.65 -52.60 -2.26
N ARG F 57 -31.02 -53.21 -1.27
CA ARG F 57 -29.90 -52.62 -0.56
C ARG F 57 -28.72 -52.41 -1.49
N SER F 58 -28.32 -51.17 -1.65
CA SER F 58 -27.29 -50.80 -2.59
C SER F 58 -25.85 -50.70 -2.01
N THR F 59 -25.69 -50.49 -0.70
CA THR F 59 -24.35 -50.40 -0.09
C THR F 59 -23.89 -51.80 0.21
N SER F 60 -22.71 -52.16 -0.32
CA SER F 60 -22.20 -53.52 -0.14
C SER F 60 -21.70 -53.78 1.25
N ILE F 61 -21.81 -55.04 1.67
CA ILE F 61 -21.36 -55.46 2.96
C ILE F 61 -20.13 -56.30 2.78
N ILE F 62 -19.03 -55.92 3.46
CA ILE F 62 -17.78 -56.67 3.45
C ILE F 62 -17.71 -57.39 4.77
N ALA F 63 -17.61 -58.72 4.77
CA ALA F 63 -17.52 -59.47 6.02
C ALA F 63 -16.15 -60.09 6.12
N THR F 64 -15.52 -59.99 7.29
CA THR F 64 -14.22 -60.59 7.51
C THR F 64 -14.40 -62.06 7.84
N ILE F 65 -13.68 -62.94 7.12
CA ILE F 65 -13.77 -64.37 7.36
C ILE F 65 -12.81 -64.79 8.47
N GLY F 66 -13.29 -65.62 9.38
CA GLY F 66 -12.49 -66.15 10.48
C GLY F 66 -13.11 -67.42 11.02
N PRO F 67 -12.68 -67.86 12.21
CA PRO F 67 -13.26 -69.09 12.80
C PRO F 67 -14.79 -69.10 12.90
N ALA F 68 -15.41 -67.94 13.17
CA ALA F 68 -16.86 -67.84 13.30
C ALA F 68 -17.61 -67.90 11.96
N SER F 69 -16.91 -67.69 10.85
CA SER F 69 -17.56 -67.62 9.54
C SER F 69 -16.79 -68.38 8.45
N ARG F 70 -16.21 -69.53 8.78
CA ARG F 70 -15.38 -70.29 7.83
C ARG F 70 -16.05 -71.48 7.21
N SER F 71 -17.00 -72.09 7.95
CA SER F 71 -17.67 -73.27 7.44
C SER F 71 -18.50 -72.96 6.21
N VAL F 72 -18.55 -73.89 5.25
CA VAL F 72 -19.32 -73.74 4.03
C VAL F 72 -20.81 -73.49 4.33
N GLU F 73 -21.34 -74.15 5.37
CA GLU F 73 -22.74 -73.93 5.76
C GLU F 73 -22.96 -72.54 6.32
N ARG F 74 -22.03 -72.06 7.16
CA ARG F 74 -22.09 -70.74 7.76
C ARG F 74 -21.97 -69.66 6.66
N LEU F 75 -21.09 -69.87 5.69
CA LEU F 75 -20.90 -68.94 4.58
C LEU F 75 -22.12 -68.85 3.68
N LYS F 76 -22.86 -69.95 3.50
CA LYS F 76 -24.09 -69.94 2.71
C LYS F 76 -25.12 -69.07 3.44
N GLU F 77 -25.18 -69.14 4.78
CA GLU F 77 -26.06 -68.33 5.61
CA GLU F 77 -26.10 -68.31 5.53
C GLU F 77 -25.71 -66.83 5.45
N MET F 78 -24.40 -66.51 5.39
CA MET F 78 -23.94 -65.12 5.26
CA MET F 78 -23.94 -65.13 5.27
C MET F 78 -24.21 -64.54 3.88
N ILE F 79 -24.17 -65.39 2.85
CA ILE F 79 -24.46 -64.94 1.50
C ILE F 79 -25.97 -64.61 1.44
N LYS F 80 -26.81 -65.45 2.04
CA LYS F 80 -28.24 -65.22 2.11
C LYS F 80 -28.58 -63.98 2.98
N ALA F 81 -27.78 -63.70 4.03
CA ALA F 81 -27.94 -62.54 4.90
C ALA F 81 -27.56 -61.21 4.19
N GLY F 82 -26.68 -61.29 3.17
CA GLY F 82 -26.29 -60.12 2.41
C GLY F 82 -24.82 -59.88 2.16
N MET F 83 -23.94 -60.80 2.55
CA MET F 83 -22.50 -60.59 2.32
C MET F 83 -22.18 -60.48 0.82
N ASN F 84 -21.47 -59.41 0.42
CA ASN F 84 -21.09 -59.21 -0.99
C ASN F 84 -19.60 -59.42 -1.24
N ILE F 85 -18.78 -59.12 -0.23
CA ILE F 85 -17.33 -59.22 -0.29
C ILE F 85 -16.81 -59.96 0.96
N ALA F 86 -15.92 -60.95 0.78
CA ALA F 86 -15.33 -61.68 1.89
C ALA F 86 -13.94 -61.12 2.05
N ARG F 87 -13.58 -60.72 3.25
CA ARG F 87 -12.27 -60.17 3.53
C ARG F 87 -11.40 -61.19 4.28
N LEU F 88 -10.21 -61.43 3.74
CA LEU F 88 -9.22 -62.33 4.36
C LEU F 88 -8.14 -61.47 4.99
N ASN F 89 -8.08 -61.46 6.33
CA ASN F 89 -7.10 -60.62 7.03
C ASN F 89 -5.74 -61.32 7.13
N PHE F 90 -4.78 -60.89 6.31
CA PHE F 90 -3.46 -61.53 6.31
C PHE F 90 -2.55 -61.11 7.50
N SER F 91 -3.11 -60.39 8.47
CA SER F 91 -2.40 -60.08 9.71
C SER F 91 -2.38 -61.34 10.63
N HIS F 92 -3.32 -62.27 10.44
CA HIS F 92 -3.47 -63.49 11.20
C HIS F 92 -3.66 -64.67 10.24
N GLY F 93 -3.18 -65.84 10.62
CA GLY F 93 -3.33 -67.05 9.82
C GLY F 93 -2.25 -67.28 8.78
N SER F 94 -2.10 -68.54 8.41
CA SER F 94 -1.13 -68.96 7.42
C SER F 94 -1.72 -68.96 5.99
N HIS F 95 -0.88 -69.13 4.97
CA HIS F 95 -1.34 -69.23 3.60
C HIS F 95 -2.27 -70.43 3.41
N GLU F 96 -1.99 -71.53 4.11
CA GLU F 96 -2.80 -72.74 4.08
C GLU F 96 -4.20 -72.44 4.64
N TYR F 97 -4.26 -71.67 5.74
CA TYR F 97 -5.49 -71.27 6.40
C TYR F 97 -6.34 -70.43 5.46
N HIS F 98 -5.74 -69.41 4.82
CA HIS F 98 -6.43 -68.52 3.90
C HIS F 98 -6.87 -69.20 2.62
N ALA F 99 -6.09 -70.17 2.10
CA ALA F 99 -6.49 -70.92 0.92
C ALA F 99 -7.73 -71.77 1.23
N GLU F 100 -7.83 -72.31 2.44
CA GLU F 100 -8.99 -73.10 2.84
C GLU F 100 -10.22 -72.20 2.93
N SER F 101 -10.05 -70.96 3.44
CA SER F 101 -11.09 -69.95 3.53
C SER F 101 -11.61 -69.62 2.13
N ILE F 102 -10.69 -69.33 1.18
CA ILE F 102 -11.02 -69.03 -0.22
C ILE F 102 -11.83 -70.15 -0.83
N ALA F 103 -11.40 -71.39 -0.63
CA ALA F 103 -12.04 -72.57 -1.18
C ALA F 103 -13.45 -72.75 -0.62
N ASN F 104 -13.63 -72.46 0.69
CA ASN F 104 -14.91 -72.56 1.36
C ASN F 104 -15.88 -71.49 0.89
N VAL F 105 -15.36 -70.28 0.63
CA VAL F 105 -16.16 -69.18 0.10
C VAL F 105 -16.66 -69.56 -1.28
N ARG F 106 -15.74 -69.98 -2.18
CA ARG F 106 -16.07 -70.40 -3.54
C ARG F 106 -17.04 -71.58 -3.58
N GLU F 107 -16.92 -72.51 -2.65
CA GLU F 107 -17.83 -73.65 -2.58
C GLU F 107 -19.25 -73.18 -2.24
N ALA F 108 -19.41 -72.25 -1.25
CA ALA F 108 -20.70 -71.68 -0.85
C ALA F 108 -21.26 -70.80 -1.96
N VAL F 109 -20.38 -70.04 -2.66
CA VAL F 109 -20.83 -69.16 -3.74
C VAL F 109 -21.34 -69.97 -4.91
N GLU F 110 -20.67 -71.09 -5.22
CA GLU F 110 -21.11 -71.93 -6.33
C GLU F 110 -22.27 -72.83 -5.97
N SER F 111 -22.58 -73.00 -4.68
CA SER F 111 -23.77 -73.74 -4.27
C SER F 111 -25.08 -73.08 -4.85
N PHE F 112 -24.99 -71.81 -5.25
CA PHE F 112 -26.10 -71.04 -5.78
C PHE F 112 -26.00 -70.81 -7.28
N ALA F 113 -25.17 -71.59 -8.00
CA ALA F 113 -25.00 -71.41 -9.43
C ALA F 113 -26.10 -72.02 -10.31
N GLY F 114 -27.09 -72.68 -9.71
CA GLY F 114 -28.19 -73.25 -10.49
C GLY F 114 -28.94 -72.29 -11.41
N SER F 115 -29.12 -71.02 -11.00
CA SER F 115 -29.87 -70.05 -11.80
C SER F 115 -29.40 -68.60 -11.54
N PRO F 116 -29.64 -67.64 -12.47
CA PRO F 116 -29.27 -66.25 -12.18
C PRO F 116 -30.10 -65.67 -11.01
N LEU F 117 -31.31 -66.21 -10.74
CA LEU F 117 -32.17 -65.78 -9.63
C LEU F 117 -31.56 -66.12 -8.26
N SER F 118 -30.74 -67.18 -8.21
CA SER F 118 -30.10 -67.59 -6.97
C SER F 118 -28.62 -67.23 -6.92
N TYR F 119 -27.96 -67.03 -8.07
CA TYR F 119 -26.54 -66.73 -8.07
C TYR F 119 -26.27 -65.39 -7.49
N ARG F 120 -25.19 -65.32 -6.70
CA ARG F 120 -24.76 -64.08 -6.09
C ARG F 120 -23.24 -64.08 -6.14
N PRO F 121 -22.66 -63.29 -7.06
CA PRO F 121 -21.19 -63.23 -7.14
C PRO F 121 -20.62 -62.63 -5.85
N VAL F 122 -19.66 -63.29 -5.21
CA VAL F 122 -19.08 -62.73 -3.98
C VAL F 122 -17.62 -62.41 -4.24
N ALA F 123 -17.20 -61.15 -4.06
CA ALA F 123 -15.81 -60.80 -4.28
C ALA F 123 -14.92 -61.31 -3.13
N ILE F 124 -13.65 -61.61 -3.41
CA ILE F 124 -12.69 -62.04 -2.39
C ILE F 124 -11.61 -60.98 -2.29
N ALA F 125 -11.45 -60.40 -1.10
CA ALA F 125 -10.48 -59.35 -0.90
C ALA F 125 -9.38 -59.77 0.09
N LEU F 126 -8.14 -59.44 -0.24
CA LEU F 126 -7.00 -59.74 0.61
C LEU F 126 -6.59 -58.48 1.37
N ASP F 127 -6.64 -58.50 2.69
CA ASP F 127 -6.22 -57.35 3.49
C ASP F 127 -4.79 -57.61 3.92
N THR F 128 -3.83 -56.79 3.44
CA THR F 128 -2.42 -57.02 3.78
C THR F 128 -2.08 -56.71 5.24
N LYS F 129 -0.99 -57.33 5.74
CA LYS F 129 -0.51 -57.13 7.10
C LYS F 129 0.04 -55.69 7.29
N GLY F 130 0.70 -55.16 6.28
CA GLY F 130 1.23 -53.81 6.32
C GLY F 130 2.72 -53.72 6.49
N PRO F 131 3.26 -52.49 6.46
CA PRO F 131 4.71 -52.30 6.65
C PRO F 131 5.14 -52.37 8.11
N PRO F 135 9.26 -48.63 6.34
CA PRO F 135 9.25 -47.54 5.33
C PRO F 135 8.37 -47.81 4.12
N GLY F 136 8.42 -49.04 3.59
CA GLY F 136 7.63 -49.40 2.43
C GLY F 136 7.12 -50.82 2.48
N LEU F 137 6.94 -51.44 1.30
CA LEU F 137 6.40 -52.80 1.17
C LEU F 137 7.24 -53.87 1.83
N SER F 138 6.67 -54.55 2.82
CA SER F 138 7.37 -55.59 3.55
C SER F 138 7.54 -56.88 2.72
N GLU F 139 8.48 -57.76 3.13
CA GLU F 139 8.73 -59.03 2.45
C GLU F 139 7.56 -59.99 2.59
N GLN F 140 6.88 -59.98 3.76
CA GLN F 140 5.71 -60.82 3.96
C GLN F 140 4.58 -60.34 3.05
N ASP F 141 4.43 -59.02 2.89
CA ASP F 141 3.43 -58.44 2.00
C ASP F 141 3.64 -58.87 0.56
N VAL F 142 4.89 -58.96 0.10
CA VAL F 142 5.18 -59.42 -1.26
C VAL F 142 4.75 -60.89 -1.44
N ARG F 143 5.02 -61.72 -0.44
CA ARG F 143 4.64 -63.12 -0.47
C ARG F 143 3.12 -63.30 -0.45
N ASP F 144 2.42 -62.50 0.38
CA ASP F 144 0.97 -62.52 0.51
C ASP F 144 0.29 -62.00 -0.76
N LEU F 145 0.85 -60.96 -1.38
CA LEU F 145 0.29 -60.42 -2.63
C LEU F 145 0.45 -61.45 -3.75
N ARG F 146 1.58 -62.15 -3.80
CA ARG F 146 1.83 -63.22 -4.77
C ARG F 146 0.81 -64.35 -4.59
N PHE F 147 0.50 -64.67 -3.32
CA PHE F 147 -0.50 -65.68 -2.96
C PHE F 147 -1.88 -65.27 -3.52
N GLY F 148 -2.23 -64.00 -3.37
CA GLY F 148 -3.49 -63.46 -3.85
C GLY F 148 -3.66 -63.57 -5.34
N VAL F 149 -2.59 -63.27 -6.08
CA VAL F 149 -2.62 -63.38 -7.54
C VAL F 149 -2.81 -64.85 -7.95
N GLU F 150 -2.05 -65.75 -7.30
CA GLU F 150 -2.12 -67.18 -7.57
C GLU F 150 -3.47 -67.78 -7.22
N HIS F 151 -4.13 -67.25 -6.18
CA HIS F 151 -5.43 -67.73 -5.79
C HIS F 151 -6.62 -66.95 -6.39
N GLY F 152 -6.34 -65.99 -7.29
CA GLY F 152 -7.36 -65.24 -7.99
C GLY F 152 -8.24 -64.33 -7.15
N VAL F 153 -7.62 -63.56 -6.22
CA VAL F 153 -8.38 -62.60 -5.44
C VAL F 153 -8.80 -61.42 -6.36
N ASP F 154 -9.90 -60.75 -6.01
CA ASP F 154 -10.42 -59.65 -6.83
C ASP F 154 -9.90 -58.31 -6.36
N ILE F 155 -9.80 -58.13 -5.03
CA ILE F 155 -9.44 -56.84 -4.44
C ILE F 155 -8.30 -57.01 -3.43
N VAL F 156 -7.51 -55.96 -3.25
CA VAL F 156 -6.46 -55.91 -2.25
C VAL F 156 -6.75 -54.69 -1.38
N PHE F 157 -6.84 -54.88 -0.06
CA PHE F 157 -6.98 -53.75 0.87
C PHE F 157 -5.55 -53.53 1.34
N ALA F 158 -4.85 -52.56 0.74
CA ALA F 158 -3.46 -52.30 1.11
C ALA F 158 -3.36 -51.51 2.40
N SER F 159 -2.84 -52.12 3.45
CA SER F 159 -2.67 -51.50 4.75
C SER F 159 -1.62 -50.39 4.78
N PHE F 160 -1.86 -49.41 5.65
CA PHE F 160 -1.02 -48.26 5.95
C PHE F 160 -0.40 -47.57 4.71
N VAL F 161 -1.25 -47.18 3.75
CA VAL F 161 -0.77 -46.45 2.57
C VAL F 161 -0.50 -45.02 3.01
N ARG F 162 0.71 -44.53 2.78
CA ARG F 162 1.09 -43.18 3.19
C ARG F 162 1.40 -42.23 2.04
N LYS F 163 1.64 -42.76 0.83
CA LYS F 163 1.97 -41.96 -0.35
C LYS F 163 1.66 -42.74 -1.64
N ALA F 164 1.67 -42.08 -2.79
CA ALA F 164 1.39 -42.74 -4.06
C ALA F 164 2.38 -43.87 -4.41
N SER F 165 3.66 -43.73 -4.00
CA SER F 165 4.66 -44.75 -4.26
C SER F 165 4.36 -46.09 -3.53
N ASP F 166 3.59 -46.03 -2.43
CA ASP F 166 3.18 -47.24 -1.71
C ASP F 166 2.21 -48.05 -2.59
N VAL F 167 1.30 -47.37 -3.27
CA VAL F 167 0.32 -48.00 -4.15
C VAL F 167 1.04 -48.64 -5.34
N ALA F 168 2.04 -47.90 -5.91
CA ALA F 168 2.84 -48.40 -7.02
C ALA F 168 3.58 -49.67 -6.63
N ALA F 169 4.09 -49.73 -5.38
CA ALA F 169 4.78 -50.91 -4.89
C ALA F 169 3.84 -52.12 -4.82
N VAL F 170 2.61 -51.91 -4.37
CA VAL F 170 1.62 -52.99 -4.30
C VAL F 170 1.28 -53.47 -5.72
N ARG F 171 1.12 -52.52 -6.66
CA ARG F 171 0.80 -52.82 -8.05
CA ARG F 171 0.80 -52.82 -8.06
C ARG F 171 1.93 -53.64 -8.69
N ALA F 172 3.19 -53.25 -8.42
CA ALA F 172 4.36 -53.95 -8.94
C ALA F 172 4.41 -55.37 -8.36
N ALA F 173 4.17 -55.54 -7.06
CA ALA F 173 4.18 -56.85 -6.41
C ALA F 173 3.08 -57.79 -6.93
N LEU F 174 1.99 -57.21 -7.48
CA LEU F 174 0.92 -58.02 -8.07
C LEU F 174 1.35 -58.62 -9.43
N GLY F 175 2.35 -58.03 -10.06
CA GLY F 175 2.92 -58.51 -11.32
C GLY F 175 2.03 -58.37 -12.52
N PRO F 176 2.45 -59.04 -13.61
CA PRO F 176 1.69 -58.95 -14.87
C PRO F 176 0.35 -59.66 -14.83
N GLU F 177 0.24 -60.74 -14.03
CA GLU F 177 -1.01 -61.49 -13.92
C GLU F 177 -2.06 -60.86 -13.00
N GLY F 178 -1.65 -59.92 -12.15
CA GLY F 178 -2.55 -59.24 -11.23
C GLY F 178 -2.98 -57.87 -11.70
N HIS F 179 -3.00 -57.66 -13.01
CA HIS F 179 -3.39 -56.36 -13.57
C HIS F 179 -4.88 -56.04 -13.36
N GLY F 180 -5.72 -57.08 -13.31
CA GLY F 180 -7.15 -56.91 -13.11
C GLY F 180 -7.59 -56.65 -11.66
N ILE F 181 -6.73 -56.97 -10.69
CA ILE F 181 -7.02 -56.79 -9.27
C ILE F 181 -7.17 -55.29 -8.89
N LYS F 182 -8.23 -54.98 -8.13
CA LYS F 182 -8.47 -53.62 -7.65
C LYS F 182 -7.68 -53.34 -6.36
N ILE F 183 -6.98 -52.20 -6.30
CA ILE F 183 -6.25 -51.82 -5.11
C ILE F 183 -7.01 -50.75 -4.34
N ILE F 184 -7.48 -51.10 -3.15
CA ILE F 184 -8.19 -50.19 -2.27
C ILE F 184 -7.19 -49.79 -1.17
N SER F 185 -6.73 -48.53 -1.18
CA SER F 185 -5.75 -48.08 -0.21
C SER F 185 -6.37 -47.75 1.13
N LYS F 186 -5.80 -48.33 2.21
CA LYS F 186 -6.27 -48.06 3.55
C LYS F 186 -5.56 -46.84 4.11
N ILE F 187 -6.34 -45.81 4.51
CA ILE F 187 -5.78 -44.61 5.11
C ILE F 187 -5.90 -44.82 6.59
N GLU F 188 -4.75 -44.99 7.29
CA GLU F 188 -4.76 -45.29 8.72
C GLU F 188 -3.89 -44.38 9.58
N ASN F 189 -3.34 -43.29 9.03
CA ASN F 189 -2.51 -42.37 9.81
C ASN F 189 -2.55 -40.92 9.28
N HIS F 190 -1.89 -40.00 9.97
CA HIS F 190 -1.86 -38.60 9.58
C HIS F 190 -1.29 -38.39 8.18
N GLU F 191 -0.20 -39.11 7.84
CA GLU F 191 0.42 -38.94 6.52
C GLU F 191 -0.51 -39.31 5.39
N GLY F 192 -1.21 -40.43 5.53
CA GLY F 192 -2.18 -40.87 4.55
C GLY F 192 -3.30 -39.87 4.37
N VAL F 193 -3.77 -39.25 5.48
CA VAL F 193 -4.81 -38.23 5.39
C VAL F 193 -4.29 -36.99 4.66
N LYS F 194 -3.08 -36.56 4.99
CA LYS F 194 -2.49 -35.39 4.36
C LYS F 194 -2.14 -35.60 2.89
N ARG F 195 -1.71 -36.81 2.54
CA ARG F 195 -1.37 -37.12 1.15
C ARG F 195 -2.52 -37.81 0.42
N PHE F 196 -3.76 -37.64 0.90
CA PHE F 196 -4.95 -38.29 0.37
C PHE F 196 -5.11 -38.16 -1.13
N ASP F 197 -5.01 -36.94 -1.66
CA ASP F 197 -5.22 -36.67 -3.08
C ASP F 197 -4.29 -37.44 -4.01
N GLU F 198 -2.99 -37.54 -3.64
CA GLU F 198 -2.06 -38.28 -4.47
C GLU F 198 -2.32 -39.79 -4.39
N ILE F 199 -2.79 -40.29 -3.24
CA ILE F 199 -3.08 -41.70 -3.07
C ILE F 199 -4.35 -42.09 -3.86
N LEU F 200 -5.39 -41.25 -3.77
CA LEU F 200 -6.64 -41.52 -4.46
C LEU F 200 -6.44 -41.52 -5.98
N GLU F 201 -5.58 -40.63 -6.49
CA GLU F 201 -5.30 -40.53 -7.92
C GLU F 201 -4.80 -41.85 -8.50
N VAL F 202 -3.97 -42.56 -7.76
CA VAL F 202 -3.39 -43.82 -8.21
C VAL F 202 -4.09 -45.07 -7.69
N SER F 203 -5.07 -44.95 -6.77
CA SER F 203 -5.78 -46.11 -6.23
C SER F 203 -7.11 -46.34 -6.95
N ASP F 204 -7.63 -47.54 -6.86
CA ASP F 204 -8.96 -47.83 -7.41
C ASP F 204 -10.10 -47.33 -6.45
N GLY F 205 -9.78 -47.22 -5.17
CA GLY F 205 -10.66 -46.76 -4.12
C GLY F 205 -9.91 -46.64 -2.81
N ILE F 206 -10.65 -46.27 -1.75
CA ILE F 206 -10.09 -46.04 -0.43
C ILE F 206 -10.89 -46.77 0.65
N MET F 207 -10.21 -47.14 1.73
CA MET F 207 -10.86 -47.67 2.91
C MET F 207 -10.51 -46.70 4.05
N VAL F 208 -11.53 -46.24 4.79
CA VAL F 208 -11.34 -45.41 5.97
C VAL F 208 -11.16 -46.39 7.14
N ALA F 209 -9.90 -46.73 7.40
CA ALA F 209 -9.47 -47.68 8.42
C ALA F 209 -9.44 -46.97 9.78
N ARG F 210 -10.63 -46.82 10.39
CA ARG F 210 -10.85 -46.09 11.64
C ARG F 210 -10.14 -46.62 12.88
N GLY F 211 -9.89 -47.93 12.97
CA GLY F 211 -9.17 -48.51 14.10
C GLY F 211 -7.79 -47.89 14.31
N ASP F 212 -6.88 -48.05 13.33
CA ASP F 212 -5.55 -47.46 13.43
C ASP F 212 -5.61 -45.95 13.36
N LEU F 213 -6.48 -45.40 12.51
CA LEU F 213 -6.63 -43.95 12.38
C LEU F 213 -6.97 -43.29 13.72
N GLY F 214 -7.83 -43.95 14.51
CA GLY F 214 -8.24 -43.52 15.83
C GLY F 214 -7.15 -43.52 16.88
N ILE F 215 -6.04 -44.22 16.62
CA ILE F 215 -4.88 -44.25 17.50
C ILE F 215 -3.80 -43.27 16.95
N GLU F 216 -3.69 -43.12 15.62
CA GLU F 216 -2.71 -42.24 14.99
C GLU F 216 -3.08 -40.76 15.07
N ILE F 217 -4.37 -40.46 15.03
CA ILE F 217 -4.90 -39.09 15.18
C ILE F 217 -5.85 -39.07 16.38
N PRO F 218 -6.14 -37.89 16.98
CA PRO F 218 -7.10 -37.86 18.11
C PRO F 218 -8.43 -38.53 17.75
N ALA F 219 -8.96 -39.36 18.63
CA ALA F 219 -10.22 -40.07 18.38
C ALA F 219 -11.38 -39.14 17.95
N GLU F 220 -11.42 -37.94 18.52
CA GLU F 220 -12.47 -36.95 18.21
C GLU F 220 -12.31 -36.29 16.83
N LYS F 221 -11.22 -36.58 16.10
CA LYS F 221 -11.00 -36.02 14.78
C LYS F 221 -11.26 -37.04 13.64
N VAL F 222 -11.45 -38.34 13.98
CA VAL F 222 -11.68 -39.38 12.98
C VAL F 222 -12.91 -39.12 12.13
N PHE F 223 -14.03 -38.64 12.72
CA PHE F 223 -15.23 -38.36 11.93
C PHE F 223 -14.99 -37.32 10.83
N LEU F 224 -14.09 -36.36 11.08
CA LEU F 224 -13.75 -35.33 10.10
C LEU F 224 -13.01 -35.98 8.94
N ALA F 225 -12.08 -36.90 9.24
CA ALA F 225 -11.31 -37.59 8.22
C ALA F 225 -12.23 -38.49 7.39
N GLN F 226 -13.14 -39.20 8.05
CA GLN F 226 -14.09 -40.07 7.38
C GLN F 226 -14.97 -39.25 6.40
N LYS F 227 -15.60 -38.19 6.88
CA LYS F 227 -16.44 -37.33 6.05
C LYS F 227 -15.70 -36.68 4.89
N MET F 228 -14.44 -36.25 5.10
CA MET F 228 -13.64 -35.65 4.03
C MET F 228 -13.27 -36.70 2.96
N MET F 229 -12.80 -37.88 3.37
CA MET F 229 -12.39 -38.92 2.43
C MET F 229 -13.56 -39.48 1.64
N ILE F 230 -14.74 -39.63 2.28
CA ILE F 230 -15.93 -40.08 1.58
C ILE F 230 -16.37 -39.05 0.53
N GLY F 231 -16.36 -37.78 0.92
CA GLY F 231 -16.72 -36.72 -0.01
C GLY F 231 -15.80 -36.63 -1.20
N ARG F 232 -14.48 -36.75 -0.98
CA ARG F 232 -13.52 -36.73 -2.08
C ARG F 232 -13.64 -37.93 -2.97
N CYS F 233 -13.93 -39.11 -2.41
CA CYS F 233 -14.16 -40.32 -3.21
C CYS F 233 -15.41 -40.21 -4.03
N ASN F 234 -16.47 -39.64 -3.48
CA ASN F 234 -17.71 -39.41 -4.19
C ASN F 234 -17.48 -38.43 -5.35
N LEU F 235 -16.68 -37.39 -5.11
CA LEU F 235 -16.36 -36.39 -6.11
C LEU F 235 -15.55 -37.03 -7.24
N ALA F 236 -14.59 -37.90 -6.89
CA ALA F 236 -13.75 -38.62 -7.84
C ALA F 236 -14.46 -39.75 -8.59
N GLY F 237 -15.57 -40.21 -8.07
CA GLY F 237 -16.28 -41.34 -8.65
C GLY F 237 -15.65 -42.67 -8.30
N LYS F 238 -14.88 -42.74 -7.20
CA LYS F 238 -14.19 -43.98 -6.81
C LYS F 238 -14.75 -44.59 -5.54
N PRO F 239 -14.82 -45.93 -5.46
CA PRO F 239 -15.38 -46.55 -4.23
C PRO F 239 -14.66 -46.22 -2.92
N VAL F 240 -15.44 -46.06 -1.86
CA VAL F 240 -14.92 -45.78 -0.53
C VAL F 240 -15.60 -46.72 0.45
N VAL F 241 -14.81 -47.31 1.35
CA VAL F 241 -15.29 -48.25 2.36
C VAL F 241 -15.18 -47.63 3.74
N CYS F 242 -16.25 -47.70 4.55
CA CYS F 242 -16.15 -47.29 5.93
C CYS F 242 -15.91 -48.58 6.73
N ALA F 243 -14.88 -48.57 7.58
CA ALA F 243 -14.50 -49.78 8.29
C ALA F 243 -14.21 -49.57 9.79
N THR F 244 -14.30 -50.67 10.57
CA THR F 244 -13.91 -50.90 11.96
C THR F 244 -14.88 -50.38 13.04
N GLN F 245 -15.27 -51.32 13.94
CA GLN F 245 -16.12 -51.16 15.12
C GLN F 245 -17.50 -50.65 14.83
N MET F 246 -18.01 -50.89 13.62
CA MET F 246 -19.36 -50.42 13.24
C MET F 246 -20.46 -51.05 14.10
N LEU F 247 -20.37 -52.35 14.39
CA LEU F 247 -21.33 -53.05 15.25
C LEU F 247 -20.57 -53.86 16.30
N GLU F 248 -19.50 -53.28 16.87
CA GLU F 248 -18.60 -53.91 17.84
C GLU F 248 -19.27 -54.75 18.94
N SER F 249 -20.30 -54.21 19.63
CA SER F 249 -20.99 -54.93 20.69
C SER F 249 -21.62 -56.25 20.22
N MET F 250 -21.95 -56.36 18.92
CA MET F 250 -22.54 -57.57 18.36
C MET F 250 -21.58 -58.78 18.32
N ILE F 251 -20.31 -58.59 18.74
CA ILE F 251 -19.37 -59.70 18.87
C ILE F 251 -19.88 -60.64 19.98
N THR F 252 -20.44 -60.08 21.07
CA THR F 252 -20.99 -60.87 22.17
C THR F 252 -22.51 -60.74 22.35
N LYS F 253 -23.13 -59.68 21.84
CA LYS F 253 -24.56 -59.47 22.05
C LYS F 253 -25.36 -59.60 20.74
N PRO F 254 -26.60 -60.10 20.80
CA PRO F 254 -27.37 -60.30 19.55
C PRO F 254 -27.93 -59.01 18.91
N ARG F 255 -27.92 -57.90 19.66
CA ARG F 255 -28.42 -56.61 19.21
C ARG F 255 -27.34 -55.55 19.43
N PRO F 256 -27.21 -54.59 18.53
CA PRO F 256 -26.21 -53.53 18.71
C PRO F 256 -26.66 -52.38 19.65
N THR F 257 -25.76 -51.44 19.92
CA THR F 257 -26.10 -50.27 20.73
C THR F 257 -26.73 -49.17 19.84
N ARG F 258 -27.29 -48.15 20.44
CA ARG F 258 -27.87 -47.02 19.73
C ARG F 258 -26.80 -46.25 18.93
N ALA F 259 -25.57 -46.19 19.45
CA ALA F 259 -24.44 -45.56 18.76
C ALA F 259 -24.00 -46.35 17.53
N GLU F 260 -24.03 -47.69 17.62
CA GLU F 260 -23.65 -48.55 16.52
C GLU F 260 -24.60 -48.49 15.34
N THR F 261 -25.93 -48.50 15.57
CA THR F 261 -26.86 -48.42 14.45
C THR F 261 -26.74 -47.06 13.76
N SER F 262 -26.58 -46.03 14.57
CA SER F 262 -26.42 -44.65 14.14
C SER F 262 -25.16 -44.54 13.31
N ASP F 263 -24.08 -45.19 13.73
CA ASP F 263 -22.79 -45.16 13.00
C ASP F 263 -22.91 -45.76 11.61
N VAL F 264 -23.54 -46.94 11.49
CA VAL F 264 -23.76 -47.59 10.21
C VAL F 264 -24.60 -46.71 9.31
N ALA F 265 -25.69 -46.16 9.86
CA ALA F 265 -26.59 -45.31 9.09
C ALA F 265 -25.87 -44.06 8.59
N ASN F 266 -25.04 -43.45 9.45
CA ASN F 266 -24.34 -42.24 9.09
C ASN F 266 -23.25 -42.50 8.09
N ALA F 267 -22.64 -43.67 8.07
CA ALA F 267 -21.62 -43.97 7.07
C ALA F 267 -22.28 -44.03 5.69
N VAL F 268 -23.47 -44.67 5.60
CA VAL F 268 -24.24 -44.74 4.36
C VAL F 268 -24.66 -43.33 3.96
N LEU F 269 -25.22 -42.54 4.90
CA LEU F 269 -25.62 -41.17 4.61
C LEU F 269 -24.46 -40.30 4.19
N ASP F 270 -23.26 -40.53 4.74
CA ASP F 270 -22.04 -39.80 4.37
C ASP F 270 -21.70 -40.03 2.89
N GLY F 271 -22.01 -41.22 2.36
CA GLY F 271 -21.76 -41.56 0.98
C GLY F 271 -20.86 -42.78 0.77
N ALA F 272 -20.68 -43.61 1.79
CA ALA F 272 -19.85 -44.80 1.69
C ALA F 272 -20.43 -45.81 0.70
N ASP F 273 -19.60 -46.37 -0.16
CA ASP F 273 -20.02 -47.37 -1.12
C ASP F 273 -20.16 -48.74 -0.44
N CYS F 274 -19.28 -49.02 0.56
CA CYS F 274 -19.24 -50.28 1.28
C CYS F 274 -19.13 -50.05 2.76
N ILE F 275 -19.71 -50.95 3.53
CA ILE F 275 -19.58 -50.97 4.99
C ILE F 275 -18.97 -52.32 5.37
N MET F 276 -18.13 -52.35 6.41
CA MET F 276 -17.40 -53.57 6.77
C MET F 276 -17.69 -54.10 8.16
N LEU F 277 -17.50 -55.41 8.36
CA LEU F 277 -17.61 -56.10 9.64
C LEU F 277 -16.29 -56.83 9.84
N SER F 278 -15.65 -56.64 11.00
CA SER F 278 -14.35 -57.28 11.26
C SER F 278 -14.56 -58.41 12.30
N GLY F 279 -14.28 -58.15 13.58
CA GLY F 279 -14.47 -59.11 14.65
C GLY F 279 -15.89 -59.62 14.74
N GLU F 280 -16.87 -58.76 14.36
CA GLU F 280 -18.30 -59.05 14.35
C GLU F 280 -18.61 -60.34 13.53
N THR F 281 -17.85 -60.59 12.44
CA THR F 281 -18.06 -61.79 11.63
C THR F 281 -16.92 -62.81 11.74
N ALA F 282 -15.69 -62.33 11.96
CA ALA F 282 -14.54 -63.21 12.01
C ALA F 282 -14.49 -64.06 13.28
N LYS F 283 -14.78 -63.46 14.44
CA LYS F 283 -14.69 -64.17 15.71
C LYS F 283 -15.90 -64.06 16.65
N GLY F 284 -16.88 -63.26 16.28
CA GLY F 284 -18.04 -63.04 17.12
C GLY F 284 -19.03 -64.19 17.21
N ASN F 285 -20.01 -64.06 18.11
CA ASN F 285 -21.05 -65.04 18.33
C ASN F 285 -22.25 -64.90 17.41
N PHE F 286 -22.38 -63.76 16.70
CA PHE F 286 -23.53 -63.54 15.82
C PHE F 286 -23.11 -63.00 14.45
N PRO F 287 -22.31 -63.77 13.67
CA PRO F 287 -21.84 -63.24 12.39
C PRO F 287 -22.96 -63.02 11.37
N VAL F 288 -23.93 -63.93 11.31
CA VAL F 288 -25.04 -63.81 10.38
C VAL F 288 -25.96 -62.65 10.81
N GLU F 289 -26.20 -62.52 12.12
CA GLU F 289 -27.05 -61.45 12.66
C GLU F 289 -26.44 -60.07 12.45
N ALA F 290 -25.10 -59.96 12.49
CA ALA F 290 -24.39 -58.71 12.21
C ALA F 290 -24.57 -58.30 10.74
N VAL F 291 -24.52 -59.27 9.84
CA VAL F 291 -24.72 -59.01 8.41
C VAL F 291 -26.16 -58.58 8.20
N LYS F 292 -27.10 -59.27 8.82
CA LYS F 292 -28.53 -58.91 8.72
C LYS F 292 -28.79 -57.49 9.23
N MET F 293 -28.14 -57.09 10.34
CA MET F 293 -28.28 -55.76 10.92
C MET F 293 -27.74 -54.70 9.96
N GLN F 294 -26.54 -54.89 9.39
CA GLN F 294 -25.97 -53.93 8.44
C GLN F 294 -26.86 -53.81 7.22
N HIS F 295 -27.40 -54.95 6.76
CA HIS F 295 -28.31 -54.97 5.62
C HIS F 295 -29.55 -54.09 5.93
N ALA F 296 -30.18 -54.33 7.10
CA ALA F 296 -31.38 -53.62 7.51
C ALA F 296 -31.15 -52.12 7.65
N ILE F 297 -30.02 -51.72 8.27
CA ILE F 297 -29.72 -50.31 8.47
C ILE F 297 -29.44 -49.63 7.16
N ALA F 298 -28.59 -50.24 6.29
CA ALA F 298 -28.23 -49.65 5.01
C ALA F 298 -29.46 -49.38 4.15
N ARG F 299 -30.41 -50.30 4.11
CA ARG F 299 -31.66 -50.10 3.35
C ARG F 299 -32.43 -48.85 3.86
N GLU F 300 -32.52 -48.67 5.19
CA GLU F 300 -33.19 -47.52 5.77
C GLU F 300 -32.46 -46.23 5.43
N ALA F 301 -31.12 -46.27 5.56
CA ALA F 301 -30.29 -45.12 5.29
C ALA F 301 -30.28 -44.69 3.85
N GLU F 302 -30.29 -45.64 2.90
CA GLU F 302 -30.29 -45.31 1.49
C GLU F 302 -31.56 -44.58 1.09
N ALA F 303 -32.72 -45.00 1.65
CA ALA F 303 -33.98 -44.33 1.34
C ALA F 303 -33.96 -42.90 1.88
N ALA F 304 -33.25 -42.63 3.00
CA ALA F 304 -33.15 -41.30 3.62
C ALA F 304 -32.17 -40.37 2.94
N VAL F 305 -31.50 -40.79 1.86
CA VAL F 305 -30.57 -39.90 1.14
C VAL F 305 -31.34 -38.74 0.44
N TYR F 306 -30.85 -37.51 0.60
CA TYR F 306 -31.48 -36.33 0.02
C TYR F 306 -31.05 -36.16 -1.43
N HIS F 307 -31.60 -36.98 -2.32
CA HIS F 307 -31.23 -36.98 -3.74
C HIS F 307 -31.41 -35.65 -4.46
N ARG F 308 -32.39 -34.83 -4.04
CA ARG F 308 -32.61 -33.54 -4.71
C ARG F 308 -31.38 -32.66 -4.70
N GLN F 309 -30.73 -32.45 -3.54
CA GLN F 309 -29.51 -31.66 -3.52
C GLN F 309 -28.31 -32.49 -3.94
N LEU F 310 -28.27 -33.78 -3.58
CA LEU F 310 -27.15 -34.64 -3.93
C LEU F 310 -26.90 -34.71 -5.42
N PHE F 311 -27.93 -35.04 -6.22
CA PHE F 311 -27.77 -35.15 -7.66
C PHE F 311 -27.36 -33.83 -8.28
N GLU F 312 -27.96 -32.72 -7.83
CA GLU F 312 -27.60 -31.40 -8.29
C GLU F 312 -26.12 -31.08 -8.03
N GLU F 313 -25.61 -31.43 -6.85
CA GLU F 313 -24.23 -31.16 -6.49
C GLU F 313 -23.28 -32.04 -7.26
N LEU F 314 -23.64 -33.32 -7.47
CA LEU F 314 -22.81 -34.26 -8.21
C LEU F 314 -22.71 -33.81 -9.65
N ARG F 315 -23.83 -33.43 -10.23
CA ARG F 315 -23.93 -32.93 -11.58
C ARG F 315 -23.05 -31.68 -11.77
N ARG F 316 -23.19 -30.68 -10.90
CA ARG F 316 -22.43 -29.42 -10.95
C ARG F 316 -20.94 -29.67 -10.75
N ALA F 317 -20.56 -30.56 -9.83
CA ALA F 317 -19.15 -30.81 -9.50
C ALA F 317 -18.43 -31.62 -10.56
N ALA F 318 -19.13 -32.53 -11.23
CA ALA F 318 -18.51 -33.36 -12.25
C ALA F 318 -18.11 -32.46 -13.44
N PRO F 319 -16.86 -32.64 -13.91
CA PRO F 319 -16.37 -31.79 -14.99
C PRO F 319 -17.01 -32.14 -16.33
N LEU F 320 -16.96 -31.18 -17.29
CA LEU F 320 -17.48 -31.44 -18.63
C LEU F 320 -16.68 -32.57 -19.26
N SER F 321 -17.37 -33.38 -20.07
CA SER F 321 -16.70 -34.54 -20.64
C SER F 321 -17.06 -34.76 -22.05
N ARG F 322 -16.08 -35.17 -22.84
CA ARG F 322 -16.33 -35.56 -24.21
C ARG F 322 -16.30 -37.09 -24.39
N ASP F 323 -16.23 -37.85 -23.27
CA ASP F 323 -16.28 -39.31 -23.27
C ASP F 323 -17.74 -39.72 -23.36
N PRO F 324 -18.12 -40.45 -24.41
CA PRO F 324 -19.53 -40.84 -24.57
C PRO F 324 -20.09 -41.69 -23.44
N THR F 325 -19.26 -42.48 -22.76
CA THR F 325 -19.74 -43.29 -21.64
C THR F 325 -20.17 -42.35 -20.49
N GLU F 326 -19.34 -41.34 -20.20
CA GLU F 326 -19.54 -40.34 -19.19
C GLU F 326 -20.81 -39.53 -19.49
N VAL F 327 -20.98 -39.12 -20.76
CA VAL F 327 -22.14 -38.37 -21.25
C VAL F 327 -23.43 -39.22 -21.21
N THR F 328 -23.35 -40.48 -21.59
CA THR F 328 -24.50 -41.37 -21.55
C THR F 328 -24.93 -41.64 -20.12
N ALA F 329 -23.97 -41.79 -19.19
CA ALA F 329 -24.25 -42.04 -17.79
C ALA F 329 -25.09 -40.91 -17.14
N ILE F 330 -24.72 -39.64 -17.38
CA ILE F 330 -25.47 -38.54 -16.79
C ILE F 330 -26.86 -38.39 -17.44
N GLY F 331 -26.98 -38.63 -18.75
CA GLY F 331 -28.27 -38.59 -19.42
C GLY F 331 -29.18 -39.69 -18.90
N ALA F 332 -28.61 -40.89 -18.67
CA ALA F 332 -29.35 -42.05 -18.14
C ALA F 332 -29.85 -41.82 -16.70
N VAL F 333 -29.00 -41.27 -15.83
CA VAL F 333 -29.39 -41.01 -14.44
C VAL F 333 -30.48 -39.91 -14.39
N GLU F 334 -30.32 -38.87 -15.22
CA GLU F 334 -31.29 -37.80 -15.33
CA GLU F 334 -31.29 -37.80 -15.33
C GLU F 334 -32.65 -38.36 -15.79
N ALA F 335 -32.63 -39.26 -16.82
CA ALA F 335 -33.80 -39.90 -17.36
C ALA F 335 -34.50 -40.76 -16.30
N ALA F 336 -33.70 -41.55 -15.52
CA ALA F 336 -34.22 -42.42 -14.46
C ALA F 336 -34.95 -41.60 -13.36
N PHE F 337 -34.38 -40.44 -12.99
CA PHE F 337 -35.01 -39.60 -11.98
C PHE F 337 -36.34 -39.01 -12.50
N LYS F 338 -36.39 -38.62 -13.77
CA LYS F 338 -37.57 -38.03 -14.41
C LYS F 338 -38.82 -38.92 -14.38
N CYS F 339 -38.64 -40.24 -14.49
CA CYS F 339 -39.77 -41.15 -14.53
C CYS F 339 -39.89 -42.06 -13.33
N CYS F 340 -39.00 -41.92 -12.32
CA CYS F 340 -38.96 -42.78 -11.15
C CYS F 340 -38.71 -44.23 -11.60
N ALA F 341 -37.71 -44.37 -12.50
CA ALA F 341 -37.31 -45.63 -13.11
C ALA F 341 -36.94 -46.61 -12.05
N ALA F 342 -37.38 -47.84 -12.26
CA ALA F 342 -37.12 -48.91 -11.28
C ALA F 342 -35.66 -49.38 -11.34
N ALA F 343 -35.09 -49.40 -12.55
CA ALA F 343 -33.73 -49.87 -12.75
C ALA F 343 -33.07 -49.24 -13.98
N ILE F 344 -31.76 -49.31 -14.06
CA ILE F 344 -30.97 -48.90 -15.20
C ILE F 344 -30.22 -50.16 -15.55
N ILE F 345 -30.49 -50.77 -16.71
CA ILE F 345 -29.80 -51.99 -17.11
C ILE F 345 -28.64 -51.59 -17.98
N VAL F 346 -27.42 -51.93 -17.58
CA VAL F 346 -26.24 -51.55 -18.35
C VAL F 346 -25.43 -52.77 -18.76
N LEU F 347 -24.98 -52.77 -20.03
CA LEU F 347 -24.13 -53.85 -20.52
C LEU F 347 -22.71 -53.39 -20.27
N THR F 348 -21.93 -54.20 -19.55
CA THR F 348 -20.56 -53.82 -19.25
C THR F 348 -19.59 -54.99 -19.33
N THR F 349 -18.35 -54.71 -19.75
CA THR F 349 -17.33 -55.73 -19.85
C THR F 349 -16.40 -55.65 -18.63
N THR F 350 -15.90 -54.44 -18.36
CA THR F 350 -14.98 -54.17 -17.27
C THR F 350 -15.67 -53.66 -16.00
N GLY F 351 -16.94 -53.24 -16.12
CA GLY F 351 -17.68 -52.67 -15.01
C GLY F 351 -17.68 -51.13 -15.04
N ARG F 352 -16.83 -50.52 -15.91
CA ARG F 352 -16.69 -49.07 -15.99
C ARG F 352 -18.01 -48.33 -16.27
N SER F 353 -18.82 -48.79 -17.23
CA SER F 353 -20.10 -48.15 -17.53
C SER F 353 -21.02 -48.15 -16.31
N ALA F 354 -21.00 -49.22 -15.51
CA ALA F 354 -21.83 -49.30 -14.33
C ALA F 354 -21.27 -48.35 -13.23
N GLN F 355 -19.94 -48.23 -13.15
CA GLN F 355 -19.32 -47.33 -12.19
C GLN F 355 -19.68 -45.87 -12.51
N LEU F 356 -19.68 -45.48 -13.80
CA LEU F 356 -20.03 -44.13 -14.19
C LEU F 356 -21.47 -43.80 -13.94
N LEU F 357 -22.37 -44.80 -13.95
CA LEU F 357 -23.77 -44.56 -13.63
C LEU F 357 -23.86 -44.33 -12.09
N SER F 358 -23.20 -45.18 -11.32
CA SER F 358 -23.13 -45.20 -9.87
C SER F 358 -22.63 -43.88 -9.25
N ARG F 359 -21.66 -43.22 -9.91
CA ARG F 359 -21.10 -41.97 -9.39
C ARG F 359 -22.17 -40.86 -9.23
N TYR F 360 -23.25 -40.90 -10.04
CA TYR F 360 -24.33 -39.91 -9.93
C TYR F 360 -25.37 -40.26 -8.90
N ARG F 361 -25.15 -41.35 -8.14
CA ARG F 361 -26.00 -41.81 -7.08
C ARG F 361 -27.47 -41.89 -7.47
N PRO F 362 -27.82 -42.66 -8.53
CA PRO F 362 -29.24 -42.81 -8.86
C PRO F 362 -30.01 -43.55 -7.78
N ARG F 363 -31.29 -43.25 -7.66
CA ARG F 363 -32.15 -43.99 -6.76
C ARG F 363 -32.49 -45.39 -7.42
N ALA F 364 -32.50 -45.44 -8.78
CA ALA F 364 -32.72 -46.65 -9.55
C ALA F 364 -31.54 -47.64 -9.40
N ALA F 365 -31.84 -48.94 -9.32
CA ALA F 365 -30.82 -49.98 -9.25
C ALA F 365 -30.09 -50.06 -10.56
N VAL F 366 -28.76 -50.18 -10.53
CA VAL F 366 -27.97 -50.32 -11.74
C VAL F 366 -27.73 -51.81 -11.90
N ILE F 367 -28.49 -52.45 -12.79
CA ILE F 367 -28.34 -53.89 -13.05
C ILE F 367 -27.28 -54.04 -14.13
N ALA F 368 -26.08 -54.50 -13.76
CA ALA F 368 -24.99 -54.63 -14.72
C ALA F 368 -24.92 -56.05 -15.28
N VAL F 369 -25.20 -56.22 -16.58
CA VAL F 369 -25.10 -57.51 -17.24
C VAL F 369 -23.71 -57.67 -17.86
N THR F 370 -22.96 -58.68 -17.41
CA THR F 370 -21.60 -58.88 -17.86
C THR F 370 -21.28 -60.34 -18.08
N ARG F 371 -20.34 -60.60 -18.99
CA ARG F 371 -19.83 -61.96 -19.20
C ARG F 371 -18.59 -62.21 -18.32
N SER F 372 -17.95 -61.13 -17.79
CA SER F 372 -16.78 -61.24 -16.93
C SER F 372 -17.13 -61.58 -15.47
N ALA F 373 -16.73 -62.77 -14.99
CA ALA F 373 -16.98 -63.16 -13.62
C ALA F 373 -16.22 -62.26 -12.64
N GLN F 374 -14.97 -61.85 -13.00
CA GLN F 374 -14.18 -60.96 -12.15
C GLN F 374 -14.85 -59.60 -12.02
N ALA F 375 -15.30 -58.99 -13.15
CA ALA F 375 -16.00 -57.70 -13.16
C ALA F 375 -17.27 -57.82 -12.31
N ALA F 376 -18.02 -58.92 -12.47
CA ALA F 376 -19.23 -59.15 -11.68
C ALA F 376 -18.93 -59.15 -10.16
N ARG F 377 -17.77 -59.67 -9.74
CA ARG F 377 -17.39 -59.66 -8.34
C ARG F 377 -16.92 -58.27 -7.90
N GLN F 378 -16.11 -57.62 -8.71
CA GLN F 378 -15.56 -56.29 -8.41
C GLN F 378 -16.56 -55.14 -8.43
N VAL F 379 -17.66 -55.21 -9.21
CA VAL F 379 -18.66 -54.12 -9.21
C VAL F 379 -19.40 -53.97 -7.86
N HIS F 380 -19.20 -54.94 -6.93
CA HIS F 380 -19.74 -54.82 -5.59
C HIS F 380 -19.10 -53.61 -4.85
N LEU F 381 -17.93 -53.14 -5.30
CA LEU F 381 -17.31 -51.97 -4.73
C LEU F 381 -18.13 -50.68 -4.99
N CYS F 382 -18.93 -50.64 -6.06
CA CYS F 382 -19.73 -49.46 -6.43
C CYS F 382 -21.16 -49.52 -5.92
N ARG F 383 -21.58 -48.48 -5.19
CA ARG F 383 -22.91 -48.43 -4.63
C ARG F 383 -24.04 -48.52 -5.67
N GLY F 384 -24.97 -49.43 -5.43
CA GLY F 384 -26.15 -49.58 -6.26
C GLY F 384 -25.99 -50.41 -7.51
N VAL F 385 -24.83 -51.06 -7.69
CA VAL F 385 -24.61 -51.90 -8.86
C VAL F 385 -24.89 -53.36 -8.49
N PHE F 386 -25.81 -53.99 -9.22
CA PHE F 386 -26.25 -55.38 -9.03
C PHE F 386 -25.75 -56.24 -10.19
N PRO F 387 -24.65 -56.99 -9.99
CA PRO F 387 -24.10 -57.80 -11.09
C PRO F 387 -24.91 -59.05 -11.53
N LEU F 388 -25.03 -59.25 -12.84
CA LEU F 388 -25.65 -60.46 -13.40
C LEU F 388 -24.63 -61.07 -14.32
N LEU F 389 -24.20 -62.28 -13.99
CA LEU F 389 -23.26 -62.99 -14.83
C LEU F 389 -24.02 -63.70 -15.94
N TYR F 390 -23.72 -63.33 -17.19
CA TYR F 390 -24.35 -63.92 -18.38
C TYR F 390 -23.46 -65.05 -18.85
N ARG F 391 -24.01 -66.28 -18.92
CA ARG F 391 -23.22 -67.43 -19.31
C ARG F 391 -23.53 -67.96 -20.73
N GLU F 392 -24.53 -67.39 -21.43
CA GLU F 392 -24.90 -67.84 -22.78
C GLU F 392 -23.83 -67.63 -23.86
N PRO F 393 -23.79 -68.54 -24.85
CA PRO F 393 -22.80 -68.37 -25.94
C PRO F 393 -23.25 -67.28 -26.91
N PRO F 394 -22.28 -66.55 -27.49
CA PRO F 394 -22.64 -65.44 -28.38
C PRO F 394 -23.50 -65.79 -29.58
N GLU F 395 -24.35 -64.85 -29.97
CA GLU F 395 -25.22 -64.94 -31.13
C GLU F 395 -24.38 -64.58 -32.36
N ALA F 396 -24.80 -65.04 -33.55
CA ALA F 396 -24.10 -64.73 -34.80
C ALA F 396 -24.20 -63.23 -35.10
N ILE F 397 -25.39 -62.65 -34.90
CA ILE F 397 -25.58 -61.22 -35.11
C ILE F 397 -25.33 -60.50 -33.78
N TRP F 398 -24.33 -59.62 -33.71
CA TRP F 398 -24.00 -58.91 -32.48
C TRP F 398 -25.18 -58.15 -31.87
N ALA F 399 -25.98 -57.48 -32.70
CA ALA F 399 -27.17 -56.75 -32.24
C ALA F 399 -28.16 -57.66 -31.51
N ASP F 400 -28.25 -58.92 -31.92
CA ASP F 400 -29.12 -59.90 -31.27
C ASP F 400 -28.54 -60.37 -29.93
N ASP F 401 -27.20 -60.46 -29.84
CA ASP F 401 -26.56 -60.89 -28.62
C ASP F 401 -26.77 -59.85 -27.49
N VAL F 402 -26.72 -58.55 -27.87
CA VAL F 402 -26.97 -57.38 -27.07
C VAL F 402 -28.42 -57.46 -26.57
N ASP F 403 -29.40 -57.65 -27.48
CA ASP F 403 -30.81 -57.75 -27.10
C ASP F 403 -31.11 -58.90 -26.20
N ARG F 404 -30.39 -60.01 -26.35
CA ARG F 404 -30.57 -61.16 -25.48
C ARG F 404 -30.08 -60.84 -24.07
N ARG F 405 -28.97 -60.10 -23.94
CA ARG F 405 -28.40 -59.71 -22.67
C ARG F 405 -29.30 -58.72 -21.93
N VAL F 406 -29.92 -57.79 -22.68
CA VAL F 406 -30.87 -56.81 -22.15
C VAL F 406 -32.12 -57.55 -21.66
N GLN F 407 -32.61 -58.50 -22.46
CA GLN F 407 -33.77 -59.29 -22.08
C GLN F 407 -33.50 -60.16 -20.88
N PHE F 408 -32.29 -60.70 -20.76
CA PHE F 408 -31.84 -61.49 -19.61
C PHE F 408 -31.95 -60.64 -18.34
N GLY F 409 -31.54 -59.37 -18.43
CA GLY F 409 -31.56 -58.42 -17.34
C GLY F 409 -32.98 -58.12 -16.92
N ILE F 410 -33.86 -57.91 -17.91
CA ILE F 410 -35.25 -57.61 -17.65
C ILE F 410 -35.95 -58.79 -17.04
N GLU F 411 -35.66 -60.00 -17.54
CA GLU F 411 -36.29 -61.21 -17.01
C GLU F 411 -35.79 -61.53 -15.62
N SER F 412 -34.49 -61.36 -15.35
CA SER F 412 -33.95 -61.62 -14.02
C SER F 412 -34.43 -60.57 -13.01
N GLY F 413 -34.58 -59.32 -13.46
CA GLY F 413 -35.07 -58.25 -12.63
C GLY F 413 -36.53 -58.43 -12.29
N LYS F 414 -37.32 -58.92 -13.25
CA LYS F 414 -38.74 -59.18 -13.01
C LYS F 414 -38.90 -60.32 -12.04
N LEU F 415 -38.13 -61.38 -12.24
CA LEU F 415 -38.22 -62.54 -11.37
C LEU F 415 -37.62 -62.32 -9.99
N ARG F 416 -36.74 -61.34 -9.82
CA ARG F 416 -36.17 -61.04 -8.49
C ARG F 416 -36.88 -59.87 -7.79
N GLY F 417 -38.00 -59.39 -8.34
CA GLY F 417 -38.75 -58.29 -7.77
C GLY F 417 -38.21 -56.90 -8.05
N PHE F 418 -37.02 -56.80 -8.65
CA PHE F 418 -36.43 -55.52 -9.00
C PHE F 418 -37.32 -54.72 -9.95
N LEU F 419 -38.02 -55.43 -10.84
CA LEU F 419 -38.89 -54.84 -11.84
C LEU F 419 -40.28 -55.47 -11.70
N ARG F 420 -41.23 -54.66 -12.07
CA ARG F 420 -42.65 -54.93 -12.05
C ARG F 420 -43.18 -54.46 -13.44
N VAL F 421 -44.20 -55.14 -13.99
CA VAL F 421 -44.75 -54.75 -15.29
C VAL F 421 -45.36 -53.34 -15.18
N GLY F 422 -45.18 -52.54 -16.21
CA GLY F 422 -45.61 -51.16 -16.18
C GLY F 422 -44.49 -50.23 -15.75
N ASP F 423 -43.40 -50.78 -15.15
CA ASP F 423 -42.28 -49.95 -14.75
C ASP F 423 -41.49 -49.47 -15.96
N LEU F 424 -40.83 -48.34 -15.80
CA LEU F 424 -39.97 -47.82 -16.83
C LEU F 424 -38.55 -48.17 -16.45
N VAL F 425 -37.77 -48.48 -17.46
CA VAL F 425 -36.40 -48.90 -17.28
C VAL F 425 -35.51 -48.20 -18.30
N ILE F 426 -34.29 -47.84 -17.90
CA ILE F 426 -33.37 -47.16 -18.79
C ILE F 426 -32.32 -48.18 -19.17
N VAL F 427 -32.09 -48.39 -20.46
CA VAL F 427 -31.11 -49.38 -20.92
C VAL F 427 -29.91 -48.68 -21.50
N VAL F 428 -28.72 -48.98 -20.99
CA VAL F 428 -27.50 -48.35 -21.47
C VAL F 428 -26.62 -49.35 -22.19
N THR F 429 -26.38 -49.10 -23.49
CA THR F 429 -25.58 -50.00 -24.33
C THR F 429 -24.56 -49.16 -25.17
N GLY F 430 -23.75 -49.84 -26.00
CA GLY F 430 -22.79 -49.24 -26.91
C GLY F 430 -23.11 -49.53 -28.37
N TRP F 431 -22.37 -48.91 -29.28
CA TRP F 431 -22.64 -49.03 -30.72
C TRP F 431 -21.84 -50.14 -31.43
N ARG F 432 -20.71 -50.54 -30.88
CA ARG F 432 -19.87 -51.59 -31.46
C ARG F 432 -19.38 -52.49 -30.30
N PRO F 433 -18.97 -53.75 -30.55
CA PRO F 433 -18.51 -54.60 -29.44
C PRO F 433 -17.23 -54.11 -28.78
N GLY F 434 -16.93 -54.66 -27.62
CA GLY F 434 -15.74 -54.27 -26.88
C GLY F 434 -15.99 -53.17 -25.87
N SER F 435 -15.18 -53.14 -24.85
CA SER F 435 -15.24 -52.15 -23.80
C SER F 435 -14.92 -50.74 -24.33
N GLY F 436 -15.53 -49.73 -23.73
CA GLY F 436 -15.26 -48.33 -24.05
C GLY F 436 -16.15 -47.63 -25.07
N TYR F 437 -17.22 -48.30 -25.54
CA TYR F 437 -18.07 -47.71 -26.58
C TYR F 437 -19.51 -47.47 -26.17
N THR F 438 -19.83 -47.41 -24.85
CA THR F 438 -21.18 -47.10 -24.40
C THR F 438 -21.58 -45.71 -24.89
N ASN F 439 -22.74 -45.57 -25.57
CA ASN F 439 -23.17 -44.28 -26.08
C ASN F 439 -24.70 -44.21 -26.32
N ILE F 440 -25.45 -45.23 -25.89
CA ILE F 440 -26.88 -45.28 -26.15
C ILE F 440 -27.67 -45.42 -24.87
N MET F 441 -28.75 -44.67 -24.78
CA MET F 441 -29.65 -44.75 -23.65
CA MET F 441 -29.66 -44.68 -23.64
C MET F 441 -31.06 -44.93 -24.20
N ARG F 442 -31.78 -45.94 -23.69
CA ARG F 442 -33.12 -46.25 -24.18
C ARG F 442 -34.13 -46.24 -23.07
N VAL F 443 -35.32 -45.67 -23.31
CA VAL F 443 -36.38 -45.69 -22.31
C VAL F 443 -37.30 -46.80 -22.73
N LEU F 444 -37.40 -47.86 -21.94
CA LEU F 444 -38.27 -48.98 -22.27
CA LEU F 444 -38.26 -49.00 -22.27
C LEU F 444 -39.34 -49.19 -21.21
N SER F 445 -40.58 -49.50 -21.63
CA SER F 445 -41.66 -49.77 -20.69
C SER F 445 -41.74 -51.30 -20.51
N ILE F 446 -41.70 -51.77 -19.26
CA ILE F 446 -41.69 -53.19 -18.98
CA ILE F 446 -41.69 -53.19 -18.99
C ILE F 446 -43.04 -53.83 -19.25
N SER F 447 -43.04 -54.87 -20.11
CA SER F 447 -44.25 -55.59 -20.46
C SER F 447 -44.32 -56.96 -19.77
N ALA G 25 -55.33 -9.65 2.57
CA ALA G 25 -55.27 -8.53 1.63
C ALA G 25 -53.89 -7.90 1.58
N PHE G 26 -53.21 -7.81 2.74
CA PHE G 26 -51.86 -7.26 2.83
C PHE G 26 -50.89 -8.10 1.98
N PHE G 27 -51.01 -9.43 2.08
CA PHE G 27 -50.14 -10.34 1.35
C PHE G 27 -50.48 -10.49 -0.13
N GLN G 28 -51.57 -9.88 -0.61
CA GLN G 28 -51.92 -9.92 -2.03
C GLN G 28 -51.35 -8.68 -2.78
N GLN G 29 -51.12 -7.56 -2.06
CA GLN G 29 -50.55 -6.33 -2.61
C GLN G 29 -49.02 -6.45 -2.82
N GLN G 30 -48.44 -5.44 -3.50
CA GLN G 30 -47.02 -5.23 -3.84
C GLN G 30 -46.25 -6.52 -4.25
N GLN G 31 -46.91 -7.37 -5.05
CA GLN G 31 -46.39 -8.63 -5.59
C GLN G 31 -45.80 -9.55 -4.52
N LEU G 32 -46.39 -9.56 -3.32
CA LEU G 32 -45.87 -10.38 -2.22
C LEU G 32 -45.93 -11.89 -2.52
N PRO G 33 -46.98 -12.45 -3.16
CA PRO G 33 -46.91 -13.88 -3.53
C PRO G 33 -45.72 -14.19 -4.44
N ALA G 34 -45.45 -13.32 -5.44
CA ALA G 34 -44.33 -13.47 -6.36
C ALA G 34 -42.97 -13.30 -5.64
N ALA G 35 -42.93 -12.46 -4.61
CA ALA G 35 -41.72 -12.21 -3.83
C ALA G 35 -41.34 -13.38 -2.91
N MET G 36 -42.35 -14.17 -2.47
CA MET G 36 -42.17 -15.35 -1.60
C MET G 36 -41.83 -16.62 -2.38
N ALA G 37 -41.92 -16.60 -3.73
CA ALA G 37 -41.69 -17.77 -4.56
C ALA G 37 -40.32 -18.43 -4.36
N ASP G 38 -40.27 -19.78 -4.46
CA ASP G 38 -39.02 -20.54 -4.25
C ASP G 38 -38.07 -20.51 -5.43
N THR G 39 -38.57 -20.24 -6.62
CA THR G 39 -37.74 -20.15 -7.82
C THR G 39 -38.06 -18.87 -8.57
N PHE G 40 -37.15 -18.45 -9.44
CA PHE G 40 -37.38 -17.28 -10.29
C PHE G 40 -38.53 -17.55 -11.27
N LEU G 41 -38.66 -18.80 -11.76
CA LEU G 41 -39.73 -19.18 -12.66
C LEU G 41 -41.08 -19.02 -11.97
N GLU G 42 -41.21 -19.56 -10.74
CA GLU G 42 -42.44 -19.43 -9.94
CA GLU G 42 -42.46 -19.43 -10.00
C GLU G 42 -42.74 -17.96 -9.69
N HIS G 43 -41.69 -17.15 -9.44
CA HIS G 43 -41.79 -15.72 -9.20
C HIS G 43 -42.45 -15.04 -10.39
N LEU G 44 -41.97 -15.33 -11.62
CA LEU G 44 -42.55 -14.75 -12.84
C LEU G 44 -44.01 -15.16 -12.98
N CYS G 45 -44.30 -16.45 -12.75
CA CYS G 45 -45.66 -16.98 -12.88
C CYS G 45 -46.65 -16.36 -11.92
N LEU G 46 -46.17 -15.91 -10.77
CA LEU G 46 -47.01 -15.32 -9.75
C LEU G 46 -47.21 -13.82 -9.88
N LEU G 47 -46.59 -13.16 -10.86
CA LEU G 47 -46.76 -11.71 -11.03
C LEU G 47 -48.22 -11.43 -11.38
N ASP G 48 -48.84 -10.49 -10.65
CA ASP G 48 -50.26 -10.20 -10.80
C ASP G 48 -50.47 -8.75 -11.18
N ILE G 49 -51.16 -8.46 -12.30
CA ILE G 49 -51.46 -7.07 -12.68
C ILE G 49 -52.45 -6.42 -11.71
N ASP G 50 -53.20 -7.21 -10.94
CA ASP G 50 -54.14 -6.71 -9.95
C ASP G 50 -53.49 -6.44 -8.59
N SER G 51 -52.23 -6.87 -8.39
CA SER G 51 -51.51 -6.66 -7.16
C SER G 51 -50.97 -5.24 -7.20
N GLU G 52 -51.60 -4.31 -6.48
CA GLU G 52 -51.20 -2.90 -6.51
C GLU G 52 -49.96 -2.58 -5.71
N PRO G 53 -49.12 -1.66 -6.24
CA PRO G 53 -47.94 -1.24 -5.47
C PRO G 53 -48.35 -0.38 -4.28
N VAL G 54 -47.78 -0.66 -3.10
CA VAL G 54 -48.08 0.11 -1.90
C VAL G 54 -46.92 0.99 -1.51
N ALA G 55 -45.70 0.47 -1.65
CA ALA G 55 -44.48 1.20 -1.30
C ALA G 55 -44.26 2.48 -2.13
N ALA G 56 -43.53 3.43 -1.55
CA ALA G 56 -43.20 4.66 -2.27
C ALA G 56 -42.16 4.32 -3.36
N ARG G 57 -42.19 5.08 -4.45
CA ARG G 57 -41.27 4.89 -5.56
C ARG G 57 -39.83 5.16 -5.11
N SER G 58 -38.98 4.14 -5.19
CA SER G 58 -37.62 4.18 -4.70
C SER G 58 -36.55 4.53 -5.74
N THR G 59 -36.82 4.34 -7.02
CA THR G 59 -35.85 4.67 -8.08
C THR G 59 -35.98 6.14 -8.39
N SER G 60 -34.90 6.92 -8.21
CA SER G 60 -34.99 8.36 -8.45
C SER G 60 -35.12 8.71 -9.90
N ILE G 61 -35.79 9.82 -10.16
CA ILE G 61 -35.99 10.30 -11.50
C ILE G 61 -35.12 11.53 -11.69
N ILE G 62 -34.26 11.50 -12.71
CA ILE G 62 -33.44 12.66 -13.06
C ILE G 62 -34.10 13.30 -14.26
N ALA G 63 -34.44 14.58 -14.19
CA ALA G 63 -35.05 15.27 -15.34
C ALA G 63 -34.12 16.33 -15.83
N THR G 64 -33.91 16.38 -17.15
CA THR G 64 -33.05 17.40 -17.75
C THR G 64 -33.81 18.71 -17.90
N ILE G 65 -33.25 19.81 -17.38
CA ILE G 65 -33.85 21.13 -17.48
C ILE G 65 -33.50 21.81 -18.79
N GLY G 66 -34.49 22.39 -19.44
CA GLY G 66 -34.33 23.11 -20.70
C GLY G 66 -35.49 24.05 -20.94
N PRO G 67 -35.67 24.53 -22.19
CA PRO G 67 -36.78 25.45 -22.47
C PRO G 67 -38.18 24.91 -22.08
N ALA G 68 -38.38 23.58 -22.21
CA ALA G 68 -39.66 22.98 -21.85
C ALA G 68 -39.91 22.88 -20.33
N SER G 69 -38.87 23.03 -19.51
CA SER G 69 -38.96 22.81 -18.08
C SER G 69 -38.19 23.84 -17.25
N ARG G 70 -38.20 25.10 -17.66
CA ARG G 70 -37.41 26.12 -16.97
C ARG G 70 -38.19 27.02 -16.07
N SER G 71 -39.47 27.26 -16.40
CA SER G 71 -40.29 28.16 -15.59
C SER G 71 -40.48 27.61 -14.18
N VAL G 72 -40.52 28.51 -13.20
CA VAL G 72 -40.72 28.16 -11.81
C VAL G 72 -42.04 27.41 -11.63
N GLU G 73 -43.09 27.78 -12.38
CA GLU G 73 -44.38 27.09 -12.31
C GLU G 73 -44.31 25.67 -12.87
N ARG G 74 -43.60 25.51 -14.01
CA ARG G 74 -43.41 24.23 -14.65
C ARG G 74 -42.58 23.31 -13.74
N LEU G 75 -41.53 23.84 -13.09
CA LEU G 75 -40.67 23.11 -12.18
C LEU G 75 -41.41 22.64 -10.93
N LYS G 76 -42.38 23.43 -10.43
CA LYS G 76 -43.22 23.04 -9.30
C LYS G 76 -44.07 21.83 -9.69
N GLU G 77 -44.57 21.79 -10.94
CA GLU G 77 -45.32 20.67 -11.44
C GLU G 77 -44.45 19.42 -11.56
N MET G 78 -43.18 19.58 -11.95
CA MET G 78 -42.28 18.44 -12.09
CA MET G 78 -42.28 18.44 -12.09
C MET G 78 -41.84 17.87 -10.75
N ILE G 79 -41.74 18.73 -9.71
CA ILE G 79 -41.40 18.29 -8.38
C ILE G 79 -42.58 17.44 -7.85
N LYS G 80 -43.81 17.92 -8.09
CA LYS G 80 -45.02 17.20 -7.69
C LYS G 80 -45.18 15.89 -8.46
N ALA G 81 -44.76 15.85 -9.73
CA ALA G 81 -44.80 14.65 -10.58
C ALA G 81 -43.77 13.57 -10.14
N GLY G 82 -42.68 14.00 -9.49
CA GLY G 82 -41.68 13.06 -8.99
C GLY G 82 -40.22 13.33 -9.28
N MET G 83 -39.88 14.49 -9.86
CA MET G 83 -38.49 14.80 -10.17
C MET G 83 -37.67 14.89 -8.88
N ASN G 84 -36.55 14.15 -8.81
CA ASN G 84 -35.69 14.18 -7.64
C ASN G 84 -34.37 14.91 -7.90
N ILE G 85 -33.88 14.83 -9.14
CA ILE G 85 -32.62 15.43 -9.53
C ILE G 85 -32.88 16.22 -10.81
N ALA G 86 -32.39 17.46 -10.85
CA ALA G 86 -32.50 18.32 -12.02
C ALA G 86 -31.13 18.31 -12.73
N ARG G 87 -31.10 17.88 -13.98
CA ARG G 87 -29.85 17.81 -14.75
C ARG G 87 -29.67 19.05 -15.66
N LEU G 88 -28.51 19.70 -15.56
CA LEU G 88 -28.18 20.83 -16.40
C LEU G 88 -27.17 20.34 -17.46
N ASN G 89 -27.58 20.28 -18.72
CA ASN G 89 -26.70 19.80 -19.78
C ASN G 89 -25.80 20.92 -20.29
N PHE G 90 -24.52 20.86 -19.90
CA PHE G 90 -23.58 21.90 -20.29
C PHE G 90 -23.05 21.76 -21.74
N SER G 91 -23.65 20.86 -22.53
CA SER G 91 -23.36 20.77 -23.95
C SER G 91 -24.06 21.93 -24.71
N HIS G 92 -25.14 22.50 -24.12
CA HIS G 92 -25.92 23.58 -24.70
C HIS G 92 -26.13 24.66 -23.65
N GLY G 93 -26.22 25.92 -24.08
CA GLY G 93 -26.50 27.03 -23.18
C GLY G 93 -25.29 27.63 -22.53
N SER G 94 -25.43 28.89 -22.12
CA SER G 94 -24.37 29.65 -21.47
C SER G 94 -24.41 29.48 -19.95
N HIS G 95 -23.35 29.95 -19.26
CA HIS G 95 -23.32 29.94 -17.80
C HIS G 95 -24.45 30.79 -17.22
N GLU G 96 -24.78 31.91 -17.88
CA GLU G 96 -25.86 32.78 -17.46
C GLU G 96 -27.20 32.01 -17.54
N TYR G 97 -27.38 31.24 -18.62
CA TYR G 97 -28.58 30.44 -18.84
C TYR G 97 -28.73 29.39 -17.74
N HIS G 98 -27.65 28.64 -17.45
CA HIS G 98 -27.68 27.60 -16.44
C HIS G 98 -27.85 28.14 -15.02
N ALA G 99 -27.27 29.33 -14.72
CA ALA G 99 -27.44 29.94 -13.42
C ALA G 99 -28.92 30.32 -13.20
N GLU G 100 -29.60 30.77 -14.26
CA GLU G 100 -31.02 31.12 -14.16
CA GLU G 100 -31.02 31.12 -14.16
C GLU G 100 -31.84 29.86 -13.91
N SER G 101 -31.46 28.74 -14.56
CA SER G 101 -32.11 27.44 -14.37
C SER G 101 -31.95 27.00 -12.90
N ILE G 102 -30.72 27.05 -12.33
CA ILE G 102 -30.42 26.69 -10.96
C ILE G 102 -31.28 27.52 -10.00
N ALA G 103 -31.37 28.85 -10.25
CA ALA G 103 -32.13 29.75 -9.41
C ALA G 103 -33.64 29.44 -9.43
N ASN G 104 -34.15 29.06 -10.62
CA ASN G 104 -35.55 28.69 -10.82
C ASN G 104 -35.88 27.37 -10.13
N VAL G 105 -34.92 26.41 -10.15
CA VAL G 105 -35.09 25.13 -9.49
C VAL G 105 -35.17 25.38 -7.98
N ARG G 106 -34.20 26.13 -7.42
CA ARG G 106 -34.18 26.45 -6.01
C ARG G 106 -35.42 27.23 -5.56
N GLU G 107 -35.94 28.12 -6.40
CA GLU G 107 -37.15 28.87 -6.08
C GLU G 107 -38.37 27.94 -6.03
N ALA G 108 -38.51 27.03 -7.02
CA ALA G 108 -39.60 26.07 -7.03
C ALA G 108 -39.49 25.07 -5.84
N VAL G 109 -38.28 24.66 -5.46
CA VAL G 109 -38.09 23.73 -4.35
C VAL G 109 -38.47 24.41 -3.04
N GLU G 110 -38.01 25.66 -2.85
CA GLU G 110 -38.31 26.37 -1.61
C GLU G 110 -39.75 26.84 -1.50
N SER G 111 -40.53 26.83 -2.59
CA SER G 111 -41.94 27.19 -2.52
C SER G 111 -42.77 26.17 -1.69
N PHE G 112 -42.19 25.00 -1.35
CA PHE G 112 -42.85 23.98 -0.53
C PHE G 112 -42.22 23.86 0.86
N ALA G 113 -41.18 24.66 1.17
CA ALA G 113 -40.48 24.61 2.47
C ALA G 113 -41.33 25.06 3.68
N GLY G 114 -42.53 25.57 3.41
CA GLY G 114 -43.48 25.97 4.44
C GLY G 114 -43.92 24.81 5.30
N SER G 115 -43.97 23.61 4.74
CA SER G 115 -44.35 22.41 5.47
C SER G 115 -43.13 21.47 5.56
N PRO G 116 -42.25 21.62 6.58
CA PRO G 116 -41.03 20.77 6.63
C PRO G 116 -41.27 19.25 6.79
N LEU G 117 -42.47 18.82 7.23
CA LEU G 117 -42.75 17.38 7.31
C LEU G 117 -43.10 16.79 5.91
N SER G 118 -43.39 17.66 4.88
CA SER G 118 -43.72 17.18 3.52
C SER G 118 -42.80 17.77 2.38
N TYR G 119 -41.77 18.57 2.77
CA TYR G 119 -40.84 19.23 1.82
C TYR G 119 -39.97 18.20 1.10
N ARG G 120 -39.79 18.37 -0.22
CA ARG G 120 -38.96 17.45 -0.99
C ARG G 120 -37.67 18.09 -1.50
N PRO G 121 -36.50 17.67 -0.99
CA PRO G 121 -35.23 18.22 -1.52
C PRO G 121 -34.98 17.77 -2.96
N VAL G 122 -34.37 18.62 -3.79
CA VAL G 122 -34.09 18.26 -5.18
C VAL G 122 -32.62 18.49 -5.45
N ALA G 123 -31.89 17.47 -5.91
CA ALA G 123 -30.47 17.65 -6.21
C ALA G 123 -30.27 18.38 -7.55
N ILE G 124 -29.14 19.05 -7.69
CA ILE G 124 -28.79 19.68 -8.96
C ILE G 124 -27.53 19.01 -9.49
N ALA G 125 -27.62 18.45 -10.70
CA ALA G 125 -26.48 17.79 -11.31
C ALA G 125 -26.00 18.51 -12.57
N LEU G 126 -24.68 18.61 -12.73
CA LEU G 126 -24.08 19.24 -13.88
C LEU G 126 -23.58 18.17 -14.82
N ASP G 127 -24.09 18.12 -16.06
CA ASP G 127 -23.61 17.14 -17.04
C ASP G 127 -22.60 17.86 -17.91
N THR G 128 -21.33 17.42 -17.87
CA THR G 128 -20.29 18.10 -18.66
C THR G 128 -20.40 17.86 -20.17
N LYS G 129 -19.85 18.75 -20.97
CA LYS G 129 -19.86 18.66 -22.43
C LYS G 129 -18.97 17.49 -22.92
N GLY G 130 -17.83 17.28 -22.25
CA GLY G 130 -16.92 16.20 -22.60
C GLY G 130 -15.66 16.60 -23.33
N PRO G 131 -14.77 15.62 -23.61
CA PRO G 131 -13.48 15.93 -24.25
C PRO G 131 -13.51 16.04 -25.77
N GLY G 134 -10.36 15.35 -28.11
CA GLY G 134 -9.30 15.59 -27.12
C GLY G 134 -8.94 14.37 -26.28
N PRO G 135 -7.76 14.39 -25.65
CA PRO G 135 -7.33 13.21 -24.86
C PRO G 135 -7.87 13.15 -23.43
N GLY G 136 -8.02 14.33 -22.80
CA GLY G 136 -8.49 14.40 -21.42
C GLY G 136 -9.45 15.53 -21.17
N LEU G 137 -9.43 16.08 -19.93
CA LEU G 137 -10.31 17.16 -19.52
C LEU G 137 -10.17 18.44 -20.37
N SER G 138 -11.24 18.82 -21.07
CA SER G 138 -11.23 20.01 -21.91
C SER G 138 -11.24 21.31 -21.09
N GLU G 139 -10.87 22.42 -21.73
CA GLU G 139 -10.81 23.74 -21.11
C GLU G 139 -12.20 24.23 -20.72
N GLN G 140 -13.20 23.94 -21.57
CA GLN G 140 -14.57 24.33 -21.28
C GLN G 140 -15.07 23.54 -20.07
N ASP G 141 -14.72 22.24 -19.99
CA ASP G 141 -15.08 21.40 -18.85
C ASP G 141 -14.52 21.94 -17.54
N VAL G 142 -13.29 22.46 -17.53
CA VAL G 142 -12.70 23.04 -16.33
C VAL G 142 -13.50 24.26 -15.88
N ARG G 143 -13.91 25.10 -16.86
CA ARG G 143 -14.69 26.30 -16.57
C ARG G 143 -16.08 25.95 -16.05
N ASP G 144 -16.70 24.93 -16.64
CA ASP G 144 -18.02 24.46 -16.25
C ASP G 144 -18.01 23.80 -14.87
N LEU G 145 -16.96 23.01 -14.56
CA LEU G 145 -16.84 22.40 -13.24
C LEU G 145 -16.64 23.48 -12.18
N ARG G 146 -15.87 24.54 -12.49
CA ARG G 146 -15.65 25.65 -11.56
C ARG G 146 -16.98 26.39 -11.29
N PHE G 147 -17.81 26.53 -12.35
CA PHE G 147 -19.13 27.14 -12.28
C PHE G 147 -20.00 26.32 -11.30
N GLY G 148 -19.94 24.99 -11.40
CA GLY G 148 -20.69 24.08 -10.55
C GLY G 148 -20.35 24.22 -9.10
N VAL G 149 -19.06 24.33 -8.80
CA VAL G 149 -18.62 24.51 -7.42
C VAL G 149 -19.13 25.86 -6.87
N GLU G 150 -18.99 26.93 -7.68
CA GLU G 150 -19.43 28.27 -7.30
C GLU G 150 -20.93 28.37 -7.11
N HIS G 151 -21.70 27.58 -7.88
CA HIS G 151 -23.15 27.58 -7.75
C HIS G 151 -23.70 26.48 -6.83
N GLY G 152 -22.84 25.73 -6.19
CA GLY G 152 -23.23 24.71 -5.23
C GLY G 152 -23.97 23.51 -5.78
N VAL G 153 -23.52 22.95 -6.92
CA VAL G 153 -24.15 21.76 -7.47
C VAL G 153 -23.79 20.55 -6.60
N ASP G 154 -24.64 19.52 -6.63
CA ASP G 154 -24.43 18.35 -5.78
C ASP G 154 -23.73 17.23 -6.51
N ILE G 155 -24.07 17.05 -7.78
CA ILE G 155 -23.52 15.94 -8.58
C ILE G 155 -22.92 16.44 -9.88
N VAL G 156 -21.93 15.72 -10.39
CA VAL G 156 -21.34 15.99 -11.69
C VAL G 156 -21.48 14.69 -12.51
N PHE G 157 -22.09 14.77 -13.69
CA PHE G 157 -22.14 13.64 -14.60
C PHE G 157 -20.99 13.88 -15.57
N ALA G 158 -19.85 13.24 -15.33
CA ALA G 158 -18.66 13.46 -16.16
C ALA G 158 -18.75 12.69 -17.46
N SER G 159 -18.86 13.42 -18.59
CA SER G 159 -18.95 12.82 -19.92
C SER G 159 -17.67 12.15 -20.40
N PHE G 160 -17.85 11.09 -21.21
CA PHE G 160 -16.81 10.28 -21.86
C PHE G 160 -15.62 9.92 -20.96
N VAL G 161 -15.89 9.30 -19.81
CA VAL G 161 -14.82 8.84 -18.94
C VAL G 161 -14.27 7.55 -19.56
N ARG G 162 -12.94 7.48 -19.79
CA ARG G 162 -12.34 6.30 -20.42
C ARG G 162 -11.39 5.55 -19.53
N LYS G 163 -10.83 6.20 -18.51
CA LYS G 163 -9.85 5.62 -17.58
C LYS G 163 -9.92 6.32 -16.21
N ALA G 164 -9.28 5.75 -15.19
CA ALA G 164 -9.31 6.34 -13.85
C ALA G 164 -8.71 7.74 -13.78
N SER G 165 -7.70 8.02 -14.60
CA SER G 165 -7.07 9.34 -14.61
C SER G 165 -8.02 10.45 -15.08
N ASP G 166 -9.08 10.09 -15.85
CA ASP G 166 -10.09 11.06 -16.28
C ASP G 166 -10.91 11.53 -15.07
N VAL G 167 -11.24 10.60 -14.17
CA VAL G 167 -12.00 10.89 -12.96
C VAL G 167 -11.15 11.75 -12.01
N ALA G 168 -9.84 11.42 -11.90
CA ALA G 168 -8.92 12.17 -11.06
C ALA G 168 -8.83 13.63 -11.55
N ALA G 169 -8.88 13.83 -12.88
CA ALA G 169 -8.84 15.16 -13.46
C ALA G 169 -10.07 15.95 -13.06
N VAL G 170 -11.25 15.31 -13.07
CA VAL G 170 -12.48 15.98 -12.64
C VAL G 170 -12.43 16.33 -11.16
N ARG G 171 -11.91 15.41 -10.31
CA ARG G 171 -11.76 15.60 -8.85
C ARG G 171 -10.80 16.72 -8.52
N ALA G 172 -9.72 16.83 -9.28
CA ALA G 172 -8.76 17.90 -9.09
C ALA G 172 -9.43 19.24 -9.53
N ALA G 173 -10.16 19.20 -10.67
CA ALA G 173 -10.91 20.32 -11.21
C ALA G 173 -12.05 20.78 -10.25
N LEU G 174 -12.48 19.90 -9.31
CA LEU G 174 -13.56 20.28 -8.39
C LEU G 174 -13.07 21.17 -7.25
N GLY G 175 -12.09 22.02 -7.60
CA GLY G 175 -11.48 23.10 -6.82
C GLY G 175 -11.24 22.75 -5.39
N PRO G 176 -10.85 23.74 -4.57
CA PRO G 176 -10.63 23.43 -3.14
C PRO G 176 -11.93 23.20 -2.37
N GLU G 177 -13.05 23.78 -2.84
CA GLU G 177 -14.28 23.71 -2.11
C GLU G 177 -15.39 22.86 -2.76
N GLY G 178 -15.03 22.01 -3.72
CA GLY G 178 -16.01 21.12 -4.34
C GLY G 178 -15.79 19.65 -4.07
N HIS G 179 -15.00 19.33 -3.06
CA HIS G 179 -14.68 17.95 -2.73
C HIS G 179 -15.89 17.08 -2.27
N GLY G 180 -16.96 17.70 -1.76
CA GLY G 180 -18.18 16.98 -1.38
C GLY G 180 -19.12 16.61 -2.54
N ILE G 181 -18.90 17.18 -3.70
CA ILE G 181 -19.68 16.89 -4.91
C ILE G 181 -19.44 15.44 -5.35
N LYS G 182 -20.51 14.73 -5.71
CA LYS G 182 -20.42 13.35 -6.17
C LYS G 182 -20.10 13.30 -7.64
N ILE G 183 -19.12 12.48 -8.04
CA ILE G 183 -18.77 12.33 -9.45
C ILE G 183 -19.33 11.04 -9.97
N ILE G 184 -20.28 11.15 -10.89
CA ILE G 184 -20.88 10.02 -11.54
C ILE G 184 -20.25 9.95 -12.92
N SER G 185 -19.40 8.93 -13.19
CA SER G 185 -18.72 8.78 -14.49
C SER G 185 -19.63 8.22 -15.55
N LYS G 186 -19.71 8.91 -16.70
CA LYS G 186 -20.50 8.43 -17.82
C LYS G 186 -19.66 7.50 -18.68
N ILE G 187 -20.12 6.25 -18.87
CA ILE G 187 -19.44 5.30 -19.72
C ILE G 187 -20.14 5.37 -21.06
N GLU G 188 -19.42 5.88 -22.08
CA GLU G 188 -20.01 6.11 -23.41
C GLU G 188 -19.25 5.50 -24.58
N ASN G 189 -18.18 4.73 -24.33
CA ASN G 189 -17.43 4.11 -25.45
C ASN G 189 -16.82 2.75 -25.05
N HIS G 190 -16.18 2.05 -26.02
CA HIS G 190 -15.57 0.76 -25.77
C HIS G 190 -14.49 0.81 -24.69
N GLU G 191 -13.64 1.85 -24.71
CA GLU G 191 -12.57 1.96 -23.70
C GLU G 191 -13.12 2.07 -22.28
N GLY G 192 -14.15 2.88 -22.09
CA GLY G 192 -14.81 3.05 -20.81
C GLY G 192 -15.40 1.74 -20.31
N VAL G 193 -15.99 0.95 -21.22
CA VAL G 193 -16.56 -0.34 -20.85
C VAL G 193 -15.46 -1.29 -20.45
N LYS G 194 -14.36 -1.34 -21.22
CA LYS G 194 -13.26 -2.24 -20.92
C LYS G 194 -12.50 -1.88 -19.64
N ARG G 195 -12.33 -0.59 -19.37
CA ARG G 195 -11.65 -0.13 -18.16
C ARG G 195 -12.64 0.19 -17.00
N PHE G 196 -13.86 -0.36 -17.08
CA PHE G 196 -14.92 -0.14 -16.11
C PHE G 196 -14.47 -0.27 -14.65
N ASP G 197 -13.77 -1.35 -14.30
CA ASP G 197 -13.40 -1.60 -12.92
C ASP G 197 -12.51 -0.52 -12.31
N GLU G 198 -11.55 -0.01 -13.09
CA GLU G 198 -10.66 1.05 -12.59
C GLU G 198 -11.42 2.37 -12.47
N ILE G 199 -12.40 2.62 -13.34
CA ILE G 199 -13.22 3.83 -13.30
C ILE G 199 -14.16 3.80 -12.08
N LEU G 200 -14.83 2.66 -11.85
CA LEU G 200 -15.76 2.52 -10.75
C LEU G 200 -15.06 2.67 -9.41
N GLU G 201 -13.83 2.17 -9.29
CA GLU G 201 -13.05 2.25 -8.06
C GLU G 201 -12.87 3.67 -7.59
N VAL G 202 -12.64 4.58 -8.53
CA VAL G 202 -12.39 5.98 -8.21
C VAL G 202 -13.62 6.88 -8.37
N SER G 203 -14.75 6.38 -8.89
CA SER G 203 -15.94 7.20 -9.05
C SER G 203 -16.91 7.00 -7.90
N ASP G 204 -17.83 7.95 -7.71
CA ASP G 204 -18.90 7.80 -6.71
C ASP G 204 -20.03 6.92 -7.25
N GLY G 205 -20.16 6.85 -8.56
CA GLY G 205 -21.14 6.06 -9.27
C GLY G 205 -20.94 6.13 -10.76
N ILE G 206 -21.83 5.49 -11.52
CA ILE G 206 -21.75 5.39 -12.98
C ILE G 206 -23.06 5.76 -13.65
N MET G 207 -22.99 6.30 -14.86
CA MET G 207 -24.16 6.52 -15.70
C MET G 207 -23.93 5.68 -16.95
N VAL G 208 -24.92 4.88 -17.32
CA VAL G 208 -24.89 4.11 -18.54
C VAL G 208 -25.46 5.02 -19.61
N ALA G 209 -24.54 5.77 -20.28
CA ALA G 209 -24.85 6.79 -21.30
C ALA G 209 -25.07 6.07 -22.63
N ARG G 210 -26.28 5.52 -22.81
CA ARG G 210 -26.66 4.67 -23.95
C ARG G 210 -26.64 5.34 -25.31
N GLY G 211 -26.85 6.65 -25.36
CA GLY G 211 -26.82 7.41 -26.60
C GLY G 211 -25.50 7.27 -27.33
N ASP G 212 -24.41 7.77 -26.72
CA ASP G 212 -23.09 7.64 -27.34
C ASP G 212 -22.62 6.22 -27.38
N LEU G 213 -22.90 5.45 -26.33
CA LEU G 213 -22.50 4.05 -26.27
C LEU G 213 -23.06 3.25 -27.46
N GLY G 214 -24.30 3.54 -27.84
CA GLY G 214 -24.97 2.92 -28.98
C GLY G 214 -24.38 3.26 -30.34
N ILE G 215 -23.56 4.31 -30.41
CA ILE G 215 -22.88 4.74 -31.62
C ILE G 215 -21.42 4.21 -31.59
N GLU G 216 -20.79 4.15 -30.41
CA GLU G 216 -19.40 3.69 -30.25
C GLU G 216 -19.25 2.19 -30.31
N ILE G 217 -20.26 1.44 -29.86
CA ILE G 217 -20.29 -0.03 -29.90
C ILE G 217 -21.55 -0.44 -30.68
N PRO G 218 -21.62 -1.68 -31.21
CA PRO G 218 -22.84 -2.09 -31.94
C PRO G 218 -24.10 -1.90 -31.11
N ALA G 219 -25.16 -1.36 -31.70
CA ALA G 219 -26.41 -1.10 -30.97
C ALA G 219 -26.96 -2.32 -30.24
N GLU G 220 -26.81 -3.51 -30.82
CA GLU G 220 -27.28 -4.76 -30.23
C GLU G 220 -26.43 -5.25 -29.04
N LYS G 221 -25.33 -4.59 -28.73
CA LYS G 221 -24.47 -4.96 -27.59
C LYS G 221 -24.66 -4.03 -26.38
N VAL G 222 -25.39 -2.89 -26.54
CA VAL G 222 -25.60 -1.94 -25.45
C VAL G 222 -26.29 -2.57 -24.23
N PHE G 223 -27.30 -3.44 -24.43
CA PHE G 223 -27.98 -4.10 -23.33
C PHE G 223 -27.02 -4.94 -22.46
N LEU G 224 -25.97 -5.53 -23.06
CA LEU G 224 -24.97 -6.31 -22.33
C LEU G 224 -24.14 -5.39 -21.46
N ALA G 225 -23.76 -4.23 -21.99
CA ALA G 225 -22.98 -3.24 -21.25
C ALA G 225 -23.79 -2.67 -20.08
N GLN G 226 -25.10 -2.36 -20.33
CA GLN G 226 -25.99 -1.86 -19.30
C GLN G 226 -26.12 -2.89 -18.18
N LYS G 227 -26.50 -4.13 -18.51
CA LYS G 227 -26.65 -5.18 -17.52
C LYS G 227 -25.36 -5.46 -16.72
N MET G 228 -24.19 -5.42 -17.38
CA MET G 228 -22.93 -5.67 -16.70
C MET G 228 -22.59 -4.54 -15.72
N MET G 229 -22.71 -3.30 -16.16
CA MET G 229 -22.37 -2.15 -15.34
C MET G 229 -23.30 -2.01 -14.16
N ILE G 230 -24.61 -2.28 -14.35
CA ILE G 230 -25.56 -2.21 -13.25
C ILE G 230 -25.21 -3.29 -12.19
N GLY G 231 -24.92 -4.50 -12.66
CA GLY G 231 -24.55 -5.57 -11.75
C GLY G 231 -23.31 -5.26 -10.93
N ARG G 232 -22.27 -4.74 -11.60
CA ARG G 232 -21.03 -4.40 -10.90
C ARG G 232 -21.22 -3.25 -9.93
N CYS G 233 -22.09 -2.27 -10.27
CA CYS G 233 -22.37 -1.16 -9.36
C CYS G 233 -23.14 -1.64 -8.16
N ASN G 234 -24.08 -2.56 -8.37
CA ASN G 234 -24.85 -3.15 -7.27
C ASN G 234 -23.88 -3.91 -6.32
N LEU G 235 -22.92 -4.65 -6.91
CA LEU G 235 -21.92 -5.40 -6.17
C LEU G 235 -21.03 -4.44 -5.36
N ALA G 236 -20.64 -3.31 -5.97
CA ALA G 236 -19.81 -2.29 -5.32
C ALA G 236 -20.55 -1.40 -4.31
N GLY G 237 -21.88 -1.40 -4.35
CA GLY G 237 -22.71 -0.55 -3.50
C GLY G 237 -22.69 0.90 -3.94
N LYS G 238 -22.48 1.15 -5.24
CA LYS G 238 -22.40 2.51 -5.76
C LYS G 238 -23.54 2.81 -6.70
N PRO G 239 -24.08 4.04 -6.67
CA PRO G 239 -25.20 4.35 -7.55
C PRO G 239 -24.92 4.19 -9.05
N VAL G 240 -25.93 3.71 -9.78
CA VAL G 240 -25.85 3.53 -11.21
C VAL G 240 -27.10 4.14 -11.83
N VAL G 241 -26.92 4.96 -12.87
CA VAL G 241 -28.01 5.63 -13.57
C VAL G 241 -28.21 5.01 -14.94
N CYS G 242 -29.44 4.68 -15.32
CA CYS G 242 -29.71 4.25 -16.69
C CYS G 242 -30.20 5.50 -17.41
N ALA G 243 -29.59 5.80 -18.57
CA ALA G 243 -29.90 7.04 -19.26
C ALA G 243 -30.09 6.88 -20.75
N THR G 244 -30.79 7.89 -21.36
CA THR G 244 -31.00 8.16 -22.79
C THR G 244 -32.04 7.28 -23.51
N GLN G 245 -33.00 7.98 -24.14
CA GLN G 245 -34.08 7.48 -24.98
C GLN G 245 -35.04 6.55 -24.28
N MET G 246 -35.15 6.64 -22.95
CA MET G 246 -36.05 5.78 -22.18
C MET G 246 -37.52 5.97 -22.60
N LEU G 247 -37.96 7.21 -22.79
CA LEU G 247 -39.33 7.53 -23.22
C LEU G 247 -39.27 8.51 -24.42
N GLU G 248 -38.34 8.30 -25.34
CA GLU G 248 -38.05 9.14 -26.50
C GLU G 248 -39.29 9.63 -27.28
N SER G 249 -40.24 8.76 -27.59
CA SER G 249 -41.45 9.14 -28.31
C SER G 249 -42.28 10.20 -27.57
N MET G 250 -42.17 10.26 -26.23
CA MET G 250 -42.92 11.24 -25.44
C MET G 250 -42.44 12.68 -25.64
N ILE G 251 -41.39 12.91 -26.46
CA ILE G 251 -40.96 14.26 -26.82
C ILE G 251 -42.09 14.92 -27.63
N THR G 252 -42.75 14.15 -28.52
CA THR G 252 -43.84 14.67 -29.34
C THR G 252 -45.20 14.05 -29.03
N LYS G 253 -45.26 12.86 -28.41
CA LYS G 253 -46.52 12.18 -28.14
C LYS G 253 -46.85 12.11 -26.66
N PRO G 254 -48.14 12.20 -26.28
CA PRO G 254 -48.50 12.18 -24.84
C PRO G 254 -48.38 10.83 -24.14
N ARG G 255 -48.25 9.73 -24.90
CA ARG G 255 -48.10 8.39 -24.35
C ARG G 255 -46.86 7.73 -24.98
N PRO G 256 -46.12 6.91 -24.21
CA PRO G 256 -44.95 6.23 -24.78
C PRO G 256 -45.29 4.94 -25.55
N THR G 257 -44.29 4.34 -26.19
CA THR G 257 -44.49 3.09 -26.91
C THR G 257 -44.39 1.91 -25.93
N ARG G 258 -44.77 0.71 -26.40
CA ARG G 258 -44.69 -0.51 -25.63
C ARG G 258 -43.24 -0.83 -25.28
N ALA G 259 -42.30 -0.51 -26.18
CA ALA G 259 -40.88 -0.75 -25.95
C ALA G 259 -40.32 0.20 -24.90
N GLU G 260 -40.80 1.44 -24.88
CA GLU G 260 -40.35 2.43 -23.92
C GLU G 260 -40.77 2.13 -22.49
N THR G 261 -42.02 1.69 -22.26
CA THR G 261 -42.44 1.36 -20.90
C THR G 261 -41.66 0.12 -20.40
N SER G 262 -41.47 -0.84 -21.29
CA SER G 262 -40.73 -2.06 -21.05
C SER G 262 -39.27 -1.71 -20.68
N ASP G 263 -38.66 -0.78 -21.41
CA ASP G 263 -37.29 -0.35 -21.16
C ASP G 263 -37.14 0.24 -19.76
N VAL G 264 -38.05 1.14 -19.35
CA VAL G 264 -38.01 1.75 -18.03
C VAL G 264 -38.14 0.68 -16.94
N ALA G 265 -39.09 -0.24 -17.13
CA ALA G 265 -39.32 -1.31 -16.19
C ALA G 265 -38.11 -2.23 -16.06
N ASN G 266 -37.50 -2.54 -17.18
CA ASN G 266 -36.34 -3.44 -17.18
C ASN G 266 -35.11 -2.79 -16.60
N ALA G 267 -34.94 -1.47 -16.72
CA ALA G 267 -33.81 -0.78 -16.12
C ALA G 267 -33.93 -0.86 -14.59
N VAL G 268 -35.17 -0.66 -14.04
CA VAL G 268 -35.42 -0.80 -12.61
C VAL G 268 -35.16 -2.25 -12.19
N LEU G 269 -35.72 -3.23 -12.92
CA LEU G 269 -35.51 -4.64 -12.63
C LEU G 269 -34.05 -5.05 -12.70
N ASP G 270 -33.28 -4.45 -13.61
CA ASP G 270 -31.84 -4.72 -13.75
C ASP G 270 -31.10 -4.29 -12.48
N GLY G 271 -31.58 -3.25 -11.79
CA GLY G 271 -30.96 -2.77 -10.58
C GLY G 271 -30.51 -1.33 -10.61
N ALA G 272 -31.01 -0.52 -11.57
CA ALA G 272 -30.62 0.89 -11.65
C ALA G 272 -31.13 1.69 -10.45
N ASP G 273 -30.28 2.54 -9.89
CA ASP G 273 -30.65 3.40 -8.79
C ASP G 273 -31.46 4.60 -9.26
N CYS G 274 -31.12 5.13 -10.45
CA CYS G 274 -31.78 6.28 -11.05
C CYS G 274 -32.12 5.99 -12.50
N ILE G 275 -33.20 6.60 -12.96
CA ILE G 275 -33.62 6.59 -14.35
C ILE G 275 -33.68 8.07 -14.80
N MET G 276 -33.31 8.33 -16.05
CA MET G 276 -33.20 9.71 -16.55
C MET G 276 -34.12 10.02 -17.70
N LEU G 277 -34.43 11.32 -17.84
CA LEU G 277 -35.19 11.88 -18.94
C LEU G 277 -34.33 13.01 -19.50
N SER G 278 -34.08 12.99 -20.81
CA SER G 278 -33.25 14.01 -21.42
CA SER G 278 -33.26 14.05 -21.42
C SER G 278 -34.13 14.97 -22.27
N GLY G 279 -34.23 14.74 -23.60
CA GLY G 279 -35.08 15.54 -24.45
C GLY G 279 -36.53 15.52 -24.04
N GLU G 280 -36.97 14.42 -23.43
CA GLU G 280 -38.32 14.22 -22.94
C GLU G 280 -38.74 15.36 -21.99
N THR G 281 -37.82 15.89 -21.18
CA THR G 281 -38.15 17.00 -20.26
C THR G 281 -37.53 18.35 -20.68
N ALA G 282 -36.36 18.31 -21.32
CA ALA G 282 -35.65 19.53 -21.69
C ALA G 282 -36.28 20.29 -22.84
N LYS G 283 -36.70 19.56 -23.87
CA LYS G 283 -37.23 20.16 -25.07
C LYS G 283 -38.54 19.55 -25.54
N GLY G 284 -39.06 18.55 -24.85
CA GLY G 284 -40.27 17.87 -25.26
C GLY G 284 -41.53 18.67 -25.03
N ASN G 285 -42.65 18.15 -25.55
CA ASN G 285 -43.96 18.76 -25.38
C ASN G 285 -44.68 18.26 -24.12
N PHE G 286 -44.20 17.17 -23.47
CA PHE G 286 -44.86 16.61 -22.31
C PHE G 286 -43.87 16.32 -21.19
N PRO G 287 -43.18 17.34 -20.66
CA PRO G 287 -42.18 17.08 -19.62
C PRO G 287 -42.75 16.54 -18.32
N VAL G 288 -43.90 17.08 -17.88
CA VAL G 288 -44.54 16.63 -16.65
C VAL G 288 -45.11 15.21 -16.83
N GLU G 289 -45.72 14.95 -17.97
CA GLU G 289 -46.28 13.64 -18.29
C GLU G 289 -45.20 12.55 -18.38
N ALA G 290 -44.00 12.90 -18.87
CA ALA G 290 -42.87 11.96 -18.96
C ALA G 290 -42.40 11.59 -17.53
N VAL G 291 -42.38 12.58 -16.62
CA VAL G 291 -41.98 12.32 -15.23
C VAL G 291 -43.02 11.42 -14.59
N LYS G 292 -44.31 11.72 -14.81
CA LYS G 292 -45.39 10.93 -14.26
C LYS G 292 -45.33 9.47 -14.74
N MET G 293 -45.01 9.27 -16.02
CA MET G 293 -44.88 7.94 -16.62
C MET G 293 -43.72 7.13 -15.98
N GLN G 294 -42.54 7.77 -15.83
CA GLN G 294 -41.41 7.10 -15.18
C GLN G 294 -41.73 6.73 -13.76
N HIS G 295 -42.44 7.64 -13.05
CA HIS G 295 -42.86 7.40 -11.68
C HIS G 295 -43.76 6.16 -11.60
N ALA G 296 -44.79 6.12 -12.44
CA ALA G 296 -45.73 5.02 -12.48
C ALA G 296 -45.08 3.67 -12.78
N ILE G 297 -44.18 3.62 -13.78
CA ILE G 297 -43.52 2.38 -14.17
C ILE G 297 -42.58 1.90 -13.07
N ALA G 298 -41.76 2.82 -12.51
CA ALA G 298 -40.79 2.46 -11.48
C ALA G 298 -41.46 1.81 -10.28
N ARG G 299 -42.62 2.39 -9.81
CA ARG G 299 -43.38 1.83 -8.69
C ARG G 299 -43.81 0.38 -8.97
N GLU G 300 -44.29 0.10 -10.20
CA GLU G 300 -44.71 -1.23 -10.57
C GLU G 300 -43.52 -2.18 -10.59
N ALA G 301 -42.42 -1.72 -11.16
CA ALA G 301 -41.21 -2.53 -11.32
C ALA G 301 -40.56 -2.84 -9.98
N GLU G 302 -40.57 -1.89 -9.03
CA GLU G 302 -39.97 -2.13 -7.72
C GLU G 302 -40.69 -3.22 -6.95
N ALA G 303 -42.04 -3.26 -7.05
CA ALA G 303 -42.79 -4.31 -6.37
C ALA G 303 -42.48 -5.69 -7.00
N ALA G 304 -42.17 -5.73 -8.30
CA ALA G 304 -41.84 -6.97 -9.01
C ALA G 304 -40.41 -7.48 -8.80
N VAL G 305 -39.60 -6.80 -7.96
CA VAL G 305 -38.23 -7.25 -7.71
C VAL G 305 -38.25 -8.56 -6.89
N TYR G 306 -37.46 -9.56 -7.29
CA TYR G 306 -37.40 -10.86 -6.59
C TYR G 306 -36.41 -10.79 -5.42
N HIS G 307 -36.85 -10.16 -4.34
CA HIS G 307 -36.01 -9.94 -3.17
C HIS G 307 -35.46 -11.21 -2.53
N ARG G 308 -36.18 -12.35 -2.63
CA ARG G 308 -35.73 -13.60 -2.03
C ARG G 308 -34.34 -13.99 -2.50
N GLN G 309 -34.11 -14.02 -3.80
CA GLN G 309 -32.78 -14.36 -4.33
C GLN G 309 -31.86 -13.18 -4.29
N LEU G 310 -32.38 -11.96 -4.57
CA LEU G 310 -31.58 -10.75 -4.58
C LEU G 310 -30.86 -10.51 -3.26
N PHE G 311 -31.59 -10.51 -2.13
CA PHE G 311 -30.99 -10.28 -0.84
C PHE G 311 -29.94 -11.33 -0.51
N GLU G 312 -30.25 -12.60 -0.80
CA GLU G 312 -29.33 -13.71 -0.57
C GLU G 312 -28.02 -13.52 -1.34
N GLU G 313 -28.13 -13.09 -2.60
CA GLU G 313 -26.96 -12.88 -3.44
C GLU G 313 -26.16 -11.69 -3.01
N LEU G 314 -26.84 -10.60 -2.62
CA LEU G 314 -26.16 -9.39 -2.16
C LEU G 314 -25.40 -9.66 -0.87
N ARG G 315 -26.06 -10.38 0.04
CA ARG G 315 -25.51 -10.79 1.32
C ARG G 315 -24.28 -11.65 1.11
N ARG G 316 -24.37 -12.69 0.26
CA ARG G 316 -23.27 -13.60 -0.04
C ARG G 316 -22.11 -12.91 -0.73
N ALA G 317 -22.39 -12.00 -1.66
CA ALA G 317 -21.36 -11.29 -2.41
C ALA G 317 -20.62 -10.23 -1.61
N ALA G 318 -21.30 -9.58 -0.67
CA ALA G 318 -20.66 -8.54 0.13
C ALA G 318 -19.61 -9.19 1.05
N PRO G 319 -18.41 -8.61 1.09
CA PRO G 319 -17.34 -9.21 1.91
C PRO G 319 -17.55 -8.99 3.41
N LEU G 320 -16.84 -9.79 4.23
CA LEU G 320 -16.91 -9.60 5.67
C LEU G 320 -16.38 -8.23 6.04
N SER G 321 -16.94 -7.64 7.11
CA SER G 321 -16.53 -6.31 7.47
C SER G 321 -16.40 -6.12 8.92
N ARG G 322 -15.43 -5.35 9.33
CA ARG G 322 -15.27 -4.95 10.73
C ARG G 322 -15.73 -3.50 10.95
N ASP G 323 -16.31 -2.83 9.94
CA ASP G 323 -16.85 -1.49 10.04
C ASP G 323 -18.24 -1.60 10.65
N PRO G 324 -18.46 -0.96 11.81
CA PRO G 324 -19.76 -1.07 12.46
C PRO G 324 -20.93 -0.56 11.67
N THR G 325 -20.72 0.44 10.78
CA THR G 325 -21.80 0.96 9.95
C THR G 325 -22.24 -0.12 8.97
N GLU G 326 -21.27 -0.77 8.33
CA GLU G 326 -21.54 -1.83 7.38
CA GLU G 326 -21.52 -1.85 7.38
C GLU G 326 -22.23 -3.03 8.06
N VAL G 327 -21.78 -3.42 9.28
CA VAL G 327 -22.37 -4.50 10.06
C VAL G 327 -23.79 -4.15 10.50
N THR G 328 -24.03 -2.90 10.95
CA THR G 328 -25.36 -2.47 11.38
C THR G 328 -26.32 -2.46 10.21
N ALA G 329 -25.85 -2.06 9.01
CA ALA G 329 -26.68 -2.00 7.83
C ALA G 329 -27.24 -3.38 7.44
N ILE G 330 -26.42 -4.42 7.46
CA ILE G 330 -26.88 -5.74 7.08
C ILE G 330 -27.83 -6.33 8.15
N GLY G 331 -27.56 -6.07 9.42
CA GLY G 331 -28.43 -6.49 10.50
C GLY G 331 -29.80 -5.82 10.41
N ALA G 332 -29.79 -4.49 10.06
CA ALA G 332 -31.00 -3.70 9.90
C ALA G 332 -31.87 -4.17 8.73
N VAL G 333 -31.25 -4.45 7.59
CA VAL G 333 -31.99 -4.92 6.41
C VAL G 333 -32.57 -6.34 6.67
N GLU G 334 -31.80 -7.19 7.34
CA GLU G 334 -32.24 -8.52 7.72
CA GLU G 334 -32.24 -8.52 7.72
C GLU G 334 -33.46 -8.42 8.66
N ALA G 335 -33.38 -7.51 9.65
CA ALA G 335 -34.45 -7.27 10.61
C ALA G 335 -35.70 -6.75 9.93
N ALA G 336 -35.55 -5.80 8.97
CA ALA G 336 -36.65 -5.23 8.21
C ALA G 336 -37.38 -6.28 7.38
N PHE G 337 -36.64 -7.21 6.78
CA PHE G 337 -37.27 -8.29 6.00
C PHE G 337 -38.09 -9.23 6.90
N LYS G 338 -37.56 -9.53 8.09
CA LYS G 338 -38.20 -10.43 9.04
C LYS G 338 -39.59 -9.99 9.51
N CYS G 339 -39.80 -8.69 9.65
CA CYS G 339 -41.10 -8.19 10.14
C CYS G 339 -41.90 -7.41 9.12
N CYS G 340 -41.42 -7.30 7.88
CA CYS G 340 -42.04 -6.50 6.83
C CYS G 340 -42.10 -5.06 7.27
N ALA G 341 -40.99 -4.55 7.84
CA ALA G 341 -40.92 -3.17 8.35
C ALA G 341 -41.34 -2.18 7.28
N ALA G 342 -42.17 -1.24 7.65
CA ALA G 342 -42.67 -0.22 6.70
C ALA G 342 -41.50 0.69 6.23
N ALA G 343 -40.56 0.94 7.12
CA ALA G 343 -39.43 1.80 6.85
C ALA G 343 -38.26 1.48 7.80
N ILE G 344 -37.06 1.93 7.40
CA ILE G 344 -35.85 1.94 8.20
C ILE G 344 -35.51 3.42 8.35
N ILE G 345 -35.58 3.98 9.55
CA ILE G 345 -35.26 5.38 9.76
C ILE G 345 -33.81 5.49 10.18
N VAL G 346 -32.98 6.17 9.38
CA VAL G 346 -31.55 6.28 9.67
C VAL G 346 -31.13 7.73 9.86
N LEU G 347 -30.32 7.98 10.87
CA LEU G 347 -29.77 9.28 11.10
C LEU G 347 -28.43 9.31 10.38
N THR G 348 -28.25 10.28 9.50
CA THR G 348 -27.02 10.39 8.72
C THR G 348 -26.58 11.84 8.52
N THR G 349 -25.27 12.09 8.48
CA THR G 349 -24.77 13.46 8.25
C THR G 349 -24.26 13.59 6.84
N THR G 350 -23.52 12.60 6.39
CA THR G 350 -22.92 12.52 5.07
C THR G 350 -23.74 11.71 4.08
N GLY G 351 -24.70 10.92 4.55
CA GLY G 351 -25.48 10.05 3.69
C GLY G 351 -24.97 8.61 3.60
N ARG G 352 -23.73 8.38 4.12
CA ARG G 352 -23.08 7.08 4.06
C ARG G 352 -23.89 5.94 4.70
N SER G 353 -24.43 6.18 5.91
CA SER G 353 -25.21 5.16 6.59
C SER G 353 -26.45 4.75 5.78
N ALA G 354 -27.08 5.71 5.08
CA ALA G 354 -28.23 5.40 4.25
C ALA G 354 -27.80 4.64 3.01
N GLN G 355 -26.63 4.96 2.44
CA GLN G 355 -26.10 4.30 1.28
C GLN G 355 -25.81 2.84 1.59
N LEU G 356 -25.22 2.56 2.77
CA LEU G 356 -24.92 1.18 3.15
C LEU G 356 -26.16 0.37 3.40
N LEU G 357 -27.28 0.98 3.81
CA LEU G 357 -28.55 0.26 3.96
C LEU G 357 -29.11 -0.08 2.54
N SER G 358 -29.07 0.88 1.66
CA SER G 358 -29.52 0.86 0.29
C SER G 358 -28.86 -0.25 -0.55
N ARG G 359 -27.54 -0.49 -0.32
CA ARG G 359 -26.82 -1.50 -1.09
C ARG G 359 -27.41 -2.92 -0.97
N TYR G 360 -28.10 -3.20 0.18
CA TYR G 360 -28.75 -4.50 0.41
C TYR G 360 -30.16 -4.58 -0.14
N ARG G 361 -30.60 -3.56 -0.84
CA ARG G 361 -31.88 -3.51 -1.52
C ARG G 361 -33.06 -3.92 -0.64
N PRO G 362 -33.27 -3.24 0.49
CA PRO G 362 -34.45 -3.54 1.31
C PRO G 362 -35.75 -3.20 0.61
N ARG G 363 -36.81 -3.93 0.94
CA ARG G 363 -38.14 -3.58 0.46
C ARG G 363 -38.68 -2.39 1.30
N ALA G 364 -38.20 -2.22 2.53
CA ALA G 364 -38.57 -1.12 3.42
C ALA G 364 -37.96 0.18 2.91
N ALA G 365 -38.70 1.29 3.00
CA ALA G 365 -38.16 2.59 2.62
C ALA G 365 -37.04 2.99 3.61
N VAL G 366 -35.95 3.54 3.10
CA VAL G 366 -34.89 4.04 3.99
C VAL G 366 -35.15 5.54 4.18
N ILE G 367 -35.73 5.93 5.29
CA ILE G 367 -36.01 7.33 5.57
C ILE G 367 -34.78 7.92 6.22
N ALA G 368 -34.03 8.74 5.51
CA ALA G 368 -32.78 9.30 6.03
C ALA G 368 -33.00 10.68 6.61
N VAL G 369 -32.79 10.84 7.89
CA VAL G 369 -32.98 12.14 8.55
C VAL G 369 -31.61 12.80 8.70
N THR G 370 -31.44 13.97 8.10
CA THR G 370 -30.16 14.67 8.12
C THR G 370 -30.33 16.13 8.32
N ARG G 371 -29.33 16.73 8.90
CA ARG G 371 -29.28 18.18 9.07
C ARG G 371 -28.49 18.88 7.92
N SER G 372 -27.82 18.06 7.02
CA SER G 372 -27.06 18.52 5.87
C SER G 372 -27.96 18.56 4.65
N ALA G 373 -28.17 19.78 4.13
CA ALA G 373 -28.98 19.98 2.94
C ALA G 373 -28.32 19.31 1.72
N GLN G 374 -26.97 19.33 1.64
CA GLN G 374 -26.27 18.71 0.52
C GLN G 374 -26.44 17.19 0.55
N ALA G 375 -26.28 16.56 1.72
CA ALA G 375 -26.46 15.13 1.88
C ALA G 375 -27.88 14.74 1.53
N ALA G 376 -28.87 15.54 1.99
CA ALA G 376 -30.27 15.29 1.67
C ALA G 376 -30.52 15.29 0.17
N ARG G 377 -29.83 16.16 -0.56
CA ARG G 377 -29.99 16.19 -2.03
C ARG G 377 -29.25 15.01 -2.70
N GLN G 378 -28.02 14.72 -2.25
CA GLN G 378 -27.22 13.66 -2.82
C GLN G 378 -27.71 12.22 -2.56
N VAL G 379 -28.44 11.97 -1.44
CA VAL G 379 -28.93 10.60 -1.19
C VAL G 379 -29.98 10.17 -2.22
N HIS G 380 -30.47 11.10 -3.09
CA HIS G 380 -31.38 10.73 -4.15
C HIS G 380 -30.67 9.76 -5.15
N LEU G 381 -29.32 9.75 -5.18
CA LEU G 381 -28.59 8.84 -6.03
C LEU G 381 -28.77 7.36 -5.61
N CYS G 382 -29.08 7.10 -4.34
CA CYS G 382 -29.23 5.73 -3.81
C CYS G 382 -30.63 5.27 -3.79
N ARG G 383 -30.90 4.09 -4.38
CA ARG G 383 -32.27 3.57 -4.46
C ARG G 383 -32.90 3.32 -3.11
N GLY G 384 -34.12 3.81 -2.97
CA GLY G 384 -34.92 3.63 -1.78
C GLY G 384 -34.60 4.52 -0.61
N VAL G 385 -33.79 5.56 -0.82
CA VAL G 385 -33.48 6.48 0.26
C VAL G 385 -34.37 7.71 0.10
N PHE G 386 -35.14 8.05 1.14
CA PHE G 386 -36.07 9.16 1.17
C PHE G 386 -35.55 10.21 2.15
N PRO G 387 -34.92 11.27 1.64
CA PRO G 387 -34.33 12.27 2.53
C PRO G 387 -35.29 13.20 3.25
N LEU G 388 -34.99 13.49 4.51
CA LEU G 388 -35.74 14.44 5.29
C LEU G 388 -34.73 15.41 5.84
N LEU G 389 -34.84 16.68 5.44
CA LEU G 389 -33.97 17.72 5.97
C LEU G 389 -34.56 18.21 7.31
N TYR G 390 -33.80 18.05 8.39
CA TYR G 390 -34.19 18.46 9.72
C TYR G 390 -33.64 19.88 9.99
N ARG G 391 -34.52 20.83 10.26
CA ARG G 391 -34.08 22.21 10.51
C ARG G 391 -34.30 22.69 11.95
N GLU G 392 -34.71 21.82 12.86
CA GLU G 392 -34.96 22.22 14.23
C GLU G 392 -33.70 22.62 14.98
N PRO G 393 -33.82 23.52 15.97
CA PRO G 393 -32.66 23.87 16.79
C PRO G 393 -32.29 22.71 17.73
N PRO G 394 -30.98 22.61 18.06
CA PRO G 394 -30.52 21.49 18.87
C PRO G 394 -31.05 21.46 20.28
N GLU G 395 -31.21 20.23 20.81
CA GLU G 395 -31.59 19.97 22.18
C GLU G 395 -30.30 19.97 22.99
N ALA G 396 -30.39 20.32 24.29
CA ALA G 396 -29.21 20.38 25.15
C ALA G 396 -28.57 18.97 25.34
N ILE G 397 -29.42 17.96 25.52
CA ILE G 397 -29.01 16.57 25.66
C ILE G 397 -29.00 15.89 24.31
N TRP G 398 -27.85 15.32 23.92
CA TRP G 398 -27.65 14.64 22.65
C TRP G 398 -28.67 13.53 22.41
N ALA G 399 -28.90 12.65 23.39
CA ALA G 399 -29.86 11.58 23.23
C ALA G 399 -31.26 12.10 22.93
N ASP G 400 -31.63 13.27 23.44
CA ASP G 400 -32.96 13.85 23.18
C ASP G 400 -33.07 14.41 21.77
N ASP G 401 -31.96 14.92 21.24
CA ASP G 401 -31.86 15.40 19.90
C ASP G 401 -31.97 14.20 18.92
N VAL G 402 -31.36 13.06 19.26
CA VAL G 402 -31.44 11.85 18.45
C VAL G 402 -32.90 11.39 18.39
N ASP G 403 -33.59 11.40 19.55
CA ASP G 403 -34.98 10.98 19.61
C ASP G 403 -35.92 11.89 18.86
N ARG G 404 -35.64 13.19 18.86
CA ARG G 404 -36.49 14.14 18.15
C ARG G 404 -36.36 13.95 16.65
N ARG G 405 -35.13 13.66 16.16
CA ARG G 405 -34.88 13.41 14.77
C ARG G 405 -35.58 12.11 14.32
N VAL G 406 -35.51 11.06 15.16
CA VAL G 406 -36.19 9.79 14.92
C VAL G 406 -37.71 10.02 14.84
N GLN G 407 -38.28 10.72 15.82
CA GLN G 407 -39.69 11.06 15.78
C GLN G 407 -40.07 11.88 14.55
N PHE G 408 -39.21 12.79 14.13
CA PHE G 408 -39.45 13.60 12.93
C PHE G 408 -39.62 12.72 11.68
N GLY G 409 -38.83 11.66 11.56
CA GLY G 409 -38.95 10.74 10.45
C GLY G 409 -40.24 9.94 10.49
N ILE G 410 -40.67 9.56 11.70
CA ILE G 410 -41.92 8.84 11.90
C ILE G 410 -43.10 9.75 11.56
N GLU G 411 -43.07 11.00 12.06
CA GLU G 411 -44.11 11.98 11.81
C GLU G 411 -44.19 12.29 10.31
N SER G 412 -43.04 12.37 9.60
CA SER G 412 -43.02 12.63 8.15
C SER G 412 -43.52 11.39 7.44
N GLY G 413 -43.05 10.21 7.83
CA GLY G 413 -43.52 8.95 7.26
C GLY G 413 -45.03 8.79 7.38
N LYS G 414 -45.62 9.17 8.54
CA LYS G 414 -47.07 9.09 8.78
C LYS G 414 -47.81 10.08 7.88
N LEU G 415 -47.33 11.32 7.83
CA LEU G 415 -47.92 12.36 7.00
C LEU G 415 -47.92 11.98 5.54
N ARG G 416 -46.81 11.40 5.04
CA ARG G 416 -46.63 11.03 3.63
C ARG G 416 -47.24 9.68 3.24
N GLY G 417 -47.71 8.90 4.19
CA GLY G 417 -48.31 7.61 3.91
C GLY G 417 -47.43 6.38 4.01
N PHE G 418 -46.14 6.56 4.30
CA PHE G 418 -45.23 5.41 4.49
C PHE G 418 -45.59 4.59 5.75
N LEU G 419 -46.08 5.25 6.81
CA LEU G 419 -46.30 4.61 8.09
C LEU G 419 -47.70 4.82 8.62
N ARG G 420 -48.13 3.91 9.49
CA ARG G 420 -49.41 3.88 10.18
C ARG G 420 -49.15 3.35 11.59
N VAL G 421 -50.03 3.69 12.54
CA VAL G 421 -49.93 3.19 13.91
C VAL G 421 -50.07 1.66 13.89
N GLY G 422 -49.14 0.97 14.54
CA GLY G 422 -49.12 -0.48 14.52
C GLY G 422 -48.01 -1.05 13.66
N ASP G 423 -47.50 -0.26 12.71
CA ASP G 423 -46.38 -0.68 11.86
C ASP G 423 -45.10 -0.85 12.65
N LEU G 424 -44.18 -1.66 12.12
CA LEU G 424 -42.87 -1.81 12.75
C LEU G 424 -41.85 -1.04 11.90
N VAL G 425 -40.95 -0.29 12.53
CA VAL G 425 -39.87 0.37 11.81
C VAL G 425 -38.55 -0.02 12.51
N ILE G 426 -37.44 -0.04 11.75
CA ILE G 426 -36.09 -0.30 12.25
C ILE G 426 -35.38 1.05 12.31
N VAL G 427 -34.76 1.41 13.43
CA VAL G 427 -34.11 2.71 13.58
C VAL G 427 -32.63 2.53 13.64
N VAL G 428 -31.88 3.17 12.76
CA VAL G 428 -30.43 3.05 12.76
C VAL G 428 -29.75 4.34 13.22
N THR G 429 -28.99 4.27 14.30
CA THR G 429 -28.31 5.42 14.89
C THR G 429 -26.84 4.99 15.31
N GLY G 430 -26.12 5.86 15.98
CA GLY G 430 -24.81 5.60 16.50
C GLY G 430 -24.75 5.94 17.97
N TRP G 431 -23.61 5.60 18.59
CA TRP G 431 -23.41 5.77 20.03
C TRP G 431 -23.00 7.16 20.49
N ARG G 432 -22.59 8.01 19.56
CA ARG G 432 -22.10 9.31 19.89
C ARG G 432 -22.25 10.22 18.69
N PRO G 433 -22.32 11.56 18.91
CA PRO G 433 -22.45 12.49 17.77
C PRO G 433 -21.27 12.41 16.82
N GLY G 434 -21.47 12.95 15.64
CA GLY G 434 -20.43 12.95 14.62
C GLY G 434 -20.66 11.86 13.60
N SER G 435 -20.10 12.03 12.43
CA SER G 435 -20.23 11.07 11.37
C SER G 435 -19.34 9.86 11.61
N GLY G 436 -19.71 8.71 11.04
CA GLY G 436 -18.91 7.50 11.08
C GLY G 436 -19.01 6.59 12.29
N TYR G 437 -19.99 6.79 13.14
CA TYR G 437 -20.16 5.97 14.34
C TYR G 437 -21.48 5.22 14.40
N THR G 438 -22.20 5.02 13.27
CA THR G 438 -23.43 4.22 13.28
C THR G 438 -23.12 2.83 13.78
N ASN G 439 -23.84 2.33 14.79
CA ASN G 439 -23.61 0.99 15.34
C ASN G 439 -24.85 0.41 16.06
N ILE G 440 -26.00 1.08 15.99
CA ILE G 440 -27.19 0.65 16.71
C ILE G 440 -28.36 0.45 15.76
N MET G 441 -29.07 -0.66 15.95
CA MET G 441 -30.27 -0.98 15.20
C MET G 441 -31.36 -1.25 16.26
N ARG G 442 -32.53 -0.58 16.19
CA ARG G 442 -33.62 -0.73 17.16
C ARG G 442 -34.90 -1.11 16.47
N VAL G 443 -35.72 -1.94 17.11
CA VAL G 443 -37.02 -2.33 16.58
C VAL G 443 -38.06 -1.48 17.28
N LEU G 444 -38.73 -0.60 16.55
CA LEU G 444 -39.72 0.29 17.11
C LEU G 444 -41.12 0.02 16.59
N SER G 445 -42.12 0.02 17.48
CA SER G 445 -43.50 -0.12 17.07
C SER G 445 -44.12 1.27 16.96
N ILE G 446 -44.73 1.60 15.82
CA ILE G 446 -45.33 2.92 15.64
C ILE G 446 -46.58 3.14 16.50
N SER G 447 -46.54 4.19 17.32
CA SER G 447 -47.64 4.61 18.16
C SER G 447 -48.17 6.00 17.74
N GLY H 23 -5.70 -12.11 9.94
CA GLY H 23 -4.59 -12.95 9.52
C GLY H 23 -5.02 -14.20 8.77
N THR H 24 -4.05 -14.80 8.04
CA THR H 24 -4.28 -16.03 7.28
C THR H 24 -4.56 -17.23 8.21
N ALA H 25 -3.83 -17.27 9.34
CA ALA H 25 -3.98 -18.32 10.32
C ALA H 25 -5.38 -18.33 10.90
N PHE H 26 -6.02 -17.17 11.06
CA PHE H 26 -7.39 -17.09 11.59
C PHE H 26 -8.35 -17.83 10.67
N PHE H 27 -8.21 -17.64 9.35
CA PHE H 27 -9.10 -18.27 8.38
C PHE H 27 -8.79 -19.76 8.11
N GLN H 28 -7.72 -20.31 8.70
CA GLN H 28 -7.40 -21.73 8.58
C GLN H 28 -7.99 -22.55 9.75
N GLN H 29 -8.21 -21.90 10.91
CA GLN H 29 -8.80 -22.51 12.09
C GLN H 29 -10.33 -22.68 11.95
N GLN H 30 -10.94 -23.41 12.91
CA GLN H 30 -12.36 -23.72 13.09
C GLN H 30 -13.13 -24.03 11.79
N GLN H 31 -12.48 -24.80 10.89
CA GLN H 31 -13.01 -25.26 9.59
C GLN H 31 -13.58 -24.12 8.75
N LEU H 32 -12.95 -22.93 8.80
CA LEU H 32 -13.44 -21.78 8.05
C LEU H 32 -13.37 -22.00 6.52
N PRO H 33 -12.33 -22.64 5.93
CA PRO H 33 -12.40 -22.96 4.49
C PRO H 33 -13.63 -23.81 4.13
N ALA H 34 -13.92 -24.86 4.94
CA ALA H 34 -15.06 -25.73 4.72
C ALA H 34 -16.41 -24.97 4.92
N ALA H 35 -16.41 -23.96 5.82
CA ALA H 35 -17.61 -23.17 6.11
C ALA H 35 -17.95 -22.18 4.98
N MET H 36 -16.93 -21.73 4.21
CA MET H 36 -17.07 -20.81 3.09
C MET H 36 -17.41 -21.52 1.77
N ALA H 37 -17.39 -22.86 1.73
CA ALA H 37 -17.65 -23.63 0.52
C ALA H 37 -19.03 -23.38 -0.11
N ASP H 38 -19.10 -23.39 -1.44
CA ASP H 38 -20.33 -23.11 -2.18
C ASP H 38 -21.31 -24.25 -2.22
N THR H 39 -20.83 -25.48 -2.04
CA THR H 39 -21.68 -26.66 -2.01
C THR H 39 -21.37 -27.49 -0.76
N PHE H 40 -22.31 -28.36 -0.39
CA PHE H 40 -22.11 -29.28 0.72
C PHE H 40 -20.99 -30.29 0.39
N LEU H 41 -20.87 -30.70 -0.87
CA LEU H 41 -19.83 -31.61 -1.30
C LEU H 41 -18.47 -30.95 -1.14
N GLU H 42 -18.31 -29.70 -1.59
CA GLU H 42 -17.08 -28.92 -1.46
C GLU H 42 -16.74 -28.78 0.06
N HIS H 43 -17.78 -28.53 0.89
CA HIS H 43 -17.65 -28.38 2.34
C HIS H 43 -17.04 -29.63 2.94
N LEU H 44 -17.54 -30.83 2.58
CA LEU H 44 -17.02 -32.10 3.08
C LEU H 44 -15.58 -32.29 2.64
N CYS H 45 -15.28 -31.98 1.38
CA CYS H 45 -13.94 -32.15 0.84
C CYS H 45 -12.92 -31.24 1.53
N LEU H 46 -13.35 -30.07 2.02
CA LEU H 46 -12.48 -29.11 2.67
C LEU H 46 -12.30 -29.30 4.17
N LEU H 47 -12.94 -30.34 4.77
CA LEU H 47 -12.76 -30.58 6.21
C LEU H 47 -11.31 -30.97 6.46
N ASP H 48 -10.67 -30.30 7.44
CA ASP H 48 -9.25 -30.50 7.73
C ASP H 48 -9.04 -30.95 9.15
N ILE H 49 -8.39 -32.10 9.39
CA ILE H 49 -8.10 -32.54 10.76
C ILE H 49 -7.08 -31.63 11.46
N ASP H 50 -6.32 -30.84 10.72
CA ASP H 50 -5.37 -29.91 11.28
C ASP H 50 -5.97 -28.55 11.62
N SER H 51 -7.22 -28.30 11.20
CA SER H 51 -7.92 -27.05 11.49
C SER H 51 -8.46 -27.16 12.91
N GLU H 52 -7.82 -26.48 13.88
CA GLU H 52 -8.23 -26.57 15.29
C GLU H 52 -9.44 -25.76 15.68
N PRO H 53 -10.31 -26.31 16.55
CA PRO H 53 -11.48 -25.55 16.99
C PRO H 53 -11.08 -24.40 17.90
N VAL H 54 -11.63 -23.19 17.68
CA VAL H 54 -11.29 -22.03 18.52
C VAL H 54 -12.43 -21.67 19.43
N ALA H 55 -13.68 -21.73 18.91
CA ALA H 55 -14.87 -21.38 19.68
C ALA H 55 -15.11 -22.28 20.90
N ALA H 56 -15.83 -21.75 21.91
CA ALA H 56 -16.18 -22.53 23.07
C ALA H 56 -17.22 -23.58 22.67
N ARG H 57 -17.20 -24.74 23.34
CA ARG H 57 -18.14 -25.81 23.09
C ARG H 57 -19.56 -25.36 23.41
N SER H 58 -20.43 -25.36 22.41
CA SER H 58 -21.76 -24.85 22.52
C SER H 58 -22.87 -25.90 22.84
N THR H 59 -22.64 -27.18 22.56
CA THR H 59 -23.61 -28.23 22.86
C THR H 59 -23.49 -28.62 24.32
N SER H 60 -24.57 -28.49 25.09
CA SER H 60 -24.49 -28.80 26.53
C SER H 60 -24.39 -30.28 26.80
N ILE H 61 -23.71 -30.61 27.88
CA ILE H 61 -23.53 -31.97 28.30
C ILE H 61 -24.41 -32.20 29.50
N ILE H 62 -25.29 -33.20 29.42
CA ILE H 62 -26.12 -33.59 30.55
C ILE H 62 -25.50 -34.84 31.16
N ALA H 63 -25.16 -34.81 32.44
CA ALA H 63 -24.57 -35.99 33.07
C ALA H 63 -25.54 -36.55 34.09
N THR H 64 -25.79 -37.85 34.06
CA THR H 64 -26.65 -38.50 35.05
C THR H 64 -25.88 -38.74 36.35
N ILE H 65 -26.44 -38.32 37.47
CA ILE H 65 -25.79 -38.45 38.77
C ILE H 65 -26.12 -39.82 39.37
N GLY H 66 -25.09 -40.47 39.91
CA GLY H 66 -25.22 -41.75 40.56
C GLY H 66 -24.06 -42.01 41.49
N PRO H 67 -23.90 -43.27 41.93
CA PRO H 67 -22.77 -43.61 42.84
C PRO H 67 -21.38 -43.19 42.34
N ALA H 68 -21.15 -43.21 41.01
CA ALA H 68 -19.87 -42.82 40.42
C ALA H 68 -19.63 -41.30 40.37
N SER H 69 -20.69 -40.50 40.58
CA SER H 69 -20.58 -39.07 40.40
C SER H 69 -21.36 -38.31 41.47
N ARG H 70 -21.40 -38.85 42.69
CA ARG H 70 -22.13 -38.17 43.76
C ARG H 70 -21.25 -37.40 44.74
N SER H 71 -19.94 -37.69 44.85
CA SER H 71 -19.13 -36.93 45.80
C SER H 71 -18.97 -35.50 45.35
N VAL H 72 -18.96 -34.58 46.31
CA VAL H 72 -18.77 -33.16 46.04
C VAL H 72 -17.45 -32.89 45.30
N GLU H 73 -16.39 -33.62 45.62
CA GLU H 73 -15.11 -33.49 44.94
C GLU H 73 -15.16 -33.98 43.50
N ARG H 74 -15.83 -35.12 43.25
CA ARG H 74 -16.00 -35.71 41.93
C ARG H 74 -16.86 -34.75 41.08
N LEU H 75 -17.93 -34.14 41.65
CA LEU H 75 -18.80 -33.20 40.96
C LEU H 75 -18.07 -31.92 40.57
N LYS H 76 -17.11 -31.47 41.38
CA LYS H 76 -16.30 -30.28 41.04
C LYS H 76 -15.43 -30.62 39.80
N GLU H 77 -14.93 -31.84 39.72
CA GLU H 77 -14.16 -32.27 38.56
C GLU H 77 -15.03 -32.33 37.31
N MET H 78 -16.29 -32.75 37.45
CA MET H 78 -17.19 -32.85 36.31
CA MET H 78 -17.20 -32.86 36.31
C MET H 78 -17.65 -31.47 35.81
N ILE H 79 -17.75 -30.49 36.72
CA ILE H 79 -18.09 -29.13 36.34
C ILE H 79 -16.92 -28.58 35.52
N LYS H 80 -15.69 -28.81 35.97
CA LYS H 80 -14.50 -28.37 35.25
C LYS H 80 -14.33 -29.08 33.88
N ALA H 81 -14.75 -30.35 33.79
CA ALA H 81 -14.69 -31.16 32.56
C ALA H 81 -15.72 -30.69 31.52
N GLY H 82 -16.81 -30.08 31.99
CA GLY H 82 -17.83 -29.55 31.09
C GLY H 82 -19.28 -29.87 31.38
N MET H 83 -19.62 -30.48 32.52
CA MET H 83 -21.02 -30.81 32.82
C MET H 83 -21.83 -29.54 32.97
N ASN H 84 -22.97 -29.45 32.22
CA ASN H 84 -23.83 -28.28 32.32
C ASN H 84 -25.16 -28.58 33.02
N ILE H 85 -25.65 -29.80 32.90
CA ILE H 85 -26.91 -30.22 33.49
C ILE H 85 -26.69 -31.53 34.24
N ALA H 86 -27.19 -31.64 35.46
CA ALA H 86 -27.10 -32.84 36.27
C ALA H 86 -28.50 -33.50 36.26
N ARG H 87 -28.57 -34.73 35.74
CA ARG H 87 -29.81 -35.47 35.65
C ARG H 87 -29.98 -36.44 36.84
N LEU H 88 -31.14 -36.33 37.51
CA LEU H 88 -31.52 -37.21 38.60
C LEU H 88 -32.56 -38.19 38.05
N ASN H 89 -32.18 -39.48 37.93
CA ASN H 89 -33.09 -40.47 37.38
C ASN H 89 -34.02 -41.02 38.46
N PHE H 90 -35.29 -40.60 38.46
CA PHE H 90 -36.23 -41.05 39.48
C PHE H 90 -36.76 -42.49 39.25
N SER H 91 -36.18 -43.23 38.30
CA SER H 91 -36.48 -44.65 38.12
C SER H 91 -35.75 -45.49 39.20
N HIS H 92 -34.66 -44.94 39.78
CA HIS H 92 -33.84 -45.56 40.80
C HIS H 92 -33.65 -44.58 41.98
N GLY H 93 -33.63 -45.09 43.19
CA GLY H 93 -33.40 -44.27 44.37
C GLY H 93 -34.62 -43.68 45.03
N SER H 94 -34.47 -43.35 46.29
CA SER H 94 -35.50 -42.73 47.10
C SER H 94 -35.40 -41.19 47.05
N HIS H 95 -36.42 -40.49 47.57
CA HIS H 95 -36.42 -39.04 47.66
C HIS H 95 -35.26 -38.56 48.52
N GLU H 96 -34.90 -39.31 49.56
CA GLU H 96 -33.77 -38.99 50.43
C GLU H 96 -32.47 -39.05 49.63
N TYR H 97 -32.34 -40.06 48.78
CA TYR H 97 -31.19 -40.25 47.93
C TYR H 97 -31.03 -39.06 46.97
N HIS H 98 -32.13 -38.70 46.28
CA HIS H 98 -32.12 -37.60 45.31
C HIS H 98 -31.91 -36.23 45.96
N ALA H 99 -32.42 -36.03 47.18
CA ALA H 99 -32.20 -34.77 47.90
C ALA H 99 -30.69 -34.63 48.25
N GLU H 100 -30.01 -35.74 48.57
CA GLU H 100 -28.57 -35.73 48.87
C GLU H 100 -27.81 -35.37 47.60
N SER H 101 -28.23 -35.92 46.44
CA SER H 101 -27.63 -35.65 45.14
C SER H 101 -27.72 -34.15 44.83
N ILE H 102 -28.93 -33.57 44.97
CA ILE H 102 -29.20 -32.16 44.75
C ILE H 102 -28.28 -31.31 45.61
N ALA H 103 -28.16 -31.66 46.88
CA ALA H 103 -27.36 -30.91 47.84
C ALA H 103 -25.88 -30.96 47.50
N ASN H 104 -25.40 -32.11 47.02
CA ASN H 104 -24.00 -32.30 46.63
C ASN H 104 -23.67 -31.53 45.38
N VAL H 105 -24.62 -31.49 44.43
CA VAL H 105 -24.45 -30.74 43.19
C VAL H 105 -24.37 -29.25 43.54
N ARG H 106 -25.33 -28.74 44.30
CA ARG H 106 -25.35 -27.35 44.71
C ARG H 106 -24.12 -26.94 45.53
N GLU H 107 -23.60 -27.84 46.37
CA GLU H 107 -22.41 -27.56 47.14
C GLU H 107 -21.19 -27.44 46.23
N ALA H 108 -21.03 -28.36 45.26
CA ALA H 108 -19.93 -28.30 44.31
C ALA H 108 -20.05 -27.06 43.38
N VAL H 109 -21.27 -26.71 42.96
CA VAL H 109 -21.47 -25.54 42.11
C VAL H 109 -21.11 -24.27 42.86
N GLU H 110 -21.60 -24.13 44.10
CA GLU H 110 -21.34 -22.92 44.89
C GLU H 110 -19.92 -22.81 45.40
N SER H 111 -19.12 -23.87 45.33
CA SER H 111 -17.71 -23.81 45.72
C SER H 111 -16.90 -22.90 44.75
N PHE H 112 -17.45 -22.53 43.61
CA PHE H 112 -16.79 -21.63 42.67
C PHE H 112 -17.42 -20.22 42.67
N ALA H 113 -18.48 -19.99 43.46
CA ALA H 113 -19.17 -18.72 43.55
C ALA H 113 -18.29 -17.57 44.06
N GLY H 114 -17.26 -17.90 44.83
CA GLY H 114 -16.30 -16.94 45.35
C GLY H 114 -15.62 -16.12 44.25
N SER H 115 -15.57 -16.67 43.03
CA SER H 115 -15.00 -15.96 41.89
C SER H 115 -16.11 -15.78 40.85
N PRO H 116 -16.87 -14.67 40.97
CA PRO H 116 -18.03 -14.45 40.09
C PRO H 116 -17.82 -14.47 38.58
N LEU H 117 -16.65 -14.02 38.11
CA LEU H 117 -16.34 -13.95 36.68
C LEU H 117 -16.08 -15.31 36.03
N SER H 118 -15.92 -16.37 36.82
CA SER H 118 -15.64 -17.70 36.27
C SER H 118 -16.64 -18.79 36.71
N TYR H 119 -17.64 -18.43 37.54
CA TYR H 119 -18.66 -19.32 38.08
C TYR H 119 -19.53 -19.94 36.97
N ARG H 120 -19.76 -21.25 37.05
CA ARG H 120 -20.59 -21.94 36.08
C ARG H 120 -21.88 -22.44 36.69
N PRO H 121 -23.02 -21.87 36.30
CA PRO H 121 -24.30 -22.42 36.77
C PRO H 121 -24.51 -23.86 36.23
N VAL H 122 -25.08 -24.76 37.04
CA VAL H 122 -25.39 -26.12 36.58
C VAL H 122 -26.87 -26.36 36.82
N ALA H 123 -27.63 -26.75 35.77
CA ALA H 123 -29.04 -27.00 35.95
C ALA H 123 -29.28 -28.37 36.58
N ILE H 124 -30.40 -28.53 37.27
CA ILE H 124 -30.77 -29.80 37.86
C ILE H 124 -32.07 -30.25 37.20
N ALA H 125 -32.01 -31.41 36.56
CA ALA H 125 -33.17 -31.94 35.88
C ALA H 125 -33.66 -33.24 36.53
N LEU H 126 -34.98 -33.36 36.68
CA LEU H 126 -35.61 -34.53 37.26
C LEU H 126 -36.14 -35.40 36.12
N ASP H 127 -35.66 -36.62 35.98
CA ASP H 127 -36.15 -37.53 34.94
C ASP H 127 -37.19 -38.42 35.62
N THR H 128 -38.46 -38.33 35.21
CA THR H 128 -39.51 -39.12 35.85
C THR H 128 -39.43 -40.62 35.52
N LYS H 129 -40.01 -41.46 36.39
CA LYS H 129 -40.04 -42.90 36.22
C LYS H 129 -40.95 -43.29 35.05
N GLY H 130 -42.06 -42.59 34.87
CA GLY H 130 -42.98 -42.86 33.77
C GLY H 130 -44.28 -43.51 34.17
N PRO H 131 -45.17 -43.71 33.19
CA PRO H 131 -46.49 -44.31 33.50
C PRO H 131 -46.51 -45.83 33.62
N GLY H 132 -45.54 -46.50 33.00
CA GLY H 132 -45.47 -47.95 32.98
C GLY H 132 -46.69 -48.56 32.32
N SER H 133 -47.38 -49.43 33.06
CA SER H 133 -48.62 -50.10 32.61
C SER H 133 -49.82 -49.12 32.45
N GLY H 134 -49.80 -48.04 33.23
CA GLY H 134 -50.88 -47.06 33.26
C GLY H 134 -51.12 -46.24 32.00
N PRO H 135 -52.28 -45.57 31.97
CA PRO H 135 -52.64 -44.77 30.78
C PRO H 135 -52.05 -43.34 30.73
N GLY H 136 -51.90 -42.74 31.91
CA GLY H 136 -51.37 -41.39 32.06
C GLY H 136 -50.45 -41.24 33.26
N LEU H 137 -50.49 -40.07 33.91
CA LEU H 137 -49.59 -39.74 35.02
C LEU H 137 -49.76 -40.62 36.24
N SER H 138 -48.71 -41.35 36.60
CA SER H 138 -48.76 -42.25 37.75
C SER H 138 -48.74 -41.49 39.09
N GLU H 139 -49.13 -42.16 40.19
CA GLU H 139 -49.13 -41.55 41.52
C GLU H 139 -47.73 -41.31 42.04
N GLN H 140 -46.77 -42.17 41.69
CA GLN H 140 -45.39 -41.95 42.07
C GLN H 140 -44.84 -40.73 41.33
N ASP H 141 -45.22 -40.56 40.05
CA ASP H 141 -44.81 -39.39 39.27
C ASP H 141 -45.32 -38.10 39.87
N VAL H 142 -46.55 -38.08 40.41
CA VAL H 142 -47.09 -36.90 41.07
C VAL H 142 -46.28 -36.55 42.33
N ARG H 143 -45.91 -37.58 43.11
CA ARG H 143 -45.10 -37.37 44.31
C ARG H 143 -43.69 -36.88 43.95
N ASP H 144 -43.09 -37.44 42.89
CA ASP H 144 -41.75 -37.06 42.43
C ASP H 144 -41.74 -35.65 41.86
N LEU H 145 -42.80 -35.26 41.12
CA LEU H 145 -42.90 -33.91 40.57
C LEU H 145 -43.07 -32.88 41.71
N ARG H 146 -43.85 -33.24 42.75
CA ARG H 146 -44.02 -32.37 43.90
C ARG H 146 -42.67 -32.21 44.66
N PHE H 147 -41.88 -33.28 44.72
CA PHE H 147 -40.56 -33.26 45.31
C PHE H 147 -39.66 -32.26 44.56
N GLY H 148 -39.73 -32.30 43.23
CA GLY H 148 -38.95 -31.44 42.37
C GLY H 148 -39.23 -29.98 42.59
N VAL H 149 -40.51 -29.64 42.71
CA VAL H 149 -40.92 -28.27 42.96
C VAL H 149 -40.40 -27.79 44.32
N GLU H 150 -40.56 -28.65 45.36
CA GLU H 150 -40.10 -28.37 46.71
C GLU H 150 -38.60 -28.20 46.80
N HIS H 151 -37.85 -28.96 46.00
CA HIS H 151 -36.38 -28.87 45.98
C HIS H 151 -35.80 -27.92 44.92
N GLY H 152 -36.66 -27.21 44.21
CA GLY H 152 -36.26 -26.23 43.21
C GLY H 152 -35.55 -26.73 41.98
N VAL H 153 -36.03 -27.84 41.37
CA VAL H 153 -35.40 -28.34 40.15
C VAL H 153 -35.75 -27.38 39.00
N ASP H 154 -34.90 -27.34 37.96
CA ASP H 154 -35.09 -26.42 36.85
C ASP H 154 -35.85 -27.06 35.70
N ILE H 155 -35.55 -28.32 35.42
CA ILE H 155 -36.11 -29.02 34.27
C ILE H 155 -36.74 -30.35 34.72
N VAL H 156 -37.73 -30.81 33.96
CA VAL H 156 -38.33 -32.12 34.12
C VAL H 156 -38.16 -32.84 32.80
N PHE H 157 -37.61 -34.04 32.80
CA PHE H 157 -37.56 -34.87 31.59
C PHE H 157 -38.73 -35.83 31.80
N ALA H 158 -39.86 -35.52 31.18
CA ALA H 158 -41.05 -36.35 31.38
C ALA H 158 -41.00 -37.60 30.52
N SER H 159 -40.87 -38.77 31.17
CA SER H 159 -40.81 -40.07 30.51
C SER H 159 -42.11 -40.50 29.82
N PHE H 160 -41.94 -41.25 28.74
CA PHE H 160 -42.98 -41.82 27.88
C PHE H 160 -44.15 -40.88 27.56
N VAL H 161 -43.86 -39.70 27.02
CA VAL H 161 -44.91 -38.78 26.61
C VAL H 161 -45.51 -39.30 25.30
N ARG H 162 -46.84 -39.53 25.24
CA ARG H 162 -47.53 -40.07 24.03
C ARG H 162 -48.50 -39.08 23.38
N LYS H 163 -48.90 -38.04 24.10
CA LYS H 163 -49.85 -37.07 23.57
C LYS H 163 -49.72 -35.74 24.34
N ALA H 164 -50.34 -34.68 23.84
CA ALA H 164 -50.28 -33.37 24.49
C ALA H 164 -50.88 -33.37 25.90
N SER H 165 -51.92 -34.17 26.13
CA SER H 165 -52.55 -34.24 27.45
C SER H 165 -51.62 -34.80 28.54
N ASP H 166 -50.59 -35.59 28.16
CA ASP H 166 -49.59 -36.11 29.09
C ASP H 166 -48.75 -34.94 29.62
N VAL H 167 -48.39 -34.00 28.76
CA VAL H 167 -47.62 -32.81 29.11
C VAL H 167 -48.43 -31.93 30.04
N ALA H 168 -49.72 -31.76 29.73
CA ALA H 168 -50.65 -30.96 30.56
C ALA H 168 -50.75 -31.54 31.96
N ALA H 169 -50.78 -32.88 32.07
CA ALA H 169 -50.83 -33.57 33.36
C ALA H 169 -49.56 -33.27 34.17
N VAL H 170 -48.38 -33.29 33.53
CA VAL H 170 -47.12 -32.98 34.22
C VAL H 170 -47.12 -31.55 34.70
N ARG H 171 -47.58 -30.63 33.83
N ARG H 171 -47.58 -30.63 33.83
CA ARG H 171 -47.66 -29.21 34.16
CA ARG H 171 -47.64 -29.21 34.17
C ARG H 171 -48.55 -28.98 35.37
C ARG H 171 -48.56 -29.00 35.39
N ALA H 172 -49.74 -29.64 35.38
CA ALA H 172 -50.70 -29.52 36.49
C ALA H 172 -50.09 -30.05 37.77
N ALA H 173 -49.38 -31.20 37.70
CA ALA H 173 -48.75 -31.79 38.87
C ALA H 173 -47.64 -30.93 39.46
N LEU H 174 -47.02 -30.07 38.67
CA LEU H 174 -46.02 -29.15 39.16
C LEU H 174 -46.63 -28.01 39.98
N GLY H 175 -47.94 -27.78 39.83
CA GLY H 175 -48.70 -26.78 40.57
C GLY H 175 -48.39 -25.34 40.21
N PRO H 176 -48.96 -24.41 40.98
CA PRO H 176 -48.68 -23.00 40.75
C PRO H 176 -47.24 -22.58 41.04
N GLU H 177 -46.57 -23.26 41.97
CA GLU H 177 -45.19 -22.92 42.33
C GLU H 177 -44.13 -23.44 41.31
N GLY H 178 -44.52 -24.39 40.46
CA GLY H 178 -43.60 -24.93 39.47
C GLY H 178 -43.84 -24.41 38.07
N HIS H 179 -44.35 -23.18 37.97
CA HIS H 179 -44.66 -22.57 36.67
CA HIS H 179 -44.65 -22.57 36.67
C HIS H 179 -43.38 -22.30 35.85
N GLY H 180 -42.27 -22.00 36.53
CA GLY H 180 -41.01 -21.71 35.87
C GLY H 180 -40.21 -22.90 35.38
N ILE H 181 -40.56 -24.11 35.85
CA ILE H 181 -39.86 -25.33 35.49
C ILE H 181 -40.12 -25.67 34.04
N LYS H 182 -39.04 -26.05 33.28
CA LYS H 182 -39.13 -26.41 31.88
C LYS H 182 -39.48 -27.88 31.74
N ILE H 183 -40.44 -28.20 30.87
CA ILE H 183 -40.82 -29.58 30.62
C ILE H 183 -40.26 -30.05 29.30
N ILE H 184 -39.32 -30.99 29.34
CA ILE H 184 -38.73 -31.59 28.16
C ILE H 184 -39.40 -32.98 28.02
N SER H 185 -40.20 -33.18 26.99
CA SER H 185 -40.90 -34.43 26.80
C SER H 185 -40.03 -35.47 26.16
N LYS H 186 -39.95 -36.66 26.79
CA LYS H 186 -39.20 -37.77 26.25
C LYS H 186 -40.06 -38.56 25.28
N ILE H 187 -39.58 -38.70 24.02
CA ILE H 187 -40.26 -39.48 23.01
C ILE H 187 -39.60 -40.84 23.02
N GLU H 188 -40.32 -41.87 23.50
CA GLU H 188 -39.74 -43.21 23.63
C GLU H 188 -40.52 -44.33 22.95
N ASN H 189 -41.58 -44.02 22.19
CA ASN H 189 -42.36 -45.05 21.51
C ASN H 189 -42.99 -44.55 20.22
N HIS H 190 -43.63 -45.48 19.46
CA HIS H 190 -44.27 -45.15 18.22
C HIS H 190 -45.32 -44.03 18.35
N GLU H 191 -46.19 -44.10 19.39
CA GLU H 191 -47.23 -43.10 19.58
C GLU H 191 -46.66 -41.69 19.73
N GLY H 192 -45.61 -41.55 20.55
CA GLY H 192 -44.93 -40.28 20.76
C GLY H 192 -44.35 -39.74 19.47
N VAL H 193 -43.77 -40.63 18.62
CA VAL H 193 -43.22 -40.20 17.34
C VAL H 193 -44.33 -39.74 16.40
N LYS H 194 -45.43 -40.49 16.36
CA LYS H 194 -46.55 -40.12 15.51
C LYS H 194 -47.30 -38.86 15.96
N ARG H 195 -47.42 -38.63 17.25
CA ARG H 195 -48.05 -37.44 17.77
C ARG H 195 -47.05 -36.32 18.11
N PHE H 196 -45.84 -36.38 17.54
CA PHE H 196 -44.74 -35.47 17.79
C PHE H 196 -45.12 -34.00 17.74
N ASP H 197 -45.81 -33.56 16.70
CA ASP H 197 -46.16 -32.16 16.54
C ASP H 197 -47.04 -31.60 17.66
N GLU H 198 -48.04 -32.39 18.12
CA GLU H 198 -48.89 -31.92 19.20
C GLU H 198 -48.15 -31.88 20.53
N ILE H 199 -47.18 -32.79 20.73
CA ILE H 199 -46.38 -32.83 21.95
C ILE H 199 -45.41 -31.65 21.99
N LEU H 200 -44.71 -31.39 20.86
CA LEU H 200 -43.75 -30.30 20.77
C LEU H 200 -44.42 -28.94 20.98
N GLU H 201 -45.64 -28.78 20.48
CA GLU H 201 -46.39 -27.54 20.62
C GLU H 201 -46.60 -27.13 22.05
N VAL H 202 -46.86 -28.10 22.93
CA VAL H 202 -47.10 -27.82 24.34
C VAL H 202 -45.90 -28.04 25.25
N SER H 203 -44.77 -28.56 24.73
CA SER H 203 -43.57 -28.81 25.54
C SER H 203 -42.57 -27.68 25.40
N ASP H 204 -41.65 -27.55 26.34
CA ASP H 204 -40.56 -26.60 26.23
C ASP H 204 -39.44 -27.12 25.27
N GLY H 205 -39.35 -28.43 25.13
CA GLY H 205 -38.39 -29.11 24.30
C GLY H 205 -38.65 -30.61 24.31
N ILE H 206 -37.74 -31.36 23.62
CA ILE H 206 -37.85 -32.79 23.46
C ILE H 206 -36.53 -33.52 23.82
N MET H 207 -36.63 -34.75 24.30
CA MET H 207 -35.50 -35.62 24.46
C MET H 207 -35.75 -36.83 23.55
N VAL H 208 -34.76 -37.18 22.71
CA VAL H 208 -34.82 -38.37 21.88
C VAL H 208 -34.25 -39.51 22.76
N ALA H 209 -35.15 -40.18 23.46
CA ALA H 209 -34.88 -41.26 24.41
C ALA H 209 -34.68 -42.56 23.62
N ARG H 210 -33.49 -42.73 23.01
CA ARG H 210 -33.14 -43.83 22.13
C ARG H 210 -33.16 -45.23 22.76
N GLY H 211 -32.93 -45.37 24.06
CA GLY H 211 -32.98 -46.67 24.71
C GLY H 211 -34.33 -47.34 24.56
N ASP H 212 -35.39 -46.74 25.10
CA ASP H 212 -36.74 -47.30 24.97
C ASP H 212 -37.21 -47.25 23.53
N LEU H 213 -36.91 -46.14 22.82
CA LEU H 213 -37.32 -46.00 21.43
C LEU H 213 -36.78 -47.15 20.56
N GLY H 214 -35.54 -47.58 20.80
CA GLY H 214 -34.88 -48.69 20.13
C GLY H 214 -35.50 -50.06 20.41
N ILE H 215 -36.33 -50.16 21.44
CA ILE H 215 -37.04 -51.38 21.74
C ILE H 215 -38.51 -51.28 21.30
N GLU H 216 -39.09 -50.08 21.28
CA GLU H 216 -40.47 -49.87 20.85
C GLU H 216 -40.63 -49.85 19.31
N ILE H 217 -39.61 -49.37 18.61
CA ILE H 217 -39.57 -49.33 17.15
C ILE H 217 -38.34 -50.13 16.68
N PRO H 218 -38.27 -50.63 15.44
CA PRO H 218 -37.07 -51.37 14.99
C PRO H 218 -35.81 -50.56 15.20
N ALA H 219 -34.74 -51.20 15.71
CA ALA H 219 -33.50 -50.52 16.01
C ALA H 219 -32.93 -49.74 14.83
N GLU H 220 -33.10 -50.25 13.61
CA GLU H 220 -32.61 -49.62 12.40
C GLU H 220 -33.42 -48.40 11.96
N LYS H 221 -34.56 -48.11 12.64
CA LYS H 221 -35.38 -46.95 12.33
C LYS H 221 -35.16 -45.78 13.30
N VAL H 222 -34.43 -45.99 14.42
CA VAL H 222 -34.19 -44.97 15.42
C VAL H 222 -33.48 -43.75 14.85
N PHE H 223 -32.48 -43.94 13.98
CA PHE H 223 -31.78 -42.80 13.39
C PHE H 223 -32.73 -41.85 12.60
N LEU H 224 -33.76 -42.41 11.95
CA LEU H 224 -34.74 -41.63 11.22
C LEU H 224 -35.54 -40.79 12.20
N ALA H 225 -35.95 -41.37 13.35
CA ALA H 225 -36.74 -40.66 14.35
C ALA H 225 -35.90 -39.55 14.99
N GLN H 226 -34.61 -39.85 15.30
CA GLN H 226 -33.70 -38.87 15.87
C GLN H 226 -33.54 -37.68 14.90
N LYS H 227 -33.21 -37.94 13.65
CA LYS H 227 -33.02 -36.90 12.66
C LYS H 227 -34.29 -36.08 12.41
N MET H 228 -35.47 -36.72 12.41
CA MET H 228 -36.74 -36.01 12.23
C MET H 228 -37.02 -35.08 13.39
N MET H 229 -36.91 -35.59 14.62
CA MET H 229 -37.21 -34.81 15.81
C MET H 229 -36.24 -33.67 16.01
N ILE H 230 -34.96 -33.88 15.72
CA ILE H 230 -33.98 -32.80 15.85
C ILE H 230 -34.29 -31.69 14.83
N GLY H 231 -34.61 -32.08 13.59
CA GLY H 231 -34.93 -31.12 12.54
C GLY H 231 -36.15 -30.30 12.89
N ARG H 232 -37.21 -30.95 13.44
CA ARG H 232 -38.44 -30.25 13.82
C ARG H 232 -38.24 -29.33 14.99
N CYS H 233 -37.43 -29.74 15.96
CA CYS H 233 -37.08 -28.90 17.11
C CYS H 233 -36.29 -27.70 16.66
N ASN H 234 -35.36 -27.87 15.72
CA ASN H 234 -34.57 -26.76 15.20
C ASN H 234 -35.48 -25.76 14.48
N LEU H 235 -36.42 -26.29 13.70
CA LEU H 235 -37.39 -25.48 12.99
C LEU H 235 -38.29 -24.70 14.00
N ALA H 236 -38.73 -25.36 15.07
CA ALA H 236 -39.56 -24.76 16.12
C ALA H 236 -38.80 -23.81 17.07
N GLY H 237 -37.46 -23.88 17.06
CA GLY H 237 -36.60 -23.11 17.97
C GLY H 237 -36.68 -23.61 19.40
N LYS H 238 -36.94 -24.93 19.57
CA LYS H 238 -37.04 -25.50 20.91
C LYS H 238 -35.92 -26.48 21.14
N PRO H 239 -35.35 -26.51 22.38
CA PRO H 239 -34.25 -27.45 22.65
C PRO H 239 -34.57 -28.92 22.41
N VAL H 240 -33.59 -29.65 21.87
CA VAL H 240 -33.70 -31.07 21.65
C VAL H 240 -32.45 -31.75 22.23
N VAL H 241 -32.65 -32.84 22.98
CA VAL H 241 -31.57 -33.59 23.61
C VAL H 241 -31.42 -34.94 22.92
N CYS H 242 -30.17 -35.32 22.53
CA CYS H 242 -29.94 -36.66 22.04
C CYS H 242 -29.46 -37.46 23.25
N ALA H 243 -30.08 -38.61 23.50
CA ALA H 243 -29.77 -39.39 24.69
C ALA H 243 -29.59 -40.88 24.44
N THR H 244 -28.86 -41.57 25.38
CA THR H 244 -28.68 -43.01 25.58
C THR H 244 -27.65 -43.71 24.67
N GLN H 245 -26.69 -44.38 25.32
CA GLN H 245 -25.62 -45.20 24.80
C GLN H 245 -24.65 -44.46 23.91
N MET H 246 -24.52 -43.15 24.07
CA MET H 246 -23.62 -42.35 23.22
C MET H 246 -22.15 -42.75 23.37
N LEU H 247 -21.68 -43.05 24.58
CA LEU H 247 -20.31 -43.51 24.85
C LEU H 247 -20.38 -44.74 25.78
N GLU H 248 -21.34 -45.64 25.54
CA GLU H 248 -21.60 -46.82 26.36
C GLU H 248 -20.36 -47.63 26.82
N SER H 249 -19.42 -47.89 25.93
CA SER H 249 -18.23 -48.64 26.26
C SER H 249 -17.37 -47.95 27.32
N MET H 250 -17.48 -46.63 27.49
CA MET H 250 -16.73 -45.88 28.53
C MET H 250 -17.20 -46.14 29.94
N ILE H 251 -18.23 -46.97 30.12
CA ILE H 251 -18.62 -47.38 31.46
C ILE H 251 -17.50 -48.26 32.07
N THR H 252 -16.86 -49.08 31.25
CA THR H 252 -15.80 -49.98 31.68
C THR H 252 -14.43 -49.67 31.07
N LYS H 253 -14.37 -49.00 29.90
CA LYS H 253 -13.13 -48.73 29.21
C LYS H 253 -12.75 -47.24 29.17
N PRO H 254 -11.43 -46.95 29.24
CA PRO H 254 -10.98 -45.54 29.25
C PRO H 254 -11.21 -44.72 27.96
N ARG H 255 -11.38 -45.40 26.81
CA ARG H 255 -11.56 -44.80 25.49
C ARG H 255 -12.80 -45.39 24.82
N PRO H 256 -13.54 -44.58 24.05
CA PRO H 256 -14.74 -45.11 23.38
C PRO H 256 -14.45 -45.83 22.04
N THR H 257 -15.49 -46.43 21.44
CA THR H 257 -15.31 -47.09 20.16
C THR H 257 -15.41 -46.07 19.00
N ARG H 258 -15.03 -46.47 17.78
CA ARG H 258 -15.14 -45.60 16.62
C ARG H 258 -16.60 -45.25 16.33
N ALA H 259 -17.54 -46.17 16.64
CA ALA H 259 -18.96 -45.91 16.44
C ALA H 259 -19.48 -44.88 17.46
N GLU H 260 -18.98 -44.94 18.69
CA GLU H 260 -19.39 -44.01 19.74
C GLU H 260 -18.96 -42.56 19.48
N THR H 261 -17.71 -42.34 19.04
CA THR H 261 -17.28 -40.97 18.76
C THR H 261 -18.05 -40.40 17.59
N SER H 262 -18.28 -41.24 16.57
CA SER H 262 -19.04 -40.92 15.40
C SER H 262 -20.47 -40.55 15.79
N ASP H 263 -21.08 -41.29 16.69
CA ASP H 263 -22.44 -41.05 17.14
C ASP H 263 -22.56 -39.68 17.80
N VAL H 264 -21.63 -39.33 18.70
CA VAL H 264 -21.65 -38.05 19.38
C VAL H 264 -21.50 -36.91 18.37
N ALA H 265 -20.56 -37.07 17.44
CA ALA H 265 -20.31 -36.07 16.42
C ALA H 265 -21.52 -35.86 15.52
N ASN H 266 -22.18 -36.96 15.16
CA ASN H 266 -23.34 -36.87 14.29
C ASN H 266 -24.54 -36.31 14.99
N ALA H 267 -24.70 -36.51 16.28
CA ALA H 267 -25.81 -35.90 17.03
C ALA H 267 -25.63 -34.37 17.03
N VAL H 268 -24.40 -33.87 17.22
CA VAL H 268 -24.12 -32.45 17.16
C VAL H 268 -24.38 -31.94 15.74
N LEU H 269 -23.84 -32.62 14.72
CA LEU H 269 -24.05 -32.22 13.33
C LEU H 269 -25.50 -32.24 12.94
N ASP H 270 -26.29 -33.17 13.48
CA ASP H 270 -27.73 -33.27 13.23
C ASP H 270 -28.44 -32.02 13.73
N GLY H 271 -27.95 -31.41 14.82
CA GLY H 271 -28.53 -30.20 15.37
C GLY H 271 -28.99 -30.29 16.81
N ALA H 272 -28.53 -31.31 17.55
CA ALA H 272 -28.91 -31.48 18.96
C ALA H 272 -28.38 -30.34 19.82
N ASP H 273 -29.24 -29.81 20.69
CA ASP H 273 -28.83 -28.75 21.59
C ASP H 273 -28.02 -29.32 22.76
N CYS H 274 -28.37 -30.54 23.21
CA CYS H 274 -27.75 -31.22 24.33
C CYS H 274 -27.45 -32.65 23.99
N ILE H 275 -26.35 -33.17 24.56
CA ILE H 275 -25.97 -34.55 24.48
C ILE H 275 -25.94 -35.08 25.91
N MET H 276 -26.31 -36.36 26.12
CA MET H 276 -26.41 -36.92 27.46
C MET H 276 -25.50 -38.09 27.71
N LEU H 277 -25.19 -38.31 28.99
CA LEU H 277 -24.43 -39.44 29.49
C LEU H 277 -25.29 -40.05 30.61
N SER H 278 -25.56 -41.36 30.53
CA SER H 278 -26.34 -42.07 31.54
C SER H 278 -25.41 -42.90 32.41
N GLY H 279 -25.24 -44.19 32.11
CA GLY H 279 -24.39 -45.08 32.87
C GLY H 279 -22.94 -44.62 32.89
N GLU H 280 -22.48 -43.95 31.82
CA GLU H 280 -21.11 -43.43 31.69
C GLU H 280 -20.76 -42.54 32.88
N THR H 281 -21.74 -41.78 33.41
CA THR H 281 -21.45 -40.92 34.55
C THR H 281 -22.06 -41.40 35.86
N ALA H 282 -23.21 -42.06 35.78
CA ALA H 282 -23.89 -42.52 36.97
C ALA H 282 -23.20 -43.70 37.65
N LYS H 283 -22.77 -44.69 36.90
CA LYS H 283 -22.23 -45.90 37.48
C LYS H 283 -20.87 -46.40 36.92
N GLY H 284 -20.36 -45.84 35.83
CA GLY H 284 -19.12 -46.33 35.24
C GLY H 284 -17.86 -45.97 36.00
N ASN H 285 -16.70 -46.37 35.45
CA ASN H 285 -15.42 -46.02 36.08
C ASN H 285 -14.76 -44.77 35.50
N PHE H 286 -15.33 -44.19 34.42
CA PHE H 286 -14.73 -43.03 33.82
C PHE H 286 -15.74 -41.88 33.68
N PRO H 287 -16.42 -41.40 34.76
CA PRO H 287 -17.40 -40.32 34.58
C PRO H 287 -16.83 -38.98 34.12
N VAL H 288 -15.67 -38.59 34.63
CA VAL H 288 -15.04 -37.34 34.27
C VAL H 288 -14.51 -37.47 32.84
N GLU H 289 -13.91 -38.61 32.51
CA GLU H 289 -13.36 -38.86 31.18
C GLU H 289 -14.46 -38.90 30.13
N ALA H 290 -15.67 -39.36 30.49
CA ALA H 290 -16.77 -39.41 29.53
C ALA H 290 -17.26 -37.98 29.20
N VAL H 291 -17.25 -37.08 30.21
CA VAL H 291 -17.60 -35.69 30.05
C VAL H 291 -16.56 -35.03 29.18
N LYS H 292 -15.28 -35.28 29.47
CA LYS H 292 -14.17 -34.73 28.66
C LYS H 292 -14.25 -35.17 27.21
N MET H 293 -14.60 -36.44 26.96
CA MET H 293 -14.71 -36.98 25.61
C MET H 293 -15.83 -36.29 24.84
N GLN H 294 -17.03 -36.16 25.47
CA GLN H 294 -18.17 -35.51 24.83
C GLN H 294 -17.83 -34.06 24.51
N HIS H 295 -17.10 -33.39 25.44
CA HIS H 295 -16.67 -32.02 25.26
C HIS H 295 -15.76 -31.92 24.06
N ALA H 296 -14.75 -32.77 23.96
CA ALA H 296 -13.80 -32.76 22.86
C ALA H 296 -14.44 -33.03 21.50
N ILE H 297 -15.35 -34.03 21.42
CA ILE H 297 -16.01 -34.34 20.16
C ILE H 297 -16.92 -33.20 19.72
N ALA H 298 -17.76 -32.68 20.65
CA ALA H 298 -18.71 -31.61 20.36
C ALA H 298 -18.01 -30.39 19.79
N ARG H 299 -16.88 -29.98 20.37
CA ARG H 299 -16.11 -28.84 19.86
C ARG H 299 -15.68 -29.07 18.40
N GLU H 300 -15.21 -30.29 18.05
CA GLU H 300 -14.79 -30.58 16.69
C GLU H 300 -15.99 -30.54 15.76
N ALA H 301 -17.10 -31.14 16.17
CA ALA H 301 -18.30 -31.22 15.38
C ALA H 301 -18.93 -29.84 15.15
N GLU H 302 -18.91 -28.95 16.16
CA GLU H 302 -19.48 -27.61 15.98
C GLU H 302 -18.73 -26.79 14.96
N ALA H 303 -17.40 -26.92 14.92
CA ALA H 303 -16.61 -26.23 13.90
C ALA H 303 -16.92 -26.76 12.49
N ALA H 304 -17.27 -28.05 12.36
CA ALA H 304 -17.61 -28.66 11.08
C ALA H 304 -19.05 -28.38 10.59
N VAL H 305 -19.82 -27.55 11.30
CA VAL H 305 -21.17 -27.21 10.89
C VAL H 305 -21.14 -26.30 9.65
N TYR H 306 -21.93 -26.64 8.62
CA TYR H 306 -22.00 -25.91 7.38
C TYR H 306 -22.96 -24.72 7.53
N HIS H 307 -22.50 -23.68 8.23
CA HIS H 307 -23.30 -22.48 8.51
C HIS H 307 -23.83 -21.76 7.28
N ARG H 308 -23.12 -21.83 6.14
CA ARG H 308 -23.56 -21.17 4.92
C ARG H 308 -24.97 -21.59 4.51
N GLN H 309 -25.22 -22.91 4.38
CA GLN H 309 -26.55 -23.36 4.03
C GLN H 309 -27.48 -23.38 5.25
N LEU H 310 -26.94 -23.74 6.44
CA LEU H 310 -27.74 -23.79 7.66
C LEU H 310 -28.42 -22.46 7.99
N PHE H 311 -27.66 -21.36 8.02
CA PHE H 311 -28.23 -20.07 8.35
C PHE H 311 -29.29 -19.65 7.34
N GLU H 312 -29.01 -19.89 6.05
CA GLU H 312 -29.95 -19.61 4.98
C GLU H 312 -31.26 -20.38 5.14
N GLU H 313 -31.18 -21.67 5.49
CA GLU H 313 -32.35 -22.51 5.67
C GLU H 313 -33.13 -22.13 6.91
N LEU H 314 -32.44 -21.76 8.00
CA LEU H 314 -33.11 -21.34 9.23
C LEU H 314 -33.85 -20.03 9.00
N ARG H 315 -33.22 -19.04 8.30
CA ARG H 315 -33.95 -17.78 8.09
C ARG H 315 -35.09 -17.98 7.11
N ARG H 316 -34.90 -18.80 6.06
CA ARG H 316 -35.99 -19.08 5.11
C ARG H 316 -37.16 -19.76 5.80
N ALA H 317 -36.90 -20.76 6.65
CA ALA H 317 -37.94 -21.54 7.34
C ALA H 317 -38.66 -20.79 8.43
N ALA H 318 -37.97 -19.90 9.15
CA ALA H 318 -38.59 -19.16 10.24
C ALA H 318 -39.61 -18.19 9.65
N PRO H 319 -40.83 -18.21 10.20
CA PRO H 319 -41.89 -17.34 9.63
C PRO H 319 -41.69 -15.88 10.01
N LEU H 320 -42.34 -14.97 9.24
CA LEU H 320 -42.24 -13.55 9.55
C LEU H 320 -42.80 -13.26 10.92
N SER H 321 -42.23 -12.27 11.59
CA SER H 321 -42.61 -12.00 12.97
C SER H 321 -42.75 -10.55 13.24
N ARG H 322 -43.72 -10.22 14.08
CA ARG H 322 -43.88 -8.85 14.54
C ARG H 322 -43.38 -8.66 16.00
N ASP H 323 -42.76 -9.70 16.59
CA ASP H 323 -42.21 -9.62 17.92
C ASP H 323 -40.82 -9.01 17.83
N PRO H 324 -40.58 -7.88 18.52
CA PRO H 324 -39.28 -7.22 18.44
C PRO H 324 -38.11 -8.05 18.94
N THR H 325 -38.33 -8.99 19.89
CA THR H 325 -37.24 -9.85 20.37
C THR H 325 -36.80 -10.76 19.21
N GLU H 326 -37.77 -11.36 18.50
CA GLU H 326 -37.58 -12.24 17.39
C GLU H 326 -36.84 -11.50 16.24
N VAL H 327 -37.30 -10.25 15.91
CA VAL H 327 -36.69 -9.38 14.91
C VAL H 327 -35.27 -8.94 15.29
N THR H 328 -35.03 -8.59 16.54
CA THR H 328 -33.70 -8.21 17.01
C THR H 328 -32.73 -9.38 16.96
N ALA H 329 -33.22 -10.60 17.30
CA ALA H 329 -32.40 -11.80 17.26
C ALA H 329 -31.85 -12.11 15.88
N ILE H 330 -32.69 -12.04 14.84
CA ILE H 330 -32.21 -12.34 13.51
C ILE H 330 -31.25 -11.25 13.00
N GLY H 331 -31.50 -9.98 13.31
CA GLY H 331 -30.59 -8.91 12.92
C GLY H 331 -29.26 -9.07 13.63
N ALA H 332 -29.28 -9.46 14.90
CA ALA H 332 -28.06 -9.68 15.68
C ALA H 332 -27.23 -10.85 15.15
N VAL H 333 -27.86 -11.98 14.75
CA VAL H 333 -27.14 -13.12 14.22
C VAL H 333 -26.54 -12.79 12.87
N GLU H 334 -27.30 -12.08 12.02
CA GLU H 334 -26.83 -11.61 10.72
C GLU H 334 -25.63 -10.67 10.90
N ALA H 335 -25.70 -9.75 11.87
CA ALA H 335 -24.61 -8.84 12.17
C ALA H 335 -23.37 -9.58 12.66
N ALA H 336 -23.54 -10.58 13.56
CA ALA H 336 -22.45 -11.37 14.08
C ALA H 336 -21.74 -12.16 12.97
N PHE H 337 -22.50 -12.70 11.99
CA PHE H 337 -21.87 -13.41 10.88
C PHE H 337 -21.06 -12.47 10.00
N LYS H 338 -21.57 -11.24 9.75
CA LYS H 338 -20.92 -10.26 8.91
C LYS H 338 -19.52 -9.85 9.37
N CYS H 339 -19.29 -9.79 10.69
CA CYS H 339 -18.00 -9.35 11.21
C CYS H 339 -17.22 -10.42 11.93
N CYS H 340 -17.72 -11.69 11.93
CA CYS H 340 -17.10 -12.78 12.69
C CYS H 340 -17.01 -12.41 14.17
N ALA H 341 -18.13 -11.87 14.72
CA ALA H 341 -18.20 -11.44 16.12
C ALA H 341 -17.80 -12.59 17.06
N ALA H 342 -16.95 -12.29 18.06
CA ALA H 342 -16.50 -13.28 19.01
C ALA H 342 -17.66 -13.76 19.90
N ALA H 343 -18.62 -12.86 20.17
CA ALA H 343 -19.76 -13.19 21.02
C ALA H 343 -20.92 -12.26 20.70
N ILE H 344 -22.10 -12.63 21.17
CA ILE H 344 -23.28 -11.82 21.22
C ILE H 344 -23.60 -11.77 22.72
N ILE H 345 -23.50 -10.61 23.37
CA ILE H 345 -23.83 -10.50 24.79
C ILE H 345 -25.28 -10.06 24.89
N VAL H 346 -26.11 -10.87 25.55
CA VAL H 346 -27.52 -10.55 25.69
C VAL H 346 -27.95 -10.45 27.14
N LEU H 347 -28.76 -9.45 27.44
CA LEU H 347 -29.33 -9.30 28.76
C LEU H 347 -30.67 -10.02 28.74
N THR H 348 -30.86 -10.96 29.67
CA THR H 348 -32.09 -11.73 29.69
C THR H 348 -32.58 -12.00 31.12
N THR H 349 -33.92 -11.99 31.34
CA THR H 349 -34.51 -12.23 32.64
C THR H 349 -35.01 -13.67 32.69
N THR H 350 -35.72 -14.12 31.66
CA THR H 350 -36.28 -15.47 31.54
C THR H 350 -35.43 -16.38 30.71
N GLY H 351 -34.49 -15.86 29.92
CA GLY H 351 -33.68 -16.65 29.00
C GLY H 351 -34.21 -16.64 27.56
N ARG H 352 -35.43 -16.13 27.36
CA ARG H 352 -36.06 -16.10 26.05
C ARG H 352 -35.25 -15.38 24.99
N SER H 353 -34.70 -14.21 25.31
CA SER H 353 -33.88 -13.47 24.31
C SER H 353 -32.66 -14.26 23.86
N ALA H 354 -32.06 -15.03 24.76
CA ALA H 354 -30.91 -15.86 24.43
C ALA H 354 -31.37 -17.07 23.57
N GLN H 355 -32.55 -17.61 23.86
CA GLN H 355 -33.09 -18.72 23.11
C GLN H 355 -33.37 -18.30 21.67
N LEU H 356 -33.91 -17.08 21.47
CA LEU H 356 -34.20 -16.62 20.12
C LEU H 356 -32.96 -16.34 19.33
N LEU H 357 -31.85 -16.01 19.98
CA LEU H 357 -30.57 -15.83 19.26
C LEU H 357 -30.07 -17.23 18.81
N SER H 358 -30.09 -18.19 19.75
CA SER H 358 -29.69 -19.56 19.61
C SER H 358 -30.38 -20.30 18.45
N ARG H 359 -31.68 -20.05 18.23
CA ARG H 359 -32.42 -20.73 17.16
C ARG H 359 -31.83 -20.52 15.77
N TYR H 360 -31.13 -19.39 15.55
CA TYR H 360 -30.48 -19.11 14.26
C TYR H 360 -29.07 -19.71 14.14
N ARG H 361 -28.64 -20.47 15.14
CA ARG H 361 -27.38 -21.16 15.15
C ARG H 361 -26.18 -20.30 14.79
N PRO H 362 -25.96 -19.19 15.51
CA PRO H 362 -24.77 -18.37 15.25
C PRO H 362 -23.49 -19.13 15.55
N ARG H 363 -22.43 -18.74 14.88
CA ARG H 363 -21.09 -19.26 15.18
C ARG H 363 -20.56 -18.52 16.47
N ALA H 364 -20.98 -17.25 16.70
CA ALA H 364 -20.54 -16.47 17.87
C ALA H 364 -21.23 -16.97 19.15
N ALA H 365 -20.50 -16.95 20.26
CA ALA H 365 -21.04 -17.42 21.52
C ALA H 365 -22.14 -16.47 21.98
N VAL H 366 -23.23 -16.98 22.56
CA VAL H 366 -24.29 -16.11 23.09
C VAL H 366 -24.04 -16.06 24.57
N ILE H 367 -23.43 -14.99 25.06
CA ILE H 367 -23.15 -14.83 26.47
C ILE H 367 -24.38 -14.18 27.09
N ALA H 368 -25.12 -14.93 27.89
CA ALA H 368 -26.37 -14.43 28.47
C ALA H 368 -26.17 -13.96 29.87
N VAL H 369 -26.29 -12.65 30.12
CA VAL H 369 -26.13 -12.11 31.47
C VAL H 369 -27.52 -11.96 32.14
N THR H 370 -27.70 -12.64 33.28
CA THR H 370 -28.97 -12.62 33.99
C THR H 370 -28.80 -12.57 35.50
N ARG H 371 -29.78 -11.97 36.20
CA ARG H 371 -29.87 -12.00 37.67
C ARG H 371 -30.69 -13.21 38.12
N SER H 372 -31.48 -13.83 37.22
CA SER H 372 -32.26 -15.00 37.61
C SER H 372 -31.38 -16.24 37.63
N ALA H 373 -31.14 -16.81 38.82
CA ALA H 373 -30.34 -18.02 38.94
C ALA H 373 -31.00 -19.21 38.20
N GLN H 374 -32.33 -19.30 38.25
CA GLN H 374 -33.06 -20.34 37.55
C GLN H 374 -32.88 -20.22 36.03
N ALA H 375 -33.04 -19.00 35.47
CA ALA H 375 -32.84 -18.78 34.04
C ALA H 375 -31.41 -19.11 33.63
N ALA H 376 -30.44 -18.71 34.43
CA ALA H 376 -29.03 -19.01 34.18
C ALA H 376 -28.82 -20.53 34.08
N ARG H 377 -29.53 -21.32 34.90
CA ARG H 377 -29.39 -22.75 34.82
C ARG H 377 -30.13 -23.33 33.61
N GLN H 378 -31.35 -22.85 33.34
CA GLN H 378 -32.17 -23.32 32.24
C GLN H 378 -31.66 -22.99 30.81
N VAL H 379 -30.92 -21.90 30.64
CA VAL H 379 -30.43 -21.57 29.30
C VAL H 379 -29.42 -22.59 28.77
N HIS H 380 -28.94 -23.51 29.61
CA HIS H 380 -28.06 -24.59 29.18
C HIS H 380 -28.78 -25.52 28.18
N LEU H 381 -30.11 -25.53 28.18
CA LEU H 381 -30.88 -26.31 27.21
C LEU H 381 -30.66 -25.80 25.77
N CYS H 382 -30.30 -24.50 25.58
CA CYS H 382 -30.15 -23.90 24.26
C CYS H 382 -28.72 -23.88 23.78
N ARG H 383 -28.44 -24.45 22.61
CA ARG H 383 -27.09 -24.50 22.08
C ARG H 383 -26.43 -23.12 21.88
N GLY H 384 -25.19 -23.01 22.34
CA GLY H 384 -24.39 -21.81 22.18
C GLY H 384 -24.67 -20.71 23.18
N VAL H 385 -25.52 -20.98 24.21
CA VAL H 385 -25.80 -19.96 25.23
C VAL H 385 -24.92 -20.28 26.44
N PHE H 386 -24.14 -19.29 26.91
CA PHE H 386 -23.19 -19.36 28.01
C PHE H 386 -23.68 -18.44 29.11
N PRO H 387 -24.33 -19.00 30.14
CA PRO H 387 -24.97 -18.13 31.15
C PRO H 387 -24.07 -17.53 32.20
N LEU H 388 -24.27 -16.25 32.48
CA LEU H 388 -23.54 -15.57 33.56
C LEU H 388 -24.53 -15.08 34.60
N LEU H 389 -24.24 -15.36 35.90
CA LEU H 389 -25.13 -14.92 36.96
C LEU H 389 -24.66 -13.62 37.60
N TYR H 390 -25.31 -12.52 37.27
CA TYR H 390 -24.97 -11.22 37.81
C TYR H 390 -25.54 -11.14 39.21
N ARG H 391 -24.68 -10.85 40.18
CA ARG H 391 -25.08 -10.85 41.58
C ARG H 391 -25.29 -9.49 42.20
N GLU H 392 -24.87 -8.41 41.52
CA GLU H 392 -24.97 -7.08 42.06
C GLU H 392 -26.38 -6.57 42.11
N PRO H 393 -26.71 -5.81 43.17
CA PRO H 393 -28.04 -5.23 43.23
C PRO H 393 -28.14 -4.09 42.19
N PRO H 394 -29.36 -3.84 41.69
CA PRO H 394 -29.56 -2.77 40.70
C PRO H 394 -28.95 -1.40 41.01
N GLU H 395 -28.48 -0.70 40.00
CA GLU H 395 -28.01 0.67 40.06
C GLU H 395 -29.27 1.56 40.08
N ALA H 396 -29.15 2.79 40.61
CA ALA H 396 -30.28 3.71 40.65
C ALA H 396 -30.70 4.12 39.22
N ILE H 397 -29.71 4.37 38.35
CA ILE H 397 -29.99 4.70 36.96
C ILE H 397 -30.00 3.42 36.15
N TRP H 398 -31.19 3.01 35.61
CA TRP H 398 -31.38 1.80 34.81
C TRP H 398 -30.31 1.62 33.72
N ALA H 399 -30.03 2.66 32.93
CA ALA H 399 -29.05 2.61 31.86
C ALA H 399 -27.65 2.21 32.37
N ASP H 400 -27.26 2.71 33.55
CA ASP H 400 -25.98 2.35 34.16
C ASP H 400 -26.02 0.88 34.61
N ASP H 401 -27.17 0.37 35.08
CA ASP H 401 -27.32 -1.03 35.50
C ASP H 401 -27.17 -1.94 34.28
N VAL H 402 -27.71 -1.52 33.14
CA VAL H 402 -27.56 -2.23 31.88
C VAL H 402 -26.06 -2.26 31.50
N ASP H 403 -25.39 -1.10 31.48
CA ASP H 403 -23.98 -1.05 31.12
C ASP H 403 -23.11 -1.88 32.03
N ARG H 404 -23.44 -1.96 33.32
CA ARG H 404 -22.64 -2.73 34.26
C ARG H 404 -22.69 -4.18 33.94
N ARG H 405 -23.85 -4.70 33.63
CA ARG H 405 -24.01 -6.09 33.27
C ARG H 405 -23.28 -6.44 31.96
N VAL H 406 -23.32 -5.55 30.98
CA VAL H 406 -22.63 -5.71 29.71
C VAL H 406 -21.11 -5.76 29.98
N GLN H 407 -20.62 -4.94 30.91
CA GLN H 407 -19.23 -4.96 31.31
C GLN H 407 -18.92 -6.25 32.00
N PHE H 408 -19.83 -6.75 32.85
CA PHE H 408 -19.69 -8.03 33.53
C PHE H 408 -19.51 -9.13 32.47
N GLY H 409 -20.34 -9.10 31.43
CA GLY H 409 -20.26 -10.01 30.30
C GLY H 409 -18.91 -9.94 29.61
N ILE H 410 -18.45 -8.73 29.25
CA ILE H 410 -17.14 -8.57 28.63
C ILE H 410 -15.99 -9.09 29.51
N GLU H 411 -15.97 -8.71 30.78
CA GLU H 411 -14.91 -9.16 31.69
C GLU H 411 -14.90 -10.67 31.89
N SER H 412 -16.07 -11.31 31.96
CA SER H 412 -16.14 -12.77 32.08
C SER H 412 -15.65 -13.39 30.79
N GLY H 413 -16.04 -12.83 29.65
CA GLY H 413 -15.66 -13.33 28.35
C GLY H 413 -14.17 -13.31 28.17
N LYS H 414 -13.53 -12.22 28.67
CA LYS H 414 -12.08 -12.04 28.59
C LYS H 414 -11.39 -13.03 29.48
N LEU H 415 -11.86 -13.19 30.70
CA LEU H 415 -11.27 -14.12 31.66
C LEU H 415 -11.32 -15.55 31.16
N ARG H 416 -12.44 -15.94 30.58
CA ARG H 416 -12.64 -17.32 30.11
C ARG H 416 -12.09 -17.61 28.73
N GLY H 417 -11.55 -16.61 28.04
CA GLY H 417 -10.96 -16.80 26.72
C GLY H 417 -11.86 -16.58 25.52
N PHE H 418 -13.13 -16.22 25.74
CA PHE H 418 -14.05 -15.94 24.63
C PHE H 418 -13.65 -14.66 23.88
N LEU H 419 -13.12 -13.67 24.58
CA LEU H 419 -12.87 -12.35 24.03
C LEU H 419 -11.47 -11.90 24.28
N ARG H 420 -11.02 -11.00 23.41
CA ARG H 420 -9.72 -10.35 23.41
C ARG H 420 -9.93 -8.90 22.98
N VAL H 421 -9.03 -7.99 23.38
CA VAL H 421 -9.08 -6.59 22.94
C VAL H 421 -8.97 -6.51 21.43
N GLY H 422 -9.87 -5.77 20.81
CA GLY H 422 -9.91 -5.68 19.35
C GLY H 422 -11.03 -6.48 18.73
N ASP H 423 -11.57 -7.48 19.45
CA ASP H 423 -12.69 -8.27 18.98
C ASP H 423 -13.96 -7.43 18.85
N LEU H 424 -14.87 -7.85 17.98
CA LEU H 424 -16.15 -7.20 17.86
C LEU H 424 -17.18 -8.08 18.53
N VAL H 425 -18.08 -7.51 19.32
CA VAL H 425 -19.21 -8.25 19.89
C VAL H 425 -20.50 -7.54 19.46
N ILE H 426 -21.62 -8.21 19.57
CA ILE H 426 -22.94 -7.64 19.31
C ILE H 426 -23.62 -7.64 20.68
N VAL H 427 -24.17 -6.52 21.12
CA VAL H 427 -24.83 -6.45 22.41
C VAL H 427 -26.34 -6.33 22.21
N VAL H 428 -27.12 -7.23 22.83
CA VAL H 428 -28.57 -7.22 22.67
C VAL H 428 -29.24 -6.82 23.96
N THR H 429 -29.99 -5.71 23.95
CA THR H 429 -30.70 -5.22 25.13
C THR H 429 -32.17 -4.82 24.75
N GLY H 430 -32.93 -4.31 25.70
CA GLY H 430 -34.28 -3.83 25.50
C GLY H 430 -34.42 -2.37 25.86
N TRP H 431 -35.61 -1.80 25.65
CA TRP H 431 -35.86 -0.40 25.90
C TRP H 431 -36.37 -0.07 27.31
N ARG H 432 -36.75 -1.07 28.10
CA ARG H 432 -37.24 -0.81 29.46
C ARG H 432 -36.95 -1.98 30.40
N PRO H 433 -36.94 -1.76 31.72
CA PRO H 433 -36.75 -2.90 32.64
C PRO H 433 -37.84 -3.97 32.45
N GLY H 434 -37.55 -5.19 32.88
CA GLY H 434 -38.52 -6.26 32.79
C GLY H 434 -38.41 -7.04 31.51
N SER H 435 -38.85 -8.28 31.57
CA SER H 435 -38.84 -9.25 30.50
C SER H 435 -39.78 -8.88 29.36
N GLY H 436 -39.42 -9.28 28.14
CA GLY H 436 -40.23 -9.19 26.93
C GLY H 436 -40.03 -7.97 26.08
N TYR H 437 -39.06 -7.11 26.44
CA TYR H 437 -38.87 -5.82 25.76
C TYR H 437 -37.52 -5.65 24.97
N THR H 438 -36.85 -6.77 24.57
CA THR H 438 -35.62 -6.73 23.78
C THR H 438 -35.92 -6.15 22.44
N ASN H 439 -35.14 -5.14 22.00
CA ASN H 439 -35.38 -4.48 20.71
C ASN H 439 -34.13 -3.74 20.18
N ILE H 440 -32.97 -3.90 20.83
CA ILE H 440 -31.79 -3.15 20.43
C ILE H 440 -30.62 -4.05 20.20
N MET H 441 -29.88 -3.80 19.13
CA MET H 441 -28.62 -4.51 18.90
C MET H 441 -27.52 -3.45 18.63
N ARG H 442 -26.38 -3.57 19.33
CA ARG H 442 -25.25 -2.66 19.19
CA ARG H 442 -25.28 -2.65 19.08
C ARG H 442 -24.01 -3.37 18.73
N VAL H 443 -23.21 -2.76 17.84
CA VAL H 443 -21.93 -3.36 17.43
C VAL H 443 -20.89 -2.67 18.32
N LEU H 444 -20.22 -3.42 19.17
CA LEU H 444 -19.25 -2.90 20.13
C LEU H 444 -17.85 -3.45 19.88
N SER H 445 -16.82 -2.60 19.99
CA SER H 445 -15.45 -3.06 19.86
C SER H 445 -14.86 -3.28 21.26
N ILE H 446 -14.25 -4.44 21.50
CA ILE H 446 -13.67 -4.73 22.82
C ILE H 446 -12.42 -3.92 23.11
N SER H 447 -12.43 -3.21 24.24
CA SER H 447 -11.30 -2.41 24.70
C SER H 447 -10.69 -3.00 26.02
#